data_8FC9
#
_entry.id   8FC9
#
_cell.length_a   1.00
_cell.length_b   1.00
_cell.length_c   1.00
_cell.angle_alpha   90.00
_cell.angle_beta   90.00
_cell.angle_gamma   90.00
#
_symmetry.space_group_name_H-M   'P 1'
#
loop_
_entity.id
_entity.type
_entity.pdbx_description
1 polymer 'Transient receptor potential cation channel subfamily V member 4'
2 polymer 'Transforming protein RhoA'
3 non-polymer 'MAGNESIUM ION'
4 non-polymer "GUANOSINE-5'-DIPHOSPHATE"
#
loop_
_entity_poly.entity_id
_entity_poly.type
_entity_poly.pdbx_seq_one_letter_code
_entity_poly.pdbx_strand_id
1 'polypeptide(L)'
;MADSSEGPRAGPGEVAELPGDESGTPGGEAFPLSSLANLFEGEDGSLSPSPADASRPAGPGDGRPNLRMKFQGAFRKGVP
NPIDLLESTLYESSVVPGPKKAPMDSLFDYGTYRHHSSDNKRWRKKIIEKQPQSPKAPAPQPPPILKVFNRPILFDIVSR
GSTADLDGLLPFLLTHKKRLTDEEFREPSTGKTCLPKALLNLSNGRNDTIPVLLDIAERTGNMREFINSPFRDIYYRGQT
ALHIAIERRCKHYVELLVAQGADVHAQARGRFFQPKDEGGYFYFGELPLSLAACTNQPHIVNYLTENPHKKADMRRQDSR
GNTVLHALVAIADNTRENTKFVTKMYDLLLLKCARLFPDSNLEAVLNNDGLSPLMMAAKTGKIGIFQHIIRREVTDEDTR
HLSRKFKDWAYGPVYSSLYDLSSLDTCGEEASVLEILVYNSKIENRHEMLAVEPINELLRDKWRKFGAVSFYINVVSYLC
AMVIFTLTAYYQPLEGTPPYPYRTTVDYLRLAGEVITLFTGVLFFFTNIKDLFMKKCPGVNSLFIDGSFQLLYFIYSVLV
IVSAALYLAGIEAYLAVMVFALVLGWMNALYFTRGLKLTGTYSIMIQKILFKDLFRFLLVYLLFMIGYASALVSLLNPCA
NMKVCNEDQTNCTVPTYPSCRDSETFSTFLLDLFKLTIGMGDLEMLSSTKYPVVFIILLVTYIILTFVLLLNMLIALMGE
TVGQVSKESKHIWKLQWATTILDIERSFPVFLRKAFRSGEMVTVGKSSDGTPDRRWCFRVDEVNWSHWNQNLGIINEDPG
KNETYQYYGFSHTVGRLRRDRWSSVVPRVVELNKNSNPDEVVVPLDSMGNPRCDGHQQGYPRKWRTDDAPLENSLEVLFQ
GPDYKDDDDKAHHHHHHHHHH
;
A,B,C,D
2 'polypeptide(L)'
;MAAIRKKLVIVGDGACGKTCLLIVFSKDQFPEVYVPTVFENYVADIEVDGKQVELALWDTAGQEDYDRLRPLSYPDTDVI
LMCFSIDSPDSLENIPEKWTPEVKHFCPNVPIILVGNKKDLRNDEHTRRELAKMKQEPVKPEEGRDMANRIGAFGYMECS
AKTKDGVREVFEMATRAALQARRGKKKSGCLVL
;
E,F,G,H
#
loop_
_chem_comp.id
_chem_comp.type
_chem_comp.name
_chem_comp.formula
GDP RNA linking GUANOSINE-5'-DIPHOSPHATE 'C10 H15 N5 O11 P2'
MG non-polymer 'MAGNESIUM ION' 'Mg 2'
#
# COMPACT_ATOMS: atom_id res chain seq x y z
N ASN A 150 -22.96 49.57 -44.18
CA ASN A 150 -21.88 50.02 -43.31
C ASN A 150 -21.13 48.85 -42.72
N ARG A 151 -19.99 49.14 -42.10
CA ARG A 151 -19.12 48.08 -41.57
C ARG A 151 -19.88 47.09 -40.68
N PRO A 152 -20.69 47.51 -39.71
CA PRO A 152 -21.45 46.51 -38.94
C PRO A 152 -22.34 45.64 -39.79
N ILE A 153 -22.97 46.22 -40.83
CA ILE A 153 -23.83 45.42 -41.69
C ILE A 153 -23.03 44.37 -42.41
N LEU A 154 -21.86 44.74 -42.94
CA LEU A 154 -21.01 43.76 -43.61
C LEU A 154 -20.55 42.69 -42.64
N PHE A 155 -20.20 43.08 -41.41
CA PHE A 155 -19.77 42.09 -40.43
C PHE A 155 -20.89 41.11 -40.12
N ASP A 156 -22.11 41.60 -39.97
CA ASP A 156 -23.24 40.70 -39.70
C ASP A 156 -23.48 39.77 -40.90
N ILE A 157 -23.43 40.32 -42.11
CA ILE A 157 -23.63 39.50 -43.30
C ILE A 157 -22.60 38.39 -43.34
N VAL A 158 -21.34 38.73 -43.10
CA VAL A 158 -20.28 37.74 -43.08
C VAL A 158 -20.52 36.74 -41.95
N SER A 159 -21.06 37.20 -40.83
CA SER A 159 -21.34 36.30 -39.71
C SER A 159 -22.37 35.24 -40.10
N ARG A 160 -23.41 35.65 -40.81
CA ARG A 160 -24.44 34.69 -41.19
C ARG A 160 -23.94 33.70 -42.22
N GLY A 161 -23.15 34.15 -43.17
CA GLY A 161 -22.70 33.31 -44.26
C GLY A 161 -23.55 33.37 -45.51
N SER A 162 -24.44 34.36 -45.61
CA SER A 162 -25.36 34.46 -46.73
C SER A 162 -24.68 35.20 -47.87
N THR A 163 -24.43 34.48 -48.97
CA THR A 163 -23.78 35.10 -50.13
C THR A 163 -24.72 36.08 -50.82
N ALA A 164 -26.03 35.82 -50.78
CA ALA A 164 -26.97 36.69 -51.48
C ALA A 164 -26.93 38.11 -50.93
N ASP A 165 -26.75 38.26 -49.62
CA ASP A 165 -26.76 39.60 -49.03
C ASP A 165 -25.57 40.43 -49.48
N LEU A 166 -24.46 39.79 -49.87
CA LEU A 166 -23.31 40.50 -50.37
C LEU A 166 -23.52 41.06 -51.78
N ASP A 167 -24.62 40.70 -52.43
CA ASP A 167 -24.86 41.16 -53.80
C ASP A 167 -24.86 42.68 -53.84
N GLY A 168 -24.20 43.23 -54.86
CA GLY A 168 -24.08 44.66 -55.02
C GLY A 168 -22.93 45.30 -54.28
N LEU A 169 -22.16 44.52 -53.51
CA LEU A 169 -21.03 45.08 -52.78
C LEU A 169 -19.97 45.64 -53.72
N LEU A 170 -19.61 44.87 -54.75
CA LEU A 170 -18.56 45.32 -55.68
C LEU A 170 -18.93 46.63 -56.37
N PRO A 171 -20.14 46.80 -56.90
CA PRO A 171 -20.52 48.11 -57.43
C PRO A 171 -20.35 49.23 -56.43
N PHE A 172 -20.74 49.01 -55.17
CA PHE A 172 -20.59 50.06 -54.16
C PHE A 172 -19.12 50.41 -53.96
N LEU A 173 -18.27 49.39 -53.82
CA LEU A 173 -16.86 49.66 -53.58
C LEU A 173 -16.22 50.37 -54.76
N LEU A 174 -16.52 49.94 -55.98
CA LEU A 174 -15.91 50.58 -57.15
C LEU A 174 -16.42 52.00 -57.33
N THR A 175 -17.70 52.24 -57.03
CA THR A 175 -18.24 53.60 -57.09
C THR A 175 -17.56 54.50 -56.07
N HIS A 176 -17.33 53.99 -54.86
CA HIS A 176 -16.69 54.78 -53.82
C HIS A 176 -15.16 54.66 -53.84
N LYS A 177 -14.61 53.79 -54.67
CA LYS A 177 -13.16 53.59 -54.71
C LYS A 177 -12.62 53.22 -53.35
N LYS A 178 -13.37 52.39 -52.62
CA LYS A 178 -12.94 51.89 -51.32
C LYS A 178 -12.33 50.52 -51.47
N ARG A 179 -11.49 50.16 -50.50
CA ARG A 179 -10.85 48.84 -50.47
C ARG A 179 -11.29 48.11 -49.22
N LEU A 180 -11.31 46.78 -49.32
CA LEU A 180 -11.69 45.97 -48.17
C LEU A 180 -10.67 46.04 -47.05
N THR A 181 -9.47 46.56 -47.33
CA THR A 181 -8.43 46.74 -46.32
C THR A 181 -8.41 48.15 -45.76
N ASP A 182 -9.37 48.99 -46.13
CA ASP A 182 -9.38 50.36 -45.65
C ASP A 182 -9.69 50.38 -44.15
N GLU A 183 -9.32 51.50 -43.52
CA GLU A 183 -9.49 51.62 -42.08
C GLU A 183 -10.96 51.52 -41.68
N GLU A 184 -11.84 52.16 -42.45
CA GLU A 184 -13.25 52.18 -42.09
C GLU A 184 -13.81 50.77 -41.98
N PHE A 185 -13.51 49.91 -42.96
CA PHE A 185 -14.03 48.55 -42.91
C PHE A 185 -13.35 47.72 -41.84
N ARG A 186 -12.08 48.00 -41.58
CA ARG A 186 -11.34 47.28 -40.55
C ARG A 186 -11.82 47.72 -39.16
N GLU A 187 -11.78 46.83 -38.19
CA GLU A 187 -12.21 47.14 -36.83
C GLU A 187 -11.09 47.92 -36.11
N PRO A 188 -11.36 49.12 -35.62
CA PRO A 188 -10.27 49.91 -35.02
C PRO A 188 -9.57 49.22 -33.87
N SER A 189 -10.28 48.45 -33.07
CA SER A 189 -9.69 47.89 -31.86
C SER A 189 -8.49 46.99 -32.19
N THR A 190 -8.63 46.14 -33.21
CA THR A 190 -7.58 45.19 -33.55
C THR A 190 -7.18 45.21 -35.02
N GLY A 191 -7.78 46.05 -35.85
CA GLY A 191 -7.49 46.03 -37.27
C GLY A 191 -8.13 44.88 -38.01
N LYS A 192 -9.04 44.16 -37.36
CA LYS A 192 -9.64 42.98 -37.96
C LYS A 192 -10.32 43.32 -39.28
N THR A 193 -10.15 42.45 -40.27
CA THR A 193 -10.75 42.61 -41.58
C THR A 193 -11.94 41.68 -41.74
N CYS A 194 -12.60 41.78 -42.90
CA CYS A 194 -13.78 40.96 -43.16
C CYS A 194 -13.44 39.48 -43.20
N LEU A 195 -12.36 39.10 -43.87
CA LEU A 195 -12.06 37.69 -44.04
C LEU A 195 -11.84 36.95 -42.73
N PRO A 196 -11.11 37.49 -41.75
CA PRO A 196 -11.04 36.81 -40.45
C PRO A 196 -12.41 36.59 -39.83
N LYS A 197 -13.30 37.58 -39.93
CA LYS A 197 -14.65 37.41 -39.39
C LYS A 197 -15.38 36.30 -40.11
N ALA A 198 -15.22 36.21 -41.43
CA ALA A 198 -15.84 35.11 -42.16
C ALA A 198 -15.29 33.77 -41.71
N LEU A 199 -13.97 33.69 -41.52
CA LEU A 199 -13.35 32.43 -41.16
C LEU A 199 -13.77 31.98 -39.77
N LEU A 200 -13.96 32.91 -38.85
CA LEU A 200 -14.30 32.52 -37.47
C LEU A 200 -15.70 31.93 -37.35
N ASN A 201 -16.58 32.18 -38.31
CA ASN A 201 -17.92 31.64 -38.31
C ASN A 201 -18.08 30.66 -39.47
N LEU A 202 -18.54 29.45 -39.16
CA LEU A 202 -18.71 28.41 -40.17
C LEU A 202 -19.89 27.53 -39.80
N SER A 203 -20.68 27.16 -40.80
CA SER A 203 -21.84 26.30 -40.60
C SER A 203 -21.47 24.91 -41.08
N ASN A 204 -21.30 23.98 -40.14
CA ASN A 204 -20.88 22.63 -40.47
C ASN A 204 -19.57 22.66 -41.26
N GLY A 205 -18.71 23.59 -40.90
CA GLY A 205 -17.44 23.76 -41.60
C GLY A 205 -17.61 24.16 -43.04
N ARG A 206 -18.51 25.12 -43.30
CA ARG A 206 -18.78 25.56 -44.67
C ARG A 206 -19.28 27.00 -44.63
N ASN A 207 -18.58 27.89 -45.32
CA ASN A 207 -18.97 29.30 -45.41
C ASN A 207 -18.93 29.73 -46.87
N ASP A 208 -20.07 30.22 -47.38
CA ASP A 208 -20.18 30.54 -48.80
C ASP A 208 -19.66 31.92 -49.14
N THR A 209 -19.42 32.79 -48.16
CA THR A 209 -19.00 34.15 -48.49
C THR A 209 -17.55 34.19 -48.97
N ILE A 210 -16.72 33.27 -48.49
CA ILE A 210 -15.27 33.36 -48.75
C ILE A 210 -14.97 33.54 -50.23
N PRO A 211 -15.51 32.71 -51.14
CA PRO A 211 -15.17 32.89 -52.57
C PRO A 211 -15.61 34.24 -53.11
N VAL A 212 -16.76 34.75 -52.69
CA VAL A 212 -17.19 36.06 -53.18
C VAL A 212 -16.27 37.15 -52.66
N LEU A 213 -15.90 37.08 -51.39
CA LEU A 213 -14.95 38.05 -50.84
C LEU A 213 -13.65 38.03 -51.63
N LEU A 214 -13.13 36.84 -51.89
CA LEU A 214 -11.88 36.73 -52.64
C LEU A 214 -12.04 37.28 -54.05
N ASP A 215 -13.17 37.00 -54.69
CA ASP A 215 -13.41 37.47 -56.05
C ASP A 215 -13.43 39.00 -56.09
N ILE A 216 -14.14 39.62 -55.16
CA ILE A 216 -14.20 41.09 -55.16
C ILE A 216 -12.85 41.68 -54.80
N ALA A 217 -12.12 41.03 -53.90
CA ALA A 217 -10.79 41.52 -53.55
C ALA A 217 -9.85 41.47 -54.76
N GLU A 218 -9.97 40.42 -55.57
CA GLU A 218 -9.19 40.37 -56.80
C GLU A 218 -9.68 41.40 -57.81
N ARG A 219 -10.98 41.66 -57.84
CA ARG A 219 -11.52 42.64 -58.78
C ARG A 219 -10.98 44.03 -58.49
N THR A 220 -10.98 44.42 -57.21
CA THR A 220 -10.50 45.76 -56.86
C THR A 220 -8.99 45.88 -56.99
N GLY A 221 -8.27 44.76 -56.97
CA GLY A 221 -6.82 44.79 -57.10
C GLY A 221 -6.07 44.94 -55.80
N ASN A 222 -6.69 44.64 -54.66
CA ASN A 222 -6.04 44.71 -53.36
C ASN A 222 -5.96 43.34 -52.69
N MET A 223 -5.92 42.27 -53.48
CA MET A 223 -5.91 40.93 -52.90
C MET A 223 -4.71 40.71 -51.99
N ARG A 224 -3.52 41.16 -52.42
CA ARG A 224 -2.33 40.99 -51.58
C ARG A 224 -2.53 41.62 -50.22
N GLU A 225 -2.93 42.89 -50.20
CA GLU A 225 -3.20 43.57 -48.93
C GLU A 225 -4.35 42.90 -48.20
N PHE A 226 -5.34 42.40 -48.95
CA PHE A 226 -6.53 41.82 -48.34
C PHE A 226 -6.18 40.57 -47.55
N ILE A 227 -5.34 39.71 -48.11
CA ILE A 227 -5.01 38.44 -47.47
C ILE A 227 -3.85 38.56 -46.49
N ASN A 228 -2.97 39.54 -46.68
CA ASN A 228 -1.81 39.69 -45.81
C ASN A 228 -2.04 40.67 -44.67
N SER A 229 -3.22 41.27 -44.56
CA SER A 229 -3.45 42.27 -43.54
C SER A 229 -3.33 41.65 -42.16
N PRO A 230 -2.40 42.10 -41.31
CA PRO A 230 -2.27 41.51 -39.98
C PRO A 230 -3.07 42.25 -38.92
N PHE A 231 -3.35 41.59 -37.80
CA PHE A 231 -3.88 42.29 -36.65
C PHE A 231 -2.79 43.12 -35.98
N ARG A 232 -3.15 44.29 -35.44
CA ARG A 232 -2.18 45.13 -34.77
C ARG A 232 -2.32 45.18 -33.25
N ASP A 233 -3.40 44.62 -32.69
CA ASP A 233 -3.51 44.58 -31.24
C ASP A 233 -2.40 43.75 -30.64
N ILE A 234 -1.89 44.21 -29.49
CA ILE A 234 -0.86 43.45 -28.79
C ILE A 234 -1.37 42.07 -28.43
N TYR A 235 -2.64 41.98 -28.02
CA TYR A 235 -3.19 40.69 -27.61
C TYR A 235 -3.19 39.69 -28.76
N TYR A 236 -3.51 40.15 -29.97
CA TYR A 236 -3.56 39.26 -31.12
C TYR A 236 -2.67 39.77 -32.25
N ARG A 237 -1.46 40.22 -31.91
CA ARG A 237 -0.61 40.85 -32.91
C ARG A 237 -0.13 39.83 -33.94
N GLY A 238 -0.20 40.22 -35.21
CA GLY A 238 0.43 39.45 -36.28
C GLY A 238 -0.43 38.35 -36.86
N GLN A 239 -1.57 38.05 -36.25
CA GLN A 239 -2.42 36.98 -36.76
C GLN A 239 -2.93 37.32 -38.15
N THR A 240 -3.04 36.30 -39.00
CA THR A 240 -3.51 36.46 -40.37
C THR A 240 -4.64 35.48 -40.64
N ALA A 241 -5.20 35.56 -41.85
CA ALA A 241 -6.31 34.68 -42.20
C ALA A 241 -5.88 33.22 -42.18
N LEU A 242 -4.66 32.94 -42.64
CA LEU A 242 -4.21 31.55 -42.73
C LEU A 242 -4.15 30.91 -41.35
N HIS A 243 -3.76 31.68 -40.33
CA HIS A 243 -3.74 31.15 -38.98
C HIS A 243 -5.13 30.70 -38.55
N ILE A 244 -6.14 31.52 -38.82
CA ILE A 244 -7.51 31.14 -38.49
C ILE A 244 -7.93 29.92 -39.28
N ALA A 245 -7.60 29.90 -40.58
CA ALA A 245 -7.99 28.77 -41.42
C ALA A 245 -7.41 27.47 -40.89
N ILE A 246 -6.15 27.48 -40.48
CA ILE A 246 -5.53 26.29 -39.92
C ILE A 246 -6.16 25.93 -38.59
N GLU A 247 -6.37 26.93 -37.73
CA GLU A 247 -6.93 26.66 -36.40
C GLU A 247 -8.32 26.04 -36.48
N ARG A 248 -9.09 26.40 -37.50
CA ARG A 248 -10.46 25.91 -37.65
C ARG A 248 -10.54 24.61 -38.43
N ARG A 249 -9.41 24.03 -38.82
CA ARG A 249 -9.39 22.69 -39.42
C ARG A 249 -10.20 22.64 -40.72
N CYS A 250 -10.02 23.65 -41.57
CA CYS A 250 -10.69 23.74 -42.86
C CYS A 250 -9.62 23.53 -43.94
N LYS A 251 -9.42 22.27 -44.32
CA LYS A 251 -8.40 21.95 -45.31
C LYS A 251 -8.62 22.71 -46.61
N HIS A 252 -9.84 22.66 -47.14
CA HIS A 252 -10.11 23.29 -48.42
C HIS A 252 -9.84 24.79 -48.38
N TYR A 253 -10.22 25.45 -47.28
CA TYR A 253 -9.96 26.88 -47.17
C TYR A 253 -8.48 27.18 -47.06
N VAL A 254 -7.73 26.32 -46.35
CA VAL A 254 -6.29 26.50 -46.30
C VAL A 254 -5.69 26.40 -47.70
N GLU A 255 -6.12 25.40 -48.46
CA GLU A 255 -5.65 25.26 -49.84
C GLU A 255 -6.02 26.47 -50.67
N LEU A 256 -7.25 26.97 -50.51
CA LEU A 256 -7.67 28.15 -51.25
C LEU A 256 -6.78 29.35 -50.94
N LEU A 257 -6.59 29.63 -49.65
CA LEU A 257 -5.76 30.77 -49.25
C LEU A 257 -4.34 30.61 -49.78
N VAL A 258 -3.81 29.39 -49.75
CA VAL A 258 -2.49 29.16 -50.31
C VAL A 258 -2.49 29.48 -51.79
N ALA A 259 -3.53 29.06 -52.51
CA ALA A 259 -3.62 29.32 -53.94
C ALA A 259 -3.79 30.79 -54.26
N GLN A 260 -4.30 31.59 -53.32
CA GLN A 260 -4.56 33.00 -53.58
C GLN A 260 -3.42 33.90 -53.11
N GLY A 261 -2.21 33.37 -52.98
CA GLY A 261 -1.06 34.19 -52.66
C GLY A 261 -0.95 34.61 -51.21
N ALA A 262 -1.63 33.94 -50.30
CA ALA A 262 -1.51 34.27 -48.88
C ALA A 262 -0.10 34.01 -48.39
N ASP A 263 0.43 34.95 -47.60
CA ASP A 263 1.75 34.76 -47.02
C ASP A 263 1.76 33.53 -46.14
N VAL A 264 2.77 32.68 -46.32
CA VAL A 264 2.87 31.43 -45.57
C VAL A 264 3.92 31.47 -44.47
N HIS A 265 4.78 32.49 -44.46
CA HIS A 265 5.78 32.65 -43.41
C HIS A 265 5.43 33.79 -42.45
N ALA A 266 4.18 34.24 -42.47
CA ALA A 266 3.77 35.33 -41.59
C ALA A 266 3.92 34.92 -40.14
N GLN A 267 4.39 35.86 -39.31
CA GLN A 267 4.58 35.63 -37.89
C GLN A 267 3.42 36.21 -37.09
N ALA A 268 3.13 35.58 -35.97
CA ALA A 268 2.10 36.05 -35.03
C ALA A 268 2.77 36.15 -33.66
N ARG A 269 3.38 37.30 -33.37
CA ARG A 269 4.15 37.49 -32.15
C ARG A 269 3.39 38.26 -31.08
N GLY A 270 2.06 38.16 -31.07
CA GLY A 270 1.28 38.83 -30.05
C GLY A 270 1.47 38.18 -28.69
N ARG A 271 1.07 38.93 -27.65
CA ARG A 271 1.28 38.44 -26.29
C ARG A 271 0.42 37.22 -25.98
N PHE A 272 -0.67 37.01 -26.71
CA PHE A 272 -1.51 35.84 -26.49
C PHE A 272 -0.84 34.56 -26.98
N PHE A 273 0.13 34.67 -27.88
CA PHE A 273 0.79 33.53 -28.50
C PHE A 273 2.11 33.17 -27.82
N GLN A 274 2.43 33.79 -26.70
CA GLN A 274 3.67 33.50 -26.00
C GLN A 274 3.48 32.32 -25.05
N PRO A 275 4.54 31.82 -24.42
CA PRO A 275 4.38 30.72 -23.45
C PRO A 275 3.67 31.19 -22.20
N LYS A 276 3.30 30.21 -21.37
CA LYS A 276 2.61 30.51 -20.11
C LYS A 276 3.45 31.45 -19.26
N ASP A 277 4.76 31.24 -19.22
CA ASP A 277 5.62 32.06 -18.37
C ASP A 277 5.54 33.53 -18.76
N GLU A 278 5.38 33.82 -20.05
CA GLU A 278 5.32 35.19 -20.54
C GLU A 278 3.91 35.77 -20.51
N GLY A 279 2.93 35.01 -20.03
CA GLY A 279 1.56 35.48 -19.95
C GLY A 279 0.67 35.04 -21.09
N GLY A 280 1.23 34.39 -22.12
CA GLY A 280 0.43 33.90 -23.21
C GLY A 280 -0.29 32.62 -22.85
N TYR A 281 -1.17 32.19 -23.75
CA TYR A 281 -2.01 31.03 -23.53
C TYR A 281 -1.55 29.81 -24.30
N PHE A 282 -1.29 29.95 -25.59
CA PHE A 282 -0.90 28.85 -26.45
C PHE A 282 0.32 29.26 -27.27
N TYR A 283 1.35 28.41 -27.25
CA TYR A 283 2.58 28.68 -27.98
C TYR A 283 2.81 27.58 -29.01
N PHE A 284 3.04 27.97 -30.26
CA PHE A 284 3.24 27.00 -31.32
C PHE A 284 4.35 27.37 -32.30
N GLY A 285 5.09 28.45 -32.07
CA GLY A 285 6.20 28.80 -32.93
C GLY A 285 5.93 29.95 -33.87
N GLU A 286 4.70 30.47 -33.92
CA GLU A 286 4.36 31.65 -34.70
C GLU A 286 4.56 31.43 -36.20
N LEU A 287 4.45 30.20 -36.68
CA LEU A 287 4.47 29.96 -38.12
C LEU A 287 3.30 29.07 -38.50
N PRO A 288 2.72 29.30 -39.69
CA PRO A 288 1.61 28.42 -40.12
C PRO A 288 1.99 26.96 -40.16
N LEU A 289 3.19 26.63 -40.64
CA LEU A 289 3.60 25.25 -40.71
C LEU A 289 3.70 24.64 -39.32
N SER A 290 4.35 25.36 -38.39
CA SER A 290 4.43 24.87 -37.02
C SER A 290 3.06 24.82 -36.36
N LEU A 291 2.18 25.77 -36.70
CA LEU A 291 0.82 25.72 -36.13
C LEU A 291 0.09 24.47 -36.59
N ALA A 292 0.19 24.14 -37.87
CA ALA A 292 -0.44 22.91 -38.37
C ALA A 292 0.16 21.70 -37.69
N ALA A 293 1.49 21.67 -37.56
CA ALA A 293 2.14 20.53 -36.93
C ALA A 293 1.72 20.37 -35.48
N CYS A 294 1.53 21.49 -34.78
CA CYS A 294 1.23 21.42 -33.35
C CYS A 294 -0.18 20.89 -33.10
N THR A 295 -1.14 21.22 -33.95
CA THR A 295 -2.54 20.88 -33.71
C THR A 295 -2.94 19.58 -34.39
N ASN A 296 -1.99 18.68 -34.65
CA ASN A 296 -2.31 17.33 -35.11
C ASN A 296 -3.11 17.37 -36.41
N GLN A 297 -2.56 18.05 -37.41
CA GLN A 297 -3.17 18.18 -38.73
C GLN A 297 -2.15 17.79 -39.78
N PRO A 298 -1.98 16.49 -40.03
CA PRO A 298 -0.92 16.07 -40.96
C PRO A 298 -1.20 16.46 -42.40
N HIS A 299 -2.45 16.39 -42.83
CA HIS A 299 -2.76 16.73 -44.22
C HIS A 299 -2.38 18.17 -44.53
N ILE A 300 -2.62 19.08 -43.59
CA ILE A 300 -2.26 20.47 -43.82
C ILE A 300 -0.76 20.64 -43.94
N VAL A 301 0.01 19.92 -43.12
CA VAL A 301 1.47 19.97 -43.23
C VAL A 301 1.90 19.47 -44.59
N ASN A 302 1.34 18.35 -45.02
CA ASN A 302 1.70 17.79 -46.33
C ASN A 302 1.40 18.79 -47.44
N TYR A 303 0.23 19.43 -47.39
CA TYR A 303 -0.12 20.40 -48.41
C TYR A 303 0.81 21.61 -48.37
N LEU A 304 1.05 22.15 -47.18
CA LEU A 304 1.89 23.35 -47.06
C LEU A 304 3.30 23.09 -47.56
N THR A 305 3.80 21.88 -47.36
CA THR A 305 5.15 21.55 -47.81
C THR A 305 5.21 21.07 -49.25
N GLU A 306 4.08 20.64 -49.81
CA GLU A 306 4.04 20.09 -51.16
C GLU A 306 3.19 20.92 -52.11
N ASN A 307 2.78 22.12 -51.71
CA ASN A 307 1.99 22.96 -52.60
C ASN A 307 2.88 23.50 -53.72
N PRO A 308 2.33 23.69 -54.92
CA PRO A 308 3.17 24.17 -56.03
C PRO A 308 3.37 25.68 -56.03
N HIS A 309 2.49 26.46 -55.42
CA HIS A 309 2.56 27.90 -55.54
C HIS A 309 3.71 28.48 -54.72
N LYS A 310 3.78 28.14 -53.44
CA LYS A 310 4.85 28.64 -52.58
C LYS A 310 5.02 27.69 -51.41
N LYS A 311 6.12 26.94 -51.40
CA LYS A 311 6.38 26.00 -50.33
C LYS A 311 6.84 26.73 -49.07
N ALA A 312 6.71 26.06 -47.94
CA ALA A 312 7.07 26.60 -46.63
C ALA A 312 8.29 25.85 -46.12
N ASP A 313 9.45 26.52 -46.11
CA ASP A 313 10.68 25.88 -45.68
C ASP A 313 10.55 25.39 -44.25
N MET A 314 10.83 24.10 -44.03
CA MET A 314 10.74 23.56 -42.68
C MET A 314 11.81 24.12 -41.77
N ARG A 315 12.92 24.61 -42.32
CA ARG A 315 14.02 25.16 -41.54
C ARG A 315 13.73 26.57 -41.04
N ARG A 316 12.61 27.17 -41.44
CA ARG A 316 12.36 28.56 -41.09
C ARG A 316 12.36 28.73 -39.58
N GLN A 317 12.88 29.87 -39.14
CA GLN A 317 12.99 30.18 -37.73
C GLN A 317 12.21 31.45 -37.42
N ASP A 318 11.66 31.51 -36.21
CA ASP A 318 10.89 32.65 -35.77
C ASP A 318 11.81 33.67 -35.10
N SER A 319 11.24 34.65 -34.39
CA SER A 319 12.05 35.61 -33.67
C SER A 319 12.89 34.92 -32.59
N ARG A 320 12.28 33.99 -31.86
CA ARG A 320 13.03 33.26 -30.84
C ARG A 320 14.08 32.35 -31.45
N GLY A 321 13.99 32.06 -32.74
CA GLY A 321 14.89 31.13 -33.39
C GLY A 321 14.42 29.69 -33.39
N ASN A 322 13.30 29.39 -32.75
CA ASN A 322 12.79 28.03 -32.70
C ASN A 322 12.31 27.58 -34.07
N THR A 323 12.62 26.33 -34.42
CA THR A 323 12.08 25.73 -35.64
C THR A 323 10.86 24.88 -35.28
N VAL A 324 10.29 24.23 -36.30
CA VAL A 324 9.08 23.44 -36.08
C VAL A 324 9.32 22.36 -35.03
N LEU A 325 10.49 21.72 -35.07
CA LEU A 325 10.79 20.69 -34.09
C LEU A 325 10.85 21.28 -32.68
N HIS A 326 11.46 22.45 -32.54
CA HIS A 326 11.49 23.12 -31.24
C HIS A 326 10.08 23.35 -30.71
N ALA A 327 9.18 23.85 -31.57
CA ALA A 327 7.81 24.08 -31.14
C ALA A 327 7.13 22.77 -30.76
N LEU A 328 7.37 21.71 -31.53
CA LEU A 328 6.80 20.41 -31.20
C LEU A 328 7.24 19.96 -29.82
N VAL A 329 8.53 20.13 -29.52
CA VAL A 329 9.01 19.82 -28.18
C VAL A 329 8.32 20.70 -27.15
N ALA A 330 8.14 21.97 -27.49
CA ALA A 330 7.58 22.92 -26.52
C ALA A 330 6.17 22.52 -26.11
N ILE A 331 5.32 22.19 -27.08
CA ILE A 331 3.91 21.91 -26.78
C ILE A 331 3.68 20.50 -26.26
N ALA A 332 4.69 19.64 -26.31
CA ALA A 332 4.53 18.28 -25.83
C ALA A 332 4.41 18.25 -24.32
N ASP A 333 3.78 17.19 -23.82
CA ASP A 333 3.65 16.97 -22.38
C ASP A 333 3.90 15.50 -22.12
N ASN A 334 3.77 15.10 -20.86
CA ASN A 334 4.09 13.74 -20.46
C ASN A 334 2.90 12.79 -20.57
N THR A 335 1.73 13.26 -21.01
CA THR A 335 0.59 12.37 -21.17
C THR A 335 0.78 11.46 -22.37
N ARG A 336 0.25 10.25 -22.27
CA ARG A 336 0.56 9.20 -23.24
C ARG A 336 0.11 9.58 -24.64
N GLU A 337 -1.16 9.96 -24.80
CA GLU A 337 -1.68 10.28 -26.13
C GLU A 337 -0.92 11.44 -26.74
N ASN A 338 -0.66 12.49 -25.95
CA ASN A 338 0.09 13.63 -26.47
C ASN A 338 1.46 13.21 -26.94
N THR A 339 2.16 12.41 -26.15
CA THR A 339 3.49 11.97 -26.55
C THR A 339 3.43 11.14 -27.82
N LYS A 340 2.42 10.27 -27.94
CA LYS A 340 2.31 9.43 -29.13
C LYS A 340 2.11 10.28 -30.38
N PHE A 341 1.13 11.18 -30.35
CA PHE A 341 0.87 12.00 -31.53
C PHE A 341 2.07 12.89 -31.84
N VAL A 342 2.70 13.45 -30.81
CA VAL A 342 3.85 14.31 -31.03
C VAL A 342 4.99 13.52 -31.66
N THR A 343 5.22 12.30 -31.20
CA THR A 343 6.28 11.48 -31.78
C THR A 343 6.00 11.18 -33.24
N LYS A 344 4.76 10.81 -33.57
CA LYS A 344 4.45 10.53 -34.96
C LYS A 344 4.67 11.76 -35.83
N MET A 345 4.20 12.92 -35.36
CA MET A 345 4.40 14.15 -36.12
C MET A 345 5.89 14.46 -36.28
N TYR A 346 6.66 14.26 -35.21
CA TYR A 346 8.09 14.54 -35.26
C TYR A 346 8.78 13.67 -36.30
N ASP A 347 8.49 12.37 -36.29
CA ASP A 347 9.13 11.48 -37.25
C ASP A 347 8.73 11.83 -38.68
N LEU A 348 7.44 12.10 -38.90
CA LEU A 348 7.02 12.47 -40.25
C LEU A 348 7.73 13.72 -40.72
N LEU A 349 7.81 14.73 -39.85
CA LEU A 349 8.49 15.97 -40.21
C LEU A 349 9.96 15.74 -40.51
N LEU A 350 10.64 14.94 -39.69
CA LEU A 350 12.06 14.70 -39.91
C LEU A 350 12.29 13.99 -41.23
N LEU A 351 11.50 12.97 -41.53
CA LEU A 351 11.66 12.26 -42.78
C LEU A 351 11.37 13.17 -43.97
N LYS A 352 10.33 14.00 -43.88
CA LYS A 352 10.03 14.91 -44.97
C LYS A 352 11.18 15.89 -45.19
N CYS A 353 11.74 16.43 -44.11
CA CYS A 353 12.88 17.33 -44.26
C CYS A 353 14.06 16.61 -44.87
N ALA A 354 14.28 15.36 -44.48
CA ALA A 354 15.39 14.58 -45.04
C ALA A 354 15.22 14.43 -46.54
N ARG A 355 14.02 14.04 -46.98
CA ARG A 355 13.79 13.89 -48.42
C ARG A 355 13.97 15.22 -49.14
N LEU A 356 13.38 16.29 -48.60
CA LEU A 356 13.47 17.59 -49.26
C LEU A 356 14.89 18.14 -49.19
N PHE A 357 15.57 17.97 -48.05
CA PHE A 357 16.92 18.50 -47.84
C PHE A 357 17.85 17.35 -47.48
N PRO A 358 18.51 16.74 -48.47
CA PRO A 358 19.43 15.64 -48.14
C PRO A 358 20.70 16.10 -47.45
N ASP A 359 21.24 17.25 -47.85
CA ASP A 359 22.51 17.71 -47.30
C ASP A 359 22.35 18.16 -45.85
N SER A 360 21.28 18.89 -45.53
CA SER A 360 21.12 19.48 -44.21
C SER A 360 20.54 18.47 -43.22
N ASN A 361 20.62 18.82 -41.94
CA ASN A 361 20.06 18.02 -40.86
C ASN A 361 19.27 18.95 -39.95
N LEU A 362 17.96 18.76 -39.89
CA LEU A 362 17.09 19.73 -39.22
C LEU A 362 17.43 19.83 -37.74
N GLU A 363 17.64 18.69 -37.08
CA GLU A 363 17.94 18.73 -35.64
C GLU A 363 19.21 19.53 -35.36
N ALA A 364 20.14 19.58 -36.31
CA ALA A 364 21.34 20.37 -36.11
C ALA A 364 21.02 21.84 -35.88
N VAL A 365 19.98 22.35 -36.55
CA VAL A 365 19.63 23.75 -36.43
C VAL A 365 19.37 24.10 -34.98
N LEU A 366 19.81 25.28 -34.57
CA LEU A 366 19.66 25.77 -33.21
C LEU A 366 18.89 27.08 -33.19
N ASN A 367 18.31 27.39 -32.04
CA ASN A 367 17.56 28.62 -31.85
C ASN A 367 18.52 29.74 -31.44
N ASN A 368 17.97 30.92 -31.12
CA ASN A 368 18.80 32.01 -30.64
C ASN A 368 19.49 31.63 -29.33
N ASP A 369 18.76 30.98 -28.42
CA ASP A 369 19.35 30.55 -27.16
C ASP A 369 20.44 29.49 -27.37
N GLY A 370 20.42 28.79 -28.50
CA GLY A 370 21.44 27.79 -28.77
C GLY A 370 21.09 26.42 -28.22
N LEU A 371 19.85 25.99 -28.44
CA LEU A 371 19.36 24.70 -27.98
C LEU A 371 18.96 23.85 -29.18
N SER A 372 19.37 22.60 -29.17
CA SER A 372 18.83 21.64 -30.11
C SER A 372 17.57 21.00 -29.53
N PRO A 373 16.71 20.45 -30.38
CA PRO A 373 15.44 19.89 -29.86
C PRO A 373 15.65 18.90 -28.73
N LEU A 374 16.65 18.02 -28.86
CA LEU A 374 16.92 17.05 -27.80
C LEU A 374 17.33 17.77 -26.51
N MET A 375 18.22 18.74 -26.62
CA MET A 375 18.70 19.43 -25.43
C MET A 375 17.57 20.18 -24.75
N MET A 376 16.71 20.86 -25.51
CA MET A 376 15.58 21.56 -24.93
C MET A 376 14.61 20.59 -24.28
N ALA A 377 14.37 19.45 -24.94
CA ALA A 377 13.51 18.44 -24.34
C ALA A 377 14.07 17.97 -23.00
N ALA A 378 15.38 17.80 -22.92
CA ALA A 378 16.00 17.41 -21.66
C ALA A 378 15.84 18.51 -20.61
N LYS A 379 16.07 19.76 -21.00
CA LYS A 379 16.03 20.86 -20.04
C LYS A 379 14.64 21.05 -19.48
N THR A 380 13.63 21.16 -20.35
CA THR A 380 12.29 21.51 -19.91
C THR A 380 11.57 20.36 -19.23
N GLY A 381 12.06 19.13 -19.34
CA GLY A 381 11.48 18.01 -18.64
C GLY A 381 10.45 17.22 -19.41
N LYS A 382 10.32 17.42 -20.72
CA LYS A 382 9.39 16.63 -21.54
C LYS A 382 10.03 15.26 -21.73
N ILE A 383 9.59 14.29 -20.93
CA ILE A 383 10.28 13.00 -20.88
C ILE A 383 10.03 12.20 -22.15
N GLY A 384 8.79 12.10 -22.59
CA GLY A 384 8.44 11.15 -23.63
C GLY A 384 9.14 11.42 -24.94
N ILE A 385 9.14 12.69 -25.37
CA ILE A 385 9.77 13.03 -26.64
C ILE A 385 11.28 12.84 -26.56
N PHE A 386 11.86 13.16 -25.40
CA PHE A 386 13.30 12.95 -25.22
C PHE A 386 13.67 11.48 -25.29
N GLN A 387 12.91 10.63 -24.62
CA GLN A 387 13.14 9.19 -24.71
C GLN A 387 12.98 8.69 -26.14
N HIS A 388 11.96 9.18 -26.86
CA HIS A 388 11.79 8.77 -28.26
C HIS A 388 12.91 9.31 -29.15
N ILE A 389 13.42 10.50 -28.86
CA ILE A 389 14.47 11.05 -29.71
C ILE A 389 15.76 10.28 -29.49
N ILE A 390 16.01 9.88 -28.24
CA ILE A 390 17.23 9.14 -27.93
C ILE A 390 17.24 7.73 -28.51
N ARG A 391 16.09 7.06 -28.52
CA ARG A 391 16.04 5.70 -29.06
C ARG A 391 15.35 5.59 -30.43
N ARG A 392 15.59 6.58 -31.28
CA ARG A 392 15.03 6.62 -32.62
C ARG A 392 15.66 5.53 -33.49
N GLU A 393 14.83 4.69 -34.09
CA GLU A 393 15.26 3.67 -35.04
C GLU A 393 14.36 3.76 -36.25
N VAL A 394 14.96 3.84 -37.44
CA VAL A 394 14.21 4.00 -38.69
C VAL A 394 14.70 2.93 -39.67
N THR A 395 13.74 2.23 -40.29
CA THR A 395 14.10 1.13 -41.19
C THR A 395 14.55 1.63 -42.55
N ASP A 396 14.03 2.77 -43.01
CA ASP A 396 14.32 3.25 -44.36
C ASP A 396 15.83 3.39 -44.55
N GLU A 397 16.31 2.89 -45.70
CA GLU A 397 17.75 2.91 -45.98
C GLU A 397 18.24 4.33 -46.24
N ASP A 398 17.50 5.10 -47.03
CA ASP A 398 17.94 6.44 -47.39
C ASP A 398 18.10 7.34 -46.18
N THR A 399 17.25 7.15 -45.16
CA THR A 399 17.26 7.98 -43.96
C THR A 399 17.89 7.25 -42.78
N ARG A 400 18.66 6.20 -43.03
CA ARG A 400 19.23 5.41 -41.92
C ARG A 400 20.11 6.28 -41.03
N HIS A 401 20.86 7.22 -41.62
CA HIS A 401 21.80 8.01 -40.84
C HIS A 401 21.10 8.90 -39.82
N LEU A 402 19.79 9.11 -39.94
CA LEU A 402 19.08 9.98 -39.02
C LEU A 402 18.78 9.32 -37.68
N SER A 403 18.74 7.99 -37.63
CA SER A 403 18.43 7.32 -36.38
C SER A 403 19.68 7.17 -35.53
N ARG A 404 19.48 6.80 -34.26
CA ARG A 404 20.55 6.81 -33.27
C ARG A 404 20.98 5.41 -32.86
N LYS A 405 20.05 4.60 -32.36
CA LYS A 405 20.38 3.30 -31.80
C LYS A 405 20.42 2.26 -32.93
N PHE A 406 21.61 1.77 -33.23
CA PHE A 406 21.81 0.67 -34.16
C PHE A 406 21.98 -0.65 -33.39
N LYS A 407 21.84 -1.74 -34.12
CA LYS A 407 22.01 -3.09 -33.58
C LYS A 407 23.13 -3.76 -34.36
N ASP A 408 24.24 -4.04 -33.67
CA ASP A 408 25.43 -4.55 -34.35
C ASP A 408 25.29 -6.05 -34.66
N TRP A 409 25.14 -6.87 -33.63
CA TRP A 409 25.03 -8.31 -33.84
C TRP A 409 24.23 -8.97 -32.73
N ALA A 410 23.77 -10.17 -33.02
CA ALA A 410 23.04 -11.01 -32.06
C ALA A 410 23.53 -12.44 -32.20
N TYR A 411 23.49 -13.19 -31.10
CA TYR A 411 23.94 -14.58 -31.09
C TYR A 411 22.88 -15.52 -30.50
N GLY A 412 21.61 -15.17 -30.61
CA GLY A 412 20.56 -15.97 -30.02
C GLY A 412 19.69 -15.13 -29.09
N PRO A 413 19.72 -15.44 -27.79
CA PRO A 413 18.97 -14.63 -26.81
C PRO A 413 19.71 -13.40 -26.32
N VAL A 414 20.95 -13.17 -26.73
CA VAL A 414 21.75 -12.03 -26.30
C VAL A 414 21.89 -11.09 -27.49
N TYR A 415 21.58 -9.82 -27.29
CA TYR A 415 21.69 -8.79 -28.31
C TYR A 415 22.59 -7.68 -27.77
N SER A 416 23.29 -7.02 -28.69
CA SER A 416 24.17 -5.90 -28.33
C SER A 416 23.89 -4.79 -29.32
N SER A 417 23.26 -3.72 -28.86
CA SER A 417 22.87 -2.62 -29.71
C SER A 417 23.75 -1.41 -29.40
N LEU A 418 24.27 -0.79 -30.45
CA LEU A 418 25.02 0.44 -30.29
C LEU A 418 24.09 1.60 -29.99
N TYR A 419 24.65 2.64 -29.39
CA TYR A 419 23.94 3.89 -29.15
C TYR A 419 24.82 5.04 -29.63
N ASP A 420 24.23 6.21 -29.71
CA ASP A 420 24.89 7.40 -30.22
C ASP A 420 25.09 8.39 -29.09
N LEU A 421 26.35 8.79 -28.89
CA LEU A 421 26.72 9.73 -27.84
C LEU A 421 27.04 11.10 -28.39
N SER A 422 26.74 11.36 -29.66
CA SER A 422 26.88 12.71 -30.19
C SER A 422 25.98 13.65 -29.39
N SER A 423 26.60 14.68 -28.82
CA SER A 423 25.90 15.66 -27.99
C SER A 423 25.30 15.01 -26.74
N LEU A 424 25.94 13.95 -26.22
CA LEU A 424 25.44 13.31 -25.01
C LEU A 424 26.56 12.89 -24.05
N ASP A 425 27.76 13.43 -24.20
CA ASP A 425 28.90 12.96 -23.41
C ASP A 425 29.75 14.13 -22.96
N THR A 426 30.57 13.87 -21.95
CA THR A 426 31.43 14.88 -21.37
C THR A 426 32.64 15.14 -22.27
N CYS A 427 33.42 16.17 -21.90
CA CYS A 427 34.63 16.52 -22.63
C CYS A 427 34.30 16.86 -24.09
N GLY A 428 33.15 17.50 -24.29
CA GLY A 428 32.75 17.96 -25.61
C GLY A 428 32.55 19.47 -25.59
N GLU A 429 33.01 20.13 -26.66
CA GLU A 429 32.91 21.59 -26.72
C GLU A 429 31.45 22.03 -26.64
N GLU A 430 30.55 21.34 -27.34
CA GLU A 430 29.14 21.65 -27.26
C GLU A 430 28.56 21.22 -25.92
N ALA A 431 27.46 21.87 -25.53
CA ALA A 431 26.80 21.53 -24.29
C ALA A 431 26.34 20.07 -24.30
N SER A 432 26.52 19.39 -23.16
CA SER A 432 26.15 18.00 -23.03
C SER A 432 24.74 17.87 -22.50
N VAL A 433 23.95 16.98 -23.10
CA VAL A 433 22.59 16.75 -22.64
C VAL A 433 22.60 16.21 -21.22
N LEU A 434 23.51 15.29 -20.92
CA LEU A 434 23.61 14.76 -19.56
C LEU A 434 23.95 15.86 -18.56
N GLU A 435 24.86 16.76 -18.93
CA GLU A 435 25.24 17.83 -18.02
C GLU A 435 24.10 18.80 -17.76
N ILE A 436 23.40 19.23 -18.82
CA ILE A 436 22.29 20.15 -18.64
C ILE A 436 21.11 19.48 -17.96
N LEU A 437 21.02 18.15 -18.03
CA LEU A 437 19.93 17.45 -17.37
C LEU A 437 20.09 17.44 -15.85
N VAL A 438 21.30 17.64 -15.34
CA VAL A 438 21.55 17.55 -13.92
C VAL A 438 22.28 18.78 -13.39
N TYR A 439 22.37 19.84 -14.19
CA TYR A 439 22.96 21.09 -13.73
C TYR A 439 21.95 22.22 -13.61
N ASN A 440 21.19 22.51 -14.67
CA ASN A 440 20.20 23.58 -14.65
C ASN A 440 18.85 23.06 -15.14
N SER A 441 18.47 21.85 -14.72
CA SER A 441 17.24 21.24 -15.22
C SER A 441 16.01 21.92 -14.63
N LYS A 442 15.96 22.04 -13.31
CA LYS A 442 14.79 22.58 -12.63
C LYS A 442 13.52 21.86 -13.09
N ILE A 443 13.63 20.54 -13.22
CA ILE A 443 12.54 19.70 -13.72
C ILE A 443 12.07 18.79 -12.60
N GLU A 444 10.76 18.69 -12.42
CA GLU A 444 10.19 17.83 -11.39
C GLU A 444 10.25 16.36 -11.77
N ASN A 445 10.52 16.04 -13.03
CA ASN A 445 10.65 14.67 -13.50
C ASN A 445 12.10 14.29 -13.72
N ARG A 446 13.04 15.06 -13.16
CA ARG A 446 14.46 14.82 -13.39
C ARG A 446 14.85 13.38 -13.03
N HIS A 447 14.32 12.87 -11.92
CA HIS A 447 14.71 11.53 -11.47
C HIS A 447 14.33 10.47 -12.49
N GLU A 448 13.20 10.64 -13.19
CA GLU A 448 12.80 9.66 -14.20
C GLU A 448 13.58 9.78 -15.49
N MET A 449 14.26 10.91 -15.72
CA MET A 449 15.01 11.08 -16.96
C MET A 449 16.29 10.24 -16.99
N LEU A 450 16.80 9.83 -15.83
CA LEU A 450 17.99 9.00 -15.76
C LEU A 450 17.71 7.53 -16.03
N ALA A 451 16.44 7.12 -16.04
CA ALA A 451 16.12 5.71 -16.22
C ALA A 451 16.29 5.25 -17.66
N VAL A 452 16.41 6.18 -18.61
CA VAL A 452 16.54 5.80 -20.01
C VAL A 452 17.78 4.92 -20.19
N GLU A 453 17.66 3.90 -21.02
CA GLU A 453 18.69 2.89 -21.22
C GLU A 453 20.08 3.51 -21.39
N PRO A 454 20.32 4.25 -22.46
CA PRO A 454 21.69 4.78 -22.68
C PRO A 454 22.12 5.83 -21.67
N ILE A 455 21.19 6.43 -20.94
CA ILE A 455 21.57 7.43 -19.94
C ILE A 455 22.10 6.74 -18.69
N ASN A 456 21.33 5.83 -18.12
CA ASN A 456 21.69 5.18 -16.87
C ASN A 456 23.05 4.49 -16.98
N GLU A 457 23.22 3.66 -18.01
CA GLU A 457 24.44 2.85 -18.12
C GLU A 457 25.67 3.72 -18.31
N LEU A 458 25.53 4.87 -18.98
CA LEU A 458 26.69 5.73 -19.21
C LEU A 458 27.36 6.09 -17.88
N LEU A 459 26.55 6.31 -16.84
CA LEU A 459 27.11 6.70 -15.55
C LEU A 459 27.88 5.54 -14.90
N ARG A 460 27.41 4.30 -15.07
CA ARG A 460 28.14 3.16 -14.53
C ARG A 460 29.47 2.96 -15.24
N ASP A 461 29.48 3.10 -16.57
CA ASP A 461 30.72 3.05 -17.34
C ASP A 461 31.68 4.14 -16.88
N LYS A 462 31.15 5.35 -16.63
CA LYS A 462 31.97 6.40 -16.03
C LYS A 462 32.43 6.01 -14.63
N TRP A 463 31.56 5.32 -13.89
CA TRP A 463 31.84 4.97 -12.51
C TRP A 463 33.08 4.10 -12.42
N ARG A 464 33.25 3.18 -13.36
CA ARG A 464 34.46 2.36 -13.36
C ARG A 464 35.71 3.23 -13.48
N LYS A 465 35.68 4.20 -14.41
CA LYS A 465 36.88 4.99 -14.66
C LYS A 465 37.23 5.87 -13.47
N PHE A 466 36.27 6.62 -12.95
CA PHE A 466 36.51 7.58 -11.88
C PHE A 466 35.78 7.24 -10.59
N GLY A 467 34.48 6.98 -10.67
CA GLY A 467 33.65 6.84 -9.48
C GLY A 467 34.25 6.02 -8.35
N ALA A 468 34.59 4.77 -8.63
CA ALA A 468 35.01 3.84 -7.59
C ALA A 468 36.50 3.86 -7.29
N VAL A 469 37.31 4.53 -8.11
CA VAL A 469 38.76 4.51 -7.94
C VAL A 469 39.34 5.86 -7.53
N SER A 470 38.69 6.97 -7.87
CA SER A 470 39.27 8.29 -7.65
C SER A 470 38.58 9.12 -6.58
N PHE A 471 37.47 8.64 -5.99
CA PHE A 471 36.87 9.38 -4.89
C PHE A 471 37.81 9.43 -3.69
N TYR A 472 38.62 8.38 -3.51
CA TYR A 472 39.60 8.35 -2.43
C TYR A 472 40.51 9.56 -2.47
N ILE A 473 41.00 9.93 -3.66
CA ILE A 473 42.01 10.98 -3.76
C ILE A 473 41.44 12.32 -3.31
N ASN A 474 40.25 12.66 -3.82
CA ASN A 474 39.63 13.94 -3.45
C ASN A 474 39.32 13.97 -1.95
N VAL A 475 38.83 12.86 -1.42
CA VAL A 475 38.61 12.78 0.03
C VAL A 475 39.92 13.04 0.79
N VAL A 476 40.99 12.38 0.34
CA VAL A 476 42.27 12.45 1.03
C VAL A 476 42.85 13.85 1.00
N SER A 477 42.60 14.59 -0.09
CA SER A 477 43.13 15.94 -0.16
C SER A 477 42.62 16.79 0.99
N TYR A 478 41.31 16.73 1.26
CA TYR A 478 40.76 17.48 2.38
C TYR A 478 41.27 16.94 3.71
N LEU A 479 41.47 15.62 3.82
CA LEU A 479 42.05 15.11 5.06
C LEU A 479 43.43 15.71 5.32
N CYS A 480 44.28 15.74 4.29
CA CYS A 480 45.62 16.31 4.44
C CYS A 480 45.56 17.79 4.77
N ALA A 481 44.66 18.53 4.10
CA ALA A 481 44.50 19.95 4.41
C ALA A 481 44.07 20.15 5.86
N MET A 482 43.18 19.28 6.35
CA MET A 482 42.76 19.37 7.74
C MET A 482 43.93 19.17 8.69
N VAL A 483 44.81 18.21 8.39
CA VAL A 483 45.99 18.01 9.24
C VAL A 483 46.89 19.25 9.21
N ILE A 484 47.13 19.79 8.02
CA ILE A 484 47.99 20.98 7.91
C ILE A 484 47.42 22.11 8.76
N PHE A 485 46.10 22.33 8.67
CA PHE A 485 45.47 23.35 9.50
C PHE A 485 45.57 23.02 10.98
N THR A 486 45.40 21.75 11.34
CA THR A 486 45.45 21.36 12.75
C THR A 486 46.81 21.65 13.35
N LEU A 487 47.85 21.72 12.52
CA LEU A 487 49.17 22.08 13.03
C LEU A 487 49.25 23.52 13.53
N THR A 488 48.28 24.37 13.18
CA THR A 488 48.28 25.79 13.52
C THR A 488 48.50 26.07 15.00
N ALA A 489 47.59 25.58 15.86
CA ALA A 489 47.71 25.79 17.29
C ALA A 489 49.13 25.62 17.77
N TYR A 490 49.79 24.56 17.33
CA TYR A 490 51.17 24.25 17.68
C TYR A 490 52.09 25.42 17.34
N VAL A 506 62.90 21.74 15.44
CA VAL A 506 62.69 21.97 14.01
C VAL A 506 61.82 23.21 13.82
N ASP A 507 62.30 24.35 14.32
CA ASP A 507 61.54 25.59 14.20
C ASP A 507 61.34 25.98 12.74
N TYR A 508 62.38 25.83 11.92
CA TYR A 508 62.27 26.20 10.51
C TYR A 508 61.21 25.38 9.80
N LEU A 509 61.22 24.06 10.01
CA LEU A 509 60.22 23.20 9.38
C LEU A 509 58.82 23.55 9.86
N ARG A 510 58.68 23.81 11.16
CA ARG A 510 57.37 24.19 11.70
C ARG A 510 56.87 25.47 11.08
N LEU A 511 57.75 26.46 10.91
CA LEU A 511 57.34 27.71 10.27
C LEU A 511 56.97 27.48 8.81
N ALA A 512 57.70 26.61 8.12
CA ALA A 512 57.35 26.27 6.74
C ALA A 512 55.96 25.67 6.68
N GLY A 513 55.66 24.74 7.59
CA GLY A 513 54.31 24.18 7.65
C GLY A 513 53.27 25.22 8.01
N GLU A 514 53.63 26.19 8.86
CA GLU A 514 52.71 27.27 9.19
C GLU A 514 52.37 28.07 7.95
N VAL A 515 53.37 28.37 7.13
CA VAL A 515 53.11 29.04 5.85
C VAL A 515 52.24 28.16 4.96
N ILE A 516 52.51 26.84 4.97
CA ILE A 516 51.71 25.90 4.21
C ILE A 516 50.25 25.94 4.64
N THR A 517 50.00 26.23 5.92
CA THR A 517 48.62 26.27 6.40
C THR A 517 47.85 27.40 5.73
N LEU A 518 48.42 28.60 5.75
CA LEU A 518 47.79 29.73 5.06
C LEU A 518 47.69 29.45 3.57
N PHE A 519 48.72 28.82 3.00
CA PHE A 519 48.69 28.49 1.58
C PHE A 519 47.54 27.53 1.27
N THR A 520 47.31 26.56 2.14
CA THR A 520 46.22 25.60 1.92
C THR A 520 44.86 26.28 1.99
N GLY A 521 44.67 27.15 3.00
CA GLY A 521 43.43 27.91 3.04
C GLY A 521 43.24 28.76 1.80
N VAL A 522 44.32 29.41 1.34
CA VAL A 522 44.23 30.25 0.15
C VAL A 522 43.91 29.40 -1.08
N LEU A 523 44.48 28.19 -1.15
CA LEU A 523 44.19 27.31 -2.29
C LEU A 523 42.73 26.88 -2.28
N PHE A 524 42.20 26.55 -1.09
CA PHE A 524 40.79 26.24 -0.99
C PHE A 524 39.93 27.40 -1.44
N PHE A 525 40.27 28.63 -1.04
CA PHE A 525 39.53 29.80 -1.49
C PHE A 525 39.68 30.02 -3.00
N PHE A 526 40.87 29.80 -3.54
CA PHE A 526 41.11 30.01 -4.96
C PHE A 526 40.29 29.04 -5.81
N THR A 527 40.20 27.78 -5.39
CA THR A 527 39.35 26.83 -6.10
C THR A 527 37.88 27.07 -5.84
N ASN A 528 37.53 27.63 -4.67
CA ASN A 528 36.15 28.00 -4.39
C ASN A 528 35.67 29.11 -5.32
N ILE A 529 36.48 30.16 -5.50
CA ILE A 529 36.08 31.25 -6.39
C ILE A 529 35.94 30.74 -7.81
N LYS A 530 36.80 29.79 -8.21
CA LYS A 530 36.70 29.23 -9.55
C LYS A 530 35.42 28.42 -9.73
N ASP A 531 35.03 27.66 -8.70
CA ASP A 531 33.82 26.85 -8.82
C ASP A 531 32.55 27.68 -8.90
N LEU A 532 32.56 28.89 -8.36
CA LEU A 532 31.38 29.76 -8.38
C LEU A 532 31.40 30.67 -9.59
N PHE A 549 25.89 22.92 -0.52
CA PHE A 549 26.12 24.06 0.36
C PHE A 549 27.55 24.59 0.22
N GLN A 550 27.96 24.92 -1.01
CA GLN A 550 29.29 25.47 -1.17
C GLN A 550 29.40 26.90 -0.65
N LEU A 551 28.29 27.51 -0.24
CA LEU A 551 28.39 28.79 0.47
C LEU A 551 28.98 28.59 1.86
N LEU A 552 28.74 27.45 2.50
CA LEU A 552 29.44 27.14 3.76
C LEU A 552 30.96 27.08 3.53
N TYR A 553 31.37 26.35 2.49
CA TYR A 553 32.77 26.28 2.12
C TYR A 553 33.31 27.67 1.80
N PHE A 554 32.49 28.49 1.15
CA PHE A 554 32.87 29.88 0.93
C PHE A 554 33.12 30.59 2.26
N ILE A 555 32.26 30.36 3.26
CA ILE A 555 32.46 31.00 4.56
C ILE A 555 33.82 30.60 5.14
N TYR A 556 34.15 29.32 5.05
CA TYR A 556 35.47 28.86 5.50
C TYR A 556 36.58 29.64 4.80
N SER A 557 36.51 29.74 3.47
CA SER A 557 37.53 30.46 2.73
C SER A 557 37.58 31.92 3.16
N VAL A 558 36.41 32.53 3.38
CA VAL A 558 36.36 33.93 3.81
C VAL A 558 37.12 34.09 5.12
N LEU A 559 36.85 33.20 6.07
CA LEU A 559 37.43 33.34 7.40
C LEU A 559 38.94 33.18 7.37
N VAL A 560 39.47 32.38 6.44
CA VAL A 560 40.94 32.23 6.40
C VAL A 560 41.64 33.58 6.30
N ILE A 561 41.04 34.53 5.58
CA ILE A 561 41.78 35.70 5.10
C ILE A 561 42.27 36.57 6.27
N VAL A 562 41.37 36.89 7.20
CA VAL A 562 41.65 37.92 8.21
C VAL A 562 42.90 37.57 9.02
N SER A 563 43.20 36.27 9.12
CA SER A 563 44.25 35.81 10.02
C SER A 563 45.61 36.35 9.61
N ALA A 564 45.87 36.45 8.30
CA ALA A 564 47.19 36.92 7.86
C ALA A 564 47.43 38.36 8.27
N ALA A 565 46.45 39.23 8.01
CA ALA A 565 46.60 40.63 8.40
C ALA A 565 46.79 40.77 9.89
N LEU A 566 45.98 40.05 10.69
CA LEU A 566 46.12 40.22 12.14
C LEU A 566 47.40 39.57 12.66
N TYR A 567 47.88 38.51 12.01
CA TYR A 567 49.15 37.90 12.41
C TYR A 567 50.31 38.84 12.16
N LEU A 568 50.30 39.52 11.00
CA LEU A 568 51.30 40.57 10.78
C LEU A 568 51.15 41.68 11.82
N ALA A 569 49.91 42.02 12.16
CA ALA A 569 49.69 43.06 13.16
C ALA A 569 50.17 42.62 14.54
N GLY A 570 50.00 41.35 14.87
CA GLY A 570 50.22 40.87 16.22
C GLY A 570 49.00 40.94 17.12
N ILE A 571 47.84 41.31 16.57
CA ILE A 571 46.61 41.31 17.35
C ILE A 571 46.34 39.92 17.91
N GLU A 572 45.50 39.88 18.96
CA GLU A 572 45.23 38.65 19.69
C GLU A 572 43.93 37.98 19.30
N ALA A 573 43.15 38.56 18.40
CA ALA A 573 41.83 38.04 18.07
C ALA A 573 41.84 37.09 16.86
N TYR A 574 42.99 36.87 16.22
CA TYR A 574 43.02 35.97 15.08
C TYR A 574 42.66 34.54 15.49
N LEU A 575 42.87 34.20 16.77
CA LEU A 575 42.55 32.87 17.24
C LEU A 575 41.06 32.56 17.10
N ALA A 576 40.19 33.54 17.39
CA ALA A 576 38.75 33.32 17.25
C ALA A 576 38.39 32.96 15.81
N VAL A 577 38.95 33.70 14.86
CA VAL A 577 38.71 33.44 13.44
C VAL A 577 39.15 32.01 13.10
N MET A 578 40.35 31.65 13.58
CA MET A 578 40.84 30.30 13.31
C MET A 578 39.94 29.24 13.93
N VAL A 579 39.36 29.52 15.09
CA VAL A 579 38.47 28.56 15.73
C VAL A 579 37.25 28.31 14.85
N PHE A 580 36.59 29.40 14.44
CA PHE A 580 35.44 29.24 13.56
C PHE A 580 35.81 28.39 12.35
N ALA A 581 36.92 28.72 11.71
CA ALA A 581 37.29 28.04 10.45
C ALA A 581 37.64 26.57 10.70
N LEU A 582 38.33 26.27 11.79
CA LEU A 582 38.74 24.89 12.09
C LEU A 582 37.52 24.01 12.28
N VAL A 583 36.56 24.47 13.08
CA VAL A 583 35.35 23.68 13.27
C VAL A 583 34.63 23.51 11.94
N LEU A 584 34.63 24.58 11.12
CA LEU A 584 34.01 24.47 9.80
C LEU A 584 34.66 23.39 8.96
N GLY A 585 35.98 23.24 9.05
CA GLY A 585 36.65 22.21 8.28
C GLY A 585 36.26 20.80 8.70
N TRP A 586 36.35 20.53 10.00
CA TRP A 586 35.97 19.19 10.47
C TRP A 586 34.51 18.91 10.12
N MET A 587 33.66 19.94 10.14
CA MET A 587 32.28 19.75 9.69
C MET A 587 32.22 19.46 8.19
N ASN A 588 33.08 20.10 7.40
CA ASN A 588 33.08 19.88 5.95
C ASN A 588 33.35 18.43 5.63
N ALA A 589 34.10 17.75 6.49
CA ALA A 589 34.31 16.30 6.30
C ALA A 589 33.00 15.57 5.95
N LEU A 590 31.87 16.05 6.46
CA LEU A 590 30.59 15.39 6.18
C LEU A 590 30.29 15.41 4.69
N TYR A 591 30.64 16.50 4.01
CA TYR A 591 30.45 16.56 2.57
C TYR A 591 31.23 15.45 1.87
N PHE A 592 32.42 15.12 2.38
CA PHE A 592 33.18 14.02 1.81
C PHE A 592 32.49 12.69 2.10
N THR A 593 31.85 12.57 3.27
CA THR A 593 31.10 11.35 3.54
C THR A 593 29.95 11.19 2.55
N ARG A 594 29.31 12.30 2.19
CA ARG A 594 28.14 12.24 1.31
C ARG A 594 28.47 11.55 0.00
N GLY A 595 29.66 11.80 -0.55
CA GLY A 595 30.02 11.21 -1.83
C GLY A 595 30.01 9.69 -1.81
N LEU A 596 30.53 9.11 -0.74
CA LEU A 596 30.58 7.66 -0.63
C LEU A 596 29.17 7.07 -0.59
N LYS A 597 29.01 5.89 -1.19
CA LYS A 597 27.69 5.27 -1.25
C LYS A 597 27.17 4.93 0.14
N LEU A 598 28.04 4.44 1.02
CA LEU A 598 27.61 3.98 2.34
C LEU A 598 27.00 5.12 3.15
N THR A 599 27.64 6.29 3.16
CA THR A 599 27.19 7.42 3.94
C THR A 599 26.39 8.43 3.11
N GLY A 600 26.10 8.08 1.85
CA GLY A 600 25.45 9.04 0.97
C GLY A 600 24.10 9.50 1.47
N THR A 601 23.34 8.58 2.07
CA THR A 601 22.00 8.92 2.53
C THR A 601 22.04 9.60 3.90
N TYR A 602 22.89 9.12 4.79
CA TYR A 602 22.97 9.69 6.13
C TYR A 602 23.45 11.13 6.10
N SER A 603 24.49 11.43 5.30
CA SER A 603 24.98 12.80 5.23
C SER A 603 23.90 13.74 4.72
N ILE A 604 23.19 13.33 3.67
CA ILE A 604 22.16 14.18 3.08
C ILE A 604 21.00 14.36 4.05
N MET A 605 20.65 13.31 4.79
CA MET A 605 19.57 13.44 5.77
C MET A 605 19.95 14.41 6.87
N ILE A 606 21.19 14.33 7.35
CA ILE A 606 21.66 15.26 8.37
C ILE A 606 21.59 16.69 7.85
N GLN A 607 22.06 16.91 6.63
CA GLN A 607 22.02 18.25 6.05
C GLN A 607 20.58 18.75 5.93
N LYS A 608 19.69 17.91 5.42
CA LYS A 608 18.30 18.31 5.22
C LYS A 608 17.65 18.70 6.55
N ILE A 609 17.87 17.89 7.59
CA ILE A 609 17.34 18.21 8.91
C ILE A 609 17.93 19.54 9.40
N LEU A 610 19.24 19.71 9.22
CA LEU A 610 19.89 20.94 9.65
C LEU A 610 19.37 22.16 8.90
N PHE A 611 18.79 21.98 7.72
CA PHE A 611 18.33 23.09 6.89
C PHE A 611 16.83 23.32 6.98
N LYS A 612 16.03 22.26 6.87
CA LYS A 612 14.57 22.42 6.86
C LYS A 612 14.02 22.61 8.27
N ASP A 613 14.11 21.57 9.10
CA ASP A 613 13.54 21.65 10.44
C ASP A 613 14.49 22.31 11.42
N LEU A 614 15.69 21.75 11.58
CA LEU A 614 16.60 22.22 12.61
C LEU A 614 16.83 23.73 12.53
N PHE A 615 17.00 24.25 11.32
CA PHE A 615 17.26 25.69 11.17
C PHE A 615 16.09 26.51 11.72
N ARG A 616 14.87 26.22 11.27
CA ARG A 616 13.72 26.98 11.72
C ARG A 616 13.48 26.80 13.22
N PHE A 617 13.63 25.57 13.71
CA PHE A 617 13.43 25.32 15.13
C PHE A 617 14.41 26.12 15.98
N LEU A 618 15.69 26.13 15.58
CA LEU A 618 16.68 26.91 16.31
C LEU A 618 16.35 28.40 16.23
N LEU A 619 15.94 28.87 15.06
CA LEU A 619 15.61 30.29 14.91
C LEU A 619 14.50 30.70 15.88
N VAL A 620 13.45 29.88 15.97
CA VAL A 620 12.35 30.20 16.88
C VAL A 620 12.80 30.08 18.34
N TYR A 621 13.57 29.03 18.64
CA TYR A 621 13.96 28.76 20.01
C TYR A 621 14.84 29.88 20.57
N LEU A 622 15.70 30.45 19.73
CA LEU A 622 16.57 31.53 20.21
C LEU A 622 15.75 32.71 20.71
N LEU A 623 14.76 33.14 19.92
CA LEU A 623 13.93 34.27 20.33
C LEU A 623 13.10 33.91 21.57
N PHE A 624 12.55 32.70 21.60
CA PHE A 624 11.79 32.29 22.78
C PHE A 624 12.66 32.33 24.03
N MET A 625 13.90 31.86 23.92
CA MET A 625 14.81 31.85 25.05
C MET A 625 15.14 33.25 25.51
N ILE A 626 15.38 34.17 24.57
CA ILE A 626 15.68 35.55 24.94
C ILE A 626 14.50 36.16 25.70
N GLY A 627 13.29 35.96 25.19
CA GLY A 627 12.12 36.51 25.87
C GLY A 627 11.94 35.94 27.27
N TYR A 628 12.11 34.62 27.40
CA TYR A 628 11.99 34.00 28.71
C TYR A 628 13.08 34.48 29.66
N ALA A 629 14.28 34.75 29.11
CA ALA A 629 15.33 35.34 29.93
C ALA A 629 14.91 36.70 30.47
N SER A 630 14.26 37.50 29.62
CA SER A 630 13.73 38.78 30.08
C SER A 630 12.70 38.58 31.18
N ALA A 631 11.84 37.57 31.03
CA ALA A 631 10.84 37.27 32.06
C ALA A 631 11.50 36.91 33.38
N LEU A 632 12.53 36.05 33.32
CA LEU A 632 13.24 35.66 34.53
C LEU A 632 13.91 36.86 35.18
N VAL A 633 14.47 37.76 34.36
CA VAL A 633 15.06 38.98 34.90
C VAL A 633 14.00 39.79 35.64
N SER A 634 12.82 39.92 35.04
CA SER A 634 11.76 40.68 35.70
C SER A 634 11.37 40.04 37.03
N LEU A 635 11.29 38.70 37.06
CA LEU A 635 10.98 38.01 38.31
C LEU A 635 12.06 38.26 39.35
N LEU A 636 13.33 38.27 38.93
CA LEU A 636 14.42 38.48 39.89
C LEU A 636 14.32 39.86 40.53
N ASN A 637 14.04 40.89 39.74
CA ASN A 637 13.95 42.25 40.26
C ASN A 637 15.21 42.63 41.03
N SER A 663 21.58 44.88 32.23
CA SER A 663 22.36 44.20 31.20
C SER A 663 23.30 43.17 31.81
N GLU A 664 24.21 43.64 32.67
CA GLU A 664 25.08 42.71 33.38
C GLU A 664 24.27 41.77 34.27
N THR A 665 23.25 42.32 34.95
CA THR A 665 22.37 41.47 35.75
C THR A 665 21.67 40.44 34.87
N PHE A 666 21.42 40.78 33.61
CA PHE A 666 20.87 39.80 32.67
C PHE A 666 21.93 38.85 32.14
N SER A 667 23.17 39.32 31.98
CA SER A 667 24.23 38.47 31.46
C SER A 667 24.54 37.34 32.44
N THR A 668 24.67 37.67 33.73
CA THR A 668 24.90 36.64 34.73
C THR A 668 23.79 35.59 34.68
N PHE A 669 22.54 36.05 34.67
CA PHE A 669 21.41 35.14 34.63
C PHE A 669 21.45 34.25 33.40
N LEU A 670 21.77 34.81 32.24
CA LEU A 670 21.75 34.04 31.01
C LEU A 670 22.82 32.95 31.02
N LEU A 671 24.06 33.32 31.38
CA LEU A 671 25.12 32.33 31.41
C LEU A 671 24.82 31.22 32.41
N ASP A 672 24.38 31.61 33.61
CA ASP A 672 24.07 30.60 34.61
C ASP A 672 22.85 29.77 34.22
N LEU A 673 21.94 30.33 33.43
CA LEU A 673 20.80 29.56 32.94
C LEU A 673 21.23 28.52 31.92
N PHE A 674 22.19 28.86 31.06
CA PHE A 674 22.76 27.84 30.18
C PHE A 674 23.40 26.72 31.00
N LYS A 675 24.17 27.09 32.02
CA LYS A 675 24.70 26.08 32.94
C LYS A 675 23.58 25.25 33.55
N LEU A 676 22.45 25.89 33.86
CA LEU A 676 21.32 25.18 34.41
C LEU A 676 20.77 24.16 33.42
N THR A 677 20.70 24.54 32.13
CA THR A 677 20.27 23.58 31.13
C THR A 677 21.20 22.38 31.13
N ILE A 678 22.51 22.63 31.22
CA ILE A 678 23.44 21.52 31.38
C ILE A 678 23.19 20.81 32.71
N GLY A 679 22.92 21.58 33.77
CA GLY A 679 22.72 21.03 35.09
C GLY A 679 23.95 21.08 35.98
N MET A 680 25.13 21.36 35.41
CA MET A 680 26.33 21.50 36.22
C MET A 680 26.24 22.71 37.14
N GLY A 681 25.71 23.82 36.63
CA GLY A 681 25.68 25.04 37.41
C GLY A 681 24.61 24.99 38.51
N ASP A 682 24.90 25.68 39.61
CA ASP A 682 23.95 25.80 40.69
C ASP A 682 22.95 26.92 40.41
N LEU A 683 21.84 26.91 41.18
CA LEU A 683 20.77 27.90 41.01
C LEU A 683 21.10 29.15 41.82
N GLU A 684 22.07 29.91 41.31
CA GLU A 684 22.41 31.18 41.95
C GLU A 684 21.31 32.21 41.74
N MET A 685 20.70 32.23 40.55
CA MET A 685 19.64 33.19 40.27
C MET A 685 18.50 33.08 41.28
N LEU A 686 18.01 31.86 41.50
CA LEU A 686 16.83 31.66 42.32
C LEU A 686 16.97 32.34 43.68
N SER A 687 18.14 32.21 44.30
CA SER A 687 18.34 32.82 45.62
C SER A 687 18.09 34.32 45.57
N SER A 688 18.54 34.99 44.52
CA SER A 688 18.38 36.44 44.37
C SER A 688 17.18 36.74 43.49
N THR A 689 15.99 36.43 44.02
CA THR A 689 14.75 36.66 43.31
C THR A 689 13.71 37.27 44.24
N LYS A 690 13.05 38.33 43.75
CA LYS A 690 11.96 38.92 44.52
C LYS A 690 10.78 37.97 44.65
N TYR A 691 10.44 37.27 43.57
CA TYR A 691 9.29 36.37 43.54
C TYR A 691 9.73 35.04 42.93
N PRO A 692 10.36 34.16 43.73
CA PRO A 692 10.74 32.85 43.21
C PRO A 692 9.56 31.89 43.09
N VAL A 693 8.53 32.10 43.93
CA VAL A 693 7.41 31.18 43.96
C VAL A 693 6.78 31.06 42.58
N VAL A 694 6.59 32.19 41.91
CA VAL A 694 6.10 32.15 40.52
C VAL A 694 7.17 31.60 39.60
N PHE A 695 8.43 32.00 39.84
CA PHE A 695 9.51 31.61 38.93
C PHE A 695 9.72 30.10 38.93
N ILE A 696 9.62 29.45 40.10
CA ILE A 696 9.97 28.03 40.20
C ILE A 696 9.14 27.21 39.22
N ILE A 697 7.83 27.40 39.22
CA ILE A 697 6.99 26.71 38.26
C ILE A 697 7.38 27.11 36.84
N LEU A 698 7.61 28.40 36.61
CA LEU A 698 7.94 28.87 35.27
C LEU A 698 9.24 28.28 34.77
N LEU A 699 10.28 28.25 35.63
CA LEU A 699 11.57 27.77 35.19
C LEU A 699 11.49 26.33 34.72
N VAL A 700 10.80 25.47 35.47
CA VAL A 700 10.53 24.12 35.00
C VAL A 700 9.69 24.15 33.73
N THR A 701 8.65 24.99 33.71
CA THR A 701 7.78 25.06 32.54
C THR A 701 8.56 25.50 31.31
N TYR A 702 9.43 26.49 31.47
CA TYR A 702 10.22 26.95 30.32
C TYR A 702 11.09 25.83 29.77
N ILE A 703 11.76 25.07 30.65
CA ILE A 703 12.60 23.98 30.20
C ILE A 703 11.77 22.94 29.45
N ILE A 704 10.59 22.61 29.98
CA ILE A 704 9.71 21.66 29.31
C ILE A 704 9.36 22.16 27.92
N LEU A 705 8.98 23.44 27.82
CA LEU A 705 8.55 23.98 26.54
C LEU A 705 9.69 23.96 25.52
N THR A 706 10.90 24.36 25.93
CA THR A 706 12.03 24.31 25.02
C THR A 706 12.31 22.89 24.56
N PHE A 707 12.31 21.94 25.50
CA PHE A 707 12.62 20.56 25.14
C PHE A 707 11.50 19.91 24.35
N VAL A 708 10.25 20.10 24.77
CA VAL A 708 9.15 19.39 24.11
C VAL A 708 8.98 19.88 22.68
N LEU A 709 9.14 21.19 22.44
CA LEU A 709 9.12 21.68 21.08
C LEU A 709 10.26 21.08 20.27
N LEU A 710 11.44 20.94 20.89
CA LEU A 710 12.56 20.28 20.21
C LEU A 710 12.33 18.78 20.07
N LEU A 711 11.67 18.17 21.06
CA LEU A 711 11.29 16.77 20.94
C LEU A 711 10.33 16.57 19.77
N ASN A 712 9.37 17.48 19.61
CA ASN A 712 8.45 17.40 18.48
C ASN A 712 9.19 17.52 17.15
N MET A 713 10.29 18.26 17.12
CA MET A 713 11.05 18.41 15.88
C MET A 713 11.48 17.06 15.32
N LEU A 714 11.95 16.18 16.20
CA LEU A 714 12.35 14.84 15.76
C LEU A 714 11.17 14.09 15.16
N ILE A 715 10.01 14.16 15.79
CA ILE A 715 8.81 13.56 15.22
C ILE A 715 8.45 14.23 13.91
N ALA A 716 8.55 15.56 13.87
CA ALA A 716 8.26 16.28 12.63
C ALA A 716 9.24 15.92 11.53
N LEU A 717 10.52 15.75 11.89
CA LEU A 717 11.55 15.53 10.87
C LEU A 717 11.34 14.20 10.14
N MET A 718 11.05 13.13 10.88
CA MET A 718 10.98 11.81 10.26
C MET A 718 9.86 11.73 9.23
N GLY A 719 8.69 12.28 9.56
CA GLY A 719 7.54 12.15 8.69
C GLY A 719 7.30 13.33 7.77
N GLU A 720 7.26 14.54 8.34
CA GLU A 720 6.96 15.73 7.53
C GLU A 720 8.10 16.04 6.57
N THR A 721 9.35 15.96 7.05
CA THR A 721 10.52 16.29 6.25
C THR A 721 11.17 15.09 5.60
N VAL A 722 11.34 13.98 6.35
CA VAL A 722 11.98 12.79 5.81
C VAL A 722 11.01 11.87 5.10
N GLY A 723 9.71 12.13 5.19
CA GLY A 723 8.74 11.29 4.48
C GLY A 723 9.00 11.25 2.98
N GLN A 724 9.20 12.42 2.38
CA GLN A 724 9.56 12.48 0.96
C GLN A 724 11.01 12.11 0.72
N VAL A 725 11.89 12.33 1.71
CA VAL A 725 13.28 11.94 1.56
C VAL A 725 13.42 10.43 1.57
N SER A 726 12.66 9.75 2.43
CA SER A 726 12.75 8.31 2.53
C SER A 726 12.41 7.65 1.19
N LYS A 727 11.38 8.14 0.51
CA LYS A 727 10.95 7.50 -0.74
C LYS A 727 11.93 7.78 -1.88
N GLU A 728 12.44 9.01 -1.97
CA GLU A 728 13.27 9.44 -3.08
C GLU A 728 14.75 9.44 -2.76
N SER A 729 15.15 8.85 -1.63
CA SER A 729 16.56 8.85 -1.26
C SER A 729 17.40 8.14 -2.30
N LYS A 730 16.94 6.99 -2.79
CA LYS A 730 17.69 6.26 -3.80
C LYS A 730 17.85 7.08 -5.08
N HIS A 731 16.77 7.73 -5.51
CA HIS A 731 16.88 8.62 -6.67
C HIS A 731 17.79 9.80 -6.38
N ILE A 732 17.67 10.39 -5.19
CA ILE A 732 18.52 11.52 -4.82
C ILE A 732 19.97 11.08 -4.75
N TRP A 733 20.24 9.89 -4.21
CA TRP A 733 21.61 9.42 -4.11
C TRP A 733 22.27 9.32 -5.48
N LYS A 734 21.53 8.82 -6.47
CA LYS A 734 22.06 8.78 -7.83
C LYS A 734 22.34 10.20 -8.33
N LEU A 735 21.42 11.12 -8.08
CA LEU A 735 21.66 12.52 -8.44
C LEU A 735 22.90 13.06 -7.72
N GLN A 736 23.01 12.80 -6.42
CA GLN A 736 24.20 13.22 -5.68
C GLN A 736 25.44 12.57 -6.27
N TRP A 737 25.37 11.27 -6.56
CA TRP A 737 26.50 10.60 -7.19
C TRP A 737 26.80 11.20 -8.55
N ALA A 738 25.75 11.50 -9.32
CA ALA A 738 25.96 12.04 -10.66
C ALA A 738 26.65 13.39 -10.61
N THR A 739 26.21 14.28 -9.72
CA THR A 739 26.83 15.60 -9.62
C THR A 739 28.31 15.48 -9.25
N THR A 740 28.62 14.60 -8.29
CA THR A 740 30.01 14.41 -7.90
C THR A 740 30.84 13.87 -9.06
N ILE A 741 30.28 12.92 -9.82
CA ILE A 741 31.02 12.37 -10.96
C ILE A 741 31.29 13.46 -11.99
N LEU A 742 30.31 14.33 -12.23
CA LEU A 742 30.47 15.36 -13.24
C LEU A 742 31.60 16.34 -12.87
N ASP A 743 31.67 16.72 -11.60
CA ASP A 743 32.69 17.68 -11.19
C ASP A 743 34.08 17.14 -11.42
N ILE A 744 34.29 15.84 -11.19
CA ILE A 744 35.62 15.26 -11.40
C ILE A 744 36.05 15.43 -12.85
N GLU A 745 35.15 15.13 -13.79
CA GLU A 745 35.48 15.24 -15.20
C GLU A 745 35.69 16.70 -15.61
N ARG A 746 34.90 17.61 -15.03
CA ARG A 746 35.04 19.03 -15.38
C ARG A 746 36.42 19.54 -15.00
N SER A 747 36.95 19.11 -13.85
CA SER A 747 38.25 19.60 -13.41
C SER A 747 39.35 19.21 -14.38
N PHE A 748 39.32 17.98 -14.88
CA PHE A 748 40.41 17.49 -15.72
C PHE A 748 40.46 18.27 -17.03
N PRO A 749 41.64 18.59 -17.54
CA PRO A 749 41.72 19.29 -18.82
C PRO A 749 41.44 18.38 -20.00
N VAL A 750 41.21 19.01 -21.15
CA VAL A 750 40.78 18.35 -22.38
C VAL A 750 41.58 17.08 -22.67
N PHE A 751 42.91 17.13 -22.51
CA PHE A 751 43.72 15.94 -22.74
C PHE A 751 43.32 14.82 -21.78
N LEU A 752 43.20 15.14 -20.50
CA LEU A 752 42.83 14.14 -19.51
C LEU A 752 41.43 13.59 -19.78
N ARG A 753 40.50 14.46 -20.15
CA ARG A 753 39.15 13.99 -20.49
C ARG A 753 39.18 13.09 -21.71
N LYS A 754 39.97 13.46 -22.73
CA LYS A 754 40.06 12.65 -23.93
C LYS A 754 40.63 11.27 -23.63
N ALA A 755 41.49 11.17 -22.61
CA ALA A 755 42.03 9.86 -22.24
C ALA A 755 40.92 8.84 -22.00
N PHE A 756 39.82 9.26 -21.37
CA PHE A 756 38.78 8.34 -20.93
C PHE A 756 37.41 8.68 -21.53
N ARG A 757 37.37 9.01 -22.81
CA ARG A 757 36.08 9.12 -23.47
C ARG A 757 35.43 7.74 -23.56
N SER A 758 34.26 7.60 -22.97
CA SER A 758 33.62 6.29 -22.92
C SER A 758 33.10 5.90 -24.28
N GLY A 759 32.81 4.60 -24.42
CA GLY A 759 32.39 4.05 -25.69
C GLY A 759 33.55 3.77 -26.62
N GLU A 760 33.21 3.18 -27.76
CA GLU A 760 34.18 2.85 -28.79
C GLU A 760 33.71 3.45 -30.11
N MET A 761 34.63 4.09 -30.82
CA MET A 761 34.30 4.66 -32.12
C MET A 761 33.93 3.54 -33.09
N VAL A 762 32.80 3.71 -33.77
CA VAL A 762 32.28 2.73 -34.69
C VAL A 762 31.84 3.44 -35.97
N THR A 763 32.18 2.86 -37.12
CA THR A 763 31.68 3.34 -38.40
C THR A 763 30.34 2.67 -38.62
N VAL A 764 29.25 3.41 -38.38
CA VAL A 764 27.92 2.81 -38.41
C VAL A 764 27.64 2.24 -39.80
N GLY A 765 27.97 2.99 -40.83
CA GLY A 765 27.74 2.53 -42.19
C GLY A 765 28.19 3.57 -43.18
N LYS A 766 28.27 3.14 -44.44
CA LYS A 766 28.67 4.05 -45.51
C LYS A 766 27.65 5.17 -45.63
N SER A 767 28.13 6.42 -45.55
CA SER A 767 27.27 7.58 -45.65
C SER A 767 27.01 7.94 -47.11
N SER A 768 26.23 8.99 -47.32
CA SER A 768 25.97 9.45 -48.69
C SER A 768 27.26 9.87 -49.37
N ASP A 769 28.14 10.56 -48.64
CA ASP A 769 29.42 10.95 -49.22
C ASP A 769 30.25 9.73 -49.58
N GLY A 770 30.16 8.67 -48.77
CA GLY A 770 30.91 7.44 -48.96
C GLY A 770 31.86 7.14 -47.82
N THR A 771 32.40 8.17 -47.18
CA THR A 771 33.15 7.98 -45.96
C THR A 771 32.18 7.54 -44.88
N PRO A 772 32.35 6.38 -44.26
CA PRO A 772 31.35 5.91 -43.30
C PRO A 772 31.17 6.91 -42.17
N ASP A 773 29.92 7.08 -41.74
CA ASP A 773 29.65 7.90 -40.58
C ASP A 773 30.25 7.26 -39.35
N ARG A 774 31.05 8.01 -38.60
CA ARG A 774 31.74 7.51 -37.43
C ARG A 774 31.30 8.30 -36.21
N ARG A 775 30.18 7.89 -35.62
CA ARG A 775 29.78 8.40 -34.32
C ARG A 775 30.57 7.69 -33.23
N TRP A 776 30.74 8.38 -32.11
CA TRP A 776 31.35 7.76 -30.94
C TRP A 776 30.24 7.02 -30.18
N CYS A 777 30.22 5.71 -30.30
CA CYS A 777 29.09 4.90 -29.85
C CYS A 777 29.45 4.14 -28.57
N PHE A 778 28.44 3.93 -27.74
CA PHE A 778 28.56 3.21 -26.49
C PHE A 778 27.66 1.98 -26.56
N ARG A 779 28.28 0.81 -26.66
CA ARG A 779 27.54 -0.43 -26.81
C ARG A 779 26.73 -0.74 -25.55
N VAL A 780 25.53 -1.28 -25.74
CA VAL A 780 24.67 -1.70 -24.63
C VAL A 780 24.26 -3.14 -24.88
N ASP A 781 24.44 -3.99 -23.88
CA ASP A 781 24.17 -5.42 -23.97
C ASP A 781 22.86 -5.73 -23.25
N GLU A 782 21.92 -6.36 -23.94
CA GLU A 782 20.65 -6.76 -23.35
C GLU A 782 20.24 -8.10 -23.92
N VAL A 783 19.78 -9.00 -23.06
CA VAL A 783 19.26 -10.30 -23.50
C VAL A 783 17.76 -10.34 -23.26
N ASN A 784 17.07 -11.06 -24.13
CA ASN A 784 15.62 -11.16 -24.03
C ASN A 784 15.17 -12.46 -24.69
N TRP A 785 14.58 -13.35 -23.89
CA TRP A 785 14.12 -14.63 -24.42
C TRP A 785 12.89 -14.45 -25.31
N SER A 786 12.01 -13.52 -24.95
CA SER A 786 10.81 -13.30 -25.74
C SER A 786 11.18 -12.91 -27.16
N HIS A 787 10.47 -13.47 -28.13
CA HIS A 787 10.69 -13.16 -29.53
C HIS A 787 11.95 -13.83 -30.05
N TRP A 788 12.24 -13.63 -31.33
CA TRP A 788 13.43 -14.20 -31.95
C TRP A 788 14.03 -13.21 -32.95
N MET B 1 20.62 29.97 -48.01
CA MET B 1 20.05 28.80 -47.29
C MET B 1 18.59 29.07 -46.97
N ALA B 2 18.31 29.42 -45.72
CA ALA B 2 16.94 29.68 -45.26
C ALA B 2 16.81 31.18 -45.04
N ALA B 3 15.89 31.80 -45.78
CA ALA B 3 15.76 33.25 -45.76
C ALA B 3 15.40 33.74 -44.38
N ILE B 4 16.02 34.84 -43.97
CA ILE B 4 15.81 35.45 -42.67
C ILE B 4 14.93 36.68 -42.85
N ARG B 5 13.92 36.82 -42.00
CA ARG B 5 12.96 37.90 -42.14
C ARG B 5 13.41 39.09 -41.30
N LYS B 6 13.57 40.25 -41.94
CA LYS B 6 13.94 41.49 -41.28
C LYS B 6 12.90 42.55 -41.59
N LYS B 7 12.53 43.32 -40.58
CA LYS B 7 11.47 44.32 -40.68
C LYS B 7 12.07 45.70 -40.88
N LEU B 8 11.68 46.36 -41.97
CA LEU B 8 12.15 47.70 -42.30
C LEU B 8 10.96 48.64 -42.29
N VAL B 9 11.14 49.81 -41.68
CA VAL B 9 10.10 50.82 -41.57
C VAL B 9 10.66 52.17 -41.99
N ILE B 10 9.85 52.96 -42.69
CA ILE B 10 10.25 54.26 -43.22
C ILE B 10 9.40 55.33 -42.54
N VAL B 11 10.07 56.33 -41.96
CA VAL B 11 9.41 57.43 -41.26
C VAL B 11 9.97 58.74 -41.79
N GLY B 12 9.10 59.65 -42.20
CA GLY B 12 9.53 60.93 -42.71
C GLY B 12 8.36 61.84 -42.97
N ASP B 13 8.69 63.10 -43.26
CA ASP B 13 7.68 64.09 -43.62
C ASP B 13 7.01 63.71 -44.94
N GLY B 14 5.76 64.16 -45.08
CA GLY B 14 5.01 63.83 -46.28
C GLY B 14 5.61 64.44 -47.53
N ALA B 15 5.33 63.80 -48.66
CA ALA B 15 5.74 64.28 -49.98
C ALA B 15 7.25 64.27 -50.17
N CYS B 16 8.00 63.52 -49.35
CA CYS B 16 9.43 63.39 -49.55
C CYS B 16 9.80 62.14 -50.34
N GLY B 17 8.83 61.36 -50.77
CA GLY B 17 9.08 60.23 -51.65
C GLY B 17 9.21 58.88 -50.97
N LYS B 18 8.78 58.74 -49.71
CA LYS B 18 8.92 57.46 -49.03
C LYS B 18 8.16 56.37 -49.75
N THR B 19 6.88 56.62 -50.04
CA THR B 19 6.08 55.60 -50.72
C THR B 19 6.64 55.30 -52.10
N CYS B 20 7.05 56.34 -52.83
CA CYS B 20 7.62 56.13 -54.17
C CYS B 20 8.94 55.38 -54.08
N LEU B 21 9.75 55.69 -53.06
CA LEU B 21 11.04 55.02 -52.90
C LEU B 21 10.84 53.51 -52.71
N LEU B 22 9.90 53.13 -51.85
CA LEU B 22 9.60 51.71 -51.68
C LEU B 22 9.01 51.13 -52.96
N ILE B 23 8.15 51.88 -53.64
CA ILE B 23 7.48 51.35 -54.84
C ILE B 23 8.50 51.04 -55.92
N VAL B 24 9.43 51.97 -56.16
CA VAL B 24 10.46 51.72 -57.16
C VAL B 24 11.31 50.51 -56.78
N PHE B 25 11.56 50.35 -55.48
CA PHE B 25 12.30 49.18 -55.02
C PHE B 25 11.51 47.91 -55.24
N SER B 26 10.18 47.98 -55.13
CA SER B 26 9.37 46.78 -55.20
C SER B 26 9.25 46.25 -56.63
N LYS B 27 8.69 47.05 -57.53
CA LYS B 27 8.44 46.62 -58.90
C LYS B 27 9.40 47.24 -59.91
N ASP B 28 10.25 48.17 -59.50
CA ASP B 28 11.20 48.83 -60.41
C ASP B 28 10.46 49.51 -61.57
N GLN B 29 9.26 50.00 -61.30
CA GLN B 29 8.46 50.69 -62.30
C GLN B 29 7.83 51.91 -61.66
N PHE B 30 8.22 53.10 -62.12
CA PHE B 30 7.73 54.33 -61.53
C PHE B 30 6.25 54.51 -61.86
N PRO B 31 5.37 54.63 -60.87
CA PRO B 31 3.95 54.90 -61.16
C PRO B 31 3.74 56.36 -61.51
N GLU B 32 3.36 56.61 -62.76
CA GLU B 32 3.21 57.98 -63.27
C GLU B 32 1.79 58.51 -63.12
N VAL B 33 0.84 57.70 -62.65
CA VAL B 33 -0.57 58.08 -62.57
C VAL B 33 -1.10 57.97 -61.15
N TYR B 34 -0.87 56.84 -60.48
CA TYR B 34 -1.49 56.55 -59.20
C TYR B 34 -0.42 56.14 -58.20
N VAL B 35 -0.40 56.81 -57.04
CA VAL B 35 0.51 56.49 -55.96
C VAL B 35 -0.31 56.34 -54.69
N PRO B 36 -0.40 55.15 -54.11
CA PRO B 36 -1.14 55.02 -52.84
C PRO B 36 -0.48 55.81 -51.73
N THR B 37 -1.30 56.22 -50.76
CA THR B 37 -0.76 56.95 -49.62
C THR B 37 0.25 56.11 -48.85
N VAL B 38 0.12 54.79 -48.88
CA VAL B 38 0.99 53.88 -48.15
C VAL B 38 1.16 52.60 -48.95
N PHE B 39 2.36 52.02 -48.88
CA PHE B 39 2.68 50.76 -49.51
C PHE B 39 2.89 49.72 -48.40
N GLU B 40 1.92 48.85 -48.17
CA GLU B 40 2.04 47.93 -47.06
C GLU B 40 1.94 46.47 -47.47
N ASN B 41 2.30 45.63 -46.50
CA ASN B 41 2.24 44.16 -46.63
C ASN B 41 2.96 43.67 -47.88
N TYR B 42 4.23 44.03 -47.98
CA TYR B 42 5.09 43.53 -49.04
C TYR B 42 6.40 43.04 -48.42
N VAL B 43 6.91 41.92 -48.93
CA VAL B 43 8.20 41.37 -48.53
C VAL B 43 9.04 41.16 -49.79
N ALA B 44 10.27 41.66 -49.76
CA ALA B 44 11.16 41.60 -50.91
C ALA B 44 12.37 40.74 -50.59
N ASP B 45 12.87 40.05 -51.61
CA ASP B 45 14.01 39.15 -51.48
C ASP B 45 15.27 39.88 -51.92
N ILE B 46 16.30 39.87 -51.07
CA ILE B 46 17.55 40.56 -51.33
C ILE B 46 18.69 39.70 -50.80
N GLU B 47 19.79 39.66 -51.54
CA GLU B 47 21.02 39.00 -51.12
C GLU B 47 22.15 40.00 -51.18
N VAL B 48 22.93 40.08 -50.10
CA VAL B 48 24.00 41.06 -50.00
C VAL B 48 25.36 40.35 -49.92
N ASP B 49 25.54 39.50 -48.93
CA ASP B 49 26.80 38.77 -48.76
C ASP B 49 26.45 37.34 -48.34
N GLY B 50 26.28 36.47 -49.33
CA GLY B 50 26.06 35.05 -49.08
C GLY B 50 24.81 34.73 -48.28
N LYS B 51 24.02 35.74 -47.93
CA LYS B 51 22.83 35.56 -47.13
C LYS B 51 21.61 36.03 -47.91
N GLN B 52 20.52 35.29 -47.78
CA GLN B 52 19.24 35.63 -48.43
C GLN B 52 18.30 36.16 -47.36
N VAL B 53 17.79 37.37 -47.56
CA VAL B 53 17.00 38.07 -46.56
C VAL B 53 15.67 38.50 -47.17
N GLU B 54 14.57 38.14 -46.50
CA GLU B 54 13.25 38.64 -46.86
C GLU B 54 12.99 39.91 -46.05
N LEU B 55 12.88 41.04 -46.73
CA LEU B 55 12.71 42.34 -46.08
C LEU B 55 11.25 42.75 -46.14
N ALA B 56 10.63 42.87 -44.97
CA ALA B 56 9.23 43.29 -44.87
C ALA B 56 9.19 44.80 -44.73
N LEU B 57 8.63 45.47 -45.73
CA LEU B 57 8.67 46.93 -45.83
C LEU B 57 7.36 47.51 -45.30
N TRP B 58 7.43 48.18 -44.16
CA TRP B 58 6.31 48.95 -43.65
C TRP B 58 6.46 50.41 -44.07
N ASP B 59 5.33 51.12 -44.08
CA ASP B 59 5.30 52.51 -44.51
C ASP B 59 4.39 53.30 -43.59
N THR B 60 4.82 54.49 -43.21
CA THR B 60 4.08 55.35 -42.28
C THR B 60 3.80 56.69 -42.94
N ALA B 61 2.53 57.09 -42.94
CA ALA B 61 2.11 58.40 -43.38
C ALA B 61 1.33 59.10 -42.27
N GLY B 62 1.24 60.41 -42.36
CA GLY B 62 0.55 61.18 -41.34
C GLY B 62 -0.43 62.21 -41.87
N GLN B 63 -0.92 62.03 -43.10
CA GLN B 63 -1.79 63.03 -43.68
C GLN B 63 -3.10 63.15 -42.91
N GLU B 64 -3.75 62.02 -42.62
CA GLU B 64 -5.07 62.04 -42.00
C GLU B 64 -5.32 60.70 -41.34
N ASP B 65 -5.36 60.67 -40.02
CA ASP B 65 -5.73 59.54 -39.18
C ASP B 65 -4.65 58.46 -39.14
N TYR B 66 -3.64 58.50 -40.01
CA TYR B 66 -2.57 57.53 -39.93
C TYR B 66 -1.63 57.83 -38.78
N ASP B 67 -1.51 59.10 -38.38
CA ASP B 67 -0.65 59.46 -37.26
C ASP B 67 -1.09 58.79 -35.98
N ARG B 68 -2.40 58.62 -35.78
CA ARG B 68 -2.89 57.96 -34.58
C ARG B 68 -2.48 56.49 -34.54
N LEU B 69 -2.43 55.83 -35.70
CA LEU B 69 -2.06 54.43 -35.77
C LEU B 69 -0.59 54.21 -36.07
N ARG B 70 0.17 55.27 -36.30
CA ARG B 70 1.59 55.10 -36.63
C ARG B 70 2.36 54.37 -35.54
N PRO B 71 2.18 54.66 -34.26
CA PRO B 71 3.04 54.03 -33.24
C PRO B 71 3.06 52.51 -33.28
N LEU B 72 1.95 51.87 -33.62
CA LEU B 72 1.87 50.41 -33.55
C LEU B 72 2.52 49.72 -34.74
N SER B 73 3.22 50.45 -35.60
CA SER B 73 4.06 49.85 -36.63
C SER B 73 5.51 49.75 -36.18
N TYR B 74 5.88 50.44 -35.12
CA TYR B 74 7.24 50.46 -34.59
C TYR B 74 7.65 49.17 -33.90
N PRO B 75 6.77 48.44 -33.22
CA PRO B 75 7.25 47.28 -32.46
C PRO B 75 7.89 46.24 -33.37
N ASP B 76 8.90 45.56 -32.84
CA ASP B 76 9.64 44.53 -33.56
C ASP B 76 10.21 45.08 -34.87
N THR B 77 10.74 46.30 -34.81
CA THR B 77 11.37 46.91 -35.97
C THR B 77 12.86 46.60 -35.95
N ASP B 78 13.39 46.20 -37.09
CA ASP B 78 14.79 45.81 -37.21
C ASP B 78 15.69 46.90 -37.78
N VAL B 79 15.16 47.75 -38.65
CA VAL B 79 15.95 48.81 -39.27
C VAL B 79 15.01 49.90 -39.72
N ILE B 80 15.51 51.14 -39.71
CA ILE B 80 14.70 52.31 -40.04
C ILE B 80 15.41 53.13 -41.10
N LEU B 81 14.64 53.61 -42.08
CA LEU B 81 15.12 54.58 -43.05
C LEU B 81 14.43 55.90 -42.76
N MET B 82 15.15 56.79 -42.08
CA MET B 82 14.65 58.15 -41.85
C MET B 82 14.89 58.96 -43.11
N CYS B 83 13.82 59.41 -43.75
CA CYS B 83 13.88 60.01 -45.07
C CYS B 83 13.46 61.47 -45.02
N PHE B 84 14.08 62.29 -45.86
CA PHE B 84 13.68 63.66 -46.05
C PHE B 84 13.93 64.03 -47.51
N SER B 85 13.51 65.24 -47.88
CA SER B 85 13.59 65.70 -49.26
C SER B 85 14.78 66.65 -49.42
N ILE B 86 15.57 66.41 -50.46
CA ILE B 86 16.67 67.31 -50.78
C ILE B 86 16.14 68.63 -51.33
N ASP B 87 15.05 68.57 -52.12
CA ASP B 87 14.46 69.75 -52.73
C ASP B 87 13.51 70.49 -51.80
N SER B 88 13.56 70.22 -50.50
CA SER B 88 12.71 70.90 -49.52
C SER B 88 13.48 71.04 -48.23
N PRO B 89 14.14 72.18 -48.02
CA PRO B 89 14.97 72.33 -46.81
C PRO B 89 14.18 72.23 -45.52
N ASP B 90 12.88 72.51 -45.55
CA ASP B 90 12.09 72.48 -44.32
C ASP B 90 12.11 71.11 -43.67
N SER B 91 12.31 70.05 -44.46
CA SER B 91 12.27 68.70 -43.91
C SER B 91 13.44 68.43 -42.97
N LEU B 92 14.61 69.00 -43.26
CA LEU B 92 15.81 68.63 -42.54
C LEU B 92 15.73 69.01 -41.06
N GLU B 93 15.38 70.27 -40.78
CA GLU B 93 15.47 70.77 -39.40
C GLU B 93 14.44 70.11 -38.49
N ASN B 94 13.36 69.57 -39.03
CA ASN B 94 12.36 68.91 -38.21
C ASN B 94 12.78 67.51 -37.79
N ILE B 95 13.75 66.91 -38.49
CA ILE B 95 14.20 65.57 -38.10
C ILE B 95 14.72 65.56 -36.67
N PRO B 96 15.72 66.37 -36.30
CA PRO B 96 16.15 66.37 -34.90
C PRO B 96 15.08 66.83 -33.93
N GLU B 97 14.14 67.65 -34.40
CA GLU B 97 13.19 68.28 -33.50
C GLU B 97 12.09 67.31 -33.09
N LYS B 98 11.44 66.66 -34.06
CA LYS B 98 10.26 65.85 -33.78
C LYS B 98 10.42 64.38 -34.16
N TRP B 99 11.00 64.09 -35.32
CA TRP B 99 11.05 62.69 -35.77
C TRP B 99 11.94 61.85 -34.86
N THR B 100 13.11 62.37 -34.49
CA THR B 100 14.04 61.57 -33.70
C THR B 100 13.48 61.16 -32.35
N PRO B 101 12.94 62.06 -31.52
CA PRO B 101 12.46 61.63 -30.19
C PRO B 101 11.40 60.54 -30.25
N GLU B 102 10.48 60.60 -31.22
CA GLU B 102 9.47 59.55 -31.32
C GLU B 102 10.10 58.20 -31.66
N VAL B 103 11.05 58.19 -32.59
CA VAL B 103 11.72 56.94 -32.94
C VAL B 103 12.44 56.37 -31.74
N LYS B 104 13.18 57.21 -31.02
CA LYS B 104 13.89 56.74 -29.84
C LYS B 104 12.92 56.27 -28.77
N HIS B 105 11.80 56.99 -28.59
CA HIS B 105 10.87 56.65 -27.53
C HIS B 105 10.28 55.24 -27.74
N PHE B 106 9.72 54.99 -28.92
CA PHE B 106 9.02 53.74 -29.15
C PHE B 106 9.96 52.57 -29.40
N CYS B 107 11.05 52.79 -30.11
CA CYS B 107 11.97 51.71 -30.47
C CYS B 107 13.41 52.23 -30.41
N PRO B 108 14.06 52.11 -29.25
CA PRO B 108 15.46 52.50 -29.14
C PRO B 108 16.40 51.38 -29.54
N ASN B 109 17.69 51.72 -29.60
CA ASN B 109 18.74 50.76 -29.93
C ASN B 109 18.46 50.08 -31.27
N VAL B 110 17.99 50.87 -32.22
CA VAL B 110 17.68 50.35 -33.56
C VAL B 110 18.55 51.10 -34.58
N PRO B 111 19.08 50.43 -35.60
CA PRO B 111 19.84 51.14 -36.62
C PRO B 111 18.97 52.11 -37.41
N ILE B 112 19.57 53.21 -37.82
CA ILE B 112 18.86 54.27 -38.54
C ILE B 112 19.73 54.75 -39.68
N ILE B 113 19.14 54.87 -40.87
CA ILE B 113 19.81 55.39 -42.06
C ILE B 113 19.10 56.66 -42.48
N LEU B 114 19.83 57.78 -42.45
CA LEU B 114 19.29 59.08 -42.85
C LEU B 114 19.57 59.28 -44.33
N VAL B 115 18.51 59.49 -45.11
CA VAL B 115 18.61 59.56 -46.56
C VAL B 115 17.91 60.81 -47.06
N GLY B 116 18.43 61.38 -48.15
CA GLY B 116 17.80 62.48 -48.83
C GLY B 116 17.42 62.10 -50.25
N ASN B 117 16.17 62.30 -50.62
CA ASN B 117 15.62 61.78 -51.86
C ASN B 117 15.63 62.82 -52.96
N LYS B 118 15.48 62.34 -54.21
CA LYS B 118 15.31 63.19 -55.38
C LYS B 118 16.50 64.13 -55.56
N LYS B 119 17.67 63.51 -55.75
CA LYS B 119 18.87 64.29 -56.02
C LYS B 119 18.74 65.11 -57.30
N ASP B 120 17.86 64.67 -58.22
CA ASP B 120 17.69 65.39 -59.48
C ASP B 120 17.15 66.80 -59.26
N LEU B 121 16.24 66.97 -58.30
CA LEU B 121 15.53 68.23 -58.17
C LEU B 121 16.39 69.36 -57.62
N ARG B 122 17.52 69.05 -56.97
CA ARG B 122 18.35 70.12 -56.43
C ARG B 122 18.93 70.99 -57.54
N ASN B 123 19.22 70.40 -58.69
CA ASN B 123 19.72 71.15 -59.84
C ASN B 123 18.62 71.65 -60.76
N ASP B 124 17.37 71.30 -60.48
CA ASP B 124 16.28 71.74 -61.33
C ASP B 124 16.11 73.25 -61.25
N GLU B 125 15.87 73.88 -62.40
CA GLU B 125 15.74 75.33 -62.43
C GLU B 125 14.51 75.79 -61.65
N HIS B 126 13.39 75.08 -61.80
CA HIS B 126 12.16 75.50 -61.13
C HIS B 126 12.33 75.47 -59.61
N THR B 127 12.85 74.37 -59.08
CA THR B 127 13.04 74.28 -57.64
C THR B 127 14.08 75.29 -57.16
N ARG B 128 15.16 75.47 -57.91
CA ARG B 128 16.17 76.44 -57.53
C ARG B 128 15.60 77.84 -57.48
N ARG B 129 14.80 78.20 -58.47
CA ARG B 129 14.16 79.52 -58.47
C ARG B 129 13.21 79.66 -57.30
N GLU B 130 12.42 78.63 -57.02
CA GLU B 130 11.46 78.71 -55.92
C GLU B 130 12.16 78.90 -54.58
N LEU B 131 13.24 78.15 -54.34
CA LEU B 131 13.98 78.31 -53.09
C LEU B 131 14.65 79.67 -53.02
N ALA B 132 15.19 80.15 -54.14
CA ALA B 132 15.81 81.47 -54.17
C ALA B 132 14.81 82.57 -53.90
N LYS B 133 13.52 82.34 -54.17
CA LYS B 133 12.51 83.35 -53.86
C LYS B 133 12.49 83.68 -52.38
N MET B 134 12.83 82.72 -51.53
CA MET B 134 12.90 82.92 -50.09
C MET B 134 14.33 82.98 -49.58
N LYS B 135 15.29 83.28 -50.46
CA LYS B 135 16.70 83.35 -50.09
C LYS B 135 17.16 82.01 -49.51
N GLN B 136 16.69 80.92 -50.10
CA GLN B 136 17.04 79.57 -49.67
C GLN B 136 17.75 78.84 -50.80
N GLU B 137 18.31 77.68 -50.46
CA GLU B 137 19.01 76.84 -51.41
C GLU B 137 18.70 75.38 -51.11
N PRO B 138 18.88 74.49 -52.09
CA PRO B 138 18.63 73.07 -51.82
C PRO B 138 19.57 72.53 -50.74
N VAL B 139 19.09 71.51 -50.04
CA VAL B 139 19.88 70.93 -48.95
C VAL B 139 21.23 70.47 -49.50
N LYS B 140 22.29 71.08 -49.01
CA LYS B 140 23.63 70.73 -49.49
C LYS B 140 24.04 69.36 -48.95
N PRO B 141 24.83 68.61 -49.72
CA PRO B 141 25.31 67.31 -49.19
C PRO B 141 26.10 67.44 -47.90
N GLU B 142 26.83 68.55 -47.72
CA GLU B 142 27.59 68.73 -46.48
C GLU B 142 26.66 68.77 -45.27
N GLU B 143 25.53 69.45 -45.39
CA GLU B 143 24.57 69.50 -44.30
C GLU B 143 24.04 68.11 -43.97
N GLY B 144 23.74 67.31 -44.99
CA GLY B 144 23.31 65.95 -44.75
C GLY B 144 24.37 65.11 -44.07
N ARG B 145 25.62 65.26 -44.51
CA ARG B 145 26.72 64.54 -43.86
C ARG B 145 26.85 64.96 -42.40
N ASP B 146 26.76 66.26 -42.13
CA ASP B 146 26.84 66.74 -40.75
C ASP B 146 25.68 66.21 -39.92
N MET B 147 24.47 66.22 -40.50
CA MET B 147 23.31 65.71 -39.77
C MET B 147 23.46 64.23 -39.46
N ALA B 148 23.96 63.45 -40.41
CA ALA B 148 24.11 62.02 -40.19
C ALA B 148 25.02 61.74 -39.00
N ASN B 149 26.15 62.45 -38.91
CA ASN B 149 27.02 62.31 -37.76
C ASN B 149 26.38 62.89 -36.51
N ARG B 150 25.58 63.94 -36.66
CA ARG B 150 25.01 64.62 -35.49
C ARG B 150 24.06 63.70 -34.72
N ILE B 151 23.20 62.97 -35.43
CA ILE B 151 22.15 62.19 -34.78
C ILE B 151 22.46 60.69 -34.82
N GLY B 152 23.72 60.32 -35.02
CA GLY B 152 24.11 58.93 -34.90
C GLY B 152 23.66 58.04 -36.05
N ALA B 153 23.47 58.60 -37.23
CA ALA B 153 23.00 57.81 -38.36
C ALA B 153 23.98 56.70 -38.69
N PHE B 154 23.43 55.54 -39.09
CA PHE B 154 24.28 54.44 -39.52
C PHE B 154 24.94 54.74 -40.87
N GLY B 155 24.24 55.42 -41.76
CA GLY B 155 24.78 55.74 -43.06
C GLY B 155 23.90 56.76 -43.75
N TYR B 156 24.50 57.47 -44.70
CA TYR B 156 23.84 58.56 -45.40
C TYR B 156 24.04 58.39 -46.90
N MET B 157 22.94 58.24 -47.62
CA MET B 157 22.95 58.10 -49.07
C MET B 157 21.90 59.04 -49.67
N GLU B 158 21.76 59.01 -50.99
CA GLU B 158 20.78 59.80 -51.69
C GLU B 158 20.08 58.93 -52.72
N CYS B 159 18.79 59.16 -52.91
CA CYS B 159 17.97 58.35 -53.80
C CYS B 159 17.35 59.23 -54.89
N SER B 160 16.90 58.57 -55.94
CA SER B 160 16.21 59.24 -57.04
C SER B 160 15.23 58.24 -57.64
N ALA B 161 13.97 58.34 -57.24
CA ALA B 161 12.97 57.38 -57.69
C ALA B 161 12.75 57.47 -59.19
N LYS B 162 12.75 58.69 -59.74
CA LYS B 162 12.50 58.85 -61.16
C LYS B 162 13.57 58.15 -62.00
N THR B 163 14.83 58.28 -61.60
CA THR B 163 15.94 57.70 -62.34
C THR B 163 16.42 56.38 -61.75
N LYS B 164 15.81 55.92 -60.66
CA LYS B 164 16.20 54.65 -60.05
C LYS B 164 17.69 54.63 -59.73
N ASP B 165 18.17 55.71 -59.16
CA ASP B 165 19.59 55.88 -58.86
C ASP B 165 19.84 55.61 -57.38
N GLY B 166 20.67 54.61 -57.10
CA GLY B 166 21.12 54.33 -55.75
C GLY B 166 20.13 53.60 -54.86
N VAL B 167 18.98 53.19 -55.39
CA VAL B 167 17.99 52.50 -54.56
C VAL B 167 18.53 51.15 -54.12
N ARG B 168 19.10 50.38 -55.04
CA ARG B 168 19.58 49.04 -54.69
C ARG B 168 20.65 49.11 -53.61
N GLU B 169 21.61 50.02 -53.77
CA GLU B 169 22.67 50.15 -52.77
C GLU B 169 22.12 50.63 -51.43
N VAL B 170 21.18 51.56 -51.46
CA VAL B 170 20.65 52.12 -50.22
C VAL B 170 19.98 51.03 -49.38
N PHE B 171 19.09 50.27 -50.00
CA PHE B 171 18.44 49.17 -49.28
C PHE B 171 19.41 48.05 -48.98
N GLU B 172 20.43 47.87 -49.82
CA GLU B 172 21.46 46.88 -49.54
C GLU B 172 22.17 47.21 -48.23
N MET B 173 22.57 48.46 -48.05
CA MET B 173 23.17 48.87 -46.79
C MET B 173 22.16 48.79 -45.65
N ALA B 174 20.88 49.07 -45.95
CA ALA B 174 19.86 49.03 -44.92
C ALA B 174 19.76 47.63 -44.32
N THR B 175 19.72 46.60 -45.16
CA THR B 175 19.63 45.24 -44.65
C THR B 175 20.95 44.80 -44.03
N ARG B 176 22.08 45.27 -44.57
CA ARG B 176 23.35 44.96 -43.93
C ARG B 176 23.39 45.48 -42.51
N ALA B 177 22.93 46.72 -42.30
CA ALA B 177 22.84 47.25 -40.96
C ALA B 177 21.86 46.45 -40.11
N ALA B 178 20.75 46.02 -40.72
CA ALA B 178 19.73 45.29 -39.98
C ALA B 178 20.29 43.97 -39.45
N LEU B 179 21.13 43.30 -40.25
CA LEU B 179 21.62 41.98 -39.87
C LEU B 179 22.50 42.03 -38.63
N GLN B 180 23.14 43.17 -38.34
CA GLN B 180 23.90 43.28 -37.10
C GLN B 180 22.94 43.26 -35.92
N ALA B 181 23.24 42.41 -34.94
CA ALA B 181 22.40 42.27 -33.76
C ALA B 181 22.91 43.16 -32.63
N ARG B 182 23.04 44.46 -32.91
CA ARG B 182 23.39 45.43 -31.88
C ARG B 182 24.65 44.99 -31.14
N ARG B 183 24.86 45.52 -29.93
CA ARG B 183 25.98 45.12 -29.07
C ARG B 183 25.43 44.82 -27.68
N GLY B 184 24.97 43.59 -27.49
CA GLY B 184 24.61 43.15 -26.14
C GLY B 184 23.65 44.12 -25.48
N LYS B 185 24.04 44.59 -24.30
CA LYS B 185 23.30 45.58 -23.56
C LYS B 185 24.27 46.57 -22.92
N LYS B 186 23.75 47.72 -22.52
CA LYS B 186 24.54 48.73 -21.81
C LYS B 186 23.96 48.95 -20.41
N LYS B 187 24.84 48.96 -19.41
CA LYS B 187 24.43 49.27 -18.04
C LYS B 187 23.29 48.37 -17.58
N SER B 188 23.36 47.09 -17.95
CA SER B 188 22.32 46.15 -17.60
C SER B 188 22.23 45.98 -16.09
N GLY B 189 21.01 45.78 -15.61
CA GLY B 189 20.81 45.55 -14.19
C GLY B 189 21.33 44.19 -13.75
N CYS B 190 21.55 44.08 -12.45
CA CYS B 190 22.07 42.84 -11.87
C CYS B 190 20.94 41.88 -11.51
N MET C 1 32.14 -46.32 -21.16
CA MET C 1 30.89 -45.56 -20.89
C MET C 1 30.77 -44.39 -21.83
N ALA C 2 31.09 -43.19 -21.35
CA ALA C 2 31.00 -41.97 -22.15
C ALA C 2 32.43 -41.52 -22.47
N ALA C 3 32.74 -41.45 -23.76
CA ALA C 3 34.10 -41.18 -24.19
C ALA C 3 34.54 -39.81 -23.72
N ILE C 4 35.78 -39.72 -23.25
CA ILE C 4 36.36 -38.48 -22.76
C ILE C 4 37.30 -37.94 -23.81
N ARG C 5 37.22 -36.64 -24.08
CA ARG C 5 37.99 -36.02 -25.14
C ARG C 5 39.29 -35.47 -24.55
N LYS C 6 40.42 -35.92 -25.11
CA LYS C 6 41.75 -35.46 -24.71
C LYS C 6 42.48 -34.92 -25.93
N LYS C 7 43.16 -33.81 -25.76
CA LYS C 7 43.83 -33.12 -26.85
C LYS C 7 45.32 -33.46 -26.85
N LEU C 8 45.80 -34.00 -27.97
CA LEU C 8 47.20 -34.36 -28.13
C LEU C 8 47.81 -33.51 -29.24
N VAL C 9 49.01 -32.99 -29.00
CA VAL C 9 49.71 -32.14 -29.95
C VAL C 9 51.14 -32.62 -30.09
N ILE C 10 51.65 -32.58 -31.33
CA ILE C 10 52.99 -33.06 -31.66
C ILE C 10 53.83 -31.87 -32.11
N VAL C 11 55.00 -31.69 -31.50
CA VAL C 11 55.91 -30.59 -31.81
C VAL C 11 57.29 -31.18 -32.02
N GLY C 12 57.92 -30.85 -33.16
CA GLY C 12 59.25 -31.35 -33.44
C GLY C 12 59.81 -30.73 -34.69
N ASP C 13 61.10 -30.98 -34.90
CA ASP C 13 61.76 -30.53 -36.13
C ASP C 13 61.16 -31.20 -37.35
N GLY C 14 61.27 -30.50 -38.49
CA GLY C 14 60.69 -31.03 -39.71
C GLY C 14 61.39 -32.29 -40.17
N ALA C 15 60.66 -33.10 -40.94
CA ALA C 15 61.17 -34.32 -41.55
C ALA C 15 61.55 -35.39 -40.53
N CYS C 16 61.06 -35.29 -39.29
CA CYS C 16 61.31 -36.32 -38.30
C CYS C 16 60.18 -37.33 -38.22
N GLY C 17 59.15 -37.19 -39.04
CA GLY C 17 58.08 -38.18 -39.13
C GLY C 17 56.85 -37.90 -38.30
N LYS C 18 56.65 -36.67 -37.81
CA LYS C 18 55.48 -36.40 -36.99
C LYS C 18 54.19 -36.65 -37.75
N THR C 19 54.08 -36.07 -38.95
CA THR C 19 52.87 -36.26 -39.73
C THR C 19 52.67 -37.72 -40.10
N CYS C 20 53.75 -38.41 -40.49
CA CYS C 20 53.64 -39.82 -40.83
C CYS C 20 53.28 -40.64 -39.60
N LEU C 21 53.84 -40.31 -38.44
CA LEU C 21 53.53 -41.05 -37.22
C LEU C 21 52.04 -40.98 -36.90
N LEU C 22 51.45 -39.78 -36.98
CA LEU C 22 50.01 -39.66 -36.78
C LEU C 22 49.24 -40.39 -37.87
N ILE C 23 49.70 -40.30 -39.12
CA ILE C 23 48.97 -40.89 -40.22
C ILE C 23 48.91 -42.41 -40.06
N VAL C 24 50.03 -43.04 -39.73
CA VAL C 24 50.03 -44.48 -39.51
C VAL C 24 49.10 -44.85 -38.36
N PHE C 25 49.07 -44.00 -37.32
CA PHE C 25 48.16 -44.24 -36.21
C PHE C 25 46.70 -44.10 -36.65
N SER C 26 46.43 -43.21 -37.60
CA SER C 26 45.05 -42.93 -37.98
C SER C 26 44.45 -44.05 -38.82
N LYS C 27 45.04 -44.31 -39.99
CA LYS C 27 44.50 -45.30 -40.91
C LYS C 27 45.31 -46.59 -40.97
N ASP C 28 46.45 -46.66 -40.28
CA ASP C 28 47.29 -47.86 -40.30
C ASP C 28 47.71 -48.24 -41.71
N GLN C 29 47.88 -47.23 -42.58
CA GLN C 29 48.29 -47.44 -43.96
C GLN C 29 49.33 -46.40 -44.31
N PHE C 30 50.55 -46.84 -44.57
CA PHE C 30 51.64 -45.91 -44.87
C PHE C 30 51.39 -45.26 -46.22
N PRO C 31 51.32 -43.92 -46.31
CA PRO C 31 51.19 -43.26 -47.62
C PRO C 31 52.53 -43.22 -48.34
N GLU C 32 52.63 -43.94 -49.45
CA GLU C 32 53.87 -44.06 -50.19
C GLU C 32 54.02 -43.02 -51.29
N VAL C 33 53.00 -42.17 -51.52
CA VAL C 33 53.00 -41.22 -52.62
C VAL C 33 52.82 -39.79 -52.12
N TYR C 34 51.82 -39.56 -51.27
CA TYR C 34 51.43 -38.21 -50.87
C TYR C 34 51.37 -38.14 -49.35
N VAL C 35 52.06 -37.15 -48.79
CA VAL C 35 52.04 -36.89 -47.35
C VAL C 35 51.73 -35.41 -47.15
N PRO C 36 50.58 -35.05 -46.59
CA PRO C 36 50.30 -33.63 -46.33
C PRO C 36 51.29 -33.06 -45.33
N THR C 37 51.50 -31.74 -45.43
CA THR C 37 52.40 -31.07 -44.50
C THR C 37 51.89 -31.20 -43.07
N VAL C 38 50.58 -31.31 -42.89
CA VAL C 38 49.98 -31.39 -41.56
C VAL C 38 48.75 -32.29 -41.64
N PHE C 39 48.52 -33.02 -40.56
CA PHE C 39 47.34 -33.89 -40.41
C PHE C 39 46.46 -33.29 -39.33
N GLU C 40 45.36 -32.63 -39.71
CA GLU C 40 44.56 -31.96 -38.73
C GLU C 40 43.11 -32.41 -38.71
N ASN C 41 42.43 -31.98 -37.64
CA ASN C 41 41.00 -32.23 -37.43
C ASN C 41 40.67 -33.72 -37.54
N TYR C 42 41.35 -34.52 -36.73
CA TYR C 42 41.04 -35.93 -36.62
C TYR C 42 40.95 -36.31 -35.14
N VAL C 43 39.98 -37.17 -34.82
CA VAL C 43 39.80 -37.70 -33.47
C VAL C 43 39.78 -39.22 -33.56
N ALA C 44 40.59 -39.88 -32.73
CA ALA C 44 40.72 -41.33 -32.77
C ALA C 44 40.22 -41.93 -31.46
N ASP C 45 39.65 -43.13 -31.56
CA ASP C 45 39.09 -43.83 -30.41
C ASP C 45 40.11 -44.84 -29.91
N ILE C 46 40.40 -44.78 -28.61
CA ILE C 46 41.38 -45.66 -28.00
C ILE C 46 40.89 -46.04 -26.60
N GLU C 47 41.11 -47.31 -26.23
CA GLU C 47 40.80 -47.80 -24.89
C GLU C 47 42.08 -48.40 -24.30
N VAL C 48 42.40 -48.01 -23.07
CA VAL C 48 43.64 -48.45 -22.43
C VAL C 48 43.32 -49.30 -21.21
N ASP C 49 42.58 -48.75 -20.25
CA ASP C 49 42.21 -49.48 -19.03
C ASP C 49 40.77 -49.13 -18.69
N GLY C 50 39.84 -49.91 -19.24
CA GLY C 50 38.43 -49.77 -18.92
C GLY C 50 37.82 -48.44 -19.28
N LYS C 51 38.60 -47.55 -19.90
CA LYS C 51 38.15 -46.21 -20.26
C LYS C 51 38.25 -46.02 -21.77
N GLN C 52 37.24 -45.36 -22.34
CA GLN C 52 37.21 -45.06 -23.76
C GLN C 52 37.52 -43.58 -23.94
N VAL C 53 38.53 -43.27 -24.74
CA VAL C 53 39.04 -41.91 -24.88
C VAL C 53 39.07 -41.53 -26.35
N GLU C 54 38.49 -40.39 -26.68
CA GLU C 54 38.59 -39.81 -28.01
C GLU C 54 39.78 -38.85 -28.00
N LEU C 55 40.81 -39.17 -28.77
CA LEU C 55 42.04 -38.39 -28.79
C LEU C 55 42.04 -37.48 -30.02
N ALA C 56 42.04 -36.18 -29.79
CA ALA C 56 42.08 -35.20 -30.88
C ALA C 56 43.54 -34.86 -31.18
N LEU C 57 43.98 -35.23 -32.38
CA LEU C 57 45.40 -35.13 -32.74
C LEU C 57 45.63 -33.85 -33.54
N TRP C 58 46.35 -32.90 -32.94
CA TRP C 58 46.81 -31.73 -33.64
C TRP C 58 48.24 -31.94 -34.14
N ASP C 59 48.63 -31.18 -35.15
CA ASP C 59 49.94 -31.32 -35.76
C ASP C 59 50.50 -29.94 -36.07
N THR C 60 51.78 -29.74 -35.79
CA THR C 60 52.45 -28.46 -35.96
C THR C 60 53.64 -28.62 -36.90
N ALA C 61 53.69 -27.79 -37.94
CA ALA C 61 54.83 -27.72 -38.83
C ALA C 61 55.33 -26.29 -38.89
N GLY C 62 56.57 -26.13 -39.32
CA GLY C 62 57.17 -24.81 -39.39
C GLY C 62 57.88 -24.49 -40.70
N GLN C 63 57.53 -25.19 -41.78
CA GLN C 63 58.24 -24.99 -43.04
C GLN C 63 58.03 -23.57 -43.56
N GLU C 64 56.78 -23.10 -43.61
CA GLU C 64 56.48 -21.81 -44.23
C GLU C 64 55.14 -21.32 -43.69
N ASP C 65 55.17 -20.25 -42.89
CA ASP C 65 54.01 -19.52 -42.39
C ASP C 65 53.26 -20.29 -41.31
N TYR C 66 53.53 -21.58 -41.10
CA TYR C 66 52.88 -22.31 -40.02
C TYR C 66 53.47 -21.92 -38.66
N ASP C 67 54.74 -21.51 -38.63
CA ASP C 67 55.35 -21.11 -37.37
C ASP C 67 54.64 -19.92 -36.76
N ARG C 68 54.14 -19.00 -37.58
CA ARG C 68 53.44 -17.83 -37.05
C ARG C 68 52.14 -18.25 -36.38
N LEU C 69 51.46 -19.27 -36.89
CA LEU C 69 50.20 -19.74 -36.35
C LEU C 69 50.37 -20.91 -35.36
N ARG C 70 51.58 -21.40 -35.18
CA ARG C 70 51.78 -22.54 -34.29
C ARG C 70 51.32 -22.25 -32.87
N PRO C 71 51.61 -21.09 -32.27
CA PRO C 71 51.28 -20.90 -30.85
C PRO C 71 49.82 -21.14 -30.51
N LEU C 72 48.89 -20.82 -31.40
CA LEU C 72 47.46 -20.91 -31.08
C LEU C 72 46.92 -22.34 -31.16
N SER C 73 47.77 -23.33 -31.35
CA SER C 73 47.38 -24.72 -31.20
C SER C 73 47.68 -25.27 -29.82
N TYR C 74 48.49 -24.57 -29.04
CA TYR C 74 48.90 -24.96 -27.70
C TYR C 74 47.78 -24.86 -26.67
N PRO C 75 46.88 -23.87 -26.73
CA PRO C 75 45.92 -23.73 -25.63
C PRO C 75 45.05 -24.97 -25.47
N ASP C 76 44.68 -25.25 -24.22
CA ASP C 76 43.86 -26.40 -23.88
C ASP C 76 44.48 -27.69 -24.40
N THR C 77 45.80 -27.81 -24.25
CA THR C 77 46.51 -29.02 -24.63
C THR C 77 46.61 -29.94 -23.42
N ASP C 78 46.31 -31.23 -23.63
CA ASP C 78 46.30 -32.22 -22.56
C ASP C 78 47.56 -33.06 -22.49
N VAL C 79 48.21 -33.30 -23.63
CA VAL C 79 49.41 -34.13 -23.65
C VAL C 79 50.19 -33.77 -24.91
N ILE C 80 51.52 -33.91 -24.82
CA ILE C 80 52.42 -33.52 -25.89
C ILE C 80 53.36 -34.67 -26.21
N LEU C 81 53.58 -34.91 -27.50
CA LEU C 81 54.60 -35.84 -27.97
C LEU C 81 55.70 -35.01 -28.60
N MET C 82 56.79 -34.79 -27.85
CA MET C 82 57.96 -34.14 -28.41
C MET C 82 58.75 -35.17 -29.20
N CYS C 83 58.87 -34.96 -30.50
CA CYS C 83 59.42 -35.96 -31.41
C CYS C 83 60.71 -35.46 -32.04
N PHE C 84 61.62 -36.40 -32.28
CA PHE C 84 62.84 -36.11 -33.03
C PHE C 84 63.21 -37.37 -33.81
N SER C 85 64.24 -37.24 -34.64
CA SER C 85 64.66 -38.31 -35.54
C SER C 85 65.86 -39.03 -34.96
N ILE C 86 65.81 -40.36 -34.96
CA ILE C 86 66.96 -41.16 -34.54
C ILE C 86 68.06 -41.09 -35.59
N ASP C 87 67.69 -41.05 -36.87
CA ASP C 87 68.64 -41.03 -37.97
C ASP C 87 69.14 -39.62 -38.29
N SER C 88 68.94 -38.67 -37.38
CA SER C 88 69.41 -37.30 -37.58
C SER C 88 69.81 -36.72 -36.23
N PRO C 89 71.09 -36.81 -35.87
CA PRO C 89 71.50 -36.35 -34.54
C PRO C 89 71.25 -34.87 -34.31
N ASP C 90 71.17 -34.07 -35.37
CA ASP C 90 70.99 -32.63 -35.20
C ASP C 90 69.69 -32.31 -34.46
N SER C 91 68.70 -33.19 -34.56
CA SER C 91 67.41 -32.92 -33.93
C SER C 91 67.50 -32.92 -32.41
N LEU C 92 68.35 -33.78 -31.84
CA LEU C 92 68.33 -34.00 -30.40
C LEU C 92 68.75 -32.73 -29.64
N GLU C 93 69.88 -32.13 -30.02
CA GLU C 93 70.43 -31.03 -29.23
C GLU C 93 69.57 -29.78 -29.29
N ASN C 94 68.73 -29.63 -30.31
CA ASN C 94 67.87 -28.46 -30.39
C ASN C 94 66.65 -28.58 -29.48
N ILE C 95 66.29 -29.79 -29.05
CA ILE C 95 65.16 -29.93 -28.15
C ILE C 95 65.34 -29.14 -26.88
N PRO C 96 66.40 -29.33 -26.10
CA PRO C 96 66.58 -28.49 -24.89
C PRO C 96 66.76 -27.03 -25.22
N GLU C 97 67.29 -26.72 -26.41
CA GLU C 97 67.68 -25.35 -26.71
C GLU C 97 66.47 -24.49 -27.06
N LYS C 98 65.64 -24.95 -27.99
CA LYS C 98 64.55 -24.12 -28.52
C LYS C 98 63.17 -24.70 -28.29
N TRP C 99 62.98 -26.01 -28.50
CA TRP C 99 61.63 -26.58 -28.41
C TRP C 99 61.10 -26.52 -26.99
N THR C 100 61.92 -26.86 -26.01
CA THR C 100 61.44 -26.91 -24.63
C THR C 100 60.94 -25.56 -24.12
N PRO C 101 61.70 -24.46 -24.24
CA PRO C 101 61.22 -23.19 -23.67
C PRO C 101 59.89 -22.74 -24.25
N GLU C 102 59.66 -22.95 -25.55
CA GLU C 102 58.37 -22.55 -26.12
C GLU C 102 57.23 -23.37 -25.55
N VAL C 103 57.43 -24.68 -25.40
CA VAL C 103 56.39 -25.52 -24.83
C VAL C 103 56.08 -25.10 -23.41
N LYS C 104 57.12 -24.87 -22.61
CA LYS C 104 56.90 -24.43 -21.23
C LYS C 104 56.24 -23.05 -21.19
N HIS C 105 56.64 -22.15 -22.09
CA HIS C 105 56.10 -20.79 -22.05
C HIS C 105 54.60 -20.79 -22.30
N PHE C 106 54.15 -21.42 -23.39
CA PHE C 106 52.74 -21.33 -23.78
C PHE C 106 51.85 -22.25 -22.94
N CYS C 107 52.33 -23.45 -22.61
CA CYS C 107 51.52 -24.43 -21.89
C CYS C 107 52.40 -25.18 -20.90
N PRO C 108 52.51 -24.68 -19.67
CA PRO C 108 53.27 -25.38 -18.63
C PRO C 108 52.41 -26.41 -17.91
N ASN C 109 53.08 -27.20 -17.06
CA ASN C 109 52.41 -28.22 -16.24
C ASN C 109 51.64 -29.19 -17.13
N VAL C 110 52.23 -29.56 -18.26
CA VAL C 110 51.60 -30.50 -19.19
C VAL C 110 52.50 -31.71 -19.35
N PRO C 111 51.95 -32.92 -19.43
CA PRO C 111 52.80 -34.09 -19.65
C PRO C 111 53.46 -34.06 -21.01
N ILE C 112 54.67 -34.59 -21.08
CA ILE C 112 55.47 -34.59 -22.30
C ILE C 112 56.12 -35.96 -22.47
N ILE C 113 56.03 -36.52 -23.68
CA ILE C 113 56.65 -37.78 -24.02
C ILE C 113 57.68 -37.52 -25.11
N LEU C 114 58.95 -37.79 -24.79
CA LEU C 114 60.04 -37.60 -25.75
C LEU C 114 60.25 -38.91 -26.51
N VAL C 115 60.15 -38.85 -27.84
CA VAL C 115 60.17 -40.04 -28.67
C VAL C 115 61.18 -39.85 -29.81
N GLY C 116 61.81 -40.94 -30.21
CA GLY C 116 62.68 -40.95 -31.37
C GLY C 116 62.15 -41.89 -32.44
N ASN C 117 62.00 -41.39 -33.66
CA ASN C 117 61.30 -42.10 -34.71
C ASN C 117 62.27 -42.84 -35.63
N LYS C 118 61.71 -43.78 -36.39
CA LYS C 118 62.43 -44.49 -37.45
C LYS C 118 63.65 -45.22 -36.88
N LYS C 119 63.36 -46.16 -35.98
CA LYS C 119 64.40 -47.00 -35.42
C LYS C 119 65.10 -47.81 -36.50
N ASP C 120 64.42 -48.06 -37.63
CA ASP C 120 65.01 -48.86 -38.69
C ASP C 120 66.23 -48.17 -39.30
N LEU C 121 66.20 -46.84 -39.43
CA LEU C 121 67.24 -46.14 -40.18
C LEU C 121 68.57 -46.08 -39.45
N ARG C 122 68.60 -46.30 -38.13
CA ARG C 122 69.87 -46.23 -37.43
C ARG C 122 70.82 -47.34 -37.87
N ASN C 123 70.28 -48.50 -38.23
CA ASN C 123 71.09 -49.61 -38.73
C ASN C 123 71.23 -49.60 -40.25
N ASP C 124 70.58 -48.68 -40.94
CA ASP C 124 70.67 -48.61 -42.39
C ASP C 124 72.09 -48.24 -42.81
N GLU C 125 72.59 -48.93 -43.85
CA GLU C 125 73.95 -48.68 -44.31
C GLU C 125 74.10 -47.27 -44.86
N HIS C 126 73.11 -46.80 -45.63
CA HIS C 126 73.22 -45.47 -46.23
C HIS C 126 73.30 -44.39 -45.16
N THR C 127 72.40 -44.43 -44.19
CA THR C 127 72.41 -43.42 -43.12
C THR C 127 73.69 -43.54 -42.29
N ARG C 128 74.11 -44.76 -41.98
CA ARG C 128 75.33 -44.95 -41.21
C ARG C 128 76.53 -44.38 -41.94
N ARG C 129 76.63 -44.62 -43.24
CA ARG C 129 77.74 -44.06 -44.02
C ARG C 129 77.67 -42.54 -44.06
N GLU C 130 76.47 -41.99 -44.22
CA GLU C 130 76.34 -40.53 -44.29
C GLU C 130 76.77 -39.88 -42.98
N LEU C 131 76.34 -40.44 -41.85
CA LEU C 131 76.74 -39.89 -40.56
C LEU C 131 78.24 -40.05 -40.32
N ALA C 132 78.79 -41.20 -40.73
CA ALA C 132 80.22 -41.42 -40.58
C ALA C 132 81.04 -40.46 -41.43
N LYS C 133 80.46 -39.92 -42.51
CA LYS C 133 81.17 -38.94 -43.31
C LYS C 133 81.54 -37.72 -42.49
N MET C 134 80.74 -37.39 -41.47
CA MET C 134 81.01 -36.26 -40.59
C MET C 134 81.49 -36.72 -39.21
N LYS C 135 81.99 -37.96 -39.11
CA LYS C 135 82.43 -38.50 -37.83
C LYS C 135 81.29 -38.51 -36.81
N GLN C 136 80.09 -38.83 -37.27
CA GLN C 136 78.91 -38.88 -36.43
C GLN C 136 78.34 -40.30 -36.42
N GLU C 137 77.38 -40.52 -35.53
CA GLU C 137 76.72 -41.81 -35.39
C GLU C 137 75.25 -41.58 -35.10
N PRO C 138 74.40 -42.57 -35.37
CA PRO C 138 72.97 -42.40 -35.06
C PRO C 138 72.76 -42.19 -33.56
N VAL C 139 71.66 -41.49 -33.24
CA VAL C 139 71.36 -41.18 -31.84
C VAL C 139 71.25 -42.49 -31.08
N LYS C 140 72.15 -42.67 -30.10
CA LYS C 140 72.14 -43.88 -29.31
C LYS C 140 70.95 -43.90 -28.35
N PRO C 141 70.40 -45.08 -28.05
CA PRO C 141 69.31 -45.14 -27.06
C PRO C 141 69.70 -44.58 -25.72
N GLU C 142 70.95 -44.73 -25.30
CA GLU C 142 71.39 -44.20 -24.02
C GLU C 142 71.22 -42.68 -23.98
N GLU C 143 71.59 -42.00 -25.07
CA GLU C 143 71.42 -40.55 -25.12
C GLU C 143 69.96 -40.16 -24.98
N GLY C 144 69.07 -40.89 -25.66
CA GLY C 144 67.65 -40.60 -25.52
C GLY C 144 67.16 -40.83 -24.10
N ARG C 145 67.61 -41.91 -23.47
CA ARG C 145 67.24 -42.16 -22.08
C ARG C 145 67.73 -41.04 -21.17
N ASP C 146 68.98 -40.60 -21.37
CA ASP C 146 69.51 -39.50 -20.56
C ASP C 146 68.73 -38.22 -20.81
N MET C 147 68.39 -37.94 -22.07
CA MET C 147 67.63 -36.74 -22.38
C MET C 147 66.25 -36.77 -21.73
N ALA C 148 65.59 -37.94 -21.76
CA ALA C 148 64.26 -38.04 -21.17
C ALA C 148 64.29 -37.69 -19.70
N ASN C 149 65.27 -38.21 -18.96
CA ASN C 149 65.41 -37.85 -17.56
C ASN C 149 65.86 -36.41 -17.40
N ARG C 150 66.64 -35.90 -18.35
CA ARG C 150 67.20 -34.55 -18.21
C ARG C 150 66.10 -33.50 -18.24
N ILE C 151 65.14 -33.62 -19.15
CA ILE C 151 64.14 -32.58 -19.35
C ILE C 151 62.77 -33.00 -18.80
N GLY C 152 62.73 -33.96 -17.88
CA GLY C 152 61.51 -34.29 -17.19
C GLY C 152 60.49 -35.05 -18.03
N ALA C 153 60.93 -35.78 -19.04
CA ALA C 153 60.00 -36.49 -19.91
C ALA C 153 59.16 -37.48 -19.11
N PHE C 154 57.89 -37.62 -19.49
CA PHE C 154 57.03 -38.63 -18.87
C PHE C 154 57.44 -40.03 -19.28
N GLY C 155 57.87 -40.22 -20.52
CA GLY C 155 58.28 -41.53 -21.00
C GLY C 155 58.99 -41.40 -22.31
N TYR C 156 59.80 -42.42 -22.61
CA TYR C 156 60.64 -42.42 -23.80
C TYR C 156 60.46 -43.74 -24.53
N MET C 157 60.00 -43.67 -25.77
CA MET C 157 59.82 -44.82 -26.63
C MET C 157 60.41 -44.53 -28.00
N GLU C 158 60.29 -45.49 -28.90
CA GLU C 158 60.77 -45.35 -30.27
C GLU C 158 59.70 -45.85 -31.22
N CYS C 159 59.58 -45.19 -32.37
CA CYS C 159 58.55 -45.50 -33.34
C CYS C 159 59.18 -45.85 -34.68
N SER C 160 58.38 -46.51 -35.52
CA SER C 160 58.80 -46.87 -36.88
C SER C 160 57.55 -46.88 -37.74
N ALA C 161 57.33 -45.78 -38.46
CA ALA C 161 56.12 -45.66 -39.28
C ALA C 161 56.08 -46.70 -40.39
N LYS C 162 57.24 -46.96 -41.01
CA LYS C 162 57.26 -47.91 -42.11
C LYS C 162 56.84 -49.30 -41.66
N THR C 163 57.32 -49.75 -40.50
CA THR C 163 57.02 -51.07 -39.99
C THR C 163 55.90 -51.07 -38.96
N LYS C 164 55.34 -49.91 -38.63
CA LYS C 164 54.24 -49.82 -37.68
C LYS C 164 54.62 -50.49 -36.35
N ASP C 165 55.83 -50.19 -35.89
CA ASP C 165 56.38 -50.78 -34.67
C ASP C 165 56.24 -49.80 -33.51
N GLY C 166 55.51 -50.22 -32.48
CA GLY C 166 55.42 -49.47 -31.25
C GLY C 166 54.50 -48.27 -31.27
N VAL C 167 53.76 -48.05 -32.37
CA VAL C 167 52.88 -46.89 -32.44
C VAL C 167 51.73 -47.04 -31.43
N ARG C 168 51.10 -48.21 -31.41
CA ARG C 168 49.96 -48.41 -30.52
C ARG C 168 50.36 -48.20 -29.06
N GLU C 169 51.49 -48.79 -28.65
CA GLU C 169 51.92 -48.62 -27.27
C GLU C 169 52.30 -47.18 -26.96
N VAL C 170 52.95 -46.50 -27.91
CA VAL C 170 53.39 -45.13 -27.66
C VAL C 170 52.20 -44.22 -27.40
N PHE C 171 51.19 -44.26 -28.27
CA PHE C 171 50.01 -43.45 -28.06
C PHE C 171 49.20 -43.95 -26.87
N GLU C 172 49.26 -45.26 -26.60
CA GLU C 172 48.58 -45.79 -25.41
C GLU C 172 49.14 -45.14 -24.15
N MET C 173 50.47 -45.08 -24.04
CA MET C 173 51.07 -44.39 -22.90
C MET C 173 50.78 -42.90 -22.94
N ALA C 174 50.69 -42.33 -24.14
CA ALA C 174 50.42 -40.90 -24.26
C ALA C 174 49.07 -40.56 -23.65
N THR C 175 48.04 -41.33 -23.96
CA THR C 175 46.73 -41.06 -23.39
C THR C 175 46.68 -41.42 -21.91
N ARG C 176 47.40 -42.46 -21.51
CA ARG C 176 47.47 -42.78 -20.08
C ARG C 176 48.04 -41.61 -19.30
N ALA C 177 49.13 -41.01 -19.81
CA ALA C 177 49.67 -39.83 -19.17
C ALA C 177 48.67 -38.68 -19.20
N ALA C 178 47.94 -38.54 -20.31
CA ALA C 178 46.99 -37.45 -20.44
C ALA C 178 45.89 -37.55 -19.38
N LEU C 179 45.43 -38.76 -19.09
CA LEU C 179 44.32 -38.93 -18.18
C LEU C 179 44.64 -38.48 -16.77
N GLN C 180 45.92 -38.50 -16.37
CA GLN C 180 46.28 -37.96 -15.07
C GLN C 180 46.06 -36.46 -15.05
N ALA C 181 45.35 -35.99 -14.03
CA ALA C 181 45.06 -34.56 -13.89
C ALA C 181 46.09 -33.87 -13.01
N ARG C 182 47.37 -34.00 -13.39
CA ARG C 182 48.44 -33.28 -12.72
C ARG C 182 48.38 -33.51 -11.22
N ARG C 183 48.99 -32.62 -10.44
CA ARG C 183 48.94 -32.68 -8.98
C ARG C 183 48.57 -31.28 -8.46
N GLY C 184 47.26 -31.02 -8.39
CA GLY C 184 46.80 -29.81 -7.73
C GLY C 184 47.50 -28.58 -8.27
N LYS C 185 48.10 -27.82 -7.35
CA LYS C 185 48.91 -26.66 -7.70
C LYS C 185 50.13 -26.63 -6.80
N LYS C 186 51.13 -25.83 -7.20
CA LYS C 186 52.33 -25.62 -6.42
C LYS C 186 52.45 -24.15 -6.04
N LYS C 187 52.74 -23.88 -4.77
CA LYS C 187 52.99 -22.53 -4.29
C LYS C 187 51.84 -21.59 -4.66
N SER C 188 50.61 -22.10 -4.53
CA SER C 188 49.43 -21.31 -4.88
C SER C 188 49.31 -20.09 -3.98
N GLY C 189 48.82 -19.00 -4.54
CA GLY C 189 48.61 -17.80 -3.76
C GLY C 189 47.44 -17.95 -2.79
N CYS C 190 47.45 -17.08 -1.78
CA CYS C 190 46.42 -17.09 -0.75
C CYS C 190 45.21 -16.26 -1.16
N MET D 1 -37.50 -41.50 21.96
CA MET D 1 -37.06 -40.45 21.01
C MET D 1 -36.00 -41.01 20.08
N ALA D 2 -34.74 -40.68 20.34
CA ALA D 2 -33.62 -41.11 19.52
C ALA D 2 -32.86 -42.17 20.30
N ALA D 3 -32.78 -43.38 19.75
CA ALA D 3 -32.19 -44.50 20.45
C ALA D 3 -30.73 -44.24 20.78
N ILE D 4 -30.32 -44.61 21.97
CA ILE D 4 -28.95 -44.42 22.44
C ILE D 4 -28.25 -45.76 22.40
N ARG D 5 -27.02 -45.77 21.88
CA ARG D 5 -26.28 -47.01 21.68
C ARG D 5 -25.41 -47.26 22.90
N LYS D 6 -25.59 -48.43 23.53
CA LYS D 6 -24.80 -48.85 24.67
C LYS D 6 -24.16 -50.20 24.37
N LYS D 7 -22.89 -50.35 24.75
CA LYS D 7 -22.12 -51.54 24.44
C LYS D 7 -22.10 -52.47 25.65
N LEU D 8 -22.54 -53.71 25.46
CA LEU D 8 -22.56 -54.72 26.51
C LEU D 8 -21.64 -55.86 26.11
N VAL D 9 -20.83 -56.33 27.05
CA VAL D 9 -19.87 -57.40 26.82
C VAL D 9 -20.01 -58.44 27.92
N ILE D 10 -19.89 -59.71 27.56
CA ILE D 10 -20.04 -60.83 28.48
C ILE D 10 -18.71 -61.56 28.57
N VAL D 11 -18.22 -61.75 29.80
CA VAL D 11 -16.95 -62.42 30.07
C VAL D 11 -17.19 -63.48 31.12
N GLY D 12 -16.77 -64.71 30.84
CA GLY D 12 -16.94 -65.80 31.79
C GLY D 12 -16.25 -67.06 31.32
N ASP D 13 -16.20 -68.03 32.22
CA ASP D 13 -15.66 -69.34 31.89
C ASP D 13 -16.52 -70.03 30.84
N GLY D 14 -15.88 -70.91 30.08
CA GLY D 14 -16.59 -71.61 29.01
C GLY D 14 -17.66 -72.53 29.55
N ALA D 15 -18.66 -72.79 28.71
CA ALA D 15 -19.74 -73.71 29.00
C ALA D 15 -20.63 -73.26 30.14
N CYS D 16 -20.60 -71.97 30.50
CA CYS D 16 -21.48 -71.45 31.53
C CYS D 16 -22.74 -70.82 30.95
N GLY D 17 -22.90 -70.83 29.63
CA GLY D 17 -24.11 -70.37 28.99
C GLY D 17 -24.12 -68.95 28.49
N LYS D 18 -22.95 -68.31 28.36
CA LYS D 18 -22.92 -66.93 27.91
C LYS D 18 -23.53 -66.78 26.52
N THR D 19 -23.06 -67.61 25.58
CA THR D 19 -23.58 -67.52 24.22
C THR D 19 -25.06 -67.86 24.17
N CYS D 20 -25.47 -68.88 24.91
CA CYS D 20 -26.89 -69.24 24.95
C CYS D 20 -27.72 -68.14 25.60
N LEU D 21 -27.19 -67.52 26.65
CA LEU D 21 -27.93 -66.45 27.33
C LEU D 21 -28.21 -65.30 26.37
N LEU D 22 -27.20 -64.88 25.60
CA LEU D 22 -27.43 -63.85 24.60
C LEU D 22 -28.37 -64.33 23.52
N ILE D 23 -28.24 -65.59 23.09
CA ILE D 23 -29.05 -66.10 22.00
C ILE D 23 -30.54 -66.09 22.39
N VAL D 24 -30.84 -66.57 23.59
CA VAL D 24 -32.24 -66.56 24.04
C VAL D 24 -32.75 -65.13 24.11
N PHE D 25 -31.89 -64.20 24.53
CA PHE D 25 -32.29 -62.80 24.56
C PHE D 25 -32.54 -62.26 23.16
N SER D 26 -31.79 -62.75 22.17
CA SER D 26 -31.87 -62.19 20.83
C SER D 26 -33.16 -62.63 20.12
N LYS D 27 -33.32 -63.94 19.91
CA LYS D 27 -34.46 -64.46 19.16
C LYS D 27 -35.50 -65.13 20.04
N ASP D 28 -35.26 -65.28 21.34
CA ASP D 28 -36.21 -65.92 22.25
C ASP D 28 -36.54 -67.34 21.79
N GLN D 29 -35.57 -68.01 21.17
CA GLN D 29 -35.75 -69.37 20.69
C GLN D 29 -34.49 -70.16 21.03
N PHE D 30 -34.63 -71.16 21.90
CA PHE D 30 -33.48 -71.93 22.34
C PHE D 30 -32.97 -72.78 21.19
N PRO D 31 -31.70 -72.67 20.78
CA PRO D 31 -31.17 -73.55 19.74
C PRO D 31 -30.83 -74.91 20.32
N GLU D 32 -31.56 -75.93 19.88
CA GLU D 32 -31.40 -77.28 20.40
C GLU D 32 -30.42 -78.13 19.61
N VAL D 33 -29.87 -77.61 18.50
CA VAL D 33 -28.99 -78.37 17.62
C VAL D 33 -27.63 -77.70 17.46
N TYR D 34 -27.61 -76.41 17.15
CA TYR D 34 -26.39 -75.71 16.80
C TYR D 34 -26.25 -74.46 17.65
N VAL D 35 -25.10 -74.32 18.30
CA VAL D 35 -24.78 -73.15 19.10
C VAL D 35 -23.42 -72.63 18.65
N PRO D 36 -23.32 -71.45 18.04
CA PRO D 36 -22.01 -70.92 17.67
C PRO D 36 -21.15 -70.66 18.89
N THR D 37 -19.83 -70.73 18.70
CA THR D 37 -18.92 -70.45 19.79
C THR D 37 -19.09 -69.02 20.31
N VAL D 38 -19.52 -68.10 19.43
CA VAL D 38 -19.68 -66.70 19.80
C VAL D 38 -20.85 -66.12 19.03
N PHE D 39 -21.57 -65.20 19.67
CA PHE D 39 -22.69 -64.48 19.06
C PHE D 39 -22.27 -63.03 18.90
N GLU D 40 -21.93 -62.60 17.69
CA GLU D 40 -21.42 -61.26 17.52
C GLU D 40 -22.21 -60.43 16.53
N ASN D 41 -21.91 -59.13 16.56
CA ASN D 41 -22.50 -58.14 15.66
C ASN D 41 -24.02 -58.20 15.68
N TYR D 42 -24.59 -58.05 16.88
CA TYR D 42 -26.04 -57.93 17.02
C TYR D 42 -26.34 -56.74 17.92
N VAL D 43 -27.40 -56.01 17.58
CA VAL D 43 -27.89 -54.90 18.39
C VAL D 43 -29.37 -55.12 18.65
N ALA D 44 -29.76 -55.03 19.91
CA ALA D 44 -31.14 -55.28 20.33
C ALA D 44 -31.77 -54.02 20.88
N ASP D 45 -33.08 -53.89 20.66
CA ASP D 45 -33.84 -52.72 21.08
C ASP D 45 -34.54 -53.04 22.40
N ILE D 46 -34.35 -52.19 23.39
CA ILE D 46 -34.93 -52.38 24.72
C ILE D 46 -35.34 -51.03 25.26
N GLU D 47 -36.48 -51.00 25.95
CA GLU D 47 -36.98 -49.81 26.64
C GLU D 47 -37.21 -50.18 28.10
N VAL D 48 -36.70 -49.34 29.01
CA VAL D 48 -36.79 -49.64 30.44
C VAL D 48 -37.63 -48.56 31.14
N ASP D 49 -37.23 -47.30 31.02
CA ASP D 49 -37.96 -46.20 31.65
C ASP D 49 -37.96 -45.02 30.67
N GLY D 50 -38.97 -44.99 29.80
CA GLY D 50 -39.17 -43.87 28.90
C GLY D 50 -38.05 -43.65 27.90
N LYS D 51 -37.03 -44.50 27.93
CA LYS D 51 -35.86 -44.37 27.07
C LYS D 51 -35.74 -45.61 26.18
N GLN D 52 -35.37 -45.39 24.92
CA GLN D 52 -35.16 -46.46 23.96
C GLN D 52 -33.66 -46.61 23.75
N VAL D 53 -33.15 -47.83 23.98
CA VAL D 53 -31.71 -48.09 23.98
C VAL D 53 -31.41 -49.23 23.01
N GLU D 54 -30.47 -49.02 22.10
CA GLU D 54 -29.94 -50.07 21.25
C GLU D 54 -28.72 -50.67 21.94
N LEU D 55 -28.81 -51.92 22.33
CA LEU D 55 -27.76 -52.59 23.08
C LEU D 55 -26.95 -53.47 22.14
N ALA D 56 -25.67 -53.14 21.98
CA ALA D 56 -24.77 -53.92 21.13
C ALA D 56 -24.10 -54.99 21.98
N LEU D 57 -24.39 -56.25 21.68
CA LEU D 57 -23.98 -57.38 22.50
C LEU D 57 -22.72 -58.00 21.91
N TRP D 58 -21.60 -57.85 22.61
CA TRP D 58 -20.38 -58.56 22.27
C TRP D 58 -20.27 -59.83 23.11
N ASP D 59 -19.49 -60.78 22.61
CA ASP D 59 -19.32 -62.06 23.28
C ASP D 59 -17.87 -62.49 23.20
N THR D 60 -17.34 -63.01 24.31
CA THR D 60 -15.94 -63.41 24.42
C THR D 60 -15.86 -64.87 24.79
N ALA D 61 -15.10 -65.64 24.02
CA ALA D 61 -14.79 -67.02 24.32
C ALA D 61 -13.28 -67.20 24.35
N GLY D 62 -12.84 -68.28 24.99
CA GLY D 62 -11.42 -68.55 25.11
C GLY D 62 -11.00 -69.97 24.79
N GLN D 63 -11.82 -70.69 24.03
CA GLN D 63 -11.51 -72.10 23.76
C GLN D 63 -10.22 -72.23 22.96
N GLU D 64 -10.08 -71.47 21.87
CA GLU D 64 -8.94 -71.63 20.98
C GLU D 64 -8.77 -70.35 20.17
N ASP D 65 -7.69 -69.62 20.43
CA ASP D 65 -7.25 -68.44 19.68
C ASP D 65 -8.11 -67.22 19.95
N TYR D 66 -9.28 -67.37 20.57
CA TYR D 66 -10.08 -66.20 20.90
C TYR D 66 -9.50 -65.44 22.08
N ASP D 67 -8.79 -66.12 22.98
CA ASP D 67 -8.19 -65.45 24.12
C ASP D 67 -7.17 -64.40 23.68
N ARG D 68 -6.45 -64.65 22.59
CA ARG D 68 -5.48 -63.67 22.11
C ARG D 68 -6.16 -62.41 21.62
N LEU D 69 -7.35 -62.53 21.02
CA LEU D 69 -8.09 -61.39 20.50
C LEU D 69 -9.11 -60.85 21.48
N ARG D 70 -9.29 -61.47 22.64
CA ARG D 70 -10.30 -61.02 23.59
C ARG D 70 -10.06 -59.59 24.04
N PRO D 71 -8.84 -59.16 24.37
CA PRO D 71 -8.65 -57.81 24.92
C PRO D 71 -9.23 -56.69 24.07
N LEU D 72 -9.21 -56.80 22.74
CA LEU D 72 -9.62 -55.70 21.87
C LEU D 72 -11.14 -55.61 21.73
N SER D 73 -11.90 -56.37 22.50
CA SER D 73 -13.33 -56.18 22.59
C SER D 73 -13.73 -55.32 23.79
N TYR D 74 -12.80 -55.12 24.72
CA TYR D 74 -13.03 -54.33 25.93
C TYR D 74 -13.14 -52.83 25.69
N PRO D 75 -12.42 -52.24 24.74
CA PRO D 75 -12.46 -50.77 24.64
C PRO D 75 -13.87 -50.27 24.36
N ASP D 76 -14.16 -49.08 24.90
CA ASP D 76 -15.47 -48.45 24.75
C ASP D 76 -16.59 -49.38 25.20
N THR D 77 -16.37 -50.05 26.32
CA THR D 77 -17.38 -50.93 26.89
C THR D 77 -18.20 -50.13 27.92
N ASP D 78 -19.52 -50.26 27.85
CA ASP D 78 -20.43 -49.51 28.72
C ASP D 78 -20.92 -50.31 29.91
N VAL D 79 -21.07 -51.63 29.77
CA VAL D 79 -21.57 -52.46 30.85
C VAL D 79 -21.09 -53.88 30.62
N ILE D 80 -20.88 -54.62 31.71
CA ILE D 80 -20.34 -55.97 31.65
C ILE D 80 -21.24 -56.91 32.44
N LEU D 81 -21.48 -58.09 31.87
CA LEU D 81 -22.15 -59.17 32.58
C LEU D 81 -21.11 -60.25 32.84
N MET D 82 -20.59 -60.28 34.08
CA MET D 82 -19.70 -61.35 34.48
C MET D 82 -20.54 -62.57 34.84
N CYS D 83 -20.38 -63.65 34.10
CA CYS D 83 -21.25 -64.81 34.19
C CYS D 83 -20.48 -66.02 34.68
N PHE D 84 -21.17 -66.87 35.44
CA PHE D 84 -20.65 -68.16 35.85
C PHE D 84 -21.80 -69.14 35.95
N SER D 85 -21.46 -70.39 36.20
CA SER D 85 -22.44 -71.47 36.21
C SER D 85 -22.81 -71.83 37.64
N ILE D 86 -24.12 -71.93 37.90
CA ILE D 86 -24.58 -72.38 39.21
C ILE D 86 -24.30 -73.87 39.39
N ASP D 87 -24.42 -74.66 38.32
CA ASP D 87 -24.22 -76.10 38.38
C ASP D 87 -22.75 -76.49 38.25
N SER D 88 -21.83 -75.54 38.44
CA SER D 88 -20.39 -75.83 38.36
C SER D 88 -19.67 -74.93 39.35
N PRO D 89 -19.42 -75.43 40.57
CA PRO D 89 -18.80 -74.56 41.59
C PRO D 89 -17.42 -74.07 41.20
N ASP D 90 -16.72 -74.77 40.31
CA ASP D 90 -15.37 -74.36 39.95
C ASP D 90 -15.33 -72.97 39.34
N SER D 91 -16.44 -72.55 38.72
CA SER D 91 -16.46 -71.24 38.06
C SER D 91 -16.37 -70.10 39.05
N LEU D 92 -16.97 -70.25 40.24
CA LEU D 92 -17.09 -69.12 41.15
C LEU D 92 -15.73 -68.62 41.64
N GLU D 93 -14.89 -69.54 42.14
CA GLU D 93 -13.65 -69.12 42.79
C GLU D 93 -12.66 -68.50 41.82
N ASN D 94 -12.77 -68.81 40.53
CA ASN D 94 -11.86 -68.22 39.56
C ASN D 94 -12.23 -66.78 39.20
N ILE D 95 -13.47 -66.36 39.46
CA ILE D 95 -13.85 -64.98 39.18
C ILE D 95 -12.96 -63.99 39.91
N PRO D 96 -12.84 -64.02 41.24
CA PRO D 96 -11.93 -63.09 41.91
C PRO D 96 -10.48 -63.30 41.52
N GLU D 97 -10.12 -64.52 41.13
CA GLU D 97 -8.71 -64.84 40.94
C GLU D 97 -8.19 -64.29 39.61
N LYS D 98 -8.89 -64.58 38.51
CA LYS D 98 -8.39 -64.26 37.17
C LYS D 98 -9.28 -63.32 36.40
N TRP D 99 -10.60 -63.52 36.42
CA TRP D 99 -11.48 -62.71 35.58
C TRP D 99 -11.48 -61.25 36.01
N THR D 100 -11.56 -61.00 37.32
CA THR D 100 -11.66 -59.62 37.80
C THR D 100 -10.45 -58.78 37.42
N PRO D 101 -9.20 -59.20 37.69
CA PRO D 101 -8.07 -58.31 37.37
C PRO D 101 -7.99 -57.93 35.91
N GLU D 102 -8.31 -58.85 34.98
CA GLU D 102 -8.27 -58.50 33.57
C GLU D 102 -9.32 -57.44 33.24
N VAL D 103 -10.53 -57.59 33.77
CA VAL D 103 -11.57 -56.62 33.52
C VAL D 103 -11.17 -55.25 34.05
N LYS D 104 -10.65 -55.21 35.27
CA LYS D 104 -10.21 -53.94 35.84
C LYS D 104 -9.04 -53.36 35.05
N HIS D 105 -8.11 -54.20 34.61
CA HIS D 105 -6.92 -53.71 33.91
C HIS D 105 -7.30 -53.00 32.62
N PHE D 106 -8.08 -53.67 31.76
CA PHE D 106 -8.37 -53.12 30.43
C PHE D 106 -9.43 -52.03 30.47
N CYS D 107 -10.45 -52.19 31.30
CA CYS D 107 -11.57 -51.24 31.34
C CYS D 107 -12.02 -51.06 32.79
N PRO D 108 -11.45 -50.09 33.50
CA PRO D 108 -11.89 -49.81 34.86
C PRO D 108 -13.07 -48.84 34.89
N ASN D 109 -13.62 -48.65 36.09
CA ASN D 109 -14.72 -47.72 36.30
C ASN D 109 -15.90 -48.07 35.40
N VAL D 110 -16.17 -49.35 35.25
CA VAL D 110 -17.28 -49.82 34.42
C VAL D 110 -18.24 -50.62 35.28
N PRO D 111 -19.55 -50.49 35.08
CA PRO D 111 -20.49 -51.31 35.87
C PRO D 111 -20.36 -52.78 35.53
N ILE D 112 -20.58 -53.62 36.54
CA ILE D 112 -20.45 -55.06 36.40
C ILE D 112 -21.62 -55.74 37.10
N ILE D 113 -22.23 -56.70 36.42
CA ILE D 113 -23.33 -57.49 36.98
C ILE D 113 -22.88 -58.94 37.04
N LEU D 114 -22.80 -59.48 38.26
CA LEU D 114 -22.40 -60.87 38.47
C LEU D 114 -23.65 -61.74 38.47
N VAL D 115 -23.70 -62.73 37.57
CA VAL D 115 -24.88 -63.54 37.35
C VAL D 115 -24.50 -65.01 37.38
N GLY D 116 -25.42 -65.84 37.87
CA GLY D 116 -25.28 -67.28 37.83
C GLY D 116 -26.37 -67.91 36.99
N ASN D 117 -25.98 -68.73 36.02
CA ASN D 117 -26.90 -69.23 35.01
C ASN D 117 -27.42 -70.63 35.35
N LYS D 118 -28.51 -71.00 34.68
CA LYS D 118 -29.06 -72.35 34.74
C LYS D 118 -29.45 -72.71 36.19
N LYS D 119 -30.39 -71.92 36.71
CA LYS D 119 -30.91 -72.20 38.05
C LYS D 119 -31.58 -73.56 38.11
N ASP D 120 -32.04 -74.08 36.97
CA ASP D 120 -32.72 -75.37 36.95
C ASP D 120 -31.79 -76.50 37.36
N LEU D 121 -30.52 -76.45 36.95
CA LEU D 121 -29.62 -77.57 37.13
C LEU D 121 -29.19 -77.79 38.57
N ARG D 122 -29.33 -76.79 39.45
CA ARG D 122 -28.92 -76.98 40.83
C ARG D 122 -29.77 -78.02 41.53
N ASN D 123 -31.05 -78.12 41.17
CA ASN D 123 -31.95 -79.12 41.73
C ASN D 123 -31.98 -80.41 40.91
N ASP D 124 -31.28 -80.46 39.78
CA ASP D 124 -31.28 -81.67 38.97
C ASP D 124 -30.59 -82.81 39.70
N GLU D 125 -31.18 -84.01 39.61
CA GLU D 125 -30.62 -85.15 40.32
C GLU D 125 -29.25 -85.52 39.77
N HIS D 126 -29.07 -85.49 38.46
CA HIS D 126 -27.80 -85.88 37.87
C HIS D 126 -26.67 -84.96 38.33
N THR D 127 -26.89 -83.65 38.24
CA THR D 127 -25.85 -82.71 38.68
C THR D 127 -25.61 -82.82 40.17
N ARG D 128 -26.68 -82.97 40.96
CA ARG D 128 -26.51 -83.10 42.40
C ARG D 128 -25.70 -84.34 42.75
N ARG D 129 -25.98 -85.46 42.08
CA ARG D 129 -25.21 -86.67 42.32
C ARG D 129 -23.75 -86.49 41.91
N GLU D 130 -23.52 -85.85 40.77
CA GLU D 130 -22.15 -85.65 40.31
C GLU D 130 -21.35 -84.80 41.28
N LEU D 131 -21.93 -83.71 41.77
CA LEU D 131 -21.23 -82.87 42.73
C LEU D 131 -21.02 -83.59 44.04
N ALA D 132 -22.01 -84.37 44.48
CA ALA D 132 -21.86 -85.14 45.71
C ALA D 132 -20.77 -86.20 45.60
N LYS D 133 -20.45 -86.64 44.39
CA LYS D 133 -19.36 -87.60 44.22
C LYS D 133 -18.05 -87.03 44.73
N MET D 134 -17.87 -85.71 44.65
CA MET D 134 -16.68 -85.04 45.15
C MET D 134 -16.93 -84.29 46.44
N LYS D 135 -17.99 -84.65 47.17
CA LYS D 135 -18.36 -83.95 48.41
C LYS D 135 -18.59 -82.47 48.16
N GLN D 136 -19.21 -82.15 47.03
CA GLN D 136 -19.52 -80.78 46.65
C GLN D 136 -21.03 -80.59 46.54
N GLU D 137 -21.44 -79.34 46.41
CA GLU D 137 -22.84 -78.98 46.28
C GLU D 137 -22.96 -77.83 45.28
N PRO D 138 -24.14 -77.65 44.69
CA PRO D 138 -24.32 -76.52 43.77
C PRO D 138 -24.09 -75.19 44.45
N VAL D 139 -23.67 -74.21 43.66
CA VAL D 139 -23.39 -72.89 44.21
C VAL D 139 -24.63 -72.35 44.89
N LYS D 140 -24.54 -72.13 46.20
CA LYS D 140 -25.68 -71.64 46.95
C LYS D 140 -25.93 -70.17 46.63
N PRO D 141 -27.20 -69.73 46.66
CA PRO D 141 -27.46 -68.30 46.43
C PRO D 141 -26.77 -67.40 47.42
N GLU D 142 -26.58 -67.84 48.67
CA GLU D 142 -25.89 -67.02 49.65
C GLU D 142 -24.46 -66.73 49.22
N GLU D 143 -23.77 -67.73 48.67
CA GLU D 143 -22.41 -67.51 48.20
C GLU D 143 -22.39 -66.48 47.07
N GLY D 144 -23.35 -66.57 46.15
CA GLY D 144 -23.42 -65.58 45.09
C GLY D 144 -23.68 -64.18 45.62
N ARG D 145 -24.60 -64.07 46.60
CA ARG D 145 -24.85 -62.77 47.21
C ARG D 145 -23.60 -62.23 47.89
N ASP D 146 -22.88 -63.08 48.61
CA ASP D 146 -21.65 -62.64 49.26
C ASP D 146 -20.61 -62.22 48.23
N MET D 147 -20.48 -62.99 47.14
CA MET D 147 -19.53 -62.65 46.10
C MET D 147 -19.87 -61.31 45.45
N ALA D 148 -21.15 -61.07 45.20
CA ALA D 148 -21.55 -59.82 44.56
C ALA D 148 -21.14 -58.62 45.40
N ASN D 149 -21.36 -58.68 46.71
CA ASN D 149 -20.90 -57.61 47.60
C ASN D 149 -19.39 -57.59 47.70
N ARG D 150 -18.75 -58.76 47.61
CA ARG D 150 -17.30 -58.83 47.81
C ARG D 150 -16.55 -58.08 46.71
N ILE D 151 -16.96 -58.24 45.46
CA ILE D 151 -16.21 -57.69 44.34
C ILE D 151 -16.92 -56.48 43.73
N GLY D 152 -17.82 -55.84 44.47
CA GLY D 152 -18.41 -54.59 44.02
C GLY D 152 -19.43 -54.73 42.91
N ALA D 153 -20.08 -55.87 42.81
CA ALA D 153 -21.04 -56.08 41.73
C ALA D 153 -22.17 -55.07 41.80
N PHE D 154 -22.64 -54.62 40.63
CA PHE D 154 -23.79 -53.73 40.58
C PHE D 154 -25.07 -54.45 40.97
N GLY D 155 -25.21 -55.71 40.58
CA GLY D 155 -26.40 -56.48 40.89
C GLY D 155 -26.17 -57.94 40.62
N TYR D 156 -26.97 -58.77 41.27
CA TYR D 156 -26.82 -60.22 41.21
C TYR D 156 -28.18 -60.84 40.92
N MET D 157 -28.29 -61.54 39.79
CA MET D 157 -29.49 -62.24 39.40
C MET D 157 -29.13 -63.66 38.96
N GLU D 158 -30.14 -64.40 38.53
CA GLU D 158 -29.95 -65.76 38.04
C GLU D 158 -30.75 -65.93 36.75
N CYS D 159 -30.19 -66.69 35.81
CA CYS D 159 -30.79 -66.89 34.51
C CYS D 159 -31.06 -68.36 34.26
N SER D 160 -31.93 -68.62 33.29
CA SER D 160 -32.24 -69.98 32.87
C SER D 160 -32.60 -69.93 31.39
N ALA D 161 -31.62 -70.25 30.53
CA ALA D 161 -31.84 -70.15 29.09
C ALA D 161 -32.91 -71.13 28.63
N LYS D 162 -32.92 -72.34 29.19
CA LYS D 162 -33.90 -73.34 28.76
C LYS D 162 -35.31 -72.89 29.01
N THR D 163 -35.57 -72.30 30.19
CA THR D 163 -36.90 -71.86 30.57
C THR D 163 -37.13 -70.37 30.35
N LYS D 164 -36.13 -69.65 29.85
CA LYS D 164 -36.27 -68.22 29.57
C LYS D 164 -36.74 -67.47 30.82
N ASP D 165 -36.13 -67.79 31.96
CA ASP D 165 -36.51 -67.23 33.25
C ASP D 165 -35.54 -66.11 33.62
N GLY D 166 -36.07 -64.90 33.79
CA GLY D 166 -35.30 -63.79 34.30
C GLY D 166 -34.38 -63.11 33.30
N VAL D 167 -34.40 -63.53 32.03
CA VAL D 167 -33.50 -62.92 31.06
C VAL D 167 -33.88 -61.46 30.82
N ARG D 168 -35.17 -61.19 30.62
CA ARG D 168 -35.58 -59.82 30.34
C ARG D 168 -35.21 -58.88 31.48
N GLU D 169 -35.48 -59.29 32.72
CA GLU D 169 -35.15 -58.45 33.86
C GLU D 169 -33.64 -58.26 34.00
N VAL D 170 -32.87 -59.32 33.76
CA VAL D 170 -31.42 -59.25 33.94
C VAL D 170 -30.83 -58.22 33.00
N PHE D 171 -31.16 -58.32 31.70
CA PHE D 171 -30.66 -57.35 30.74
C PHE D 171 -31.28 -55.98 30.96
N GLU D 172 -32.51 -55.94 31.47
CA GLU D 172 -33.13 -54.66 31.80
C GLU D 172 -32.32 -53.91 32.84
N MET D 173 -31.92 -54.61 33.91
CA MET D 173 -31.05 -53.99 34.90
C MET D 173 -29.67 -53.69 34.32
N ALA D 174 -29.21 -54.53 33.40
CA ALA D 174 -27.89 -54.30 32.79
C ALA D 174 -27.86 -52.97 32.05
N THR D 175 -28.89 -52.69 31.26
CA THR D 175 -28.92 -51.41 30.54
C THR D 175 -29.20 -50.25 31.48
N ARG D 176 -30.01 -50.47 32.52
CA ARG D 176 -30.23 -49.42 33.50
C ARG D 176 -28.93 -49.02 34.16
N ALA D 177 -28.10 -50.00 34.53
CA ALA D 177 -26.79 -49.68 35.07
C ALA D 177 -25.92 -48.99 34.01
N ALA D 178 -26.03 -49.42 32.76
CA ALA D 178 -25.21 -48.83 31.71
C ALA D 178 -25.52 -47.35 31.53
N LEU D 179 -26.81 -46.98 31.64
CA LEU D 179 -27.19 -45.60 31.38
C LEU D 179 -26.61 -44.62 32.39
N GLN D 180 -26.29 -45.08 33.60
CA GLN D 180 -25.61 -44.20 34.55
C GLN D 180 -24.22 -43.88 34.04
N ALA D 181 -23.88 -42.60 34.03
CA ALA D 181 -22.57 -42.15 33.56
C ALA D 181 -21.60 -42.01 34.73
N ARG D 182 -21.42 -43.07 35.50
CA ARG D 182 -20.42 -43.11 36.56
C ARG D 182 -20.59 -41.90 37.48
N ARG D 183 -19.53 -41.55 38.21
CA ARG D 183 -19.53 -40.37 39.07
C ARG D 183 -18.26 -39.58 38.80
N GLY D 184 -18.32 -38.72 37.77
CA GLY D 184 -17.23 -37.78 37.55
C GLY D 184 -15.89 -38.49 37.49
N LYS D 185 -14.96 -38.04 38.33
CA LYS D 185 -13.65 -38.67 38.47
C LYS D 185 -13.27 -38.69 39.94
N LYS D 186 -12.29 -39.51 40.27
CA LYS D 186 -11.74 -39.59 41.62
C LYS D 186 -10.27 -39.19 41.61
N LYS D 187 -9.88 -38.32 42.54
CA LYS D 187 -8.48 -37.94 42.71
C LYS D 187 -7.88 -37.44 41.40
N SER D 188 -8.66 -36.66 40.65
CA SER D 188 -8.21 -36.16 39.37
C SER D 188 -7.02 -35.22 39.55
N GLY D 189 -6.11 -35.25 38.58
CA GLY D 189 -4.96 -34.38 38.62
C GLY D 189 -5.34 -32.93 38.36
N CYS D 190 -4.44 -32.03 38.77
CA CYS D 190 -4.67 -30.59 38.63
C CYS D 190 -4.17 -30.11 37.27
N MET E 1 -49.20 34.66 -4.65
CA MET E 1 -48.09 33.80 -5.19
C MET E 1 -48.38 32.34 -4.87
N ALA E 2 -47.70 31.82 -3.85
CA ALA E 2 -47.85 30.42 -3.45
C ALA E 2 -48.63 30.39 -2.14
N ALA E 3 -49.79 29.73 -2.16
CA ALA E 3 -50.68 29.76 -1.01
C ALA E 3 -50.02 29.14 0.20
N ILE E 4 -50.22 29.76 1.35
CA ILE E 4 -49.64 29.30 2.62
C ILE E 4 -50.75 28.63 3.43
N ARG E 5 -50.44 27.47 3.99
CA ARG E 5 -51.43 26.68 4.71
C ARG E 5 -51.39 27.05 6.19
N LYS E 6 -52.54 27.46 6.72
CA LYS E 6 -52.69 27.79 8.12
C LYS E 6 -53.83 26.97 8.72
N LYS E 7 -53.61 26.45 9.93
CA LYS E 7 -54.56 25.56 10.58
C LYS E 7 -55.40 26.34 11.58
N LEU E 8 -56.72 26.29 11.42
CA LEU E 8 -57.65 26.96 12.32
C LEU E 8 -58.52 25.91 12.99
N VAL E 9 -58.71 26.07 14.30
CA VAL E 9 -59.48 25.13 15.10
C VAL E 9 -60.47 25.92 15.95
N ILE E 10 -61.68 25.38 16.10
CA ILE E 10 -62.77 26.02 16.83
C ILE E 10 -63.11 25.16 18.04
N VAL E 11 -63.10 25.77 19.22
CA VAL E 11 -63.40 25.08 20.49
C VAL E 11 -64.44 25.89 21.24
N GLY E 12 -65.53 25.23 21.64
CA GLY E 12 -66.58 25.91 22.38
C GLY E 12 -67.62 24.93 22.87
N ASP E 13 -68.50 25.45 23.72
CA ASP E 13 -69.63 24.67 24.21
C ASP E 13 -70.57 24.28 23.07
N GLY E 14 -71.27 23.17 23.26
CA GLY E 14 -72.16 22.69 22.22
C GLY E 14 -73.32 23.63 21.98
N ALA E 15 -73.88 23.57 20.78
CA ALA E 15 -75.05 24.32 20.39
C ALA E 15 -74.81 25.82 20.35
N CYS E 16 -73.55 26.27 20.31
CA CYS E 16 -73.26 27.69 20.18
C CYS E 16 -73.02 28.11 18.74
N GLY E 17 -73.13 27.19 17.79
CA GLY E 17 -73.04 27.52 16.38
C GLY E 17 -71.69 27.33 15.73
N LYS E 18 -70.76 26.62 16.36
CA LYS E 18 -69.43 26.45 15.76
C LYS E 18 -69.52 25.78 14.41
N THR E 19 -70.20 24.64 14.35
CA THR E 19 -70.32 23.92 13.08
C THR E 19 -71.05 24.76 12.04
N CYS E 20 -72.12 25.43 12.44
CA CYS E 20 -72.85 26.28 11.51
C CYS E 20 -72.00 27.45 11.06
N LEU E 21 -71.22 28.03 11.97
CA LEU E 21 -70.38 29.17 11.60
C LEU E 21 -69.38 28.77 10.52
N LEU E 22 -68.73 27.62 10.68
CA LEU E 22 -67.83 27.14 9.63
C LEU E 22 -68.58 26.82 8.36
N ILE E 23 -69.77 26.22 8.48
CA ILE E 23 -70.52 25.81 7.31
C ILE E 23 -70.91 27.03 6.46
N VAL E 24 -71.41 28.08 7.12
CA VAL E 24 -71.77 29.28 6.38
C VAL E 24 -70.53 29.88 5.71
N PHE E 25 -69.39 29.81 6.38
CA PHE E 25 -68.15 30.28 5.79
C PHE E 25 -67.75 29.44 4.59
N SER E 26 -68.05 28.14 4.62
CA SER E 26 -67.58 27.24 3.57
C SER E 26 -68.38 27.41 2.29
N LYS E 27 -69.69 27.16 2.34
CA LYS E 27 -70.52 27.21 1.15
C LYS E 27 -71.43 28.43 1.09
N ASP E 28 -71.46 29.27 2.13
CA ASP E 28 -72.30 30.46 2.16
C ASP E 28 -73.77 30.10 1.95
N GLN E 29 -74.17 28.93 2.43
CA GLN E 29 -75.56 28.46 2.31
C GLN E 29 -75.95 27.83 3.63
N PHE E 30 -76.91 28.45 4.32
CA PHE E 30 -77.33 27.95 5.63
C PHE E 30 -78.07 26.62 5.46
N PRO E 31 -77.60 25.54 6.11
CA PRO E 31 -78.35 24.28 6.05
C PRO E 31 -79.54 24.31 6.99
N GLU E 32 -80.74 24.27 6.40
CA GLU E 32 -81.98 24.38 7.16
C GLU E 32 -82.55 23.03 7.59
N VAL E 33 -81.94 21.91 7.17
CA VAL E 33 -82.46 20.58 7.42
C VAL E 33 -81.45 19.72 8.17
N TYR E 34 -80.21 19.66 7.69
CA TYR E 34 -79.22 18.73 8.20
C TYR E 34 -77.95 19.49 8.55
N VAL E 35 -77.47 19.29 9.78
CA VAL E 35 -76.23 19.89 10.25
C VAL E 35 -75.38 18.77 10.85
N PRO E 36 -74.24 18.42 10.26
CA PRO E 36 -73.39 17.39 10.87
C PRO E 36 -72.86 17.85 12.22
N THR E 37 -72.57 16.88 13.07
CA THR E 37 -72.01 17.19 14.38
C THR E 37 -70.67 17.90 14.25
N VAL E 38 -69.94 17.64 13.17
CA VAL E 38 -68.62 18.22 12.95
C VAL E 38 -68.41 18.43 11.46
N PHE E 39 -67.71 19.51 11.12
CA PHE E 39 -67.34 19.84 9.75
C PHE E 39 -65.82 19.68 9.62
N GLU E 40 -65.37 18.60 9.00
CA GLU E 40 -63.95 18.36 8.96
C GLU E 40 -63.39 18.20 7.56
N ASN E 41 -62.07 18.23 7.49
CA ASN E 41 -61.30 18.05 6.25
C ASN E 41 -61.77 18.99 5.16
N TYR E 42 -61.75 20.29 5.46
CA TYR E 42 -62.02 21.31 4.47
C TYR E 42 -60.94 22.38 4.53
N VAL E 43 -60.53 22.87 3.37
CA VAL E 43 -59.56 23.96 3.26
C VAL E 43 -60.18 25.05 2.40
N ALA E 44 -60.16 26.29 2.88
CA ALA E 44 -60.76 27.42 2.20
C ALA E 44 -59.70 28.42 1.78
N ASP E 45 -59.93 29.07 0.65
CA ASP E 45 -59.01 30.05 0.09
C ASP E 45 -59.46 31.45 0.48
N ILE E 46 -58.55 32.23 1.05
CA ILE E 46 -58.85 33.57 1.52
C ILE E 46 -57.65 34.46 1.25
N GLU E 47 -57.90 35.69 0.83
CA GLU E 47 -56.88 36.71 0.63
C GLU E 47 -57.24 37.93 1.47
N VAL E 48 -56.27 38.43 2.24
CA VAL E 48 -56.52 39.55 3.15
C VAL E 48 -55.70 40.76 2.72
N ASP E 49 -54.37 40.61 2.65
CA ASP E 49 -53.48 41.71 2.26
C ASP E 49 -52.40 41.13 1.35
N GLY E 50 -52.67 41.11 0.05
CA GLY E 50 -51.69 40.69 -0.93
C GLY E 50 -51.20 39.26 -0.78
N LYS E 51 -51.74 38.52 0.18
CA LYS E 51 -51.32 37.15 0.46
C LYS E 51 -52.51 36.21 0.27
N GLN E 52 -52.24 35.04 -0.31
CA GLN E 52 -53.26 34.01 -0.51
C GLN E 52 -53.00 32.90 0.50
N VAL E 53 -54.01 32.58 1.30
CA VAL E 53 -53.88 31.65 2.42
C VAL E 53 -54.92 30.55 2.29
N GLU E 54 -54.49 29.30 2.35
CA GLU E 54 -55.39 28.16 2.44
C GLU E 54 -55.60 27.85 3.92
N LEU E 55 -56.83 28.02 4.40
CA LEU E 55 -57.16 27.84 5.81
C LEU E 55 -57.81 26.48 6.00
N ALA E 56 -57.15 25.62 6.77
CA ALA E 56 -57.68 24.30 7.07
C ALA E 56 -58.50 24.37 8.36
N LEU E 57 -59.81 24.14 8.24
CA LEU E 57 -60.74 24.35 9.34
C LEU E 57 -61.02 23.03 10.03
N TRP E 58 -60.54 22.90 11.27
CA TRP E 58 -60.90 21.77 12.11
C TRP E 58 -62.05 22.16 13.02
N ASP E 59 -62.77 21.15 13.50
CA ASP E 59 -63.94 21.38 14.34
C ASP E 59 -63.95 20.35 15.47
N THR E 60 -64.27 20.81 16.68
CA THR E 60 -64.27 19.96 17.87
C THR E 60 -65.65 19.99 18.51
N ALA E 61 -66.20 18.79 18.76
CA ALA E 61 -67.44 18.63 19.49
C ALA E 61 -67.20 17.69 20.67
N GLY E 62 -68.09 17.77 21.65
CA GLY E 62 -67.95 16.93 22.84
C GLY E 62 -69.22 16.22 23.27
N GLN E 63 -70.16 16.03 22.35
CA GLN E 63 -71.43 15.42 22.73
C GLN E 63 -71.24 13.99 23.21
N GLU E 64 -70.50 13.18 22.45
CA GLU E 64 -70.38 11.76 22.75
C GLU E 64 -69.13 11.22 22.07
N ASP E 65 -68.13 10.86 22.87
CA ASP E 65 -66.90 10.18 22.44
C ASP E 65 -65.94 11.11 21.69
N TYR E 66 -66.39 12.29 21.25
CA TYR E 66 -65.47 13.21 20.60
C TYR E 66 -64.53 13.87 21.59
N ASP E 67 -64.97 14.01 22.86
CA ASP E 67 -64.12 14.62 23.86
C ASP E 67 -62.85 13.82 24.09
N ARG E 68 -62.93 12.49 23.99
CA ARG E 68 -61.75 11.66 24.17
C ARG E 68 -60.73 11.90 23.06
N LEU E 69 -61.20 12.15 21.83
CA LEU E 69 -60.32 12.38 20.69
C LEU E 69 -60.04 13.85 20.44
N ARG E 70 -60.66 14.75 21.19
CA ARG E 70 -60.45 16.18 20.94
C ARG E 70 -59.00 16.59 21.07
N PRO E 71 -58.24 16.15 22.07
CA PRO E 71 -56.88 16.67 22.25
C PRO E 71 -55.99 16.53 21.02
N LEU E 72 -56.13 15.47 20.23
CA LEU E 72 -55.22 15.23 19.11
C LEU E 72 -55.55 16.06 17.88
N SER E 73 -56.47 17.02 17.99
CA SER E 73 -56.67 18.02 16.94
C SER E 73 -55.91 19.30 17.21
N TYR E 74 -55.43 19.48 18.45
CA TYR E 74 -54.70 20.66 18.87
C TYR E 74 -53.30 20.77 18.28
N PRO E 75 -52.56 19.68 18.06
CA PRO E 75 -51.17 19.85 17.64
C PRO E 75 -51.07 20.57 16.31
N ASP E 76 -50.00 21.35 16.16
CA ASP E 76 -49.74 22.13 14.95
C ASP E 76 -50.93 23.04 14.62
N THR E 77 -51.48 23.66 15.66
CA THR E 77 -52.57 24.62 15.48
C THR E 77 -52.00 26.02 15.34
N ASP E 78 -52.48 26.77 14.36
CA ASP E 78 -51.98 28.11 14.08
C ASP E 78 -52.85 29.22 14.65
N VAL E 79 -54.16 29.00 14.76
CA VAL E 79 -55.06 30.03 15.27
C VAL E 79 -56.30 29.35 15.81
N ILE E 80 -56.91 29.95 16.83
CA ILE E 80 -58.06 29.36 17.50
C ILE E 80 -59.19 30.39 17.56
N LEU E 81 -60.41 29.92 17.29
CA LEU E 81 -61.61 30.72 17.50
C LEU E 81 -62.35 30.12 18.69
N MET E 82 -62.20 30.75 19.86
CA MET E 82 -62.96 30.35 21.02
C MET E 82 -64.35 30.98 20.91
N CYS E 83 -65.37 30.13 20.81
CA CYS E 83 -66.73 30.57 20.50
C CYS E 83 -67.67 30.30 21.66
N PHE E 84 -68.64 31.18 21.83
CA PHE E 84 -69.72 30.99 22.78
C PHE E 84 -70.97 31.63 22.21
N SER E 85 -72.09 31.42 22.92
CA SER E 85 -73.39 31.89 22.45
C SER E 85 -73.78 33.16 23.18
N ILE E 86 -74.22 34.16 22.41
CA ILE E 86 -74.73 35.38 23.01
C ILE E 86 -76.08 35.13 23.67
N ASP E 87 -76.91 34.27 23.09
CA ASP E 87 -78.24 33.97 23.60
C ASP E 87 -78.21 32.91 24.70
N SER E 88 -77.05 32.62 25.27
CA SER E 88 -76.93 31.62 26.35
C SER E 88 -75.84 32.09 27.30
N PRO E 89 -76.20 32.79 28.37
CA PRO E 89 -75.17 33.32 29.27
C PRO E 89 -74.33 32.25 29.93
N ASP E 90 -74.84 31.02 30.05
CA ASP E 90 -74.09 29.96 30.72
C ASP E 90 -72.77 29.68 30.02
N SER E 91 -72.68 29.95 28.72
CA SER E 91 -71.47 29.65 27.98
C SER E 91 -70.30 30.52 28.41
N LEU E 92 -70.57 31.79 28.77
CA LEU E 92 -69.48 32.74 28.99
C LEU E 92 -68.63 32.34 30.19
N GLU E 93 -69.25 32.07 31.33
CA GLU E 93 -68.48 31.87 32.56
C GLU E 93 -67.65 30.60 32.54
N ASN E 94 -68.02 29.63 31.70
CA ASN E 94 -67.25 28.40 31.62
C ASN E 94 -65.98 28.56 30.80
N ILE E 95 -65.91 29.60 29.94
CA ILE E 95 -64.69 29.81 29.16
C ILE E 95 -63.47 29.97 30.04
N PRO E 96 -63.42 30.93 30.98
CA PRO E 96 -62.25 31.01 31.87
C PRO E 96 -62.07 29.79 32.73
N GLU E 97 -63.15 29.08 33.04
CA GLU E 97 -63.09 28.01 34.03
C GLU E 97 -62.47 26.75 33.44
N LYS E 98 -62.97 26.29 32.30
CA LYS E 98 -62.58 25.00 31.75
C LYS E 98 -61.94 25.09 30.36
N TRP E 99 -62.49 25.89 29.45
CA TRP E 99 -61.99 25.91 28.09
C TRP E 99 -60.57 26.46 28.03
N THR E 100 -60.30 27.56 28.74
CA THR E 100 -58.99 28.19 28.65
C THR E 100 -57.86 27.28 29.10
N PRO E 101 -57.92 26.65 30.28
CA PRO E 101 -56.77 25.83 30.71
C PRO E 101 -56.43 24.71 29.75
N GLU E 102 -57.42 24.06 29.15
CA GLU E 102 -57.13 22.99 28.20
C GLU E 102 -56.41 23.54 26.96
N VAL E 103 -56.87 24.68 26.45
CA VAL E 103 -56.22 25.28 25.28
C VAL E 103 -54.78 25.63 25.60
N LYS E 104 -54.56 26.26 26.76
CA LYS E 104 -53.20 26.61 27.15
C LYS E 104 -52.34 25.37 27.37
N HIS E 105 -52.92 24.33 27.98
CA HIS E 105 -52.15 23.13 28.28
C HIS E 105 -51.61 22.47 27.02
N PHE E 106 -52.50 22.20 26.05
CA PHE E 106 -52.09 21.43 24.87
C PHE E 106 -51.34 22.28 23.86
N CYS E 107 -51.74 23.54 23.67
CA CYS E 107 -51.13 24.40 22.66
C CYS E 107 -51.04 25.81 23.20
N PRO E 108 -49.92 26.15 23.84
CA PRO E 108 -49.72 27.52 24.33
C PRO E 108 -49.11 28.42 23.25
N ASN E 109 -49.04 29.70 23.57
CA ASN E 109 -48.45 30.69 22.67
C ASN E 109 -49.12 30.67 21.31
N VAL E 110 -50.45 30.54 21.31
CA VAL E 110 -51.23 30.51 20.07
C VAL E 110 -52.23 31.65 20.10
N PRO E 111 -52.47 32.33 18.99
CA PRO E 111 -53.49 33.40 18.98
C PRO E 111 -54.88 32.83 19.21
N ILE E 112 -55.71 33.63 19.88
CA ILE E 112 -57.06 33.23 20.23
C ILE E 112 -58.00 34.39 19.97
N ILE E 113 -59.13 34.11 19.31
CA ILE E 113 -60.16 35.10 19.04
C ILE E 113 -61.43 34.65 19.75
N LEU E 114 -61.88 35.46 20.71
CA LEU E 114 -63.10 35.17 21.45
C LEU E 114 -64.28 35.81 20.74
N VAL E 115 -65.28 35.00 20.36
CA VAL E 115 -66.39 35.45 19.54
C VAL E 115 -67.70 35.01 20.19
N GLY E 116 -68.73 35.84 20.00
CA GLY E 116 -70.07 35.51 20.42
C GLY E 116 -71.01 35.45 19.24
N ASN E 117 -71.73 34.34 19.09
CA ASN E 117 -72.49 34.05 17.89
C ASN E 117 -73.96 34.43 18.06
N LYS E 118 -74.64 34.53 16.91
CA LYS E 118 -76.09 34.73 16.86
C LYS E 118 -76.48 36.02 17.57
N LYS E 119 -75.98 37.13 17.03
CA LYS E 119 -76.34 38.44 17.56
C LYS E 119 -77.83 38.69 17.42
N ASP E 120 -78.49 38.02 16.47
CA ASP E 120 -79.92 38.24 16.27
C ASP E 120 -80.74 37.81 17.47
N LEU E 121 -80.35 36.72 18.14
CA LEU E 121 -81.18 36.13 19.17
C LEU E 121 -81.22 36.95 20.46
N ARG E 122 -80.26 37.86 20.68
CA ARG E 122 -80.28 38.64 21.91
C ARG E 122 -81.50 39.56 21.97
N ASN E 123 -81.95 40.05 20.81
CA ASN E 123 -83.14 40.89 20.74
C ASN E 123 -84.42 40.09 20.51
N ASP E 124 -84.32 38.78 20.32
CA ASP E 124 -85.50 37.97 20.07
C ASP E 124 -86.38 37.94 21.32
N GLU E 125 -87.70 38.06 21.10
CA GLU E 125 -88.63 38.09 22.22
C GLU E 125 -88.62 36.76 22.98
N HIS E 126 -88.58 35.65 22.26
CA HIS E 126 -88.64 34.35 22.92
C HIS E 126 -87.43 34.14 23.83
N THR E 127 -86.24 34.40 23.31
CA THR E 127 -85.04 34.24 24.12
C THR E 127 -85.02 35.22 25.28
N ARG E 128 -85.43 36.47 25.03
CA ARG E 128 -85.47 37.46 26.10
C ARG E 128 -86.42 37.04 27.21
N ARG E 129 -87.59 36.54 26.83
CA ARG E 129 -88.54 36.06 27.85
C ARG E 129 -87.98 34.87 28.61
N GLU E 130 -87.33 33.94 27.91
CA GLU E 130 -86.79 32.76 28.57
C GLU E 130 -85.72 33.14 29.59
N LEU E 131 -84.81 34.04 29.21
CA LEU E 131 -83.78 34.48 30.13
C LEU E 131 -84.37 35.25 31.30
N ALA E 132 -85.38 36.09 31.04
CA ALA E 132 -86.03 36.84 32.10
C ALA E 132 -86.75 35.92 33.08
N LYS E 133 -87.13 34.72 32.65
CA LYS E 133 -87.77 33.77 33.56
C LYS E 133 -86.85 33.43 34.72
N MET E 134 -85.52 33.46 34.50
CA MET E 134 -84.54 33.20 35.54
C MET E 134 -83.84 34.47 36.00
N LYS E 135 -84.44 35.63 35.75
CA LYS E 135 -83.83 36.92 36.12
C LYS E 135 -82.48 37.08 35.46
N GLN E 136 -82.38 36.66 34.20
CA GLN E 136 -81.16 36.75 33.41
C GLN E 136 -81.40 37.63 32.19
N GLU E 137 -80.31 37.97 31.51
CA GLU E 137 -80.35 38.80 30.31
C GLU E 137 -79.33 38.26 29.32
N PRO E 138 -79.48 38.58 28.04
CA PRO E 138 -78.49 38.13 27.05
C PRO E 138 -77.12 38.71 27.35
N VAL E 139 -76.09 37.99 26.93
CA VAL E 139 -74.72 38.42 27.17
C VAL E 139 -74.53 39.80 26.57
N LYS E 140 -74.24 40.79 27.42
CA LYS E 140 -74.06 42.15 26.94
C LYS E 140 -72.72 42.28 26.21
N PRO E 141 -72.65 43.14 25.19
CA PRO E 141 -71.35 43.35 24.52
C PRO E 141 -70.26 43.82 25.45
N GLU E 142 -70.59 44.60 26.48
CA GLU E 142 -69.58 45.05 27.42
C GLU E 142 -68.92 43.87 28.12
N GLU E 143 -69.72 42.88 28.52
CA GLU E 143 -69.14 41.70 29.18
C GLU E 143 -68.19 40.97 28.24
N GLY E 144 -68.56 40.84 26.96
CA GLY E 144 -67.67 40.21 26.00
C GLY E 144 -66.39 40.99 25.83
N ARG E 145 -66.49 42.32 25.74
CA ARG E 145 -65.29 43.15 25.65
C ARG E 145 -64.40 42.97 26.87
N ASP E 146 -65.00 42.97 28.06
CA ASP E 146 -64.22 42.76 29.28
C ASP E 146 -63.57 41.38 29.29
N MET E 147 -64.31 40.36 28.87
CA MET E 147 -63.76 39.01 28.83
C MET E 147 -62.59 38.93 27.87
N ALA E 148 -62.72 39.56 26.69
CA ALA E 148 -61.64 39.50 25.70
C ALA E 148 -60.35 40.06 26.27
N ASN E 149 -60.42 41.21 26.95
CA ASN E 149 -59.24 41.76 27.60
C ASN E 149 -58.80 40.91 28.78
N ARG E 150 -59.76 40.27 29.46
CA ARG E 150 -59.42 39.52 30.67
C ARG E 150 -58.53 38.33 30.36
N ILE E 151 -58.84 37.59 29.29
CA ILE E 151 -58.14 36.34 29.00
C ILE E 151 -57.20 36.49 27.80
N GLY E 152 -56.80 37.72 27.47
CA GLY E 152 -55.78 37.91 26.46
C GLY E 152 -56.23 37.67 25.04
N ALA E 153 -57.51 37.82 24.75
CA ALA E 153 -58.01 37.55 23.41
C ALA E 153 -57.34 38.46 22.39
N PHE E 154 -57.09 37.91 21.20
CA PHE E 154 -56.54 38.71 20.11
C PHE E 154 -57.57 39.70 19.58
N GLY E 155 -58.84 39.30 19.53
CA GLY E 155 -59.89 40.17 19.03
C GLY E 155 -61.24 39.60 19.37
N TYR E 156 -62.24 40.47 19.39
CA TYR E 156 -63.59 40.12 19.79
C TYR E 156 -64.57 40.65 18.75
N MET E 157 -65.31 39.74 18.12
CA MET E 157 -66.33 40.08 17.14
C MET E 157 -67.60 39.30 17.46
N GLU E 158 -68.61 39.49 16.63
CA GLU E 158 -69.88 38.79 16.76
C GLU E 158 -70.30 38.27 15.40
N CYS E 159 -70.92 37.08 15.39
CA CYS E 159 -71.32 36.42 14.15
C CYS E 159 -72.82 36.17 14.15
N SER E 160 -73.34 35.92 12.95
CA SER E 160 -74.75 35.59 12.78
C SER E 160 -74.85 34.69 11.55
N ALA E 161 -74.92 33.37 11.80
CA ALA E 161 -74.94 32.42 10.70
C ALA E 161 -76.18 32.57 9.85
N LYS E 162 -77.33 32.83 10.48
CA LYS E 162 -78.57 32.95 9.73
C LYS E 162 -78.52 34.10 8.73
N THR E 163 -77.99 35.24 9.16
CA THR E 163 -77.91 36.44 8.32
C THR E 163 -76.55 36.61 7.67
N LYS E 164 -75.60 35.73 7.91
CA LYS E 164 -74.28 35.81 7.30
C LYS E 164 -73.64 37.18 7.57
N ASP E 165 -73.74 37.63 8.82
CA ASP E 165 -73.26 38.93 9.23
C ASP E 165 -71.91 38.79 9.91
N GLY E 166 -70.88 39.43 9.35
CA GLY E 166 -69.58 39.50 9.99
C GLY E 166 -68.72 38.27 9.88
N VAL E 167 -69.17 37.24 9.15
CA VAL E 167 -68.37 36.02 9.05
C VAL E 167 -67.08 36.29 8.29
N ARG E 168 -67.17 36.98 7.15
CA ARG E 168 -65.98 37.22 6.34
C ARG E 168 -64.94 38.00 7.12
N GLU E 169 -65.36 39.07 7.81
CA GLU E 169 -64.43 39.86 8.57
C GLU E 169 -63.83 39.07 9.73
N VAL E 170 -64.65 38.25 10.40
CA VAL E 170 -64.18 37.50 11.56
C VAL E 170 -63.06 36.56 11.16
N PHE E 171 -63.29 35.75 10.11
CA PHE E 171 -62.25 34.84 9.65
C PHE E 171 -61.10 35.59 9.01
N GLU E 172 -61.37 36.77 8.42
CA GLU E 172 -60.30 37.59 7.86
C GLU E 172 -59.33 38.00 8.96
N MET E 173 -59.85 38.47 10.09
CA MET E 173 -58.99 38.79 11.22
C MET E 173 -58.34 37.54 11.79
N ALA E 174 -59.05 36.40 11.75
CA ALA E 174 -58.49 35.17 12.27
C ALA E 174 -57.22 34.77 11.53
N THR E 175 -57.26 34.83 10.19
CA THR E 175 -56.07 34.49 9.42
C THR E 175 -55.00 35.57 9.53
N ARG E 176 -55.40 36.83 9.65
CA ARG E 176 -54.42 37.88 9.87
C ARG E 176 -53.65 37.64 11.16
N ALA E 177 -54.35 37.27 12.22
CA ALA E 177 -53.67 36.91 13.46
C ALA E 177 -52.80 35.68 13.27
N ALA E 178 -53.29 34.71 12.49
CA ALA E 178 -52.53 33.48 12.29
C ALA E 178 -51.20 33.76 11.61
N LEU E 179 -51.19 34.68 10.64
CA LEU E 179 -49.98 34.93 9.87
C LEU E 179 -48.85 35.49 10.72
N GLN E 180 -49.15 36.16 11.82
CA GLN E 180 -48.10 36.61 12.72
C GLN E 180 -47.43 35.40 13.35
N ALA E 181 -46.10 35.36 13.30
CA ALA E 181 -45.33 34.26 13.85
C ALA E 181 -44.88 34.58 15.28
N ARG E 182 -45.84 34.91 16.14
CA ARG E 182 -45.56 35.10 17.56
C ARG E 182 -44.42 36.09 17.75
N ARG E 183 -43.76 36.06 18.91
CA ARG E 183 -42.59 36.90 19.18
C ARG E 183 -41.50 36.01 19.75
N GLY E 184 -40.71 35.38 18.86
CA GLY E 184 -39.53 34.67 19.31
C GLY E 184 -39.84 33.70 20.41
N LYS E 185 -39.13 33.84 21.53
CA LYS E 185 -39.36 33.04 22.72
C LYS E 185 -39.23 33.94 23.94
N LYS E 186 -39.74 33.47 25.08
CA LYS E 186 -39.62 34.15 26.35
C LYS E 186 -38.83 33.29 27.33
N LYS E 187 -37.87 33.89 28.01
CA LYS E 187 -37.10 33.22 29.07
C LYS E 187 -36.51 31.91 28.55
N SER E 188 -36.00 31.93 27.33
CA SER E 188 -35.43 30.73 26.72
C SER E 188 -34.20 30.28 27.50
N GLY E 189 -34.02 28.96 27.56
CA GLY E 189 -32.86 28.42 28.22
C GLY E 189 -31.58 28.66 27.45
N CYS E 190 -30.46 28.56 28.16
CA CYS E 190 -29.15 28.79 27.56
C CYS E 190 -28.59 27.52 26.95
N ASN F 150 39.63 -14.36 -56.10
CA ASN F 150 40.40 -14.27 -54.86
C ASN F 150 39.48 -14.42 -53.66
N ARG F 151 40.09 -14.57 -52.48
CA ARG F 151 39.33 -14.82 -51.26
C ARG F 151 38.21 -13.81 -51.04
N PRO F 152 38.44 -12.50 -51.15
CA PRO F 152 37.31 -11.57 -51.01
C PRO F 152 36.20 -11.81 -52.01
N ILE F 153 36.54 -12.16 -53.25
CA ILE F 153 35.52 -12.42 -54.25
C ILE F 153 34.67 -13.62 -53.85
N LEU F 154 35.32 -14.69 -53.39
CA LEU F 154 34.58 -15.86 -52.93
C LEU F 154 33.70 -15.52 -51.74
N PHE F 155 34.23 -14.73 -50.81
CA PHE F 155 33.44 -14.34 -49.65
C PHE F 155 32.20 -13.54 -50.06
N ASP F 156 32.36 -12.62 -51.01
CA ASP F 156 31.20 -11.86 -51.48
C ASP F 156 30.19 -12.76 -52.17
N ILE F 157 30.69 -13.68 -53.02
CA ILE F 157 29.80 -14.60 -53.72
C ILE F 157 28.99 -15.41 -52.71
N VAL F 158 29.67 -15.93 -51.69
CA VAL F 158 28.99 -16.68 -50.65
C VAL F 158 28.01 -15.78 -49.91
N SER F 159 28.36 -14.51 -49.72
CA SER F 159 27.47 -13.59 -49.02
C SER F 159 26.16 -13.41 -49.80
N ARG F 160 26.25 -13.29 -51.12
CA ARG F 160 25.04 -13.09 -51.90
C ARG F 160 24.17 -14.33 -51.92
N GLY F 161 24.77 -15.51 -52.03
CA GLY F 161 24.04 -16.74 -52.16
C GLY F 161 23.83 -17.19 -53.59
N SER F 162 24.53 -16.61 -54.55
CA SER F 162 24.34 -16.90 -55.96
C SER F 162 25.18 -18.12 -56.33
N THR F 163 24.51 -19.24 -56.64
CA THR F 163 25.23 -20.45 -57.03
C THR F 163 25.90 -20.30 -58.39
N ALA F 164 25.30 -19.52 -59.28
CA ALA F 164 25.86 -19.38 -60.62
C ALA F 164 27.26 -18.78 -60.59
N ASP F 165 27.52 -17.84 -59.67
CA ASP F 165 28.82 -17.20 -59.63
C ASP F 165 29.92 -18.15 -59.19
N LEU F 166 29.58 -19.21 -58.47
CA LEU F 166 30.55 -20.21 -58.07
C LEU F 166 30.97 -21.11 -59.22
N ASP F 167 30.31 -21.01 -60.38
CA ASP F 167 30.63 -21.87 -61.50
C ASP F 167 32.10 -21.72 -61.89
N GLY F 168 32.76 -22.83 -62.14
CA GLY F 168 34.16 -22.84 -62.49
C GLY F 168 35.11 -22.88 -61.31
N LEU F 169 34.59 -22.85 -60.09
CA LEU F 169 35.47 -22.88 -58.91
C LEU F 169 36.25 -24.19 -58.84
N LEU F 170 35.57 -25.32 -59.01
CA LEU F 170 36.23 -26.61 -58.90
C LEU F 170 37.36 -26.76 -59.91
N PRO F 171 37.18 -26.42 -61.19
CA PRO F 171 38.34 -26.44 -62.11
C PRO F 171 39.50 -25.60 -61.62
N PHE F 172 39.24 -24.41 -61.09
CA PHE F 172 40.32 -23.57 -60.60
C PHE F 172 41.06 -24.25 -59.46
N LEU F 173 40.31 -24.80 -58.49
CA LEU F 173 40.95 -25.43 -57.34
C LEU F 173 41.76 -26.64 -57.76
N LEU F 174 41.21 -27.48 -58.64
CA LEU F 174 41.94 -28.68 -59.05
C LEU F 174 43.17 -28.31 -59.87
N THR F 175 43.07 -27.28 -60.70
CA THR F 175 44.23 -26.82 -61.47
C THR F 175 45.33 -26.31 -60.54
N HIS F 176 44.95 -25.56 -59.50
CA HIS F 176 45.92 -25.03 -58.55
C HIS F 176 46.20 -25.98 -57.40
N LYS F 177 45.48 -27.08 -57.29
CA LYS F 177 45.66 -28.03 -56.19
C LYS F 177 45.51 -27.33 -54.84
N LYS F 178 44.55 -26.42 -54.77
CA LYS F 178 44.23 -25.72 -53.52
C LYS F 178 43.06 -26.39 -52.83
N ARG F 179 42.98 -26.18 -51.52
CA ARG F 179 41.89 -26.72 -50.72
C ARG F 179 41.11 -25.56 -50.11
N LEU F 180 39.82 -25.81 -49.87
CA LEU F 180 38.98 -24.78 -49.26
C LEU F 180 39.37 -24.51 -47.82
N THR F 181 40.18 -25.39 -47.21
CA THR F 181 40.67 -25.20 -45.86
C THR F 181 42.06 -24.60 -45.82
N ASP F 182 42.60 -24.19 -46.96
CA ASP F 182 43.93 -23.61 -46.99
C ASP F 182 43.94 -22.25 -46.31
N GLU F 183 45.14 -21.84 -45.89
CA GLU F 183 45.26 -20.58 -45.15
C GLU F 183 44.80 -19.39 -46.00
N GLU F 184 45.15 -19.38 -47.28
CA GLU F 184 44.81 -18.25 -48.13
C GLU F 184 43.31 -17.99 -48.14
N PHE F 185 42.52 -19.06 -48.32
CA PHE F 185 41.07 -18.90 -48.37
C PHE F 185 40.50 -18.58 -47.00
N ARG F 186 41.12 -19.10 -45.96
CA ARG F 186 40.66 -18.83 -44.59
C ARG F 186 41.01 -17.40 -44.21
N GLU F 187 40.20 -16.78 -43.36
CA GLU F 187 40.46 -15.42 -42.92
C GLU F 187 41.52 -15.42 -41.82
N PRO F 188 42.64 -14.71 -42.00
CA PRO F 188 43.72 -14.79 -40.99
C PRO F 188 43.28 -14.41 -39.59
N SER F 189 42.37 -13.44 -39.45
CA SER F 189 42.05 -12.93 -38.12
C SER F 189 41.49 -14.03 -37.23
N THR F 190 40.59 -14.87 -37.76
CA THR F 190 39.93 -15.89 -36.96
C THR F 190 40.00 -17.29 -37.57
N GLY F 191 40.61 -17.47 -38.73
CA GLY F 191 40.61 -18.76 -39.39
C GLY F 191 39.30 -19.10 -40.05
N LYS F 192 38.40 -18.14 -40.18
CA LYS F 192 37.07 -18.40 -40.72
C LYS F 192 37.17 -18.99 -42.12
N THR F 193 36.33 -19.98 -42.40
CA THR F 193 36.28 -20.63 -43.70
C THR F 193 35.05 -20.16 -44.48
N CYS F 194 34.93 -20.66 -45.71
CA CYS F 194 33.82 -20.26 -46.57
C CYS F 194 32.47 -20.68 -45.99
N LEU F 195 32.38 -21.91 -45.50
CA LEU F 195 31.08 -22.42 -45.06
C LEU F 195 30.49 -21.62 -43.91
N PRO F 196 31.24 -21.22 -42.88
CA PRO F 196 30.66 -20.33 -41.86
C PRO F 196 30.10 -19.04 -42.46
N LYS F 197 30.82 -18.45 -43.42
CA LYS F 197 30.33 -17.23 -44.07
C LYS F 197 29.02 -17.50 -44.79
N ALA F 198 28.92 -18.65 -45.48
CA ALA F 198 27.67 -19.00 -46.14
C ALA F 198 26.55 -19.15 -45.13
N LEU F 199 26.83 -19.81 -44.01
CA LEU F 199 25.79 -20.07 -43.02
C LEU F 199 25.30 -18.78 -42.37
N LEU F 200 26.19 -17.82 -42.16
CA LEU F 200 25.79 -16.59 -41.48
C LEU F 200 24.85 -15.73 -42.32
N ASN F 201 24.82 -15.92 -43.64
CA ASN F 201 23.94 -15.17 -44.51
C ASN F 201 22.91 -16.11 -45.11
N LEU F 202 21.63 -15.75 -45.00
CA LEU F 202 20.55 -16.59 -45.50
C LEU F 202 19.40 -15.70 -45.94
N SER F 203 18.79 -16.05 -47.07
CA SER F 203 17.67 -15.31 -47.63
C SER F 203 16.40 -16.09 -47.32
N ASN F 204 15.59 -15.58 -46.41
CA ASN F 204 14.39 -16.27 -45.96
C ASN F 204 14.73 -17.67 -45.48
N GLY F 205 15.87 -17.80 -44.82
CA GLY F 205 16.34 -19.09 -44.34
C GLY F 205 16.62 -20.06 -45.47
N ARG F 206 17.30 -19.61 -46.52
CA ARG F 206 17.59 -20.45 -47.67
C ARG F 206 18.84 -19.92 -48.34
N ASN F 207 19.87 -20.77 -48.46
CA ASN F 207 21.12 -20.42 -49.14
C ASN F 207 21.48 -21.53 -50.11
N ASP F 208 21.62 -21.18 -51.39
CA ASP F 208 21.84 -22.19 -52.43
C ASP F 208 23.30 -22.60 -52.58
N THR F 209 24.25 -21.85 -51.99
CA THR F 209 25.65 -22.18 -52.19
C THR F 209 26.05 -23.43 -51.42
N ILE F 210 25.42 -23.68 -50.27
CA ILE F 210 25.87 -24.75 -49.37
C ILE F 210 26.05 -26.07 -50.10
N PRO F 211 25.08 -26.56 -50.87
CA PRO F 211 25.29 -27.87 -51.54
C PRO F 211 26.44 -27.85 -52.51
N VAL F 212 26.65 -26.76 -53.24
CA VAL F 212 27.77 -26.70 -54.18
C VAL F 212 29.10 -26.71 -53.42
N LEU F 213 29.17 -25.94 -52.33
CA LEU F 213 30.38 -25.96 -51.51
C LEU F 213 30.68 -27.36 -51.02
N LEU F 214 29.65 -28.05 -50.50
CA LEU F 214 29.85 -29.41 -50.01
C LEU F 214 30.28 -30.35 -51.12
N ASP F 215 29.68 -30.20 -52.31
CA ASP F 215 30.03 -31.05 -53.44
C ASP F 215 31.48 -30.88 -53.83
N ILE F 216 31.94 -29.63 -53.94
CA ILE F 216 33.33 -29.40 -54.34
C ILE F 216 34.27 -29.86 -53.23
N ALA F 217 33.88 -29.68 -51.97
CA ALA F 217 34.72 -30.14 -50.86
C ALA F 217 34.87 -31.67 -50.90
N GLU F 218 33.79 -32.37 -51.24
CA GLU F 218 33.90 -33.81 -51.41
C GLU F 218 34.71 -34.17 -52.64
N ARG F 219 34.62 -33.38 -53.70
CA ARG F 219 35.39 -33.66 -54.91
C ARG F 219 36.88 -33.57 -54.65
N THR F 220 37.32 -32.52 -53.95
CA THR F 220 38.74 -32.35 -53.68
C THR F 220 39.25 -33.35 -52.65
N GLY F 221 38.36 -33.92 -51.85
CA GLY F 221 38.77 -34.90 -50.84
C GLY F 221 39.16 -34.31 -49.51
N ASN F 222 38.76 -33.08 -49.20
CA ASN F 222 39.05 -32.44 -47.93
C ASN F 222 37.79 -32.15 -47.14
N MET F 223 36.74 -32.94 -47.34
CA MET F 223 35.47 -32.66 -46.66
C MET F 223 35.61 -32.71 -45.15
N ARG F 224 36.34 -33.70 -44.63
CA ARG F 224 36.52 -33.78 -43.18
C ARG F 224 37.14 -32.50 -42.63
N GLU F 225 38.26 -32.08 -43.22
CA GLU F 225 38.89 -30.84 -42.80
C GLU F 225 37.98 -29.65 -43.06
N PHE F 226 37.20 -29.71 -44.15
CA PHE F 226 36.35 -28.58 -44.52
C PHE F 226 35.27 -28.34 -43.48
N ILE F 227 34.64 -29.41 -42.99
CA ILE F 227 33.53 -29.27 -42.06
C ILE F 227 34.01 -29.19 -40.61
N ASN F 228 35.17 -29.74 -40.28
CA ASN F 228 35.66 -29.74 -38.92
C ASN F 228 36.59 -28.57 -38.61
N SER F 229 36.85 -27.69 -39.58
CA SER F 229 37.80 -26.62 -39.35
C SER F 229 37.29 -25.69 -38.25
N PRO F 230 38.00 -25.52 -37.14
CA PRO F 230 37.52 -24.63 -36.08
C PRO F 230 38.08 -23.23 -36.20
N PHE F 231 37.42 -22.27 -35.57
CA PHE F 231 37.99 -20.94 -35.42
C PHE F 231 39.11 -20.97 -34.38
N ARG F 232 40.15 -20.17 -34.59
CA ARG F 232 41.26 -20.12 -33.65
C ARG F 232 41.33 -18.83 -32.82
N ASP F 233 40.52 -17.82 -33.16
CA ASP F 233 40.51 -16.61 -32.35
C ASP F 233 40.04 -16.92 -30.93
N ILE F 234 40.67 -16.27 -29.95
CA ILE F 234 40.24 -16.45 -28.56
C ILE F 234 38.78 -16.04 -28.41
N TYR F 235 38.37 -14.97 -29.09
CA TYR F 235 37.01 -14.47 -28.95
C TYR F 235 35.99 -15.50 -29.43
N TYR F 236 36.30 -16.21 -30.52
CA TYR F 236 35.37 -17.21 -31.06
C TYR F 236 36.06 -18.55 -31.20
N ARG F 237 36.82 -18.97 -30.19
CA ARG F 237 37.62 -20.18 -30.32
C ARG F 237 36.73 -21.41 -30.36
N GLY F 238 37.02 -22.32 -31.28
CA GLY F 238 36.41 -23.63 -31.30
C GLY F 238 35.10 -23.72 -32.04
N GLN F 239 34.53 -22.59 -32.45
CA GLN F 239 33.25 -22.63 -33.15
C GLN F 239 33.39 -23.36 -34.48
N THR F 240 32.34 -24.09 -34.85
CA THR F 240 32.32 -24.87 -36.07
C THR F 240 31.06 -24.52 -36.87
N ALA F 241 30.94 -25.12 -38.05
CA ALA F 241 29.78 -24.85 -38.90
C ALA F 241 28.49 -25.29 -38.22
N LEU F 242 28.52 -26.42 -37.53
CA LEU F 242 27.31 -26.94 -36.92
C LEU F 242 26.76 -25.99 -35.87
N HIS F 243 27.65 -25.32 -35.13
CA HIS F 243 27.20 -24.33 -34.15
C HIS F 243 26.42 -23.21 -34.83
N ILE F 244 26.93 -22.71 -35.95
CA ILE F 244 26.21 -21.67 -36.69
C ILE F 244 24.89 -22.21 -37.21
N ALA F 245 24.90 -23.43 -37.76
CA ALA F 245 23.67 -23.99 -38.30
C ALA F 245 22.60 -24.11 -37.24
N ILE F 246 22.97 -24.55 -36.03
CA ILE F 246 21.99 -24.64 -34.95
C ILE F 246 21.54 -23.25 -34.52
N GLU F 247 22.48 -22.31 -34.38
CA GLU F 247 22.14 -20.97 -33.91
C GLU F 247 21.17 -20.28 -34.86
N ARG F 248 21.26 -20.56 -36.15
CA ARG F 248 20.43 -19.92 -37.16
C ARG F 248 19.11 -20.66 -37.41
N ARG F 249 18.84 -21.73 -36.67
CA ARG F 249 17.53 -22.39 -36.70
C ARG F 249 17.22 -22.93 -38.10
N CYS F 250 18.21 -23.56 -38.73
CA CYS F 250 18.06 -24.17 -40.05
C CYS F 250 18.10 -25.68 -39.87
N LYS F 251 16.92 -26.28 -39.66
CA LYS F 251 16.83 -27.71 -39.42
C LYS F 251 17.46 -28.50 -40.57
N HIS F 252 17.07 -28.18 -41.80
CA HIS F 252 17.55 -28.94 -42.95
C HIS F 252 19.07 -28.87 -43.06
N TYR F 253 19.65 -27.69 -42.82
CA TYR F 253 21.10 -27.57 -42.90
C TYR F 253 21.77 -28.35 -41.78
N VAL F 254 21.19 -28.35 -40.58
CA VAL F 254 21.74 -29.16 -39.51
C VAL F 254 21.75 -30.64 -39.91
N GLU F 255 20.64 -31.10 -40.47
CA GLU F 255 20.57 -32.49 -40.92
C GLU F 255 21.60 -32.76 -42.00
N LEU F 256 21.77 -31.83 -42.94
CA LEU F 256 22.76 -32.00 -43.99
C LEU F 256 24.17 -32.13 -43.40
N LEU F 257 24.53 -31.19 -42.53
CA LEU F 257 25.87 -31.23 -41.94
C LEU F 257 26.07 -32.52 -41.15
N VAL F 258 25.04 -32.98 -40.45
CA VAL F 258 25.14 -34.26 -39.75
C VAL F 258 25.39 -35.38 -40.75
N ALA F 259 24.68 -35.36 -41.87
CA ALA F 259 24.84 -36.40 -42.87
C ALA F 259 26.20 -36.36 -43.55
N GLN F 260 26.88 -35.21 -43.55
CA GLN F 260 28.16 -35.06 -44.23
C GLN F 260 29.35 -35.25 -43.29
N GLY F 261 29.16 -35.96 -42.18
CA GLY F 261 30.27 -36.30 -41.31
C GLY F 261 30.76 -35.17 -40.42
N ALA F 262 29.97 -34.13 -40.22
CA ALA F 262 30.39 -33.05 -39.34
C ALA F 262 30.53 -33.56 -37.91
N ASP F 263 31.60 -33.13 -37.24
CA ASP F 263 31.80 -33.49 -35.84
C ASP F 263 30.64 -32.97 -35.01
N VAL F 264 30.08 -33.83 -34.16
CA VAL F 264 28.94 -33.47 -33.33
C VAL F 264 29.31 -33.24 -31.87
N HIS F 265 30.51 -33.61 -31.45
CA HIS F 265 30.98 -33.37 -30.10
C HIS F 265 32.02 -32.26 -30.03
N ALA F 266 32.14 -31.46 -31.09
CA ALA F 266 33.11 -30.37 -31.10
C ALA F 266 32.81 -29.37 -29.99
N GLN F 267 33.87 -28.89 -29.35
CA GLN F 267 33.76 -27.92 -28.28
C GLN F 267 34.05 -26.52 -28.80
N ALA F 268 33.40 -25.53 -28.18
CA ALA F 268 33.63 -24.12 -28.46
C ALA F 268 33.95 -23.44 -27.15
N ARG F 269 35.24 -23.42 -26.78
CA ARG F 269 35.68 -22.90 -25.48
C ARG F 269 36.27 -21.50 -25.59
N GLY F 270 35.82 -20.70 -26.55
CA GLY F 270 36.29 -19.34 -26.66
C GLY F 270 35.78 -18.47 -25.53
N ARG F 271 36.43 -17.32 -25.36
CA ARG F 271 36.07 -16.44 -24.25
C ARG F 271 34.68 -15.84 -24.42
N PHE F 272 34.17 -15.78 -25.64
CA PHE F 272 32.82 -15.26 -25.86
C PHE F 272 31.75 -16.21 -25.37
N PHE F 273 32.07 -17.49 -25.22
CA PHE F 273 31.12 -18.53 -24.84
C PHE F 273 31.14 -18.84 -23.35
N GLN F 274 31.88 -18.07 -22.55
CA GLN F 274 31.97 -18.31 -21.12
C GLN F 274 30.81 -17.61 -20.40
N PRO F 275 30.64 -17.82 -19.11
CA PRO F 275 29.59 -17.12 -18.37
C PRO F 275 29.89 -15.63 -18.24
N LYS F 276 28.88 -14.89 -17.79
CA LYS F 276 29.05 -13.45 -17.59
C LYS F 276 30.21 -13.16 -16.65
N ASP F 277 30.35 -13.95 -15.59
CA ASP F 277 31.40 -13.70 -14.61
C ASP F 277 32.78 -13.75 -15.25
N GLU F 278 32.97 -14.63 -16.24
CA GLU F 278 34.25 -14.79 -16.90
C GLU F 278 34.44 -13.84 -18.08
N GLY F 279 33.47 -12.97 -18.35
CA GLY F 279 33.56 -12.02 -19.44
C GLY F 279 32.86 -12.44 -20.70
N GLY F 280 32.34 -13.67 -20.77
CA GLY F 280 31.61 -14.11 -21.93
C GLY F 280 30.20 -13.56 -21.94
N TYR F 281 29.52 -13.79 -23.06
CA TYR F 281 28.18 -13.25 -23.29
C TYR F 281 27.10 -14.31 -23.14
N PHE F 282 27.25 -15.47 -23.77
CA PHE F 282 26.25 -16.51 -23.74
C PHE F 282 26.93 -17.84 -23.44
N TYR F 283 26.40 -18.57 -22.45
CA TYR F 283 26.95 -19.85 -22.04
C TYR F 283 25.90 -20.93 -22.25
N PHE F 284 26.29 -22.01 -22.94
CA PHE F 284 25.36 -23.09 -23.21
C PHE F 284 25.97 -24.48 -23.07
N GLY F 285 27.21 -24.61 -22.63
CA GLY F 285 27.82 -25.91 -22.41
C GLY F 285 28.83 -26.33 -23.45
N GLU F 286 28.98 -25.56 -24.52
CA GLU F 286 30.00 -25.81 -25.54
C GLU F 286 29.79 -27.14 -26.27
N LEU F 287 28.56 -27.61 -26.37
CA LEU F 287 28.26 -28.78 -27.18
C LEU F 287 27.08 -28.49 -28.10
N PRO F 288 27.09 -29.05 -29.31
CA PRO F 288 25.94 -28.83 -30.20
C PRO F 288 24.63 -29.28 -29.61
N LEU F 289 24.62 -30.43 -28.94
CA LEU F 289 23.38 -30.92 -28.34
C LEU F 289 22.88 -29.96 -27.26
N SER F 290 23.78 -29.53 -26.37
CA SER F 290 23.40 -28.57 -25.35
C SER F 290 23.02 -27.23 -25.96
N LEU F 291 23.67 -26.83 -27.05
CA LEU F 291 23.30 -25.59 -27.71
C LEU F 291 21.87 -25.65 -28.24
N ALA F 292 21.53 -26.76 -28.90
CA ALA F 292 20.16 -26.94 -29.38
C ALA F 292 19.18 -26.94 -28.22
N ALA F 293 19.51 -27.64 -27.14
CA ALA F 293 18.60 -27.70 -26.00
C ALA F 293 18.41 -26.32 -25.38
N CYS F 294 19.45 -25.50 -25.34
CA CYS F 294 19.37 -24.21 -24.68
C CYS F 294 18.50 -23.23 -25.45
N THR F 295 18.53 -23.27 -26.78
CA THR F 295 17.83 -22.29 -27.61
C THR F 295 16.45 -22.75 -28.03
N ASN F 296 15.83 -23.64 -27.26
CA ASN F 296 14.42 -23.99 -27.47
C ASN F 296 14.19 -24.53 -28.89
N GLN F 297 14.96 -25.56 -29.24
CA GLN F 297 14.87 -26.20 -30.55
C GLN F 297 14.71 -27.70 -30.35
N PRO F 298 13.50 -28.17 -30.06
CA PRO F 298 13.33 -29.59 -29.75
C PRO F 298 13.56 -30.51 -30.93
N HIS F 299 13.16 -30.09 -32.14
CA HIS F 299 13.35 -30.96 -33.30
C HIS F 299 14.82 -31.24 -33.54
N ILE F 300 15.68 -30.24 -33.34
CA ILE F 300 17.10 -30.45 -33.55
C ILE F 300 17.65 -31.43 -32.53
N VAL F 301 17.20 -31.34 -31.28
CA VAL F 301 17.63 -32.30 -30.27
C VAL F 301 17.21 -33.71 -30.66
N ASN F 302 15.96 -33.85 -31.09
CA ASN F 302 15.47 -35.16 -31.50
C ASN F 302 16.30 -35.72 -32.64
N TYR F 303 16.61 -34.89 -33.64
CA TYR F 303 17.42 -35.36 -34.76
C TYR F 303 18.82 -35.73 -34.32
N LEU F 304 19.46 -34.86 -33.52
CA LEU F 304 20.83 -35.12 -33.10
C LEU F 304 20.94 -36.40 -32.29
N THR F 305 19.91 -36.71 -31.51
CA THR F 305 19.94 -37.92 -30.69
C THR F 305 19.43 -39.15 -31.43
N GLU F 306 18.69 -38.96 -32.52
CA GLU F 306 18.10 -40.07 -33.26
C GLU F 306 18.64 -40.20 -34.68
N ASN F 307 19.70 -39.47 -35.02
CA ASN F 307 20.26 -39.59 -36.35
C ASN F 307 20.97 -40.93 -36.50
N PRO F 308 20.96 -41.52 -37.70
CA PRO F 308 21.60 -42.82 -37.88
C PRO F 308 23.10 -42.76 -38.08
N HIS F 309 23.64 -41.63 -38.54
CA HIS F 309 25.05 -41.58 -38.90
C HIS F 309 25.95 -41.56 -37.66
N LYS F 310 25.69 -40.63 -36.74
CA LYS F 310 26.50 -40.55 -35.52
C LYS F 310 25.67 -39.85 -34.45
N LYS F 311 25.24 -40.61 -33.45
CA LYS F 311 24.44 -40.05 -32.37
C LYS F 311 25.33 -39.25 -31.42
N ALA F 312 24.68 -38.36 -30.66
CA ALA F 312 25.36 -37.49 -29.71
C ALA F 312 24.98 -37.92 -28.30
N ASP F 313 25.93 -38.52 -27.58
CA ASP F 313 25.66 -39.02 -26.24
C ASP F 313 25.22 -37.87 -25.33
N MET F 314 24.06 -38.05 -24.68
CA MET F 314 23.56 -37.01 -23.79
C MET F 314 24.43 -36.86 -22.55
N ARG F 315 25.18 -37.90 -22.19
CA ARG F 315 26.03 -37.87 -21.01
C ARG F 315 27.33 -37.13 -21.24
N ARG F 316 27.60 -36.69 -22.47
CA ARG F 316 28.88 -36.08 -22.77
C ARG F 316 29.11 -34.87 -21.87
N GLN F 317 30.36 -34.68 -21.47
CA GLN F 317 30.75 -33.59 -20.59
C GLN F 317 31.78 -32.71 -21.28
N ASP F 318 31.73 -31.42 -20.97
CA ASP F 318 32.65 -30.46 -21.53
C ASP F 318 33.91 -30.36 -20.66
N SER F 319 34.72 -29.33 -20.90
CA SER F 319 35.90 -29.13 -20.06
C SER F 319 35.50 -28.88 -18.60
N ARG F 320 34.48 -28.05 -18.39
CA ARG F 320 34.00 -27.80 -17.03
C ARG F 320 33.39 -29.04 -16.40
N GLY F 321 33.03 -30.03 -17.19
CA GLY F 321 32.34 -31.21 -16.70
C GLY F 321 30.84 -31.12 -16.73
N ASN F 322 30.28 -29.98 -17.11
CA ASN F 322 28.83 -29.81 -17.13
C ASN F 322 28.21 -30.65 -18.24
N THR F 323 27.08 -31.28 -17.93
CA THR F 323 26.31 -31.99 -18.94
C THR F 323 25.18 -31.09 -19.45
N VAL F 324 24.35 -31.63 -20.34
CA VAL F 324 23.29 -30.83 -20.94
C VAL F 324 22.35 -30.30 -19.86
N LEU F 325 22.04 -31.12 -18.86
CA LEU F 325 21.17 -30.66 -17.78
C LEU F 325 21.81 -29.52 -17.01
N HIS F 326 23.11 -29.62 -16.74
CA HIS F 326 23.81 -28.52 -16.06
C HIS F 326 23.68 -27.23 -16.86
N ALA F 327 23.89 -27.29 -18.17
CA ALA F 327 23.77 -26.09 -19.00
C ALA F 327 22.35 -25.56 -18.95
N LEU F 328 21.36 -26.46 -19.01
CA LEU F 328 19.96 -26.03 -18.93
C LEU F 328 19.71 -25.27 -17.64
N VAL F 329 20.21 -25.78 -16.53
CA VAL F 329 20.10 -25.06 -15.26
C VAL F 329 20.82 -23.72 -15.36
N ALA F 330 21.98 -23.70 -16.00
CA ALA F 330 22.78 -22.48 -16.05
C ALA F 330 22.04 -21.37 -16.75
N ILE F 331 21.45 -21.65 -17.92
CA ILE F 331 20.82 -20.61 -18.72
C ILE F 331 19.43 -20.25 -18.24
N ALA F 332 18.87 -21.01 -17.31
CA ALA F 332 17.53 -20.71 -16.83
C ALA F 332 17.54 -19.46 -15.97
N ASP F 333 16.37 -18.82 -15.89
CA ASP F 333 16.18 -17.65 -15.06
C ASP F 333 14.84 -17.79 -14.35
N ASN F 334 14.47 -16.77 -13.58
CA ASN F 334 13.27 -16.82 -12.78
C ASN F 334 12.03 -16.33 -13.52
N THR F 335 12.16 -15.90 -14.78
CA THR F 335 10.99 -15.45 -15.52
C THR F 335 10.11 -16.63 -15.91
N ARG F 336 8.80 -16.39 -15.97
CA ARG F 336 7.85 -17.48 -16.09
C ARG F 336 8.02 -18.27 -17.38
N GLU F 337 8.06 -17.56 -18.52
CA GLU F 337 8.17 -18.25 -19.81
C GLU F 337 9.47 -19.04 -19.89
N ASN F 338 10.57 -18.44 -19.44
CA ASN F 338 11.84 -19.14 -19.48
C ASN F 338 11.79 -20.41 -18.64
N THR F 339 11.23 -20.31 -17.43
CA THR F 339 11.15 -21.49 -16.58
C THR F 339 10.28 -22.56 -17.22
N LYS F 340 9.17 -22.16 -17.85
CA LYS F 340 8.28 -23.13 -18.48
C LYS F 340 9.00 -23.88 -19.59
N PHE F 341 9.60 -23.15 -20.52
CA PHE F 341 10.28 -23.81 -21.64
C PHE F 341 11.43 -24.67 -21.13
N VAL F 342 12.19 -24.16 -20.15
CA VAL F 342 13.31 -24.92 -19.63
C VAL F 342 12.83 -26.21 -18.98
N THR F 343 11.73 -26.15 -18.23
CA THR F 343 11.20 -27.35 -17.60
C THR F 343 10.77 -28.37 -18.63
N LYS F 344 10.08 -27.92 -19.69
CA LYS F 344 9.67 -28.87 -20.72
C LYS F 344 10.88 -29.52 -21.37
N MET F 345 11.89 -28.71 -21.71
CA MET F 345 13.09 -29.27 -22.32
C MET F 345 13.78 -30.25 -21.37
N TYR F 346 13.84 -29.90 -20.08
CA TYR F 346 14.48 -30.76 -19.10
C TYR F 346 13.79 -32.11 -19.02
N ASP F 347 12.46 -32.10 -18.93
CA ASP F 347 11.73 -33.37 -18.83
C ASP F 347 11.90 -34.20 -20.10
N LEU F 348 11.82 -33.57 -21.27
CA LEU F 348 11.99 -34.31 -22.50
C LEU F 348 13.37 -34.94 -22.56
N LEU F 349 14.40 -34.18 -22.18
CA LEU F 349 15.76 -34.71 -22.19
C LEU F 349 15.91 -35.87 -21.22
N LEU F 350 15.36 -35.74 -20.02
CA LEU F 350 15.50 -36.80 -19.03
C LEU F 350 14.82 -38.07 -19.50
N LEU F 351 13.61 -37.96 -20.04
CA LEU F 351 12.91 -39.14 -20.54
C LEU F 351 13.68 -39.78 -21.70
N LYS F 352 14.20 -38.97 -22.62
CA LYS F 352 14.96 -39.52 -23.73
C LYS F 352 16.19 -40.27 -23.23
N CYS F 353 16.90 -39.68 -22.27
CA CYS F 353 18.07 -40.36 -21.71
C CYS F 353 17.66 -41.65 -21.03
N ALA F 354 16.53 -41.65 -20.33
CA ALA F 354 16.06 -42.85 -19.67
C ALA F 354 15.79 -43.95 -20.69
N ARG F 355 15.09 -43.63 -21.76
CA ARG F 355 14.82 -44.63 -22.79
C ARG F 355 16.12 -45.13 -23.41
N LEU F 356 17.02 -44.21 -23.77
CA LEU F 356 18.27 -44.61 -24.42
C LEU F 356 19.18 -45.35 -23.44
N PHE F 357 19.24 -44.88 -22.19
CA PHE F 357 20.12 -45.47 -21.17
C PHE F 357 19.27 -45.90 -19.98
N PRO F 358 18.81 -47.15 -19.95
CA PRO F 358 18.01 -47.59 -18.80
C PRO F 358 18.82 -47.76 -17.53
N ASP F 359 20.06 -48.25 -17.64
CA ASP F 359 20.86 -48.52 -16.45
C ASP F 359 21.31 -47.22 -15.78
N SER F 360 21.73 -46.23 -16.55
CA SER F 360 22.32 -45.02 -15.99
C SER F 360 21.23 -44.03 -15.58
N ASN F 361 21.65 -43.03 -14.81
CA ASN F 361 20.78 -41.94 -14.38
C ASN F 361 21.50 -40.63 -14.63
N LEU F 362 20.96 -39.81 -15.54
CA LEU F 362 21.69 -38.63 -16.00
C LEU F 362 21.95 -37.66 -14.85
N GLU F 363 20.94 -37.42 -14.02
CA GLU F 363 21.12 -36.48 -12.92
C GLU F 363 22.23 -36.91 -11.98
N ALA F 364 22.49 -38.21 -11.88
CA ALA F 364 23.57 -38.68 -11.03
C ALA F 364 24.91 -38.10 -11.47
N VAL F 365 25.10 -37.93 -12.79
CA VAL F 365 26.37 -37.45 -13.30
C VAL F 365 26.69 -36.10 -12.69
N LEU F 366 27.97 -35.89 -12.38
CA LEU F 366 28.45 -34.66 -11.76
C LEU F 366 29.51 -34.00 -12.64
N ASN F 367 29.70 -32.72 -12.43
CA ASN F 367 30.70 -31.95 -13.16
C ASN F 367 32.05 -32.05 -12.46
N ASN F 368 33.04 -31.32 -12.95
CA ASN F 368 34.34 -31.29 -12.27
C ASN F 368 34.21 -30.74 -10.87
N ASP F 369 33.43 -29.67 -10.70
CA ASP F 369 33.22 -29.10 -9.37
C ASP F 369 32.49 -30.06 -8.44
N GLY F 370 31.75 -31.02 -8.98
CA GLY F 370 31.05 -31.98 -8.15
C GLY F 370 29.66 -31.52 -7.77
N LEU F 371 28.92 -31.00 -8.74
CA LEU F 371 27.56 -30.52 -8.50
C LEU F 371 26.59 -31.33 -9.36
N SER F 372 25.48 -31.74 -8.75
CA SER F 372 24.38 -32.28 -9.51
C SER F 372 23.46 -31.15 -9.96
N PRO F 373 22.65 -31.37 -10.99
CA PRO F 373 21.81 -30.26 -11.49
C PRO F 373 20.95 -29.64 -10.41
N LEU F 374 20.37 -30.45 -9.53
CA LEU F 374 19.56 -29.91 -8.44
C LEU F 374 20.40 -29.06 -7.51
N MET F 375 21.58 -29.55 -7.14
CA MET F 375 22.42 -28.81 -6.21
C MET F 375 22.86 -27.49 -6.81
N MET F 376 23.25 -27.49 -8.08
CA MET F 376 23.66 -26.25 -8.74
C MET F 376 22.49 -25.29 -8.83
N ALA F 377 21.30 -25.80 -9.15
CA ALA F 377 20.12 -24.95 -9.20
C ALA F 377 19.88 -24.30 -7.85
N ALA F 378 20.07 -25.05 -6.76
CA ALA F 378 19.91 -24.49 -5.43
C ALA F 378 20.96 -23.42 -5.16
N LYS F 379 22.22 -23.70 -5.52
CA LYS F 379 23.31 -22.78 -5.21
C LYS F 379 23.14 -21.47 -5.96
N THR F 380 22.95 -21.53 -7.27
CA THR F 380 22.95 -20.33 -8.10
C THR F 380 21.68 -19.51 -7.95
N GLY F 381 20.62 -20.06 -7.37
CA GLY F 381 19.41 -19.31 -7.11
C GLY F 381 18.34 -19.40 -8.17
N LYS F 382 18.46 -20.32 -9.12
CA LYS F 382 17.42 -20.50 -10.13
C LYS F 382 16.25 -21.22 -9.46
N ILE F 383 15.23 -20.46 -9.07
CA ILE F 383 14.18 -21.00 -8.22
C ILE F 383 13.29 -21.96 -9.00
N GLY F 384 12.84 -21.55 -10.18
CA GLY F 384 11.79 -22.29 -10.87
C GLY F 384 12.19 -23.71 -11.21
N ILE F 385 13.38 -23.87 -11.78
CA ILE F 385 13.83 -25.21 -12.17
C ILE F 385 14.06 -26.09 -10.94
N PHE F 386 14.56 -25.50 -9.86
CA PHE F 386 14.75 -26.23 -8.61
C PHE F 386 13.43 -26.72 -8.05
N GLN F 387 12.43 -25.84 -8.01
CA GLN F 387 11.11 -26.24 -7.54
C GLN F 387 10.52 -27.34 -8.44
N HIS F 388 10.69 -27.23 -9.76
CA HIS F 388 10.20 -28.27 -10.66
C HIS F 388 10.98 -29.57 -10.48
N ILE F 389 12.27 -29.50 -10.20
CA ILE F 389 13.04 -30.72 -10.07
C ILE F 389 12.64 -31.43 -8.78
N ILE F 390 12.38 -30.66 -7.74
CA ILE F 390 12.01 -31.24 -6.45
C ILE F 390 10.63 -31.90 -6.47
N ARG F 391 9.68 -31.31 -7.18
CA ARG F 391 8.33 -31.87 -7.24
C ARG F 391 7.99 -32.55 -8.58
N ARG F 392 8.97 -33.23 -9.16
CA ARG F 392 8.80 -33.94 -10.41
C ARG F 392 7.89 -35.15 -10.22
N GLU F 393 6.83 -35.23 -11.03
CA GLU F 393 5.93 -36.37 -11.05
C GLU F 393 5.72 -36.76 -12.50
N VAL F 394 5.90 -38.05 -12.80
CA VAL F 394 5.80 -38.56 -14.16
C VAL F 394 4.87 -39.76 -14.16
N THR F 395 3.91 -39.77 -15.08
CA THR F 395 2.91 -40.83 -15.13
C THR F 395 3.46 -42.11 -15.75
N ASP F 396 4.39 -42.00 -16.69
CA ASP F 396 4.88 -43.17 -17.40
C ASP F 396 5.41 -44.22 -16.43
N GLU F 397 5.01 -45.47 -16.66
CA GLU F 397 5.40 -46.56 -15.76
C GLU F 397 6.88 -46.88 -15.88
N ASP F 398 7.40 -46.94 -17.11
CA ASP F 398 8.79 -47.32 -17.31
C ASP F 398 9.74 -46.35 -16.65
N THR F 399 9.39 -45.06 -16.63
CA THR F 399 10.23 -44.01 -16.06
C THR F 399 9.74 -43.56 -14.69
N ARG F 400 8.92 -44.36 -14.01
CA ARG F 400 8.37 -43.94 -12.72
C ARG F 400 9.47 -43.66 -11.72
N HIS F 401 10.54 -44.46 -11.74
CA HIS F 401 11.59 -44.31 -10.73
C HIS F 401 12.31 -42.96 -10.83
N LEU F 402 12.15 -42.25 -11.94
CA LEU F 402 12.85 -40.98 -12.10
C LEU F 402 12.18 -39.84 -11.35
N SER F 403 10.89 -39.94 -11.04
CA SER F 403 10.22 -38.85 -10.35
C SER F 403 10.45 -38.97 -8.84
N ARG F 404 10.09 -37.89 -8.13
CA ARG F 404 10.42 -37.76 -6.72
C ARG F 404 9.20 -37.89 -5.82
N LYS F 405 8.19 -37.04 -6.02
CA LYS F 405 7.05 -36.98 -5.11
C LYS F 405 6.01 -38.02 -5.54
N PHE F 406 5.85 -39.04 -4.72
CA PHE F 406 4.81 -40.04 -4.88
C PHE F 406 3.61 -39.72 -3.99
N LYS F 407 2.48 -40.35 -4.28
CA LYS F 407 1.27 -40.20 -3.50
C LYS F 407 0.87 -41.57 -2.98
N ASP F 408 0.93 -41.75 -1.67
CA ASP F 408 0.71 -43.07 -1.07
C ASP F 408 -0.76 -43.42 -1.02
N TRP F 409 -1.56 -42.62 -0.30
CA TRP F 409 -2.99 -42.92 -0.18
C TRP F 409 -3.78 -41.65 0.06
N ALA F 410 -5.08 -41.75 -0.18
CA ALA F 410 -6.04 -40.68 0.06
C ALA F 410 -7.30 -41.28 0.67
N TYR F 411 -7.98 -40.48 1.50
CA TYR F 411 -9.20 -40.93 2.17
C TYR F 411 -10.36 -39.96 1.96
N GLY F 412 -10.36 -39.22 0.85
CA GLY F 412 -11.38 -38.22 0.61
C GLY F 412 -10.78 -36.86 0.34
N PRO F 413 -11.00 -35.91 1.24
CA PRO F 413 -10.38 -34.58 1.08
C PRO F 413 -8.98 -34.46 1.66
N VAL F 414 -8.46 -35.51 2.29
CA VAL F 414 -7.12 -35.51 2.88
C VAL F 414 -6.22 -36.41 2.04
N TYR F 415 -5.07 -35.89 1.63
CA TYR F 415 -4.10 -36.62 0.85
C TYR F 415 -2.77 -36.60 1.59
N SER F 416 -1.98 -37.65 1.40
CA SER F 416 -0.66 -37.76 2.02
C SER F 416 0.29 -38.22 0.93
N SER F 417 1.18 -37.33 0.50
CA SER F 417 2.11 -37.62 -0.58
C SER F 417 3.51 -37.75 0.00
N LEU F 418 4.20 -38.80 -0.41
CA LEU F 418 5.58 -38.97 -0.03
C LEU F 418 6.47 -38.02 -0.82
N TYR F 419 7.64 -37.75 -0.27
CA TYR F 419 8.67 -36.97 -0.94
C TYR F 419 9.99 -37.72 -0.84
N ASP F 420 10.97 -37.27 -1.61
CA ASP F 420 12.27 -37.92 -1.71
C ASP F 420 13.32 -37.02 -1.09
N LEU F 421 14.04 -37.56 -0.11
CA LEU F 421 15.09 -36.85 0.59
C LEU F 421 16.48 -37.29 0.18
N SER F 422 16.59 -38.06 -0.90
CA SER F 422 17.90 -38.39 -1.44
C SER F 422 18.61 -37.10 -1.83
N SER F 423 19.80 -36.89 -1.26
CA SER F 423 20.58 -35.67 -1.49
C SER F 423 19.84 -34.42 -1.03
N LEU F 424 19.03 -34.54 0.02
CA LEU F 424 18.31 -33.36 0.54
C LEU F 424 18.24 -33.35 2.07
N ASP F 425 19.08 -34.12 2.77
CA ASP F 425 18.96 -34.25 4.22
C ASP F 425 20.34 -34.25 4.86
N THR F 426 20.34 -33.99 6.16
CA THR F 426 21.57 -33.93 6.94
C THR F 426 22.10 -35.33 7.23
N CYS F 427 23.30 -35.37 7.80
CA CYS F 427 23.94 -36.64 8.16
C CYS F 427 24.11 -37.53 6.95
N GLY F 428 24.42 -36.92 5.81
CA GLY F 428 24.72 -37.64 4.59
C GLY F 428 26.12 -37.31 4.09
N GLU F 429 26.83 -38.34 3.63
CA GLU F 429 28.20 -38.13 3.17
C GLU F 429 28.25 -37.12 2.02
N GLU F 430 27.30 -37.22 1.09
CA GLU F 430 27.24 -36.28 -0.01
C GLU F 430 26.72 -34.93 0.48
N ALA F 431 27.08 -33.88 -0.25
CA ALA F 431 26.62 -32.54 0.10
C ALA F 431 25.10 -32.47 0.09
N SER F 432 24.55 -31.77 1.07
CA SER F 432 23.11 -31.63 1.22
C SER F 432 22.63 -30.36 0.51
N VAL F 433 21.54 -30.49 -0.25
CA VAL F 433 20.98 -29.32 -0.93
C VAL F 433 20.52 -28.28 0.07
N LEU F 434 19.89 -28.73 1.16
CA LEU F 434 19.45 -27.79 2.19
C LEU F 434 20.65 -27.07 2.82
N GLU F 435 21.74 -27.79 3.05
CA GLU F 435 22.91 -27.16 3.67
C GLU F 435 23.55 -26.14 2.74
N ILE F 436 23.74 -26.49 1.47
CA ILE F 436 24.34 -25.56 0.52
C ILE F 436 23.41 -24.40 0.21
N LEU F 437 22.11 -24.58 0.41
CA LEU F 437 21.18 -23.49 0.16
C LEU F 437 21.26 -22.40 1.21
N VAL F 438 21.80 -22.70 2.39
CA VAL F 438 21.84 -21.74 3.49
C VAL F 438 23.24 -21.60 4.07
N TYR F 439 24.25 -22.16 3.40
CA TYR F 439 25.63 -21.98 3.84
C TYR F 439 26.44 -21.12 2.89
N ASN F 440 26.49 -21.46 1.59
CA ASN F 440 27.25 -20.70 0.61
C ASN F 440 26.37 -20.34 -0.59
N SER F 441 25.13 -19.95 -0.32
CA SER F 441 24.19 -19.68 -1.41
C SER F 441 24.54 -18.38 -2.13
N LYS F 442 24.70 -17.30 -1.38
CA LYS F 442 24.94 -15.97 -1.98
C LYS F 442 23.90 -15.67 -3.04
N ILE F 443 22.64 -16.01 -2.74
CA ILE F 443 21.52 -15.85 -3.66
C ILE F 443 20.57 -14.82 -3.10
N GLU F 444 20.13 -13.89 -3.96
CA GLU F 444 19.20 -12.85 -3.55
C GLU F 444 17.78 -13.38 -3.39
N ASN F 445 17.50 -14.57 -3.91
CA ASN F 445 16.19 -15.21 -3.77
C ASN F 445 16.20 -16.32 -2.73
N ARG F 446 17.20 -16.33 -1.86
CA ARG F 446 17.34 -17.40 -0.88
C ARG F 446 16.08 -17.55 -0.03
N HIS F 447 15.49 -16.43 0.38
CA HIS F 447 14.33 -16.48 1.26
C HIS F 447 13.16 -17.20 0.59
N GLU F 448 13.00 -17.04 -0.72
CA GLU F 448 11.90 -17.71 -1.42
C GLU F 448 12.17 -19.20 -1.67
N MET F 449 13.43 -19.63 -1.55
CA MET F 449 13.75 -21.04 -1.80
C MET F 449 13.27 -21.94 -0.67
N LEU F 450 13.05 -21.39 0.53
CA LEU F 450 12.58 -22.18 1.66
C LEU F 450 11.07 -22.41 1.63
N ALA F 451 10.34 -21.71 0.76
CA ALA F 451 8.89 -21.84 0.74
C ALA F 451 8.43 -23.13 0.09
N VAL F 452 9.32 -23.83 -0.62
CA VAL F 452 8.92 -25.06 -1.30
C VAL F 452 8.41 -26.07 -0.27
N GLU F 453 7.36 -26.78 -0.65
CA GLU F 453 6.65 -27.69 0.25
C GLU F 453 7.61 -28.58 1.04
N PRO F 454 8.34 -29.48 0.40
CA PRO F 454 9.20 -30.40 1.15
C PRO F 454 10.37 -29.73 1.86
N ILE F 455 10.74 -28.52 1.47
CA ILE F 455 11.83 -27.83 2.14
C ILE F 455 11.37 -27.26 3.48
N ASN F 456 10.30 -26.46 3.45
CA ASN F 456 9.84 -25.79 4.67
C ASN F 456 9.52 -26.79 5.76
N GLU F 457 8.72 -27.81 5.45
CA GLU F 457 8.27 -28.74 6.48
C GLU F 457 9.43 -29.51 7.10
N LEU F 458 10.46 -29.81 6.31
CA LEU F 458 11.58 -30.57 6.85
C LEU F 458 12.16 -29.89 8.08
N LEU F 459 12.20 -28.55 8.06
CA LEU F 459 12.78 -27.83 9.19
C LEU F 459 11.90 -27.94 10.43
N ARG F 460 10.58 -27.94 10.27
CA ARG F 460 9.69 -28.11 11.42
C ARG F 460 9.81 -29.52 12.02
N ASP F 461 9.90 -30.53 11.17
CA ASP F 461 10.15 -31.89 11.64
C ASP F 461 11.48 -31.97 12.39
N LYS F 462 12.50 -31.30 11.88
CA LYS F 462 13.76 -31.18 12.61
C LYS F 462 13.57 -30.41 13.91
N TRP F 463 12.71 -29.40 13.87
CA TRP F 463 12.49 -28.52 15.02
C TRP F 463 11.98 -29.32 16.21
N ARG F 464 11.11 -30.28 15.97
CA ARG F 464 10.64 -31.12 17.08
C ARG F 464 11.80 -31.86 17.72
N LYS F 465 12.69 -32.45 16.92
CA LYS F 465 13.76 -33.27 17.47
C LYS F 465 14.75 -32.42 18.27
N PHE F 466 15.25 -31.32 17.69
CA PHE F 466 16.28 -30.51 18.30
C PHE F 466 15.81 -29.10 18.63
N GLY F 467 15.21 -28.40 17.67
CA GLY F 467 14.90 -26.99 17.81
C GLY F 467 14.32 -26.58 19.15
N ALA F 468 13.20 -27.17 19.53
CA ALA F 468 12.45 -26.72 20.70
C ALA F 468 12.87 -27.40 21.99
N VAL F 469 13.71 -28.43 21.94
CA VAL F 469 14.07 -29.18 23.14
C VAL F 469 15.54 -29.03 23.52
N SER F 470 16.43 -28.75 22.56
CA SER F 470 17.87 -28.76 22.83
C SER F 470 18.53 -27.39 22.78
N PHE F 471 17.80 -26.33 22.42
CA PHE F 471 18.39 -24.99 22.47
C PHE F 471 18.74 -24.62 23.91
N TYR F 472 17.95 -25.10 24.87
CA TYR F 472 18.23 -24.85 26.28
C TYR F 472 19.64 -25.27 26.65
N ILE F 473 20.07 -26.46 26.22
CA ILE F 473 21.34 -27.00 26.67
C ILE F 473 22.49 -26.14 26.19
N ASN F 474 22.50 -25.77 24.91
CA ASN F 474 23.56 -24.93 24.38
C ASN F 474 23.58 -23.57 25.06
N VAL F 475 22.41 -22.99 25.28
CA VAL F 475 22.33 -21.74 26.04
C VAL F 475 22.95 -21.91 27.42
N VAL F 476 22.59 -22.99 28.11
CA VAL F 476 23.02 -23.20 29.48
C VAL F 476 24.53 -23.39 29.56
N SER F 477 25.12 -24.01 28.53
CA SER F 477 26.57 -24.21 28.57
C SER F 477 27.30 -22.88 28.70
N TYR F 478 26.90 -21.88 27.90
CA TYR F 478 27.52 -20.56 28.00
C TYR F 478 27.19 -19.91 29.33
N LEU F 479 25.98 -20.12 29.85
CA LEU F 479 25.69 -19.56 31.18
C LEU F 479 26.65 -20.11 32.23
N CYS F 480 26.86 -21.43 32.23
CA CYS F 480 27.77 -22.05 33.19
C CYS F 480 29.20 -21.55 33.00
N ALA F 481 29.63 -21.43 31.75
CA ALA F 481 30.98 -20.91 31.49
C ALA F 481 31.11 -19.49 32.01
N MET F 482 30.07 -18.67 31.85
CA MET F 482 30.09 -17.31 32.37
C MET F 482 30.26 -17.31 33.88
N VAL F 483 29.55 -18.20 34.58
CA VAL F 483 29.70 -18.28 36.04
C VAL F 483 31.14 -18.68 36.41
N ILE F 484 31.68 -19.69 35.73
CA ILE F 484 33.04 -20.13 36.02
C ILE F 484 34.01 -18.97 35.86
N PHE F 485 33.87 -18.21 34.77
CA PHE F 485 34.74 -17.05 34.57
C PHE F 485 34.50 -15.99 35.64
N THR F 486 33.23 -15.77 36.03
CA THR F 486 32.93 -14.75 37.03
C THR F 486 33.60 -15.06 38.35
N LEU F 487 33.91 -16.33 38.60
CA LEU F 487 34.63 -16.68 39.82
C LEU F 487 36.06 -16.15 39.85
N THR F 488 36.60 -15.72 38.71
CA THR F 488 37.99 -15.27 38.59
C THR F 488 38.37 -14.20 39.60
N ALA F 489 37.69 -13.05 39.57
CA ALA F 489 37.99 -11.95 40.49
C ALA F 489 38.22 -12.47 41.91
N TYR F 490 37.34 -13.35 42.36
CA TYR F 490 37.44 -13.95 43.69
C TYR F 490 38.79 -14.62 43.90
N VAL F 506 38.04 -23.14 51.70
CA VAL F 506 38.14 -24.10 50.61
C VAL F 506 39.10 -23.56 49.55
N ASP F 507 40.35 -23.31 49.95
CA ASP F 507 41.34 -22.78 49.02
C ASP F 507 41.59 -23.76 47.88
N TYR F 508 41.69 -25.05 48.18
CA TYR F 508 41.97 -26.04 47.15
C TYR F 508 40.85 -26.07 46.10
N LEU F 509 39.60 -26.07 46.55
CA LEU F 509 38.48 -26.08 45.61
C LEU F 509 38.46 -24.80 44.78
N ARG F 510 38.74 -23.67 45.41
CA ARG F 510 38.77 -22.41 44.67
C ARG F 510 39.86 -22.42 43.60
N LEU F 511 41.03 -22.95 43.94
CA LEU F 511 42.11 -23.05 42.94
C LEU F 511 41.73 -24.00 41.82
N ALA F 512 41.04 -25.10 42.14
CA ALA F 512 40.57 -26.01 41.11
C ALA F 512 39.62 -25.29 40.16
N GLY F 513 38.69 -24.52 40.71
CA GLY F 513 37.79 -23.74 39.87
C GLY F 513 38.53 -22.68 39.07
N GLU F 514 39.59 -22.11 39.64
CA GLU F 514 40.40 -21.15 38.91
C GLU F 514 41.05 -21.81 37.69
N VAL F 515 41.55 -23.02 37.86
CA VAL F 515 42.08 -23.78 36.73
C VAL F 515 40.96 -24.07 35.74
N ILE F 516 39.76 -24.39 36.25
CA ILE F 516 38.61 -24.64 35.39
C ILE F 516 38.28 -23.42 34.56
N THR F 517 38.55 -22.22 35.09
CA THR F 517 38.24 -21.00 34.35
C THR F 517 39.10 -20.91 33.08
N LEU F 518 40.41 -21.08 33.24
CA LEU F 518 41.30 -21.10 32.08
C LEU F 518 40.95 -22.24 31.15
N PHE F 519 40.58 -23.39 31.72
CA PHE F 519 40.20 -24.53 30.89
C PHE F 519 38.96 -24.21 30.07
N THR F 520 38.00 -23.51 30.65
CA THR F 520 36.78 -23.16 29.93
C THR F 520 37.08 -22.18 28.80
N GLY F 521 37.90 -21.18 29.06
CA GLY F 521 38.31 -20.29 27.99
C GLY F 521 39.04 -21.03 26.87
N VAL F 522 39.91 -21.96 27.25
CA VAL F 522 40.65 -22.73 26.25
C VAL F 522 39.70 -23.62 25.45
N LEU F 523 38.69 -24.18 26.11
CA LEU F 523 37.71 -25.01 25.40
C LEU F 523 36.91 -24.17 24.41
N PHE F 524 36.52 -22.96 24.83
CA PHE F 524 35.83 -22.06 23.90
C PHE F 524 36.72 -21.76 22.69
N PHE F 525 38.00 -21.49 22.93
CA PHE F 525 38.92 -21.23 21.81
C PHE F 525 39.10 -22.48 20.94
N PHE F 526 39.17 -23.66 21.56
CA PHE F 526 39.38 -24.89 20.80
C PHE F 526 38.20 -25.18 19.89
N THR F 527 36.98 -24.97 20.38
CA THR F 527 35.81 -25.14 19.53
C THR F 527 35.67 -24.01 18.51
N ASN F 528 36.16 -22.81 18.85
CA ASN F 528 36.16 -21.71 17.90
C ASN F 528 37.08 -22.00 16.71
N ILE F 529 38.28 -22.49 16.96
CA ILE F 529 39.19 -22.80 15.86
C ILE F 529 38.60 -23.91 15.00
N LYS F 530 37.90 -24.85 15.61
CA LYS F 530 37.28 -25.93 14.84
C LYS F 530 36.15 -25.40 13.96
N ASP F 531 35.35 -24.46 14.47
CA ASP F 531 34.25 -23.94 13.68
C ASP F 531 34.72 -23.12 12.48
N LEU F 532 35.90 -22.53 12.55
CA LEU F 532 36.42 -21.72 11.45
C LEU F 532 37.27 -22.57 10.50
N PHE F 549 28.71 -13.13 13.77
CA PHE F 549 29.91 -12.43 14.22
C PHE F 549 30.79 -13.34 15.08
N GLN F 550 31.16 -14.50 14.55
CA GLN F 550 32.04 -15.37 15.33
C GLN F 550 33.46 -14.84 15.39
N LEU F 551 33.78 -13.76 14.68
CA LEU F 551 35.06 -13.09 14.89
C LEU F 551 35.10 -12.38 16.24
N LEU F 552 33.96 -11.89 16.73
CA LEU F 552 33.89 -11.37 18.09
C LEU F 552 34.23 -12.47 19.10
N TYR F 553 33.59 -13.63 18.95
CA TYR F 553 33.88 -14.78 19.79
C TYR F 553 35.34 -15.17 19.67
N PHE F 554 35.89 -15.08 18.46
CA PHE F 554 37.33 -15.29 18.29
C PHE F 554 38.13 -14.32 19.13
N ILE F 555 37.73 -13.04 19.16
CA ILE F 555 38.44 -12.05 19.95
C ILE F 555 38.45 -12.47 21.43
N TYR F 556 37.29 -12.91 21.93
CA TYR F 556 37.22 -13.41 23.30
C TYR F 556 38.24 -14.53 23.53
N SER F 557 38.25 -15.51 22.63
CA SER F 557 39.19 -16.63 22.76
C SER F 557 40.63 -16.13 22.72
N VAL F 558 40.92 -15.17 21.85
CA VAL F 558 42.27 -14.61 21.74
C VAL F 558 42.68 -14.00 23.08
N LEU F 559 41.78 -13.22 23.68
CA LEU F 559 42.13 -12.51 24.91
C LEU F 559 42.38 -13.47 26.06
N VAL F 560 41.71 -14.63 26.07
CA VAL F 560 41.94 -15.57 27.18
C VAL F 560 43.43 -15.89 27.32
N ILE F 561 44.16 -15.97 26.21
CA ILE F 561 45.46 -16.64 26.20
C ILE F 561 46.48 -15.91 27.08
N VAL F 562 46.59 -14.58 26.91
CA VAL F 562 47.70 -13.83 27.50
C VAL F 562 47.72 -13.99 29.02
N SER F 563 46.56 -14.26 29.61
CA SER F 563 46.43 -14.26 31.07
C SER F 563 47.29 -15.32 31.71
N ALA F 564 47.41 -16.50 31.08
CA ALA F 564 48.18 -17.58 31.67
C ALA F 564 49.65 -17.21 31.77
N ALA F 565 50.22 -16.70 30.68
CA ALA F 565 51.63 -16.31 30.70
C ALA F 565 51.87 -15.23 31.74
N LEU F 566 51.01 -14.21 31.79
CA LEU F 566 51.26 -13.14 32.75
C LEU F 566 50.99 -13.58 34.18
N TYR F 567 50.07 -14.54 34.39
CA TYR F 567 49.83 -15.06 35.74
C TYR F 567 51.04 -15.84 36.23
N LEU F 568 51.65 -16.64 35.36
CA LEU F 568 52.91 -17.29 35.73
C LEU F 568 53.98 -16.24 35.99
N ALA F 569 54.00 -15.17 35.20
CA ALA F 569 54.98 -14.11 35.40
C ALA F 569 54.75 -13.38 36.71
N GLY F 570 53.49 -13.18 37.10
CA GLY F 570 53.15 -12.32 38.20
C GLY F 570 52.93 -10.87 37.82
N ILE F 571 52.93 -10.55 36.53
CA ILE F 571 52.65 -9.19 36.09
C ILE F 571 51.27 -8.76 36.55
N GLU F 572 51.05 -7.45 36.58
CA GLU F 572 49.82 -6.87 37.12
C GLU F 572 48.81 -6.48 36.05
N ALA F 573 49.13 -6.64 34.77
CA ALA F 573 48.27 -6.18 33.69
C ALA F 573 47.30 -7.25 33.19
N TYR F 574 47.37 -8.48 33.70
CA TYR F 574 46.46 -9.52 33.23
C TYR F 574 45.01 -9.16 33.54
N LEU F 575 44.80 -8.33 34.57
CA LEU F 575 43.44 -7.94 34.94
C LEU F 575 42.75 -7.19 33.80
N ALA F 576 43.47 -6.31 33.10
CA ALA F 576 42.86 -5.58 31.99
C ALA F 576 42.37 -6.54 30.90
N VAL F 577 43.19 -7.52 30.56
CA VAL F 577 42.81 -8.52 29.58
C VAL F 577 41.55 -9.24 30.03
N MET F 578 41.53 -9.64 31.30
CA MET F 578 40.35 -10.34 31.83
C MET F 578 39.12 -9.45 31.77
N VAL F 579 39.28 -8.14 32.00
CA VAL F 579 38.14 -7.23 31.94
C VAL F 579 37.55 -7.21 30.54
N PHE F 580 38.41 -7.00 29.54
CA PHE F 580 37.92 -7.02 28.17
C PHE F 580 37.15 -8.29 27.90
N ALA F 581 37.73 -9.43 28.26
CA ALA F 581 37.12 -10.72 27.92
C ALA F 581 35.80 -10.94 28.67
N LEU F 582 35.74 -10.55 29.94
CA LEU F 582 34.53 -10.74 30.74
C LEU F 582 33.36 -9.97 30.16
N VAL F 583 33.60 -8.70 29.83
CA VAL F 583 32.51 -7.93 29.22
C VAL F 583 32.11 -8.57 27.89
N LEU F 584 33.11 -9.06 27.14
CA LEU F 584 32.78 -9.73 25.88
C LEU F 584 31.87 -10.93 26.11
N GLY F 585 32.09 -11.68 27.19
CA GLY F 585 31.24 -12.84 27.46
C GLY F 585 29.80 -12.44 27.75
N TRP F 586 29.61 -11.52 28.69
CA TRP F 586 28.24 -11.10 28.99
C TRP F 586 27.56 -10.53 27.75
N MET F 587 28.34 -9.85 26.88
CA MET F 587 27.78 -9.40 25.62
C MET F 587 27.42 -10.57 24.70
N ASN F 588 28.23 -11.64 24.72
CA ASN F 588 27.95 -12.79 23.88
C ASN F 588 26.61 -13.41 24.22
N ALA F 589 26.19 -13.28 25.48
CA ALA F 589 24.85 -13.74 25.84
C ALA F 589 23.78 -13.33 24.82
N LEU F 590 23.96 -12.17 24.18
CA LEU F 590 22.99 -11.71 23.20
C LEU F 590 22.86 -12.69 22.04
N TYR F 591 23.98 -13.30 21.64
CA TYR F 591 23.92 -14.31 20.59
C TYR F 591 23.03 -15.47 21.00
N PHE F 592 23.05 -15.83 22.28
CA PHE F 592 22.16 -16.89 22.76
C PHE F 592 20.71 -16.42 22.74
N THR F 593 20.47 -15.13 23.00
CA THR F 593 19.11 -14.63 22.88
C THR F 593 18.62 -14.73 21.45
N ARG F 594 19.50 -14.48 20.48
CA ARG F 594 19.10 -14.47 19.09
C ARG F 594 18.47 -15.80 18.67
N GLY F 595 19.00 -16.91 19.18
CA GLY F 595 18.47 -18.22 18.78
C GLY F 595 17.01 -18.39 19.16
N LEU F 596 16.62 -17.94 20.35
CA LEU F 596 15.24 -18.08 20.79
C LEU F 596 14.31 -17.28 19.88
N LYS F 597 13.10 -17.80 19.67
CA LYS F 597 12.15 -17.14 18.79
C LYS F 597 11.74 -15.78 19.33
N LEU F 598 11.54 -15.67 20.65
CA LEU F 598 11.04 -14.44 21.24
C LEU F 598 12.00 -13.28 21.02
N THR F 599 13.30 -13.51 21.23
CA THR F 599 14.32 -12.47 21.11
C THR F 599 15.04 -12.50 19.76
N GLY F 600 14.58 -13.36 18.86
CA GLY F 600 15.28 -13.54 17.60
C GLY F 600 15.38 -12.26 16.78
N THR F 601 14.32 -11.46 16.79
CA THR F 601 14.32 -10.23 15.99
C THR F 601 15.04 -9.10 16.71
N TYR F 602 14.84 -8.98 18.02
CA TYR F 602 15.47 -7.90 18.77
C TYR F 602 16.98 -8.03 18.77
N SER F 603 17.50 -9.24 18.98
CA SER F 603 18.96 -9.41 18.99
C SER F 603 19.55 -9.03 17.65
N ILE F 604 18.93 -9.48 16.56
CA ILE F 604 19.45 -9.21 15.23
C ILE F 604 19.36 -7.73 14.92
N MET F 605 18.28 -7.07 15.35
CA MET F 605 18.16 -5.63 15.12
C MET F 605 19.26 -4.87 15.86
N ILE F 606 19.52 -5.26 17.11
CA ILE F 606 20.58 -4.60 17.87
C ILE F 606 21.92 -4.78 17.16
N GLN F 607 22.20 -6.00 16.70
CA GLN F 607 23.46 -6.25 16.01
C GLN F 607 23.56 -5.42 14.73
N LYS F 608 22.48 -5.38 13.95
CA LYS F 608 22.50 -4.64 12.69
C LYS F 608 22.75 -3.16 12.93
N ILE F 609 22.07 -2.58 13.93
CA ILE F 609 22.31 -1.19 14.25
C ILE F 609 23.75 -0.99 14.69
N LEU F 610 24.26 -1.89 15.54
CA LEU F 610 25.63 -1.78 16.01
C LEU F 610 26.65 -1.90 14.87
N PHE F 611 26.26 -2.50 13.74
CA PHE F 611 27.18 -2.72 12.63
C PHE F 611 27.00 -1.71 11.51
N LYS F 612 25.77 -1.45 11.09
CA LYS F 612 25.53 -0.56 9.95
C LYS F 612 25.63 0.90 10.36
N ASP F 613 24.69 1.37 11.17
CA ASP F 613 24.67 2.78 11.56
C ASP F 613 25.61 3.05 12.72
N LEU F 614 25.38 2.38 13.86
CA LEU F 614 26.12 2.70 15.07
C LEU F 614 27.63 2.70 14.83
N PHE F 615 28.14 1.72 14.09
CA PHE F 615 29.57 1.63 13.86
C PHE F 615 30.08 2.87 13.14
N ARG F 616 29.45 3.23 12.01
CA ARG F 616 29.91 4.39 11.23
C ARG F 616 29.74 5.67 12.03
N PHE F 617 28.60 5.81 12.73
CA PHE F 617 28.37 7.01 13.51
C PHE F 617 29.43 7.18 14.60
N LEU F 618 29.76 6.10 15.30
CA LEU F 618 30.81 6.18 16.32
C LEU F 618 32.15 6.51 15.68
N LEU F 619 32.45 5.91 14.53
CA LEU F 619 33.72 6.18 13.86
C LEU F 619 33.85 7.66 13.52
N VAL F 620 32.80 8.26 12.98
CA VAL F 620 32.86 9.68 12.65
C VAL F 620 32.92 10.53 13.91
N TYR F 621 32.12 10.17 14.92
CA TYR F 621 32.03 10.98 16.13
C TYR F 621 33.36 11.03 16.86
N LEU F 622 34.11 9.92 16.86
CA LEU F 622 35.39 9.92 17.56
C LEU F 622 36.34 10.97 16.99
N LEU F 623 36.47 11.00 15.65
CA LEU F 623 37.34 11.98 15.01
C LEU F 623 36.84 13.40 15.24
N PHE F 624 35.51 13.60 15.13
CA PHE F 624 34.97 14.93 15.38
C PHE F 624 35.29 15.39 16.80
N MET F 625 35.16 14.49 17.77
CA MET F 625 35.44 14.83 19.16
C MET F 625 36.89 15.17 19.36
N ILE F 626 37.80 14.41 18.75
CA ILE F 626 39.23 14.71 18.88
C ILE F 626 39.53 16.10 18.32
N GLY F 627 39.00 16.41 17.14
CA GLY F 627 39.25 17.72 16.56
C GLY F 627 38.71 18.84 17.42
N TYR F 628 37.49 18.68 17.93
CA TYR F 628 36.92 19.70 18.79
C TYR F 628 37.70 19.84 20.09
N ALA F 629 38.26 18.74 20.59
CA ALA F 629 39.14 18.81 21.75
C ALA F 629 40.36 19.67 21.44
N SER F 630 40.93 19.49 20.25
CA SER F 630 42.04 20.35 19.84
C SER F 630 41.61 21.81 19.80
N ALA F 631 40.41 22.08 19.28
CA ALA F 631 39.91 23.45 19.23
C ALA F 631 39.78 24.04 20.64
N LEU F 632 39.22 23.26 21.57
CA LEU F 632 39.08 23.73 22.94
C LEU F 632 40.45 23.99 23.57
N VAL F 633 41.43 23.12 23.28
CA VAL F 633 42.79 23.36 23.76
C VAL F 633 43.31 24.68 23.23
N SER F 634 43.10 24.95 21.95
CA SER F 634 43.58 26.21 21.38
C SER F 634 42.91 27.40 22.07
N LEU F 635 41.61 27.29 22.33
CA LEU F 635 40.91 28.37 23.03
C LEU F 635 41.48 28.57 24.43
N LEU F 636 41.80 27.48 25.12
CA LEU F 636 42.34 27.60 26.48
C LEU F 636 43.66 28.34 26.49
N ASN F 637 44.55 28.03 25.55
CA ASN F 637 45.86 28.67 25.47
C ASN F 637 46.60 28.56 26.81
N SER F 663 50.08 18.10 25.64
CA SER F 663 49.59 16.73 25.74
C SER F 663 48.87 16.51 27.07
N GLU F 664 49.60 16.69 28.18
CA GLU F 664 48.97 16.61 29.50
C GLU F 664 47.88 17.66 29.65
N THR F 665 48.17 18.89 29.19
CA THR F 665 47.15 19.94 29.20
C THR F 665 45.94 19.55 28.37
N PHE F 666 46.14 18.73 27.33
CA PHE F 666 45.02 18.21 26.56
C PHE F 666 44.36 17.02 27.26
N SER F 667 45.15 16.21 27.98
CA SER F 667 44.57 15.05 28.65
C SER F 667 43.61 15.48 29.76
N THR F 668 44.02 16.45 30.57
CA THR F 668 43.12 16.97 31.61
C THR F 668 41.82 17.45 30.98
N PHE F 669 41.93 18.27 29.93
CA PHE F 669 40.76 18.81 29.26
C PHE F 669 39.86 17.70 28.74
N LEU F 670 40.44 16.66 28.14
CA LEU F 670 39.63 15.60 27.54
C LEU F 670 38.87 14.82 28.60
N LEU F 671 39.56 14.40 29.67
CA LEU F 671 38.89 13.65 30.72
C LEU F 671 37.79 14.48 31.36
N ASP F 672 38.09 15.75 31.70
CA ASP F 672 37.08 16.58 32.31
C ASP F 672 35.95 16.89 31.35
N LEU F 673 36.21 16.90 30.04
CA LEU F 673 35.14 17.10 29.07
C LEU F 673 34.22 15.90 29.01
N PHE F 674 34.76 14.69 29.11
CA PHE F 674 33.89 13.52 29.23
C PHE F 674 33.02 13.63 30.48
N LYS F 675 33.62 14.02 31.61
CA LYS F 675 32.82 14.28 32.80
C LYS F 675 31.76 15.32 32.54
N LEU F 676 32.09 16.34 31.73
CA LEU F 676 31.11 17.37 31.38
C LEU F 676 29.96 16.77 30.59
N THR F 677 30.24 15.87 29.65
CA THR F 677 29.16 15.20 28.93
C THR F 677 28.26 14.49 29.91
N ILE F 678 28.85 13.80 30.89
CA ILE F 678 28.03 13.22 31.95
C ILE F 678 27.34 14.32 32.76
N GLY F 679 28.05 15.41 33.03
CA GLY F 679 27.54 16.50 33.83
C GLY F 679 27.94 16.47 35.28
N MET F 680 28.49 15.34 35.76
CA MET F 680 28.98 15.26 37.13
C MET F 680 30.16 16.20 37.34
N GLY F 681 31.07 16.27 36.37
CA GLY F 681 32.27 17.07 36.54
C GLY F 681 31.99 18.56 36.43
N ASP F 682 32.77 19.34 37.16
CA ASP F 682 32.67 20.79 37.09
C ASP F 682 33.48 21.33 35.91
N LEU F 683 33.21 22.59 35.55
CA LEU F 683 33.87 23.24 34.41
C LEU F 683 35.20 23.84 34.87
N GLU F 684 36.17 22.95 35.11
CA GLU F 684 37.51 23.41 35.46
C GLU F 684 38.20 24.06 34.26
N MET F 685 38.00 23.50 33.07
CA MET F 685 38.64 24.04 31.87
C MET F 685 38.26 25.50 31.66
N LEU F 686 36.96 25.81 31.72
CA LEU F 686 36.50 27.16 31.39
C LEU F 686 37.26 28.22 32.17
N SER F 687 37.47 27.98 33.46
CA SER F 687 38.16 28.98 34.29
C SER F 687 39.54 29.29 33.72
N SER F 688 40.26 28.27 33.25
CA SER F 688 41.60 28.46 32.71
C SER F 688 41.54 28.53 31.19
N THR F 689 40.95 29.62 30.70
CA THR F 689 40.81 29.84 29.26
C THR F 689 41.17 31.28 28.91
N LYS F 690 41.98 31.45 27.88
CA LYS F 690 42.31 32.78 27.39
C LYS F 690 41.08 33.47 26.81
N TYR F 691 40.27 32.74 26.05
CA TYR F 691 39.09 33.28 25.37
C TYR F 691 37.90 32.38 25.64
N PRO F 692 37.26 32.50 26.81
CA PRO F 692 36.07 31.69 27.08
C PRO F 692 34.84 32.19 26.34
N VAL F 693 34.80 33.49 26.04
CA VAL F 693 33.61 34.07 25.43
C VAL F 693 33.27 33.34 24.14
N VAL F 694 34.28 33.09 23.30
CA VAL F 694 34.05 32.29 22.10
C VAL F 694 33.79 30.84 22.46
N PHE F 695 34.50 30.31 23.46
CA PHE F 695 34.37 28.91 23.81
C PHE F 695 32.97 28.58 24.32
N ILE F 696 32.38 29.47 25.11
CA ILE F 696 31.12 29.15 25.77
C ILE F 696 30.06 28.77 24.74
N ILE F 697 29.89 29.59 23.70
CA ILE F 697 28.95 29.25 22.63
C ILE F 697 29.39 27.95 21.96
N LEU F 698 30.69 27.81 21.70
CA LEU F 698 31.17 26.62 21.00
C LEU F 698 30.93 25.36 21.82
N LEU F 699 31.21 25.41 23.11
CA LEU F 699 31.07 24.21 23.94
C LEU F 699 29.64 23.69 23.92
N VAL F 700 28.67 24.60 24.05
CA VAL F 700 27.27 24.20 23.89
C VAL F 700 27.03 23.72 22.46
N THR F 701 27.56 24.45 21.48
CA THR F 701 27.33 24.07 20.09
C THR F 701 27.92 22.69 19.81
N TYR F 702 29.11 22.41 20.33
CA TYR F 702 29.72 21.10 20.11
C TYR F 702 28.85 19.99 20.68
N ILE F 703 28.33 20.17 21.90
CA ILE F 703 27.48 19.17 22.51
C ILE F 703 26.22 18.95 21.68
N ILE F 704 25.61 20.03 21.19
CA ILE F 704 24.44 19.90 20.34
C ILE F 704 24.78 19.10 19.08
N LEU F 705 25.91 19.42 18.45
CA LEU F 705 26.26 18.74 17.21
C LEU F 705 26.51 17.25 17.43
N THR F 706 27.22 16.89 18.50
CA THR F 706 27.44 15.49 18.80
C THR F 706 26.12 14.77 19.06
N PHE F 707 25.25 15.38 19.86
CA PHE F 707 23.99 14.73 20.21
C PHE F 707 23.03 14.70 19.02
N VAL F 708 22.90 15.82 18.30
CA VAL F 708 21.90 15.86 17.23
C VAL F 708 22.26 14.91 16.10
N LEU F 709 23.55 14.80 15.79
CA LEU F 709 23.97 13.80 14.80
C LEU F 709 23.65 12.39 15.30
N LEU F 710 23.86 12.15 16.60
CA LEU F 710 23.49 10.86 17.17
C LEU F 710 21.98 10.70 17.27
N LEU F 711 21.26 11.79 17.52
CA LEU F 711 19.79 11.72 17.49
C LEU F 711 19.31 11.37 16.09
N ASN F 712 19.93 11.94 15.06
CA ASN F 712 19.55 11.60 13.69
C ASN F 712 19.81 10.13 13.39
N MET F 713 20.82 9.52 14.03
CA MET F 713 21.11 8.12 13.79
C MET F 713 19.90 7.25 14.09
N LEU F 714 19.21 7.53 15.20
CA LEU F 714 18.02 6.77 15.54
C LEU F 714 16.95 6.91 14.46
N ILE F 715 16.74 8.13 13.96
CA ILE F 715 15.81 8.32 12.84
C ILE F 715 16.32 7.59 11.61
N ALA F 716 17.62 7.68 11.34
CA ALA F 716 18.19 6.97 10.19
C ALA F 716 18.04 5.47 10.34
N LEU F 717 18.24 4.96 11.56
CA LEU F 717 18.25 3.50 11.76
C LEU F 717 16.90 2.89 11.45
N MET F 718 15.81 3.50 11.94
CA MET F 718 14.50 2.86 11.82
C MET F 718 14.08 2.73 10.36
N GLY F 719 14.32 3.77 9.55
CA GLY F 719 13.85 3.76 8.18
C GLY F 719 14.90 3.34 7.17
N GLU F 720 16.07 3.98 7.19
CA GLU F 720 17.10 3.68 6.20
C GLU F 720 17.67 2.27 6.39
N THR F 721 17.94 1.89 7.63
CA THR F 721 18.54 0.59 7.95
C THR F 721 17.51 -0.47 8.31
N VAL F 722 16.54 -0.12 9.16
CA VAL F 722 15.53 -1.09 9.59
C VAL F 722 14.36 -1.19 8.64
N GLY F 723 14.26 -0.30 7.65
CA GLY F 723 13.16 -0.38 6.69
C GLY F 723 13.13 -1.72 5.97
N GLN F 724 14.29 -2.16 5.47
CA GLN F 724 14.39 -3.47 4.85
C GLN F 724 14.40 -4.60 5.89
N VAL F 725 14.89 -4.32 7.10
CA VAL F 725 14.88 -5.33 8.14
C VAL F 725 13.46 -5.61 8.60
N SER F 726 12.64 -4.56 8.72
CA SER F 726 11.27 -4.73 9.18
C SER F 726 10.50 -5.67 8.27
N LYS F 727 10.68 -5.52 6.95
CA LYS F 727 9.90 -6.32 6.01
C LYS F 727 10.36 -7.76 5.97
N GLU F 728 11.69 -7.98 6.02
CA GLU F 728 12.27 -9.30 5.84
C GLU F 728 12.68 -9.94 7.17
N SER F 729 12.25 -9.38 8.30
CA SER F 729 12.65 -9.94 9.59
C SER F 729 12.15 -11.37 9.74
N LYS F 730 10.89 -11.62 9.35
CA LYS F 730 10.34 -12.97 9.46
C LYS F 730 11.13 -13.95 8.61
N HIS F 731 11.46 -13.56 7.37
CA HIS F 731 12.29 -14.41 6.53
C HIS F 731 13.69 -14.58 7.13
N ILE F 732 14.27 -13.49 7.63
CA ILE F 732 15.60 -13.56 8.24
C ILE F 732 15.56 -14.45 9.47
N TRP F 733 14.51 -14.34 10.28
CA TRP F 733 14.42 -15.15 11.49
C TRP F 733 14.44 -16.64 11.15
N LYS F 734 13.72 -17.05 10.10
CA LYS F 734 13.77 -18.44 9.68
C LYS F 734 15.19 -18.81 9.24
N LEU F 735 15.85 -17.93 8.50
CA LEU F 735 17.24 -18.17 8.13
C LEU F 735 18.11 -18.30 9.37
N GLN F 736 17.95 -17.36 10.32
CA GLN F 736 18.70 -17.45 11.56
C GLN F 736 18.38 -18.75 12.29
N TRP F 737 17.10 -19.11 12.36
CA TRP F 737 16.73 -20.38 12.99
C TRP F 737 17.32 -21.55 12.22
N ALA F 738 17.30 -21.48 10.89
CA ALA F 738 17.82 -22.59 10.09
C ALA F 738 19.32 -22.79 10.33
N THR F 739 20.09 -21.70 10.34
CA THR F 739 21.53 -21.82 10.56
C THR F 739 21.81 -22.44 11.93
N THR F 740 21.10 -21.98 12.96
CA THR F 740 21.29 -22.55 14.29
C THR F 740 20.95 -24.03 14.32
N ILE F 741 19.86 -24.43 13.65
CA ILE F 741 19.47 -25.83 13.63
C ILE F 741 20.55 -26.66 12.95
N LEU F 742 21.12 -26.15 11.86
CA LEU F 742 22.12 -26.90 11.12
C LEU F 742 23.36 -27.16 11.96
N ASP F 743 23.80 -26.15 12.72
CA ASP F 743 25.02 -26.32 13.51
C ASP F 743 24.86 -27.42 14.55
N ILE F 744 23.67 -27.53 15.14
CA ILE F 744 23.45 -28.57 16.14
C ILE F 744 23.66 -29.95 15.53
N GLU F 745 23.10 -30.18 14.34
CA GLU F 745 23.25 -31.48 13.69
C GLU F 745 24.69 -31.73 13.26
N ARG F 746 25.38 -30.69 12.81
CA ARG F 746 26.76 -30.85 12.38
C ARG F 746 27.64 -31.32 13.52
N SER F 747 27.42 -30.80 14.72
CA SER F 747 28.25 -31.17 15.86
C SER F 747 28.13 -32.66 16.18
N PHE F 748 26.91 -33.19 16.14
CA PHE F 748 26.70 -34.57 16.56
C PHE F 748 27.41 -35.53 15.60
N PRO F 749 28.01 -36.61 16.11
CA PRO F 749 28.66 -37.57 15.21
C PRO F 749 27.64 -38.44 14.48
N VAL F 750 28.15 -39.12 13.45
CA VAL F 750 27.34 -39.92 12.53
C VAL F 750 26.32 -40.80 13.25
N PHE F 751 26.73 -41.47 14.32
CA PHE F 751 25.79 -42.30 15.07
C PHE F 751 24.63 -41.45 15.62
N LEU F 752 24.98 -40.32 16.25
CA LEU F 752 23.95 -39.45 16.82
C LEU F 752 23.04 -38.90 15.73
N ARG F 753 23.62 -38.50 14.59
CA ARG F 753 22.80 -38.03 13.48
C ARG F 753 21.87 -39.12 12.96
N LYS F 754 22.40 -40.35 12.83
CA LYS F 754 21.60 -41.46 12.35
C LYS F 754 20.43 -41.75 13.29
N ALA F 755 20.61 -41.47 14.58
CA ALA F 755 19.51 -41.68 15.52
C ALA F 755 18.23 -40.96 15.07
N PHE F 756 18.37 -39.74 14.54
CA PHE F 756 17.23 -38.89 14.24
C PHE F 756 17.17 -38.48 12.78
N ARG F 757 17.43 -39.42 11.86
CA ARG F 757 17.16 -39.15 10.46
C ARG F 757 15.67 -39.02 10.25
N SER F 758 15.24 -37.86 9.76
CA SER F 758 13.81 -37.60 9.63
C SER F 758 13.23 -38.41 8.47
N GLY F 759 11.91 -38.52 8.47
CA GLY F 759 11.21 -39.34 7.50
C GLY F 759 11.22 -40.80 7.87
N GLU F 760 10.52 -41.57 7.04
CA GLU F 760 10.40 -43.01 7.22
C GLU F 760 10.80 -43.69 5.92
N MET F 761 11.63 -44.72 6.01
CA MET F 761 12.03 -45.46 4.82
C MET F 761 10.83 -46.14 4.20
N VAL F 762 10.65 -45.97 2.90
CA VAL F 762 9.54 -46.52 2.17
C VAL F 762 10.05 -47.16 0.90
N THR F 763 9.53 -48.34 0.56
CA THR F 763 9.81 -48.98 -0.71
C THR F 763 8.80 -48.43 -1.71
N VAL F 764 9.24 -47.49 -2.53
CA VAL F 764 8.30 -46.79 -3.42
C VAL F 764 7.63 -47.78 -4.36
N GLY F 765 8.39 -48.70 -4.92
CA GLY F 765 7.82 -49.68 -5.82
C GLY F 765 8.91 -50.60 -6.34
N LYS F 766 8.47 -51.69 -6.96
CA LYS F 766 9.40 -52.65 -7.54
C LYS F 766 10.21 -51.98 -8.64
N SER F 767 11.53 -52.04 -8.52
CA SER F 767 12.42 -51.44 -9.49
C SER F 767 12.64 -52.39 -10.67
N SER F 768 13.44 -51.95 -11.64
CA SER F 768 13.76 -52.80 -12.78
C SER F 768 14.48 -54.06 -12.33
N ASP F 769 15.40 -53.93 -11.39
CA ASP F 769 16.09 -55.11 -10.86
C ASP F 769 15.12 -56.05 -10.18
N GLY F 770 14.11 -55.50 -9.50
CA GLY F 770 13.12 -56.28 -8.76
C GLY F 770 13.12 -55.98 -7.28
N THR F 771 14.29 -55.68 -6.72
CA THR F 771 14.36 -55.19 -5.35
C THR F 771 13.72 -53.81 -5.31
N PRO F 772 12.67 -53.59 -4.54
CA PRO F 772 11.99 -52.29 -4.59
C PRO F 772 12.96 -51.16 -4.26
N ASP F 773 12.80 -50.05 -4.96
CA ASP F 773 13.59 -48.86 -4.65
C ASP F 773 13.17 -48.34 -3.28
N ARG F 774 14.14 -48.14 -2.41
CA ARG F 774 13.88 -47.70 -1.04
C ARG F 774 14.58 -46.38 -0.80
N ARG F 775 13.91 -45.29 -1.18
CA ARG F 775 14.34 -43.96 -0.80
C ARG F 775 13.93 -43.67 0.64
N TRP F 776 14.67 -42.80 1.30
CA TRP F 776 14.29 -42.33 2.62
C TRP F 776 13.32 -41.17 2.42
N CYS F 777 12.04 -41.43 2.64
CA CYS F 777 10.98 -40.50 2.27
C CYS F 777 10.41 -39.81 3.49
N PHE F 778 9.96 -38.57 3.29
CA PHE F 778 9.36 -37.75 4.33
C PHE F 778 7.93 -37.43 3.90
N ARG F 779 6.96 -38.04 4.58
CA ARG F 779 5.56 -37.87 4.21
C ARG F 779 5.11 -36.44 4.46
N VAL F 780 4.26 -35.93 3.57
CA VAL F 780 3.67 -34.60 3.70
C VAL F 780 2.16 -34.74 3.57
N ASP F 781 1.43 -34.17 4.53
CA ASP F 781 -0.02 -34.26 4.60
C ASP F 781 -0.63 -32.95 4.13
N GLU F 782 -1.53 -33.02 3.15
CA GLU F 782 -2.21 -31.83 2.65
C GLU F 782 -3.65 -32.21 2.30
N VAL F 783 -4.60 -31.37 2.69
CA VAL F 783 -6.00 -31.57 2.34
C VAL F 783 -6.42 -30.49 1.38
N ASN F 784 -7.34 -30.84 0.48
CA ASN F 784 -7.83 -29.90 -0.52
C ASN F 784 -9.21 -30.32 -0.96
N TRP F 785 -10.20 -29.46 -0.71
CA TRP F 785 -11.57 -29.76 -1.09
C TRP F 785 -11.76 -29.70 -2.60
N SER F 786 -11.09 -28.75 -3.25
CA SER F 786 -11.23 -28.62 -4.69
C SER F 786 -10.80 -29.90 -5.38
N HIS F 787 -11.59 -30.32 -6.38
CA HIS F 787 -11.28 -31.51 -7.16
C HIS F 787 -11.61 -32.77 -6.37
N TRP F 788 -11.39 -33.93 -7.00
CA TRP F 788 -11.65 -35.20 -6.35
C TRP F 788 -10.58 -36.22 -6.74
N ASN G 150 -69.03 -6.31 10.40
CA ASN G 150 -68.39 -5.43 11.36
C ASN G 150 -67.04 -4.96 10.83
N ARG G 151 -66.45 -3.98 11.52
CA ARG G 151 -65.19 -3.38 11.06
C ARG G 151 -64.12 -4.41 10.76
N PRO G 152 -63.84 -5.39 11.63
CA PRO G 152 -62.83 -6.41 11.27
C PRO G 152 -63.20 -7.17 10.00
N ILE G 153 -64.48 -7.46 9.79
CA ILE G 153 -64.87 -8.18 8.58
C ILE G 153 -64.59 -7.33 7.35
N LEU G 154 -64.92 -6.04 7.40
CA LEU G 154 -64.62 -5.16 6.27
C LEU G 154 -63.13 -5.06 6.04
N PHE G 155 -62.35 -4.97 7.11
CA PHE G 155 -60.90 -4.89 6.96
C PHE G 155 -60.35 -6.15 6.30
N ASP G 156 -60.84 -7.32 6.71
CA ASP G 156 -60.38 -8.56 6.08
C ASP G 156 -60.79 -8.61 4.61
N ILE G 157 -62.03 -8.22 4.30
CA ILE G 157 -62.49 -8.21 2.92
C ILE G 157 -61.59 -7.32 2.07
N VAL G 158 -61.29 -6.12 2.58
CA VAL G 158 -60.41 -5.21 1.88
C VAL G 158 -59.02 -5.82 1.76
N SER G 159 -58.58 -6.57 2.77
CA SER G 159 -57.26 -7.18 2.71
C SER G 159 -57.17 -8.19 1.58
N ARG G 160 -58.22 -8.99 1.40
CA ARG G 160 -58.20 -10.00 0.34
C ARG G 160 -58.25 -9.37 -1.04
N GLY G 161 -59.06 -8.33 -1.21
CA GLY G 161 -59.26 -7.73 -2.51
C GLY G 161 -60.45 -8.25 -3.26
N SER G 162 -61.35 -8.98 -2.61
CA SER G 162 -62.50 -9.60 -3.26
C SER G 162 -63.63 -8.58 -3.33
N THR G 163 -63.97 -8.15 -4.55
CA THR G 163 -65.06 -7.19 -4.71
C THR G 163 -66.41 -7.83 -4.43
N ALA G 164 -66.56 -9.13 -4.69
CA ALA G 164 -67.84 -9.79 -4.48
C ALA G 164 -68.27 -9.74 -3.02
N ASP G 165 -67.32 -9.85 -2.09
CA ASP G 165 -67.68 -9.86 -0.68
C ASP G 165 -68.21 -8.52 -0.21
N LEU G 166 -67.85 -7.43 -0.89
CA LEU G 166 -68.37 -6.11 -0.56
C LEU G 166 -69.82 -5.93 -0.98
N ASP G 167 -70.38 -6.87 -1.74
CA ASP G 167 -71.75 -6.73 -2.20
C ASP G 167 -72.70 -6.55 -1.03
N GLY G 168 -73.64 -5.62 -1.17
CA GLY G 168 -74.59 -5.33 -0.13
C GLY G 168 -74.12 -4.32 0.90
N LEU G 169 -72.87 -3.83 0.79
CA LEU G 169 -72.38 -2.86 1.75
C LEU G 169 -73.16 -1.56 1.69
N LEU G 170 -73.39 -1.04 0.49
CA LEU G 170 -74.10 0.23 0.35
C LEU G 170 -75.50 0.18 0.94
N PRO G 171 -76.30 -0.85 0.67
CA PRO G 171 -77.60 -0.94 1.37
C PRO G 171 -77.46 -0.91 2.89
N PHE G 172 -76.48 -1.61 3.44
CA PHE G 172 -76.30 -1.60 4.89
C PHE G 172 -76.00 -0.19 5.38
N LEU G 173 -75.06 0.50 4.71
CA LEU G 173 -74.68 1.84 5.16
C LEU G 173 -75.85 2.80 5.05
N LEU G 174 -76.60 2.76 3.95
CA LEU G 174 -77.71 3.69 3.79
C LEU G 174 -78.82 3.38 4.78
N THR G 175 -79.06 2.10 5.07
CA THR G 175 -80.06 1.75 6.06
C THR G 175 -79.66 2.26 7.45
N HIS G 176 -78.38 2.13 7.79
CA HIS G 176 -77.90 2.59 9.10
C HIS G 176 -77.46 4.05 9.09
N LYS G 177 -77.42 4.69 7.93
CA LYS G 177 -76.97 6.08 7.83
C LYS G 177 -75.57 6.24 8.40
N LYS G 178 -74.72 5.26 8.15
CA LYS G 178 -73.33 5.31 8.56
C LYS G 178 -72.45 5.80 7.41
N ARG G 179 -71.29 6.35 7.77
CA ARG G 179 -70.33 6.81 6.79
C ARG G 179 -69.04 6.01 6.95
N LEU G 180 -68.32 5.87 5.83
CA LEU G 180 -67.06 5.15 5.85
C LEU G 180 -66.00 5.88 6.66
N THR G 181 -66.23 7.15 6.98
CA THR G 181 -65.31 7.94 7.78
C THR G 181 -65.72 7.98 9.26
N ASP G 182 -66.75 7.23 9.64
CA ASP G 182 -67.20 7.23 11.02
C ASP G 182 -66.16 6.59 11.92
N GLU G 183 -66.26 6.91 13.22
CA GLU G 183 -65.28 6.41 14.17
C GLU G 183 -65.30 4.90 14.25
N GLU G 184 -66.48 4.30 14.23
CA GLU G 184 -66.58 2.84 14.36
C GLU G 184 -65.78 2.13 13.29
N PHE G 185 -65.94 2.56 12.03
CA PHE G 185 -65.22 1.91 10.94
C PHE G 185 -63.73 2.23 10.98
N ARG G 186 -63.38 3.42 11.44
CA ARG G 186 -61.98 3.80 11.54
C ARG G 186 -61.32 3.06 12.70
N GLU G 187 -60.03 2.78 12.59
CA GLU G 187 -59.30 2.09 13.64
C GLU G 187 -58.94 3.06 14.75
N PRO G 188 -59.36 2.81 16.00
CA PRO G 188 -59.11 3.81 17.06
C PRO G 188 -57.64 4.14 17.24
N SER G 189 -56.75 3.17 17.07
CA SER G 189 -55.34 3.41 17.40
C SER G 189 -54.75 4.54 16.57
N THR G 190 -55.06 4.57 15.27
CA THR G 190 -54.47 5.56 14.38
C THR G 190 -55.49 6.30 13.53
N GLY G 191 -56.79 6.01 13.65
CA GLY G 191 -57.77 6.63 12.78
C GLY G 191 -57.80 6.06 11.39
N LYS G 192 -57.12 4.95 11.15
CA LYS G 192 -57.01 4.38 9.81
C LYS G 192 -58.39 4.09 9.24
N THR G 193 -58.57 4.40 7.96
CA THR G 193 -59.81 4.14 7.25
C THR G 193 -59.67 2.93 6.34
N CYS G 194 -60.78 2.58 5.67
CA CYS G 194 -60.78 1.43 4.80
C CYS G 194 -59.82 1.60 3.62
N LEU G 195 -59.83 2.76 2.98
CA LEU G 195 -59.05 2.96 1.77
C LEU G 195 -57.55 2.77 2.01
N PRO G 196 -56.95 3.31 3.07
CA PRO G 196 -55.53 2.99 3.33
C PRO G 196 -55.28 1.50 3.44
N LYS G 197 -56.16 0.76 4.10
CA LYS G 197 -56.01 -0.68 4.21
C LYS G 197 -56.06 -1.34 2.85
N ALA G 198 -56.97 -0.89 1.99
CA ALA G 198 -57.03 -1.42 0.63
C ALA G 198 -55.74 -1.13 -0.12
N LEU G 199 -55.22 0.09 0.02
CA LEU G 199 -54.02 0.47 -0.73
C LEU G 199 -52.80 -0.31 -0.27
N LEU G 200 -52.70 -0.62 1.02
CA LEU G 200 -51.53 -1.31 1.53
C LEU G 200 -51.42 -2.75 1.04
N ASN G 201 -52.53 -3.35 0.60
CA ASN G 201 -52.54 -4.71 0.08
C ASN G 201 -52.87 -4.68 -1.40
N LEU G 202 -52.02 -5.33 -2.20
CA LEU G 202 -52.21 -5.36 -3.65
C LEU G 202 -51.69 -6.67 -4.20
N SER G 203 -52.42 -7.24 -5.15
CA SER G 203 -52.07 -8.50 -5.78
C SER G 203 -51.49 -8.18 -7.15
N ASN G 204 -50.18 -8.33 -7.31
CA ASN G 204 -49.50 -7.99 -8.55
C ASN G 204 -49.79 -6.54 -8.93
N GLY G 205 -49.86 -5.68 -7.91
CA GLY G 205 -50.18 -4.28 -8.12
C GLY G 205 -51.56 -4.06 -8.69
N ARG G 206 -52.55 -4.75 -8.14
CA ARG G 206 -53.91 -4.65 -8.64
C ARG G 206 -54.87 -4.99 -7.51
N ASN G 207 -55.78 -4.06 -7.18
CA ASN G 207 -56.77 -4.28 -6.14
C ASN G 207 -58.13 -3.85 -6.67
N ASP G 208 -59.09 -4.76 -6.69
CA ASP G 208 -60.40 -4.51 -7.29
C ASP G 208 -61.37 -3.78 -6.38
N THR G 209 -61.09 -3.69 -5.08
CA THR G 209 -62.04 -3.06 -4.17
C THR G 209 -62.06 -1.54 -4.34
N ILE G 210 -60.94 -0.94 -4.71
CA ILE G 210 -60.82 0.51 -4.71
C ILE G 210 -61.98 1.18 -5.46
N PRO G 211 -62.30 0.79 -6.70
CA PRO G 211 -63.40 1.47 -7.39
C PRO G 211 -64.74 1.33 -6.68
N VAL G 212 -65.02 0.17 -6.09
CA VAL G 212 -66.29 0.00 -5.38
C VAL G 212 -66.33 0.87 -4.15
N LEU G 213 -65.21 0.93 -3.41
CA LEU G 213 -65.14 1.81 -2.25
C LEU G 213 -65.41 3.25 -2.65
N LEU G 214 -64.76 3.70 -3.73
CA LEU G 214 -64.95 5.07 -4.19
C LEU G 214 -66.39 5.31 -4.62
N ASP G 215 -66.99 4.33 -5.30
CA ASP G 215 -68.36 4.48 -5.76
C ASP G 215 -69.32 4.63 -4.58
N ILE G 216 -69.17 3.78 -3.56
CA ILE G 216 -70.06 3.87 -2.42
C ILE G 216 -69.81 5.16 -1.64
N ALA G 217 -68.55 5.60 -1.56
CA ALA G 217 -68.25 6.84 -0.87
C ALA G 217 -68.88 8.03 -1.59
N GLU G 218 -68.91 7.99 -2.92
CA GLU G 218 -69.61 9.03 -3.65
C GLU G 218 -71.12 8.91 -3.49
N ARG G 219 -71.63 7.68 -3.39
CA ARG G 219 -73.07 7.49 -3.21
C ARG G 219 -73.54 8.09 -1.88
N THR G 220 -72.81 7.82 -0.80
CA THR G 220 -73.22 8.34 0.50
C THR G 220 -73.01 9.85 0.61
N GLY G 221 -72.15 10.43 -0.22
CA GLY G 221 -71.90 11.85 -0.19
C GLY G 221 -70.81 12.28 0.77
N ASN G 222 -69.93 11.38 1.18
CA ASN G 222 -68.83 11.70 2.07
C ASN G 222 -67.47 11.49 1.40
N MET G 223 -67.41 11.60 0.08
CA MET G 223 -66.16 11.34 -0.65
C MET G 223 -65.05 12.26 -0.18
N ARG G 224 -65.34 13.56 0.00
CA ARG G 224 -64.30 14.48 0.44
C ARG G 224 -63.70 14.03 1.76
N GLU G 225 -64.55 13.78 2.75
CA GLU G 225 -64.06 13.28 4.03
C GLU G 225 -63.40 11.92 3.88
N PHE G 226 -63.91 11.09 2.97
CA PHE G 226 -63.39 9.74 2.81
C PHE G 226 -61.95 9.75 2.30
N ILE G 227 -61.66 10.62 1.34
CA ILE G 227 -60.32 10.65 0.75
C ILE G 227 -59.37 11.55 1.51
N ASN G 228 -59.87 12.55 2.23
CA ASN G 228 -59.02 13.48 2.96
C ASN G 228 -58.79 13.08 4.40
N SER G 229 -59.37 11.98 4.86
CA SER G 229 -59.25 11.62 6.27
C SER G 229 -57.79 11.35 6.62
N PRO G 230 -57.19 12.09 7.55
CA PRO G 230 -55.80 11.83 7.90
C PRO G 230 -55.64 10.89 9.08
N PHE G 231 -54.47 10.28 9.22
CA PHE G 231 -54.14 9.57 10.44
C PHE G 231 -53.87 10.55 11.56
N ARG G 232 -54.25 10.19 12.80
CA ARG G 232 -54.01 11.06 13.93
C ARG G 232 -52.91 10.57 14.88
N ASP G 233 -52.42 9.34 14.71
CA ASP G 233 -51.33 8.87 15.55
C ASP G 233 -50.09 9.72 15.33
N ILE G 234 -49.37 9.98 16.43
CA ILE G 234 -48.13 10.74 16.32
C ILE G 234 -47.15 10.02 15.39
N TYR G 235 -47.10 8.68 15.50
CA TYR G 235 -46.15 7.93 14.69
C TYR G 235 -46.42 8.08 13.21
N TYR G 236 -47.69 8.12 12.81
CA TYR G 236 -48.05 8.25 11.40
C TYR G 236 -48.98 9.43 11.18
N ARG G 237 -48.69 10.56 11.81
CA ARG G 237 -49.62 11.68 11.77
C ARG G 237 -49.68 12.29 10.37
N GLY G 238 -50.88 12.57 9.89
CA GLY G 238 -51.07 13.35 8.69
C GLY G 238 -51.07 12.54 7.40
N GLN G 239 -50.72 11.26 7.46
CA GLN G 239 -50.66 10.45 6.25
C GLN G 239 -52.06 10.33 5.64
N THR G 240 -52.12 10.32 4.31
CA THR G 240 -53.36 10.21 3.57
C THR G 240 -53.27 9.07 2.57
N ALA G 241 -54.37 8.83 1.87
CA ALA G 241 -54.39 7.75 0.88
C ALA G 241 -53.39 8.01 -0.24
N LEU G 242 -53.27 9.27 -0.67
CA LEU G 242 -52.39 9.58 -1.78
C LEU G 242 -50.94 9.25 -1.45
N HIS G 243 -50.52 9.47 -0.20
CA HIS G 243 -49.17 9.10 0.21
C HIS G 243 -48.93 7.62 0.02
N ILE G 244 -49.89 6.78 0.44
CA ILE G 244 -49.76 5.34 0.25
C ILE G 244 -49.73 5.00 -1.23
N ALA G 245 -50.62 5.62 -2.01
CA ALA G 245 -50.67 5.33 -3.44
C ALA G 245 -49.34 5.63 -4.11
N ILE G 246 -48.72 6.75 -3.77
CA ILE G 246 -47.42 7.09 -4.34
C ILE G 246 -46.35 6.13 -3.85
N GLU G 247 -46.35 5.81 -2.55
CA GLU G 247 -45.33 4.94 -2.00
C GLU G 247 -45.36 3.55 -2.62
N ARG G 248 -46.55 3.09 -3.01
CA ARG G 248 -46.71 1.76 -3.58
C ARG G 248 -46.54 1.72 -5.09
N ARG G 249 -46.21 2.85 -5.72
CA ARG G 249 -45.85 2.87 -7.13
C ARG G 249 -47.01 2.39 -8.01
N CYS G 250 -48.21 2.87 -7.71
CA CYS G 250 -49.42 2.54 -8.47
C CYS G 250 -49.85 3.80 -9.22
N LYS G 251 -49.33 3.96 -10.43
CA LYS G 251 -49.63 5.15 -11.24
C LYS G 251 -51.12 5.33 -11.43
N HIS G 252 -51.80 4.27 -11.86
CA HIS G 252 -53.22 4.38 -12.16
C HIS G 252 -54.02 4.77 -10.93
N TYR G 253 -53.69 4.22 -9.76
CA TYR G 253 -54.39 4.59 -8.55
C TYR G 253 -54.11 6.03 -8.15
N VAL G 254 -52.87 6.50 -8.35
CA VAL G 254 -52.58 7.90 -8.09
C VAL G 254 -53.43 8.79 -8.98
N GLU G 255 -53.52 8.45 -10.26
CA GLU G 255 -54.35 9.23 -11.18
C GLU G 255 -55.81 9.19 -10.75
N LEU G 256 -56.30 8.02 -10.33
CA LEU G 256 -57.68 7.92 -9.87
C LEU G 256 -57.93 8.82 -8.68
N LEU G 257 -57.08 8.73 -7.66
CA LEU G 257 -57.26 9.55 -6.47
C LEU G 257 -57.20 11.03 -6.82
N VAL G 258 -56.31 11.41 -7.73
CA VAL G 258 -56.26 12.80 -8.18
C VAL G 258 -57.58 13.19 -8.82
N ALA G 259 -58.13 12.30 -9.65
CA ALA G 259 -59.39 12.59 -10.32
C ALA G 259 -60.57 12.65 -9.37
N GLN G 260 -60.47 12.02 -8.19
CA GLN G 260 -61.57 11.97 -7.24
C GLN G 260 -61.48 13.06 -6.16
N GLY G 261 -60.75 14.14 -6.44
CA GLY G 261 -60.71 15.25 -5.52
C GLY G 261 -59.85 15.07 -4.30
N ALA G 262 -58.91 14.11 -4.32
CA ALA G 262 -58.02 13.93 -3.19
C ALA G 262 -57.13 15.15 -3.00
N ASP G 263 -56.96 15.57 -1.76
CA ASP G 263 -56.07 16.69 -1.47
C ASP G 263 -54.65 16.36 -1.91
N VAL G 264 -54.03 17.29 -2.63
CA VAL G 264 -52.69 17.07 -3.16
C VAL G 264 -51.61 17.83 -2.38
N HIS G 265 -52.00 18.77 -1.52
CA HIS G 265 -51.04 19.50 -0.69
C HIS G 265 -51.09 19.05 0.77
N ALA G 266 -51.70 17.90 1.04
CA ALA G 266 -51.79 17.42 2.41
C ALA G 266 -50.40 17.16 2.97
N GLN G 267 -50.22 17.52 4.25
CA GLN G 267 -48.95 17.35 4.94
C GLN G 267 -49.00 16.09 5.81
N ALA G 268 -47.84 15.47 5.97
CA ALA G 268 -47.66 14.32 6.86
C ALA G 268 -46.52 14.65 7.80
N ARG G 269 -46.84 15.28 8.93
CA ARG G 269 -45.82 15.76 9.87
C ARG G 269 -45.68 14.85 11.09
N GLY G 270 -45.94 13.54 10.93
CA GLY G 270 -45.76 12.62 12.02
C GLY G 270 -44.29 12.41 12.35
N ARG G 271 -44.05 11.86 13.54
CA ARG G 271 -42.68 11.69 13.99
C ARG G 271 -41.93 10.65 13.16
N PHE G 272 -42.63 9.76 12.48
CA PHE G 272 -41.97 8.78 11.64
C PHE G 272 -41.40 9.40 10.36
N PHE G 273 -41.91 10.56 9.97
CA PHE G 273 -41.52 11.23 8.74
C PHE G 273 -40.46 12.30 8.94
N GLN G 274 -39.90 12.41 10.13
CA GLN G 274 -38.87 13.42 10.41
C GLN G 274 -37.50 12.88 10.03
N PRO G 275 -36.46 13.71 10.10
CA PRO G 275 -35.11 13.21 9.81
C PRO G 275 -34.62 12.27 10.89
N LYS G 276 -33.49 11.61 10.58
CA LYS G 276 -32.89 10.68 11.55
C LYS G 276 -32.59 11.38 12.86
N ASP G 277 -32.11 12.62 12.80
CA ASP G 277 -31.74 13.33 14.02
C ASP G 277 -32.94 13.50 14.94
N GLU G 278 -34.13 13.69 14.38
CA GLU G 278 -35.35 13.88 15.17
C GLU G 278 -36.02 12.57 15.55
N GLY G 279 -35.45 11.43 15.19
CA GLY G 279 -36.02 10.14 15.51
C GLY G 279 -36.84 9.52 14.42
N GLY G 280 -37.09 10.24 13.32
CA GLY G 280 -37.82 9.67 12.21
C GLY G 280 -36.96 8.74 11.38
N TYR G 281 -37.61 8.07 10.43
CA TYR G 281 -36.96 7.08 9.59
C TYR G 281 -36.69 7.58 8.18
N PHE G 282 -37.70 8.16 7.53
CA PHE G 282 -37.58 8.63 6.15
C PHE G 282 -38.14 10.03 6.06
N TYR G 283 -37.36 10.94 5.48
CA TYR G 283 -37.77 12.34 5.32
C TYR G 283 -37.82 12.67 3.84
N PHE G 284 -38.95 13.24 3.40
CA PHE G 284 -39.12 13.59 2.00
C PHE G 284 -39.80 14.93 1.77
N GLY G 285 -40.09 15.70 2.81
CA GLY G 285 -40.68 17.02 2.65
C GLY G 285 -42.15 17.11 2.98
N GLU G 286 -42.80 15.98 3.27
CA GLU G 286 -44.19 15.96 3.71
C GLU G 286 -45.16 16.49 2.65
N LEU G 287 -44.81 16.36 1.37
CA LEU G 287 -45.74 16.70 0.31
C LEU G 287 -45.81 15.57 -0.71
N PRO G 288 -46.99 15.32 -1.29
CA PRO G 288 -47.06 14.26 -2.30
C PRO G 288 -46.12 14.48 -3.47
N LEU G 289 -45.99 15.72 -3.94
CA LEU G 289 -45.09 16.00 -5.06
C LEU G 289 -43.66 15.69 -4.68
N SER G 290 -43.22 16.17 -3.52
CA SER G 290 -41.86 15.87 -3.06
C SER G 290 -41.69 14.39 -2.79
N LEU G 291 -42.72 13.70 -2.29
CA LEU G 291 -42.61 12.27 -2.08
C LEU G 291 -42.38 11.53 -3.40
N ALA G 292 -43.14 11.89 -4.43
CA ALA G 292 -42.94 11.28 -5.74
C ALA G 292 -41.54 11.58 -6.26
N ALA G 293 -41.09 12.83 -6.11
CA ALA G 293 -39.76 13.19 -6.61
C ALA G 293 -38.67 12.42 -5.87
N CYS G 294 -38.86 12.19 -4.56
CA CYS G 294 -37.81 11.55 -3.79
C CYS G 294 -37.64 10.07 -4.13
N THR G 295 -38.74 9.38 -4.45
CA THR G 295 -38.70 7.94 -4.67
C THR G 295 -38.54 7.58 -6.14
N ASN G 296 -37.96 8.46 -6.95
CA ASN G 296 -37.58 8.12 -8.32
C ASN G 296 -38.79 7.66 -9.13
N GLN G 297 -39.82 8.51 -9.15
CA GLN G 297 -41.06 8.24 -9.88
C GLN G 297 -41.36 9.43 -10.77
N PRO G 298 -40.72 9.52 -11.94
CA PRO G 298 -40.90 10.72 -12.78
C PRO G 298 -42.30 10.84 -13.36
N HIS G 299 -42.91 9.72 -13.75
CA HIS G 299 -44.25 9.79 -14.35
C HIS G 299 -45.25 10.38 -13.37
N ILE G 300 -45.14 10.03 -12.09
CA ILE G 300 -46.07 10.57 -11.11
C ILE G 300 -45.88 12.07 -10.95
N VAL G 301 -44.62 12.53 -10.98
CA VAL G 301 -44.37 13.97 -10.89
C VAL G 301 -45.00 14.67 -12.09
N ASN G 302 -44.79 14.11 -13.28
CA ASN G 302 -45.36 14.70 -14.49
C ASN G 302 -46.87 14.79 -14.39
N TYR G 303 -47.52 13.71 -13.92
CA TYR G 303 -48.96 13.72 -13.81
C TYR G 303 -49.43 14.73 -12.76
N LEU G 304 -48.78 14.74 -11.60
CA LEU G 304 -49.20 15.64 -10.53
C LEU G 304 -49.07 17.10 -10.94
N THR G 305 -48.06 17.42 -11.75
CA THR G 305 -47.87 18.79 -12.19
C THR G 305 -48.66 19.14 -13.44
N GLU G 306 -49.11 18.13 -14.20
CA GLU G 306 -49.81 18.35 -15.46
C GLU G 306 -51.25 17.85 -15.42
N ASN G 307 -51.77 17.48 -14.26
CA ASN G 307 -53.15 17.02 -14.19
C ASN G 307 -54.10 18.20 -14.39
N PRO G 308 -55.27 17.98 -14.99
CA PRO G 308 -56.19 19.10 -15.23
C PRO G 308 -57.04 19.45 -14.03
N HIS G 309 -57.26 18.53 -13.09
CA HIS G 309 -58.21 18.78 -12.02
C HIS G 309 -57.64 19.76 -10.99
N LYS G 310 -56.45 19.49 -10.47
CA LYS G 310 -55.84 20.37 -9.48
C LYS G 310 -54.32 20.15 -9.52
N LYS G 311 -53.59 21.13 -10.04
CA LYS G 311 -52.15 21.04 -10.12
C LYS G 311 -51.52 21.25 -8.75
N ALA G 312 -50.28 20.79 -8.61
CA ALA G 312 -49.53 20.88 -7.36
C ALA G 312 -48.38 21.86 -7.56
N ASP G 313 -48.49 23.04 -6.96
CA ASP G 313 -47.47 24.06 -7.11
C ASP G 313 -46.12 23.55 -6.65
N MET G 314 -45.11 23.64 -7.51
CA MET G 314 -43.78 23.18 -7.14
C MET G 314 -43.15 24.05 -6.06
N ARG G 315 -43.59 25.30 -5.94
CA ARG G 315 -43.06 26.24 -4.96
C ARG G 315 -43.59 25.99 -3.56
N ARG G 316 -44.54 25.07 -3.40
CA ARG G 316 -45.18 24.88 -2.10
C ARG G 316 -44.13 24.54 -1.05
N GLN G 317 -44.35 25.06 0.16
CA GLN G 317 -43.44 24.85 1.27
C GLN G 317 -44.16 24.16 2.40
N ASP G 318 -43.42 23.35 3.15
CA ASP G 318 -43.97 22.62 4.28
C ASP G 318 -43.83 23.46 5.55
N SER G 319 -44.04 22.83 6.71
CA SER G 319 -43.86 23.56 7.97
C SER G 319 -42.43 24.02 8.12
N ARG G 320 -41.46 23.17 7.80
CA ARG G 320 -40.06 23.56 7.88
C ARG G 320 -39.71 24.64 6.86
N GLY G 321 -40.54 24.83 5.84
CA GLY G 321 -40.24 25.76 4.77
C GLY G 321 -39.50 25.16 3.59
N ASN G 322 -39.11 23.88 3.68
CA ASN G 322 -38.38 23.25 2.60
C ASN G 322 -39.27 23.06 1.38
N THR G 323 -38.71 23.30 0.20
CA THR G 323 -39.40 23.02 -1.05
C THR G 323 -38.93 21.67 -1.59
N VAL G 324 -39.45 21.29 -2.76
CA VAL G 324 -39.12 19.99 -3.32
C VAL G 324 -37.62 19.86 -3.53
N LEU G 325 -36.97 20.93 -3.98
CA LEU G 325 -35.53 20.87 -4.19
C LEU G 325 -34.79 20.67 -2.87
N HIS G 326 -35.24 21.33 -1.80
CA HIS G 326 -34.64 21.13 -0.50
C HIS G 326 -34.74 19.67 -0.08
N ALA G 327 -35.92 19.06 -0.25
CA ALA G 327 -36.07 17.65 0.09
C ALA G 327 -35.17 16.77 -0.76
N LEU G 328 -35.06 17.08 -2.05
CA LEU G 328 -34.18 16.31 -2.91
C LEU G 328 -32.75 16.37 -2.40
N VAL G 329 -32.29 17.56 -2.01
CA VAL G 329 -30.97 17.66 -1.41
C VAL G 329 -30.89 16.85 -0.13
N ALA G 330 -31.96 16.88 0.67
CA ALA G 330 -31.94 16.21 1.96
C ALA G 330 -31.74 14.70 1.80
N ILE G 331 -32.49 14.08 0.90
CA ILE G 331 -32.45 12.61 0.77
C ILE G 331 -31.26 12.14 -0.04
N ALA G 332 -30.53 13.03 -0.69
CA ALA G 332 -29.39 12.62 -1.49
C ALA G 332 -28.25 12.14 -0.60
N ASP G 333 -27.40 11.30 -1.18
CA ASP G 333 -26.21 10.80 -0.50
C ASP G 333 -25.06 10.85 -1.48
N ASN G 334 -23.90 10.37 -1.04
CA ASN G 334 -22.70 10.44 -1.85
C ASN G 334 -22.52 9.22 -2.75
N THR G 335 -23.42 8.25 -2.71
CA THR G 335 -23.29 7.09 -3.59
C THR G 335 -23.61 7.47 -5.03
N ARG G 336 -22.94 6.79 -5.97
CA ARG G 336 -22.96 7.22 -7.36
C ARG G 336 -24.36 7.16 -7.95
N GLU G 337 -25.04 6.02 -7.82
CA GLU G 337 -26.36 5.86 -8.41
C GLU G 337 -27.34 6.86 -7.81
N ASN G 338 -27.30 7.03 -6.49
CA ASN G 338 -28.20 7.99 -5.85
C ASN G 338 -27.96 9.40 -6.38
N THR G 339 -26.69 9.79 -6.49
CA THR G 339 -26.39 11.13 -6.99
C THR G 339 -26.88 11.28 -8.43
N LYS G 340 -26.70 10.25 -9.25
CA LYS G 340 -27.13 10.33 -10.65
C LYS G 340 -28.64 10.53 -10.75
N PHE G 341 -29.41 9.67 -10.08
CA PHE G 341 -30.86 9.78 -10.16
C PHE G 341 -31.33 11.10 -9.57
N VAL G 342 -30.73 11.54 -8.46
CA VAL G 342 -31.12 12.79 -7.83
C VAL G 342 -30.85 13.95 -8.76
N THR G 343 -29.69 13.95 -9.44
CA THR G 343 -29.38 15.02 -10.37
C THR G 343 -30.37 15.07 -11.52
N LYS G 344 -30.72 13.91 -12.09
CA LYS G 344 -31.68 13.90 -13.18
C LYS G 344 -33.03 14.46 -12.71
N MET G 345 -33.49 14.01 -11.55
CA MET G 345 -34.75 14.51 -11.02
C MET G 345 -34.67 16.01 -10.77
N TYR G 346 -33.55 16.48 -10.23
CA TYR G 346 -33.40 17.91 -9.94
C TYR G 346 -33.49 18.74 -11.22
N ASP G 347 -32.77 18.32 -12.26
CA ASP G 347 -32.80 19.07 -13.51
C ASP G 347 -34.20 19.07 -14.12
N LEU G 348 -34.86 17.91 -14.13
CA LEU G 348 -36.20 17.84 -14.69
C LEU G 348 -37.14 18.78 -13.93
N LEU G 349 -37.06 18.76 -12.60
CA LEU G 349 -37.91 19.62 -11.80
C LEU G 349 -37.63 21.10 -12.07
N LEU G 350 -36.35 21.46 -12.16
CA LEU G 350 -36.02 22.86 -12.38
C LEU G 350 -36.53 23.34 -13.73
N LEU G 351 -36.35 22.52 -14.77
CA LEU G 351 -36.83 22.91 -16.09
C LEU G 351 -38.36 23.01 -16.11
N LYS G 352 -39.04 22.06 -15.47
CA LYS G 352 -40.51 22.14 -15.42
C LYS G 352 -40.97 23.40 -14.71
N CYS G 353 -40.33 23.73 -13.59
CA CYS G 353 -40.70 24.96 -12.89
C CYS G 353 -40.43 26.18 -13.76
N ALA G 354 -39.31 26.17 -14.50
CA ALA G 354 -39.01 27.29 -15.37
C ALA G 354 -40.09 27.47 -16.43
N ARG G 355 -40.50 26.38 -17.07
CA ARG G 355 -41.56 26.47 -18.07
C ARG G 355 -42.85 26.96 -17.45
N LEU G 356 -43.23 26.37 -16.32
CA LEU G 356 -44.48 26.75 -15.68
C LEU G 356 -44.42 28.17 -15.11
N PHE G 357 -43.29 28.53 -14.51
CA PHE G 357 -43.11 29.84 -13.88
C PHE G 357 -41.90 30.53 -14.51
N PRO G 358 -42.12 31.34 -15.55
CA PRO G 358 -40.97 32.03 -16.16
C PRO G 358 -40.41 33.15 -15.30
N ASP G 359 -41.27 33.88 -14.59
CA ASP G 359 -40.80 35.02 -13.82
C ASP G 359 -40.01 34.57 -12.59
N SER G 360 -40.48 33.54 -11.90
CA SER G 360 -39.87 33.13 -10.63
C SER G 360 -38.67 32.24 -10.87
N ASN G 361 -37.89 32.04 -9.81
CA ASN G 361 -36.72 31.17 -9.81
C ASN G 361 -36.81 30.28 -8.58
N LEU G 362 -36.97 28.98 -8.79
CA LEU G 362 -37.25 28.09 -7.67
C LEU G 362 -36.10 28.07 -6.66
N GLU G 363 -34.87 28.00 -7.15
CA GLU G 363 -33.74 27.95 -6.23
C GLU G 363 -33.68 29.18 -5.35
N ALA G 364 -34.19 30.33 -5.82
CA ALA G 364 -34.20 31.52 -5.00
C ALA G 364 -35.00 31.30 -3.71
N VAL G 365 -36.07 30.51 -3.78
CA VAL G 365 -36.92 30.30 -2.62
C VAL G 365 -36.09 29.73 -1.48
N LEU G 366 -36.39 30.19 -0.26
CA LEU G 366 -35.68 29.77 0.93
C LEU G 366 -36.66 29.15 1.93
N ASN G 367 -36.11 28.35 2.84
CA ASN G 367 -36.89 27.71 3.89
C ASN G 367 -37.02 28.65 5.09
N ASN G 368 -37.62 28.16 6.17
CA ASN G 368 -37.69 28.96 7.39
C ASN G 368 -36.31 29.29 7.92
N ASP G 369 -35.41 28.29 7.90
CA ASP G 369 -34.05 28.53 8.37
C ASP G 369 -33.31 29.52 7.48
N GLY G 370 -33.73 29.69 6.23
CA GLY G 370 -33.08 30.64 5.34
C GLY G 370 -31.93 30.02 4.57
N LEU G 371 -32.15 28.83 4.02
CA LEU G 371 -31.14 28.11 3.25
C LEU G 371 -31.65 27.94 1.82
N SER G 372 -30.79 28.19 0.85
CA SER G 372 -31.06 27.79 -0.51
C SER G 372 -30.56 26.38 -0.75
N PRO G 373 -31.08 25.69 -1.76
CA PRO G 373 -30.67 24.29 -1.96
C PRO G 373 -29.17 24.12 -2.05
N LEU G 374 -28.48 25.01 -2.75
CA LEU G 374 -27.03 24.93 -2.86
C LEU G 374 -26.37 25.09 -1.49
N MET G 375 -26.83 26.08 -0.72
CA MET G 375 -26.22 26.32 0.58
C MET G 375 -26.43 25.14 1.51
N MET G 376 -27.64 24.58 1.53
CA MET G 376 -27.90 23.42 2.36
C MET G 376 -27.06 22.22 1.92
N ALA G 377 -26.93 22.03 0.61
CA ALA G 377 -26.10 20.95 0.11
C ALA G 377 -24.66 21.12 0.59
N ALA G 378 -24.16 22.35 0.59
CA ALA G 378 -22.82 22.62 1.09
C ALA G 378 -22.72 22.33 2.59
N LYS G 379 -23.72 22.78 3.35
CA LYS G 379 -23.66 22.62 4.80
C LYS G 379 -23.70 21.16 5.21
N THR G 380 -24.68 20.41 4.71
CA THR G 380 -24.89 19.04 5.15
C THR G 380 -23.86 18.06 4.62
N GLY G 381 -23.09 18.44 3.60
CA GLY G 381 -22.03 17.60 3.10
C GLY G 381 -22.40 16.70 1.94
N LYS G 382 -23.54 16.90 1.30
CA LYS G 382 -23.92 16.12 0.12
C LYS G 382 -23.09 16.63 -1.04
N ILE G 383 -22.00 15.92 -1.36
CA ILE G 383 -21.01 16.44 -2.30
C ILE G 383 -21.55 16.43 -3.72
N GLY G 384 -22.14 15.30 -4.15
CA GLY G 384 -22.44 15.13 -5.56
C GLY G 384 -23.43 16.15 -6.09
N ILE G 385 -24.52 16.38 -5.35
CA ILE G 385 -25.53 17.32 -5.81
C ILE G 385 -24.97 18.74 -5.80
N PHE G 386 -24.14 19.06 -4.82
CA PHE G 386 -23.52 20.38 -4.77
C PHE G 386 -22.59 20.61 -5.96
N GLN G 387 -21.77 19.63 -6.28
CA GLN G 387 -20.92 19.72 -7.46
C GLN G 387 -21.73 19.85 -8.73
N HIS G 388 -22.83 19.10 -8.85
CA HIS G 388 -23.70 19.22 -10.03
C HIS G 388 -24.41 20.57 -10.07
N ILE G 389 -24.76 21.12 -8.92
CA ILE G 389 -25.49 22.39 -8.94
C ILE G 389 -24.53 23.50 -9.33
N ILE G 390 -23.29 23.40 -8.87
CA ILE G 390 -22.29 24.43 -9.18
C ILE G 390 -21.88 24.44 -10.65
N ARG G 391 -21.78 23.26 -11.26
CA ARG G 391 -21.38 23.19 -12.68
C ARG G 391 -22.52 22.85 -13.64
N ARG G 392 -23.71 23.39 -13.36
CA ARG G 392 -24.89 23.16 -14.19
C ARG G 392 -24.73 23.87 -15.52
N GLU G 393 -24.89 23.11 -16.60
CA GLU G 393 -24.90 23.65 -17.96
C GLU G 393 -26.10 23.07 -18.69
N VAL G 394 -26.89 23.94 -19.31
CA VAL G 394 -28.12 23.54 -19.99
C VAL G 394 -28.10 24.13 -21.40
N THR G 395 -28.38 23.29 -22.39
CA THR G 395 -28.32 23.73 -23.78
C THR G 395 -29.54 24.54 -24.19
N ASP G 396 -30.71 24.25 -23.60
CA ASP G 396 -31.94 24.92 -24.01
C ASP G 396 -31.80 26.43 -23.93
N GLU G 397 -32.25 27.12 -24.98
CA GLU G 397 -32.10 28.57 -25.04
C GLU G 397 -33.03 29.26 -24.05
N ASP G 398 -34.29 28.80 -23.96
CA ASP G 398 -35.26 29.48 -23.10
C ASP G 398 -34.83 29.42 -21.63
N THR G 399 -34.16 28.34 -21.22
CA THR G 399 -33.74 28.14 -19.84
C THR G 399 -32.25 28.40 -19.66
N ARG G 400 -31.61 29.10 -20.59
CA ARG G 400 -30.17 29.31 -20.51
C ARG G 400 -29.78 30.03 -19.23
N HIS G 401 -30.61 30.99 -18.79
CA HIS G 401 -30.27 31.79 -17.63
C HIS G 401 -30.19 30.98 -16.35
N LEU G 402 -30.74 29.76 -16.35
CA LEU G 402 -30.75 28.95 -15.14
C LEU G 402 -29.41 28.27 -14.87
N SER G 403 -28.58 28.07 -15.90
CA SER G 403 -27.31 27.41 -15.68
C SER G 403 -26.26 28.41 -15.20
N ARG G 404 -25.13 27.87 -14.74
CA ARG G 404 -24.11 28.67 -14.07
C ARG G 404 -22.85 28.83 -14.89
N LYS G 405 -22.22 27.74 -15.30
CA LYS G 405 -20.93 27.79 -15.98
C LYS G 405 -21.15 27.98 -17.47
N PHE G 406 -20.79 29.16 -17.97
CA PHE G 406 -20.77 29.45 -19.39
C PHE G 406 -19.37 29.29 -19.95
N LYS G 407 -19.29 29.22 -21.28
CA LYS G 407 -18.03 29.12 -22.01
C LYS G 407 -17.92 30.31 -22.94
N ASP G 408 -16.96 31.20 -22.67
CA ASP G 408 -16.87 32.45 -23.41
C ASP G 408 -16.24 32.23 -24.79
N TRP G 409 -15.00 31.76 -24.83
CA TRP G 409 -14.33 31.55 -26.10
C TRP G 409 -13.28 30.44 -26.00
N ALA G 410 -12.89 29.94 -27.16
CA ALA G 410 -11.86 28.93 -27.29
C ALA G 410 -10.97 29.28 -28.49
N TYR G 411 -9.69 28.90 -28.40
CA TYR G 411 -8.73 29.19 -29.47
C TYR G 411 -8.00 27.93 -29.93
N GLY G 412 -8.61 26.77 -29.80
CA GLY G 412 -7.95 25.52 -30.13
C GLY G 412 -7.96 24.55 -28.96
N PRO G 413 -6.78 24.25 -28.41
CA PRO G 413 -6.72 23.37 -27.24
C PRO G 413 -6.89 24.09 -25.91
N VAL G 414 -7.03 25.41 -25.91
CA VAL G 414 -7.20 26.20 -24.69
C VAL G 414 -8.62 26.72 -24.65
N TYR G 415 -9.32 26.50 -23.54
CA TYR G 415 -10.67 26.96 -23.34
C TYR G 415 -10.71 27.82 -22.08
N SER G 416 -11.63 28.77 -22.06
CA SER G 416 -11.81 29.65 -20.91
C SER G 416 -13.30 29.74 -20.65
N SER G 417 -13.74 29.14 -19.56
CA SER G 417 -15.16 29.08 -19.22
C SER G 417 -15.42 29.97 -18.03
N LEU G 418 -16.46 30.79 -18.14
CA LEU G 418 -16.89 31.61 -17.02
C LEU G 418 -17.59 30.75 -15.98
N TYR G 419 -17.63 31.27 -14.75
CA TYR G 419 -18.37 30.66 -13.66
C TYR G 419 -19.21 31.74 -12.99
N ASP G 420 -20.12 31.30 -12.14
CA ASP G 420 -21.06 32.19 -11.48
C ASP G 420 -20.74 32.23 -9.99
N LEU G 421 -20.51 33.43 -9.47
CA LEU G 421 -20.19 33.64 -8.07
C LEU G 421 -21.35 34.23 -7.28
N SER G 422 -22.55 34.26 -7.87
CA SER G 422 -23.73 34.66 -7.12
C SER G 422 -23.91 33.71 -5.95
N SER G 423 -23.95 34.26 -4.74
CA SER G 423 -24.07 33.48 -3.51
C SER G 423 -22.89 32.55 -3.31
N LEU G 424 -21.70 32.94 -3.78
CA LEU G 424 -20.52 32.09 -3.59
C LEU G 424 -19.26 32.91 -3.27
N ASP G 425 -19.39 34.16 -2.85
CA ASP G 425 -18.22 35.02 -2.67
C ASP G 425 -18.37 35.86 -1.41
N THR G 426 -17.23 36.38 -0.96
CA THR G 426 -17.20 37.18 0.25
C THR G 426 -17.72 38.59 -0.02
N CYS G 427 -17.86 39.37 1.06
CA CYS G 427 -18.33 40.74 0.98
C CYS G 427 -19.72 40.80 0.35
N GLY G 428 -20.55 39.81 0.65
CA GLY G 428 -21.93 39.79 0.21
C GLY G 428 -22.87 39.75 1.40
N GLU G 429 -23.96 40.51 1.31
CA GLU G 429 -24.91 40.56 2.40
C GLU G 429 -25.48 39.19 2.72
N GLU G 430 -25.81 38.42 1.68
CA GLU G 430 -26.31 37.07 1.88
C GLU G 430 -25.17 36.15 2.33
N ALA G 431 -25.55 35.06 2.99
CA ALA G 431 -24.56 34.09 3.44
C ALA G 431 -23.82 33.50 2.26
N SER G 432 -22.50 33.34 2.42
CA SER G 432 -21.65 32.81 1.37
C SER G 432 -21.52 31.30 1.50
N VAL G 433 -21.65 30.59 0.37
CA VAL G 433 -21.51 29.14 0.39
C VAL G 433 -20.11 28.75 0.83
N LEU G 434 -19.09 29.47 0.34
CA LEU G 434 -17.72 29.19 0.75
C LEU G 434 -17.53 29.39 2.24
N GLU G 435 -18.13 30.45 2.79
CA GLU G 435 -17.98 30.72 4.21
C GLU G 435 -18.65 29.65 5.08
N ILE G 436 -19.89 29.28 4.72
CA ILE G 436 -20.59 28.26 5.50
C ILE G 436 -19.97 26.89 5.30
N LEU G 437 -19.25 26.68 4.20
CA LEU G 437 -18.60 25.39 3.98
C LEU G 437 -17.41 25.18 4.90
N VAL G 438 -16.84 26.25 5.44
CA VAL G 438 -15.64 26.14 6.26
C VAL G 438 -15.79 26.85 7.59
N TYR G 439 -17.02 27.24 7.94
CA TYR G 439 -17.26 27.83 9.26
C TYR G 439 -18.11 26.94 10.15
N ASN G 440 -19.28 26.49 9.70
CA ASN G 440 -20.15 25.63 10.49
C ASN G 440 -20.55 24.39 9.70
N SER G 441 -19.60 23.82 8.98
CA SER G 441 -19.92 22.69 8.11
C SER G 441 -20.20 21.43 8.92
N LYS G 442 -19.27 21.07 9.82
CA LYS G 442 -19.38 19.83 10.58
C LYS G 442 -19.62 18.65 9.65
N ILE G 443 -18.90 18.64 8.53
CA ILE G 443 -19.04 17.61 7.50
C ILE G 443 -17.76 16.81 7.43
N GLU G 444 -17.90 15.48 7.37
CA GLU G 444 -16.75 14.60 7.29
C GLU G 444 -16.13 14.59 5.89
N ASN G 445 -16.83 15.11 4.89
CA ASN G 445 -16.33 15.22 3.52
C ASN G 445 -15.90 16.64 3.18
N ARG G 446 -15.70 17.49 4.18
CA ARG G 446 -15.38 18.88 3.95
C ARG G 446 -14.15 19.03 3.06
N HIS G 447 -13.12 18.20 3.29
CA HIS G 447 -11.88 18.33 2.53
C HIS G 447 -12.11 18.09 1.04
N GLU G 448 -13.03 17.19 0.68
CA GLU G 448 -13.30 16.94 -0.73
C GLU G 448 -14.17 18.01 -1.38
N MET G 449 -14.84 18.84 -0.57
CA MET G 449 -15.69 19.88 -1.13
C MET G 449 -14.90 21.03 -1.73
N LEU G 450 -13.63 21.20 -1.33
CA LEU G 450 -12.79 22.25 -1.88
C LEU G 450 -12.18 21.90 -3.22
N ALA G 451 -12.26 20.63 -3.63
CA ALA G 451 -11.63 20.21 -4.88
C ALA G 451 -12.41 20.67 -6.10
N VAL G 452 -13.65 21.12 -5.93
CA VAL G 452 -14.45 21.53 -7.08
C VAL G 452 -13.74 22.69 -7.80
N GLU G 453 -13.80 22.65 -9.13
CA GLU G 453 -13.07 23.60 -9.98
C GLU G 453 -13.22 25.03 -9.49
N PRO G 454 -14.43 25.62 -9.55
CA PRO G 454 -14.57 27.03 -9.17
C PRO G 454 -14.33 27.32 -7.71
N ILE G 455 -14.37 26.30 -6.84
CA ILE G 455 -14.11 26.54 -5.42
C ILE G 455 -12.61 26.69 -5.17
N ASN G 456 -11.83 25.70 -5.60
CA ASN G 456 -10.39 25.70 -5.34
C ASN G 456 -9.72 26.96 -5.87
N GLU G 457 -9.97 27.29 -7.13
CA GLU G 457 -9.26 28.40 -7.76
C GLU G 457 -9.61 29.73 -7.10
N LEU G 458 -10.84 29.88 -6.61
CA LEU G 458 -11.24 31.14 -6.00
C LEU G 458 -10.28 31.50 -4.87
N LEU G 459 -9.83 30.50 -4.11
CA LEU G 459 -8.94 30.77 -2.99
C LEU G 459 -7.58 31.24 -3.46
N ARG G 460 -7.07 30.70 -4.57
CA ARG G 460 -5.79 31.15 -5.10
C ARG G 460 -5.87 32.59 -5.62
N ASP G 461 -6.97 32.92 -6.30
CA ASP G 461 -7.20 34.30 -6.73
C ASP G 461 -7.28 35.23 -5.52
N LYS G 462 -7.94 34.79 -4.45
CA LYS G 462 -7.91 35.55 -3.20
C LYS G 462 -6.50 35.62 -2.63
N TRP G 463 -5.74 34.54 -2.78
CA TRP G 463 -4.41 34.44 -2.21
C TRP G 463 -3.50 35.52 -2.76
N ARG G 464 -3.63 35.82 -4.05
CA ARG G 464 -2.83 36.90 -4.62
C ARG G 464 -3.13 38.22 -3.93
N LYS G 465 -4.42 38.52 -3.73
CA LYS G 465 -4.79 39.82 -3.17
C LYS G 465 -4.33 39.97 -1.73
N PHE G 466 -4.62 38.98 -0.88
CA PHE G 466 -4.33 39.07 0.55
C PHE G 466 -3.33 38.02 1.01
N GLY G 467 -3.56 36.75 0.68
CA GLY G 467 -2.78 35.65 1.23
C GLY G 467 -1.29 35.88 1.31
N ALA G 468 -0.66 36.16 0.17
CA ALA G 468 0.80 36.20 0.09
C ALA G 468 1.39 37.58 0.37
N VAL G 469 0.56 38.62 0.47
CA VAL G 469 1.07 39.98 0.64
C VAL G 469 0.71 40.59 2.00
N SER G 470 -0.37 40.15 2.64
CA SER G 470 -0.85 40.80 3.86
C SER G 470 -0.71 39.96 5.11
N PHE G 471 -0.26 38.71 5.02
CA PHE G 471 -0.02 37.94 6.23
C PHE G 471 1.09 38.58 7.06
N TYR G 472 2.06 39.19 6.40
CA TYR G 472 3.16 39.88 7.09
C TYR G 472 2.62 40.90 8.09
N ILE G 473 1.63 41.70 7.68
CA ILE G 473 1.18 42.80 8.51
C ILE G 473 0.57 42.29 9.81
N ASN G 474 -0.33 41.30 9.70
CA ASN G 474 -0.97 40.74 10.89
C ASN G 474 0.06 40.09 11.81
N VAL G 475 1.02 39.37 11.22
CA VAL G 475 2.12 38.81 12.02
C VAL G 475 2.86 39.92 12.77
N VAL G 476 3.18 40.99 12.05
CA VAL G 476 4.00 42.07 12.60
C VAL G 476 3.26 42.77 13.73
N SER G 477 1.94 42.88 13.63
CA SER G 477 1.20 43.55 14.69
C SER G 477 1.43 42.87 16.05
N TYR G 478 1.35 41.54 16.07
CA TYR G 478 1.61 40.81 17.31
C TYR G 478 3.07 40.94 17.72
N LEU G 479 3.99 40.96 16.76
CA LEU G 479 5.40 41.17 17.14
C LEU G 479 5.57 42.51 17.86
N CYS G 480 4.99 43.58 17.32
CA CYS G 480 5.09 44.90 17.94
C CYS G 480 4.44 44.91 19.32
N ALA G 481 3.26 44.27 19.44
CA ALA G 481 2.60 44.20 20.73
C ALA G 481 3.47 43.46 21.75
N MET G 482 4.15 42.39 21.31
CA MET G 482 5.04 41.66 22.19
C MET G 482 6.17 42.55 22.68
N VAL G 483 6.74 43.37 21.79
CA VAL G 483 7.80 44.29 22.23
C VAL G 483 7.27 45.29 23.25
N ILE G 484 6.09 45.86 22.97
CA ILE G 484 5.52 46.83 23.90
C ILE G 484 5.33 46.21 25.27
N PHE G 485 4.81 44.97 25.31
CA PHE G 485 4.66 44.29 26.59
C PHE G 485 6.01 43.99 27.23
N THR G 486 7.01 43.61 26.42
CA THR G 486 8.32 43.28 26.97
C THR G 486 8.94 44.48 27.66
N LEU G 487 8.53 45.69 27.28
CA LEU G 487 9.05 46.88 27.95
C LEU G 487 8.56 46.99 29.40
N THR G 488 7.55 46.22 29.80
CA THR G 488 6.95 46.30 31.14
C THR G 488 7.96 46.18 32.27
N ALA G 489 8.68 45.05 32.33
CA ALA G 489 9.67 44.84 33.39
C ALA G 489 10.49 46.09 33.63
N TYR G 490 10.96 46.71 32.56
CA TYR G 490 11.76 47.93 32.62
C TYR G 490 11.04 49.01 33.41
N VAL G 506 14.52 59.54 30.02
CA VAL G 506 13.24 59.69 29.32
C VAL G 506 12.14 59.02 30.14
N ASP G 507 11.95 59.49 31.37
CA ASP G 507 10.92 58.92 32.23
C ASP G 507 9.53 59.12 31.64
N TYR G 508 9.25 60.30 31.09
CA TYR G 508 7.93 60.56 30.53
C TYR G 508 7.63 59.62 29.38
N LEU G 509 8.59 59.44 28.47
CA LEU G 509 8.37 58.53 27.33
C LEU G 509 8.19 57.10 27.81
N ARG G 510 8.97 56.69 28.81
CA ARG G 510 8.83 55.33 29.34
C ARG G 510 7.46 55.13 29.95
N LEU G 511 6.95 56.13 30.68
CA LEU G 511 5.61 56.02 31.26
C LEU G 511 4.55 55.98 30.17
N ALA G 512 4.74 56.76 29.11
CA ALA G 512 3.81 56.72 27.99
C ALA G 512 3.77 55.32 27.38
N GLY G 513 4.94 54.72 27.18
CA GLY G 513 4.99 53.35 26.68
C GLY G 513 4.37 52.35 27.66
N GLU G 514 4.52 52.61 28.96
CA GLU G 514 3.89 51.75 29.96
C GLU G 514 2.38 51.80 29.83
N VAL G 515 1.84 52.99 29.62
CA VAL G 515 0.40 53.11 29.37
C VAL G 515 0.05 52.40 28.07
N ILE G 516 0.90 52.51 27.06
CA ILE G 516 0.68 51.83 25.79
C ILE G 516 0.62 50.33 25.99
N THR G 517 1.36 49.81 26.98
CA THR G 517 1.35 48.36 27.22
C THR G 517 -0.04 47.90 27.65
N LEU G 518 -0.61 48.56 28.66
CA LEU G 518 -1.95 48.24 29.09
C LEU G 518 -2.95 48.48 27.96
N PHE G 519 -2.73 49.53 27.17
CA PHE G 519 -3.62 49.80 26.05
C PHE G 519 -3.57 48.67 25.04
N THR G 520 -2.39 48.13 24.78
CA THR G 520 -2.25 47.05 23.81
C THR G 520 -2.94 45.78 24.32
N GLY G 521 -2.75 45.45 25.60
CA GLY G 521 -3.49 44.33 26.16
C GLY G 521 -5.00 44.52 26.06
N VAL G 522 -5.46 45.74 26.35
CA VAL G 522 -6.89 46.02 26.30
C VAL G 522 -7.40 45.93 24.86
N LEU G 523 -6.58 46.36 23.90
CA LEU G 523 -6.98 46.26 22.49
C LEU G 523 -7.09 44.80 22.06
N PHE G 524 -6.12 43.98 22.49
CA PHE G 524 -6.20 42.55 22.22
C PHE G 524 -7.47 41.95 22.80
N PHE G 525 -7.81 42.33 24.05
CA PHE G 525 -9.05 41.83 24.64
C PHE G 525 -10.29 42.35 23.91
N PHE G 526 -10.26 43.61 23.48
CA PHE G 526 -11.41 44.20 22.80
C PHE G 526 -11.67 43.51 21.47
N THR G 527 -10.62 43.19 20.73
CA THR G 527 -10.80 42.44 19.49
C THR G 527 -11.12 40.98 19.74
N ASN G 528 -10.66 40.43 20.86
CA ASN G 528 -11.02 39.07 21.25
C ASN G 528 -12.51 38.94 21.54
N ILE G 529 -13.07 39.88 22.30
CA ILE G 529 -14.50 39.81 22.61
C ILE G 529 -15.31 39.97 21.33
N LYS G 530 -14.83 40.78 20.38
CA LYS G 530 -15.53 40.95 19.12
C LYS G 530 -15.50 39.68 18.29
N ASP G 531 -14.36 38.97 18.29
CA ASP G 531 -14.26 37.76 17.49
C ASP G 531 -15.16 36.63 18.03
N LEU G 532 -15.46 36.64 19.32
CA LEU G 532 -16.30 35.59 19.91
C LEU G 532 -17.77 36.00 19.90
N PHE G 549 -7.61 27.71 18.91
CA PHE G 549 -7.57 27.84 20.37
C PHE G 549 -7.64 29.31 20.79
N GLN G 550 -8.66 30.03 20.34
CA GLN G 550 -8.78 31.41 20.75
C GLN G 550 -9.22 31.55 22.21
N LEU G 551 -9.55 30.44 22.87
CA LEU G 551 -9.75 30.50 24.32
C LEU G 551 -8.44 30.72 25.05
N LEU G 552 -7.32 30.22 24.52
CA LEU G 552 -6.01 30.57 25.08
C LEU G 552 -5.76 32.07 24.99
N TYR G 553 -6.01 32.63 23.80
CA TYR G 553 -5.89 34.08 23.62
C TYR G 553 -6.83 34.82 24.55
N PHE G 554 -8.04 34.28 24.76
CA PHE G 554 -8.93 34.83 25.75
C PHE G 554 -8.30 34.84 27.14
N ILE G 555 -7.61 33.74 27.50
CA ILE G 555 -6.96 33.68 28.81
C ILE G 555 -5.94 34.82 28.94
N TYR G 556 -5.14 35.03 27.89
CA TYR G 556 -4.21 36.15 27.88
C TYR G 556 -4.91 37.47 28.15
N SER G 557 -6.00 37.72 27.41
CA SER G 557 -6.76 38.96 27.60
C SER G 557 -7.30 39.06 29.02
N VAL G 558 -7.78 37.95 29.57
CA VAL G 558 -8.31 37.94 30.93
C VAL G 558 -7.22 38.37 31.91
N LEU G 559 -6.02 37.80 31.76
CA LEU G 559 -4.96 38.06 32.71
C LEU G 559 -4.50 39.51 32.66
N VAL G 560 -4.59 40.16 31.50
CA VAL G 560 -4.16 41.57 31.44
C VAL G 560 -4.88 42.41 32.50
N ILE G 561 -6.16 42.10 32.78
CA ILE G 561 -7.03 43.05 33.46
C ILE G 561 -6.55 43.33 34.89
N VAL G 562 -6.26 42.28 35.65
CA VAL G 562 -6.04 42.42 37.10
C VAL G 562 -4.90 43.39 37.40
N SER G 563 -3.96 43.52 36.45
CA SER G 563 -2.75 44.28 36.68
C SER G 563 -3.04 45.74 36.95
N ALA G 564 -4.02 46.32 36.26
CA ALA G 564 -4.31 47.74 36.45
C ALA G 564 -4.80 48.03 37.86
N ALA G 565 -5.76 47.23 38.33
CA ALA G 565 -6.29 47.43 39.68
C ALA G 565 -5.18 47.27 40.71
N LEU G 566 -4.35 46.23 40.58
CA LEU G 566 -3.32 46.04 41.59
C LEU G 566 -2.20 47.08 41.48
N TYR G 567 -1.95 47.59 40.27
CA TYR G 567 -0.95 48.65 40.12
C TYR G 567 -1.42 49.93 40.78
N LEU G 568 -2.70 50.28 40.62
CA LEU G 568 -3.25 51.39 41.37
C LEU G 568 -3.17 51.13 42.87
N ALA G 569 -3.43 49.89 43.28
CA ALA G 569 -3.35 49.53 44.69
C ALA G 569 -1.92 49.62 45.21
N GLY G 570 -0.94 49.26 44.40
CA GLY G 570 0.42 49.09 44.85
C GLY G 570 0.74 47.71 45.38
N ILE G 571 -0.17 46.76 45.25
CA ILE G 571 0.11 45.39 45.66
C ILE G 571 1.30 44.83 44.87
N GLU G 572 1.91 43.78 45.41
CA GLU G 572 3.14 43.22 44.88
C GLU G 572 2.92 41.98 44.02
N ALA G 573 1.68 41.50 43.89
CA ALA G 573 1.41 40.25 43.18
C ALA G 573 1.08 40.45 41.70
N TYR G 574 1.00 41.69 41.22
CA TYR G 574 0.69 41.90 39.80
C TYR G 574 1.77 41.31 38.90
N LEU G 575 2.99 41.18 39.42
CA LEU G 575 4.08 40.60 38.63
C LEU G 575 3.78 39.17 38.21
N ALA G 576 3.19 38.37 39.11
CA ALA G 576 2.87 36.99 38.75
C ALA G 576 1.88 36.94 37.57
N VAL G 577 0.86 37.79 37.62
CA VAL G 577 -0.11 37.86 36.53
C VAL G 577 0.60 38.22 35.23
N MET G 578 1.47 39.22 35.30
CA MET G 578 2.21 39.64 34.11
C MET G 578 3.08 38.50 33.59
N VAL G 579 3.65 37.69 34.47
CA VAL G 579 4.50 36.58 34.04
C VAL G 579 3.67 35.59 33.24
N PHE G 580 2.54 35.17 33.80
CA PHE G 580 1.67 34.24 33.08
C PHE G 580 1.36 34.79 31.69
N ALA G 581 0.96 36.06 31.63
CA ALA G 581 0.52 36.64 30.36
C ALA G 581 1.66 36.76 29.36
N LEU G 582 2.85 37.14 29.83
CA LEU G 582 4.00 37.32 28.94
C LEU G 582 4.38 36.00 28.28
N VAL G 583 4.46 34.94 29.07
CA VAL G 583 4.78 33.65 28.48
C VAL G 583 3.69 33.25 27.50
N LEU G 584 2.42 33.56 27.85
CA LEU G 584 1.33 33.26 26.93
C LEU G 584 1.52 33.98 25.59
N GLY G 585 2.00 35.21 25.62
CA GLY G 585 2.20 35.94 24.37
C GLY G 585 3.27 35.31 23.49
N TRP G 586 4.45 35.06 24.07
CA TRP G 586 5.50 34.44 23.26
C TRP G 586 5.04 33.08 22.73
N MET G 587 4.22 32.37 23.51
CA MET G 587 3.64 31.12 23.00
C MET G 587 2.67 31.37 21.87
N ASN G 588 1.90 32.48 21.94
CA ASN G 588 0.94 32.79 20.89
C ASN G 588 1.63 32.99 19.56
N ALA G 589 2.89 33.43 19.59
CA ALA G 589 3.66 33.53 18.34
C ALA G 589 3.51 32.27 17.47
N LEU G 590 3.33 31.11 18.08
CA LEU G 590 3.18 29.87 17.32
C LEU G 590 1.96 29.93 16.41
N TYR G 591 0.88 30.55 16.88
CA TYR G 591 -0.29 30.72 16.03
C TYR G 591 0.04 31.52 14.78
N PHE G 592 0.92 32.51 14.91
CA PHE G 592 1.35 33.26 13.74
C PHE G 592 2.20 32.39 12.82
N THR G 593 2.99 31.49 13.39
CA THR G 593 3.74 30.57 12.54
C THR G 593 2.78 29.68 11.74
N ARG G 594 1.69 29.27 12.37
CA ARG G 594 0.77 28.33 11.71
C ARG G 594 0.26 28.90 10.38
N GLY G 595 0.00 30.20 10.32
CA GLY G 595 -0.53 30.78 9.10
C GLY G 595 0.40 30.61 7.91
N LEU G 596 1.70 30.80 8.13
CA LEU G 596 2.67 30.67 7.05
C LEU G 596 2.69 29.24 6.52
N LYS G 597 2.90 29.11 5.21
CA LYS G 597 2.90 27.79 4.59
C LYS G 597 4.03 26.92 5.14
N LEU G 598 5.22 27.50 5.34
CA LEU G 598 6.37 26.71 5.75
C LEU G 598 6.15 26.05 7.10
N THR G 599 5.62 26.79 8.07
CA THR G 599 5.41 26.28 9.43
C THR G 599 3.98 25.82 9.67
N GLY G 600 3.16 25.80 8.61
CA GLY G 600 1.75 25.49 8.79
C GLY G 600 1.53 24.11 9.36
N THR G 601 2.34 23.13 8.96
CA THR G 601 2.14 21.76 9.42
C THR G 601 2.78 21.55 10.78
N TYR G 602 3.97 22.11 11.00
CA TYR G 602 4.65 21.93 12.28
C TYR G 602 3.89 22.55 13.44
N SER G 603 3.36 23.77 13.24
CA SER G 603 2.60 24.41 14.32
C SER G 603 1.39 23.59 14.69
N ILE G 604 0.65 23.11 13.68
CA ILE G 604 -0.56 22.34 13.93
C ILE G 604 -0.22 21.02 14.59
N MET G 605 0.88 20.38 14.18
CA MET G 605 1.27 19.12 14.81
C MET G 605 1.61 19.34 16.27
N ILE G 606 2.35 20.41 16.58
CA ILE G 606 2.69 20.71 17.97
C ILE G 606 1.41 20.91 18.78
N GLN G 607 0.46 21.68 18.24
CA GLN G 607 -0.79 21.92 18.95
C GLN G 607 -1.55 20.62 19.18
N LYS G 608 -1.64 19.78 18.15
CA LYS G 608 -2.39 18.53 18.26
C LYS G 608 -1.78 17.63 19.33
N ILE G 609 -0.45 17.51 19.33
CA ILE G 609 0.22 16.72 20.36
C ILE G 609 -0.06 17.31 21.73
N LEU G 610 0.03 18.63 21.85
CA LEU G 610 -0.22 19.29 23.12
C LEU G 610 -1.64 19.09 23.61
N PHE G 611 -2.58 18.80 22.71
CA PHE G 611 -3.99 18.67 23.06
C PHE G 611 -4.44 17.22 23.20
N LYS G 612 -4.08 16.36 22.24
CA LYS G 612 -4.56 14.98 22.27
C LYS G 612 -3.74 14.13 23.24
N ASP G 613 -2.47 13.90 22.93
CA ASP G 613 -1.64 13.03 23.76
C ASP G 613 -1.05 13.80 24.94
N LEU G 614 -0.29 14.86 24.67
CA LEU G 614 0.44 15.55 25.74
C LEU G 614 -0.48 15.94 26.88
N PHE G 615 -1.67 16.45 26.59
CA PHE G 615 -2.57 16.88 27.64
C PHE G 615 -2.95 15.71 28.55
N ARG G 616 -3.41 14.60 27.97
CA ARG G 616 -3.83 13.46 28.78
C ARG G 616 -2.64 12.86 29.53
N PHE G 617 -1.49 12.76 28.86
CA PHE G 617 -0.32 12.20 29.51
C PHE G 617 0.10 13.04 30.71
N LEU G 618 0.11 14.36 30.56
CA LEU G 618 0.44 15.23 31.69
C LEU G 618 -0.59 15.09 32.80
N LEU G 619 -1.87 15.00 32.45
CA LEU G 619 -2.91 14.87 33.45
C LEU G 619 -2.71 13.62 34.28
N VAL G 620 -2.41 12.49 33.63
CA VAL G 620 -2.19 11.25 34.37
C VAL G 620 -0.90 11.33 35.18
N TYR G 621 0.15 11.89 34.58
CA TYR G 621 1.46 11.91 35.24
C TYR G 621 1.42 12.74 36.51
N LEU G 622 0.66 13.83 36.52
CA LEU G 622 0.60 14.67 37.72
C LEU G 622 0.06 13.88 38.91
N LEU G 623 -1.05 13.17 38.71
CA LEU G 623 -1.62 12.38 39.79
C LEU G 623 -0.68 11.25 40.21
N PHE G 624 -0.07 10.58 39.23
CA PHE G 624 0.88 9.53 39.57
C PHE G 624 2.02 10.08 40.42
N MET G 625 2.53 11.25 40.05
CA MET G 625 3.64 11.85 40.79
C MET G 625 3.22 12.21 42.20
N ILE G 626 2.02 12.77 42.37
CA ILE G 626 1.55 13.10 43.71
C ILE G 626 1.45 11.85 44.58
N GLY G 627 0.88 10.78 44.03
CA GLY G 627 0.78 9.55 44.82
C GLY G 627 2.13 8.99 45.20
N TYR G 628 3.06 8.97 44.24
CA TYR G 628 4.40 8.47 44.54
C TYR G 628 5.10 9.37 45.56
N ALA G 629 4.84 10.68 45.52
CA ALA G 629 5.37 11.56 46.55
C ALA G 629 4.84 11.17 47.92
N SER G 630 3.55 10.83 48.01
CA SER G 630 3.01 10.34 49.27
C SER G 630 3.72 9.07 49.71
N ALA G 631 3.98 8.16 48.76
CA ALA G 631 4.68 6.93 49.09
C ALA G 631 6.08 7.21 49.64
N LEU G 632 6.80 8.12 48.99
CA LEU G 632 8.13 8.49 49.46
C LEU G 632 8.07 9.11 50.84
N VAL G 633 7.05 9.94 51.10
CA VAL G 633 6.87 10.50 52.44
C VAL G 633 6.68 9.39 53.45
N SER G 634 5.86 8.39 53.12
CA SER G 634 5.63 7.30 54.05
C SER G 634 6.93 6.54 54.33
N LEU G 635 7.74 6.31 53.28
CA LEU G 635 9.02 5.65 53.48
C LEU G 635 9.94 6.47 54.37
N LEU G 636 9.93 7.79 54.21
CA LEU G 636 10.79 8.64 55.02
C LEU G 636 10.45 8.54 56.50
N ASN G 637 9.16 8.56 56.82
CA ASN G 637 8.70 8.48 58.20
C ASN G 637 9.37 9.56 59.06
N SER G 663 2.95 18.04 55.90
CA SER G 663 2.77 18.98 54.79
C SER G 663 4.09 19.63 54.40
N GLU G 664 4.69 20.35 55.36
CA GLU G 664 6.01 20.93 55.11
C GLU G 664 7.04 19.83 54.86
N THR G 665 6.98 18.75 55.63
CA THR G 665 7.86 17.62 55.39
C THR G 665 7.65 17.03 54.00
N PHE G 666 6.42 17.13 53.48
CA PHE G 666 6.15 16.72 52.11
C PHE G 666 6.60 17.78 51.10
N SER G 667 6.50 19.07 51.45
CA SER G 667 6.89 20.12 50.53
C SER G 667 8.39 20.08 50.25
N THR G 668 9.20 19.91 51.30
CA THR G 668 10.64 19.80 51.10
C THR G 668 10.95 18.63 50.18
N PHE G 669 10.34 17.47 50.46
CA PHE G 669 10.58 16.29 49.63
C PHE G 669 10.19 16.53 48.19
N LEU G 670 9.04 17.18 47.95
CA LEU G 670 8.58 17.37 46.59
C LEU G 670 9.51 18.30 45.80
N LEU G 671 9.88 19.43 46.38
CA LEU G 671 10.76 20.36 45.69
C LEU G 671 12.11 19.70 45.40
N ASP G 672 12.68 19.04 46.40
CA ASP G 672 13.97 18.40 46.20
C ASP G 672 13.86 17.23 45.22
N LEU G 673 12.69 16.60 45.13
CA LEU G 673 12.51 15.53 44.14
C LEU G 673 12.46 16.08 42.73
N PHE G 674 11.84 17.24 42.54
CA PHE G 674 11.94 17.90 41.24
C PHE G 674 13.38 18.20 40.89
N LYS G 675 14.14 18.74 41.85
CA LYS G 675 15.57 18.94 41.64
C LYS G 675 16.25 17.62 41.28
N LEU G 676 15.82 16.52 41.91
CA LEU G 676 16.38 15.22 41.59
C LEU G 676 16.09 14.81 40.16
N THR G 677 14.88 15.09 39.67
CA THR G 677 14.59 14.82 38.26
C THR G 677 15.54 15.60 37.39
N ILE G 678 15.79 16.87 37.72
CA ILE G 678 16.81 17.60 37.00
C ILE G 678 18.18 16.98 37.23
N GLY G 679 18.46 16.55 38.46
CA GLY G 679 19.74 15.99 38.83
C GLY G 679 20.70 16.97 39.48
N MET G 680 20.39 18.27 39.42
CA MET G 680 21.23 19.24 40.11
C MET G 680 21.17 19.07 41.61
N GLY G 681 19.99 18.79 42.15
CA GLY G 681 19.84 18.71 43.60
C GLY G 681 20.42 17.42 44.15
N ASP G 682 20.92 17.50 45.39
CA ASP G 682 21.43 16.33 46.07
C ASP G 682 20.30 15.54 46.73
N LEU G 683 20.60 14.30 47.11
CA LEU G 683 19.61 13.41 47.72
C LEU G 683 19.56 13.66 49.23
N GLU G 684 18.96 14.80 49.59
CA GLU G 684 18.76 15.11 51.00
C GLU G 684 17.71 14.20 51.62
N MET G 685 16.64 13.89 50.88
CA MET G 685 15.58 13.04 51.39
C MET G 685 16.12 11.69 51.84
N LEU G 686 16.91 11.03 50.97
CA LEU G 686 17.36 9.67 51.25
C LEU G 686 18.00 9.56 52.62
N SER G 687 18.85 10.53 52.97
CA SER G 687 19.53 10.48 54.26
C SER G 687 18.54 10.40 55.41
N SER G 688 17.44 11.15 55.33
CA SER G 688 16.43 11.19 56.38
C SER G 688 15.27 10.27 56.01
N THR G 689 15.57 8.97 56.01
CA THR G 689 14.57 7.95 55.67
C THR G 689 14.65 6.80 56.66
N LYS G 690 13.48 6.38 57.16
CA LYS G 690 13.43 5.21 58.03
C LYS G 690 13.81 3.94 57.27
N TYR G 691 13.32 3.79 56.04
CA TYR G 691 13.55 2.60 55.23
C TYR G 691 14.01 3.02 53.84
N PRO G 692 15.28 3.36 53.68
CA PRO G 692 15.79 3.70 52.34
C PRO G 692 15.96 2.50 51.45
N VAL G 693 16.22 1.33 52.04
CA VAL G 693 16.51 0.14 51.26
C VAL G 693 15.38 -0.15 50.28
N VAL G 694 14.14 -0.06 50.76
CA VAL G 694 13.00 -0.21 49.86
C VAL G 694 12.89 1.00 48.94
N PHE G 695 13.15 2.20 49.47
CA PHE G 695 12.98 3.42 48.68
C PHE G 695 13.93 3.47 47.50
N ILE G 696 15.18 3.02 47.69
CA ILE G 696 16.20 3.19 46.65
C ILE G 696 15.74 2.54 45.36
N ILE G 697 15.29 1.29 45.42
CA ILE G 697 14.77 0.63 44.23
C ILE G 697 13.55 1.38 43.71
N LEU G 698 12.67 1.80 44.61
CA LEU G 698 11.45 2.47 44.19
C LEU G 698 11.75 3.80 43.50
N LEU G 699 12.68 4.59 44.07
CA LEU G 699 12.96 5.90 43.50
C LEU G 699 13.45 5.78 42.07
N VAL G 700 14.35 4.84 41.80
CA VAL G 700 14.74 4.55 40.43
C VAL G 700 13.55 4.05 39.63
N THR G 701 12.78 3.13 40.21
CA THR G 701 11.63 2.57 39.50
C THR G 701 10.62 3.67 39.15
N TYR G 702 10.37 4.58 40.08
CA TYR G 702 9.42 5.66 39.82
C TYR G 702 9.90 6.52 38.65
N ILE G 703 11.18 6.87 38.63
CA ILE G 703 11.71 7.68 37.53
C ILE G 703 11.56 6.94 36.21
N ILE G 704 11.87 5.65 36.19
CA ILE G 704 11.71 4.86 34.97
C ILE G 704 10.26 4.90 34.51
N LEU G 705 9.32 4.70 35.43
CA LEU G 705 7.92 4.64 35.06
C LEU G 705 7.43 5.98 34.50
N THR G 706 7.81 7.08 35.14
CA THR G 706 7.44 8.39 34.63
C THR G 706 8.01 8.62 33.24
N PHE G 707 9.30 8.30 33.06
CA PHE G 707 9.93 8.55 31.77
C PHE G 707 9.44 7.58 30.70
N VAL G 708 9.33 6.29 31.02
CA VAL G 708 8.98 5.32 29.99
C VAL G 708 7.56 5.54 29.50
N LEU G 709 6.64 5.90 30.40
CA LEU G 709 5.30 6.25 29.96
C LEU G 709 5.33 7.49 29.06
N LEU G 710 6.18 8.46 29.40
CA LEU G 710 6.34 9.63 28.54
C LEU G 710 7.09 9.28 27.26
N LEU G 711 8.04 8.34 27.33
CA LEU G 711 8.69 7.87 26.12
C LEU G 711 7.69 7.19 25.19
N ASN G 712 6.77 6.40 25.76
CA ASN G 712 5.74 5.77 24.95
C ASN G 712 4.84 6.80 24.28
N MET G 713 4.64 7.97 24.91
CA MET G 713 3.80 9.00 24.34
C MET G 713 4.30 9.41 22.96
N LEU G 714 5.62 9.57 22.82
CA LEU G 714 6.19 9.92 21.52
C LEU G 714 5.89 8.85 20.48
N ILE G 715 6.04 7.58 20.86
CA ILE G 715 5.66 6.49 19.95
C ILE G 715 4.17 6.53 19.67
N ALA G 716 3.36 6.78 20.70
CA ALA G 716 1.92 6.86 20.50
C ALA G 716 1.55 8.04 19.61
N LEU G 717 2.25 9.17 19.78
CA LEU G 717 1.87 10.38 19.05
C LEU G 717 2.06 10.21 17.54
N MET G 718 3.19 9.64 17.12
CA MET G 718 3.49 9.59 15.69
C MET G 718 2.48 8.74 14.94
N GLY G 719 2.11 7.59 15.50
CA GLY G 719 1.23 6.68 14.80
C GLY G 719 -0.23 6.78 15.16
N GLU G 720 -0.54 6.73 16.45
CA GLU G 720 -1.94 6.77 16.88
C GLU G 720 -2.57 8.13 16.62
N THR G 721 -1.85 9.21 16.93
CA THR G 721 -2.36 10.56 16.79
C THR G 721 -1.96 11.21 15.47
N VAL G 722 -0.69 11.09 15.08
CA VAL G 722 -0.21 11.72 13.84
C VAL G 722 -0.45 10.85 12.61
N GLY G 723 -0.87 9.60 12.78
CA GLY G 723 -1.13 8.75 11.62
C GLY G 723 -2.18 9.36 10.71
N GLN G 724 -3.30 9.81 11.28
CA GLN G 724 -4.31 10.50 10.50
C GLN G 724 -3.90 11.92 10.14
N VAL G 725 -3.08 12.55 10.98
CA VAL G 725 -2.60 13.90 10.66
C VAL G 725 -1.65 13.87 9.48
N SER G 726 -0.78 12.86 9.43
CA SER G 726 0.18 12.77 8.34
C SER G 726 -0.52 12.69 6.99
N LYS G 727 -1.60 11.92 6.89
CA LYS G 727 -2.26 11.73 5.61
C LYS G 727 -3.05 12.98 5.20
N GLU G 728 -3.73 13.61 6.15
CA GLU G 728 -4.62 14.72 5.87
C GLU G 728 -4.00 16.08 6.16
N SER G 729 -2.68 16.14 6.40
CA SER G 729 -2.05 17.41 6.72
C SER G 729 -2.21 18.41 5.57
N LYS G 730 -2.01 17.94 4.34
CA LYS G 730 -2.15 18.83 3.19
C LYS G 730 -3.56 19.38 3.08
N HIS G 731 -4.57 18.51 3.26
CA HIS G 731 -5.95 18.97 3.27
C HIS G 731 -6.20 19.92 4.45
N ILE G 732 -5.68 19.57 5.63
CA ILE G 732 -5.87 20.42 6.80
C ILE G 732 -5.19 21.77 6.59
N TRP G 733 -4.00 21.77 5.98
CA TRP G 733 -3.28 23.02 5.76
C TRP G 733 -4.11 23.97 4.89
N LYS G 734 -4.74 23.45 3.84
CA LYS G 734 -5.61 24.28 3.03
C LYS G 734 -6.77 24.82 3.86
N LEU G 735 -7.38 23.96 4.70
CA LEU G 735 -8.42 24.43 5.59
C LEU G 735 -7.89 25.50 6.53
N GLN G 736 -6.72 25.28 7.13
CA GLN G 736 -6.12 26.29 7.98
C GLN G 736 -5.86 27.57 7.20
N TRP G 737 -5.32 27.43 5.98
CA TRP G 737 -5.11 28.60 5.14
C TRP G 737 -6.42 29.28 4.80
N ALA G 738 -7.45 28.48 4.51
CA ALA G 738 -8.75 29.06 4.14
C ALA G 738 -9.35 29.85 5.29
N THR G 739 -9.31 29.31 6.50
CA THR G 739 -9.87 30.02 7.64
C THR G 739 -9.14 31.35 7.87
N THR G 740 -7.81 31.32 7.78
CA THR G 740 -7.05 32.56 7.96
C THR G 740 -7.40 33.57 6.88
N ILE G 741 -7.54 33.12 5.63
CA ILE G 741 -7.90 34.04 4.55
C ILE G 741 -9.26 34.67 4.80
N LEU G 742 -10.20 33.87 5.28
CA LEU G 742 -11.56 34.37 5.50
C LEU G 742 -11.59 35.47 6.56
N ASP G 743 -10.82 35.28 7.64
CA ASP G 743 -10.83 36.26 8.72
C ASP G 743 -10.33 37.62 8.25
N ILE G 744 -9.33 37.62 7.37
CA ILE G 744 -8.81 38.89 6.86
C ILE G 744 -9.90 39.66 6.15
N GLU G 745 -10.66 38.99 5.27
CA GLU G 745 -11.72 39.66 4.54
C GLU G 745 -12.84 40.12 5.46
N ARG G 746 -13.16 39.30 6.47
CA ARG G 746 -14.23 39.67 7.39
C ARG G 746 -13.91 40.98 8.12
N SER G 747 -12.65 41.16 8.50
CA SER G 747 -12.28 42.36 9.25
C SER G 747 -12.51 43.62 8.42
N PHE G 748 -12.15 43.58 7.14
CA PHE G 748 -12.22 44.77 6.32
C PHE G 748 -13.67 45.22 6.15
N PRO G 749 -13.95 46.52 6.16
CA PRO G 749 -15.32 46.98 5.94
C PRO G 749 -15.73 46.89 4.48
N VAL G 750 -17.05 47.01 4.27
CA VAL G 750 -17.68 46.82 2.97
C VAL G 750 -16.95 47.53 1.85
N PHE G 751 -16.52 48.77 2.07
CA PHE G 751 -15.77 49.49 1.04
C PHE G 751 -14.48 48.75 0.70
N LEU G 752 -13.73 48.37 1.73
CA LEU G 752 -12.46 47.67 1.51
C LEU G 752 -12.70 46.33 0.83
N ARG G 753 -13.74 45.60 1.23
CA ARG G 753 -14.05 44.34 0.57
C ARG G 753 -14.42 44.57 -0.89
N LYS G 754 -15.21 45.60 -1.16
CA LYS G 754 -15.63 45.90 -2.53
C LYS G 754 -14.42 46.24 -3.40
N ALA G 755 -13.37 46.81 -2.80
CA ALA G 755 -12.17 47.10 -3.58
C ALA G 755 -11.66 45.87 -4.31
N PHE G 756 -11.71 44.70 -3.68
CA PHE G 756 -11.08 43.48 -4.20
C PHE G 756 -12.08 42.35 -4.38
N ARG G 757 -13.27 42.64 -4.90
CA ARG G 757 -14.16 41.57 -5.29
C ARG G 757 -13.55 40.83 -6.49
N SER G 758 -13.32 39.53 -6.31
CA SER G 758 -12.65 38.77 -7.36
C SER G 758 -13.58 38.54 -8.54
N GLY G 759 -12.98 38.17 -9.66
CA GLY G 759 -13.72 38.01 -10.89
C GLY G 759 -13.97 39.33 -11.61
N GLU G 760 -14.57 39.21 -12.78
CA GLU G 760 -14.90 40.35 -13.61
C GLU G 760 -16.37 40.27 -13.96
N MET G 761 -17.08 41.40 -13.83
CA MET G 761 -18.49 41.44 -14.20
C MET G 761 -18.64 41.19 -15.68
N VAL G 762 -19.53 40.28 -16.04
CA VAL G 762 -19.78 39.91 -17.42
C VAL G 762 -21.28 39.86 -17.65
N THR G 763 -21.72 40.40 -18.79
CA THR G 763 -23.12 40.27 -19.22
C THR G 763 -23.22 38.95 -19.97
N VAL G 764 -23.74 37.93 -19.30
CA VAL G 764 -23.75 36.59 -19.88
C VAL G 764 -24.53 36.58 -21.19
N GLY G 765 -25.68 37.24 -21.21
CA GLY G 765 -26.48 37.28 -22.42
C GLY G 765 -27.75 38.06 -22.16
N LYS G 766 -28.43 38.40 -23.26
CA LYS G 766 -29.69 39.12 -23.15
C LYS G 766 -30.71 38.29 -22.41
N SER G 767 -31.28 38.86 -21.35
CA SER G 767 -32.26 38.17 -20.53
C SER G 767 -33.65 38.32 -21.15
N SER G 768 -34.65 37.71 -20.50
CA SER G 768 -36.02 37.84 -20.98
C SER G 768 -36.47 39.29 -20.98
N ASP G 769 -36.11 40.05 -19.94
CA ASP G 769 -36.46 41.46 -19.89
C ASP G 769 -35.79 42.22 -21.03
N GLY G 770 -34.56 41.82 -21.38
CA GLY G 770 -33.78 42.47 -22.42
C GLY G 770 -32.49 43.08 -21.91
N THR G 771 -32.50 43.56 -20.68
CA THR G 771 -31.26 43.97 -20.03
C THR G 771 -30.42 42.73 -19.78
N PRO G 772 -29.21 42.62 -20.32
CA PRO G 772 -28.45 41.38 -20.18
C PRO G 772 -28.25 41.04 -18.71
N ASP G 773 -28.34 39.76 -18.39
CA ASP G 773 -28.02 39.30 -17.05
C ASP G 773 -26.54 39.52 -16.77
N ARG G 774 -26.24 40.19 -15.68
CA ARG G 774 -24.86 40.53 -15.32
C ARG G 774 -24.53 39.91 -13.97
N ARG G 775 -24.11 38.65 -14.02
CA ARG G 775 -23.54 37.99 -12.86
C ARG G 775 -22.09 38.43 -12.70
N TRP G 776 -21.60 38.39 -11.46
CA TRP G 776 -20.19 38.63 -11.21
C TRP G 776 -19.46 37.31 -11.40
N CYS G 777 -18.76 37.18 -12.53
CA CYS G 777 -18.21 35.91 -12.96
C CYS G 777 -16.70 35.87 -12.76
N PHE G 778 -16.20 34.67 -12.50
CA PHE G 778 -14.79 34.41 -12.29
C PHE G 778 -14.33 33.43 -13.36
N ARG G 779 -13.54 33.93 -14.31
CA ARG G 779 -13.09 33.11 -15.43
C ARG G 779 -12.16 32.01 -14.96
N VAL G 780 -12.28 30.84 -15.59
CA VAL G 780 -11.40 29.70 -15.31
C VAL G 780 -10.83 29.21 -16.63
N ASP G 781 -9.51 29.07 -16.68
CA ASP G 781 -8.79 28.67 -17.88
C ASP G 781 -8.39 27.21 -17.76
N GLU G 782 -8.77 26.40 -18.76
CA GLU G 782 -8.41 25.00 -18.78
C GLU G 782 -8.13 24.59 -20.23
N VAL G 783 -7.06 23.84 -20.45
CA VAL G 783 -6.73 23.32 -21.78
C VAL G 783 -6.90 21.81 -21.76
N ASN G 784 -7.31 21.27 -22.90
CA ASN G 784 -7.53 19.83 -23.02
C ASN G 784 -7.36 19.42 -24.47
N TRP G 785 -6.38 18.57 -24.73
CA TRP G 785 -6.13 18.12 -26.10
C TRP G 785 -7.21 17.16 -26.57
N SER G 786 -7.72 16.32 -25.67
CA SER G 786 -8.75 15.37 -26.06
C SER G 786 -9.98 16.10 -26.57
N HIS G 787 -10.55 15.59 -27.67
CA HIS G 787 -11.75 16.17 -28.26
C HIS G 787 -11.42 17.44 -29.02
N TRP G 788 -12.44 18.05 -29.62
CA TRP G 788 -12.27 19.29 -30.37
C TRP G 788 -13.47 20.21 -30.15
N ASN H 150 -6.48 -70.14 -0.76
CA ASN H 150 -6.15 -69.61 0.56
C ASN H 150 -6.46 -68.12 0.63
N ARG H 151 -6.39 -67.57 1.84
CA ARG H 151 -6.76 -66.17 2.06
C ARG H 151 -6.04 -65.22 1.11
N PRO H 152 -4.73 -65.30 0.92
CA PRO H 152 -4.09 -64.40 -0.07
C PRO H 152 -4.65 -64.56 -1.47
N ILE H 153 -4.98 -65.79 -1.87
CA ILE H 153 -5.53 -65.99 -3.21
C ILE H 153 -6.88 -65.30 -3.33
N LEU H 154 -7.73 -65.44 -2.31
CA LEU H 154 -9.03 -64.77 -2.34
C LEU H 154 -8.85 -63.26 -2.36
N PHE H 155 -7.90 -62.74 -1.58
CA PHE H 155 -7.67 -61.31 -1.57
C PHE H 155 -7.22 -60.81 -2.94
N ASP H 156 -6.33 -61.55 -3.60
CA ASP H 156 -5.91 -61.15 -4.93
C ASP H 156 -7.07 -61.20 -5.93
N ILE H 157 -7.87 -62.26 -5.86
CA ILE H 157 -9.02 -62.39 -6.75
C ILE H 157 -9.95 -61.19 -6.57
N VAL H 158 -10.24 -60.85 -5.31
CA VAL H 158 -11.08 -59.70 -5.03
C VAL H 158 -10.42 -58.43 -5.52
N SER H 159 -9.09 -58.35 -5.44
CA SER H 159 -8.39 -57.16 -5.90
C SER H 159 -8.57 -56.97 -7.40
N ARG H 160 -8.50 -58.05 -8.17
CA ARG H 160 -8.63 -57.92 -9.62
C ARG H 160 -10.07 -57.56 -10.01
N GLY H 161 -11.05 -58.14 -9.34
CA GLY H 161 -12.44 -57.95 -9.72
C GLY H 161 -12.99 -59.00 -10.64
N SER H 162 -12.31 -60.12 -10.81
CA SER H 162 -12.72 -61.16 -11.74
C SER H 162 -13.71 -62.08 -11.05
N THR H 163 -14.96 -62.06 -11.50
CA THR H 163 -15.98 -62.93 -10.90
C THR H 163 -15.74 -64.39 -11.26
N ALA H 164 -15.17 -64.66 -12.43
CA ALA H 164 -14.96 -66.04 -12.86
C ALA H 164 -14.03 -66.79 -11.90
N ASP H 165 -13.02 -66.11 -11.36
CA ASP H 165 -12.07 -66.79 -10.49
C ASP H 165 -12.71 -67.20 -9.18
N LEU H 166 -13.78 -66.53 -8.76
CA LEU H 166 -14.49 -66.91 -7.54
C LEU H 166 -15.31 -68.18 -7.73
N ASP H 167 -15.44 -68.69 -8.95
CA ASP H 167 -16.25 -69.88 -9.19
C ASP H 167 -15.75 -71.04 -8.34
N GLY H 168 -16.68 -71.77 -7.74
CA GLY H 168 -16.35 -72.88 -6.88
C GLY H 168 -16.10 -72.52 -5.43
N LEU H 169 -16.14 -71.22 -5.09
CA LEU H 169 -15.89 -70.83 -3.71
C LEU H 169 -16.96 -71.39 -2.78
N LEU H 170 -18.23 -71.23 -3.14
CA LEU H 170 -19.32 -71.70 -2.28
C LEU H 170 -19.23 -73.19 -2.00
N PRO H 171 -19.02 -74.06 -2.98
CA PRO H 171 -18.79 -75.47 -2.66
C PRO H 171 -17.67 -75.69 -1.67
N PHE H 172 -16.55 -74.98 -1.82
CA PHE H 172 -15.45 -75.14 -0.87
C PHE H 172 -15.86 -74.76 0.53
N LEU H 173 -16.53 -73.61 0.67
CA LEU H 173 -16.93 -73.14 1.99
C LEU H 173 -17.91 -74.10 2.64
N LEU H 174 -18.91 -74.56 1.87
CA LEU H 174 -19.92 -75.45 2.45
C LEU H 174 -19.30 -76.81 2.80
N THR H 175 -18.36 -77.29 1.99
CA THR H 175 -17.67 -78.54 2.31
C THR H 175 -16.87 -78.40 3.60
N HIS H 176 -16.18 -77.27 3.78
CA HIS H 176 -15.38 -77.04 4.96
C HIS H 176 -16.17 -76.40 6.10
N LYS H 177 -17.41 -76.00 5.86
CA LYS H 177 -18.22 -75.33 6.88
C LYS H 177 -17.52 -74.10 7.42
N LYS H 178 -16.87 -73.37 6.53
CA LYS H 178 -16.21 -72.12 6.88
C LYS H 178 -17.11 -70.94 6.55
N ARG H 179 -16.87 -69.83 7.25
CA ARG H 179 -17.61 -68.60 7.02
C ARG H 179 -16.65 -67.51 6.54
N LEU H 180 -17.19 -66.59 5.76
CA LEU H 180 -16.38 -65.48 5.25
C LEU H 180 -15.96 -64.55 6.38
N THR H 181 -16.57 -64.65 7.55
CA THR H 181 -16.20 -63.84 8.70
C THR H 181 -15.27 -64.58 9.65
N ASP H 182 -14.80 -65.76 9.28
CA ASP H 182 -13.91 -66.52 10.15
C ASP H 182 -12.56 -65.83 10.26
N GLU H 183 -11.83 -66.17 11.32
CA GLU H 183 -10.55 -65.53 11.59
C GLU H 183 -9.57 -65.78 10.46
N GLU H 184 -9.53 -67.00 9.94
CA GLU H 184 -8.56 -67.35 8.91
C GLU H 184 -8.70 -66.43 7.70
N PHE H 185 -9.92 -66.22 7.23
CA PHE H 185 -10.13 -65.38 6.06
C PHE H 185 -9.88 -63.91 6.38
N ARG H 186 -10.19 -63.51 7.61
CA ARG H 186 -9.98 -62.12 8.02
C ARG H 186 -8.48 -61.88 8.20
N GLU H 187 -8.04 -60.64 7.96
CA GLU H 187 -6.63 -60.29 8.11
C GLU H 187 -6.32 -60.06 9.59
N PRO H 188 -5.36 -60.79 10.18
CA PRO H 188 -5.13 -60.65 11.62
C PRO H 188 -4.80 -59.23 12.06
N SER H 189 -4.08 -58.47 11.23
CA SER H 189 -3.60 -57.17 11.67
C SER H 189 -4.76 -56.24 12.03
N THR H 190 -5.81 -56.23 11.22
CA THR H 190 -6.92 -55.31 11.43
C THR H 190 -8.29 -55.99 11.43
N GLY H 191 -8.37 -57.30 11.23
CA GLY H 191 -9.66 -57.96 11.13
C GLY H 191 -10.34 -57.75 9.81
N LYS H 192 -9.64 -57.19 8.82
CA LYS H 192 -10.25 -56.86 7.54
C LYS H 192 -10.86 -58.09 6.90
N THR H 193 -12.04 -57.92 6.32
CA THR H 193 -12.75 -58.99 5.62
C THR H 193 -12.63 -58.82 4.12
N CYS H 194 -13.21 -59.78 3.39
CA CYS H 194 -13.14 -59.75 1.93
C CYS H 194 -13.85 -58.53 1.35
N LEU H 195 -15.04 -58.23 1.85
CA LEU H 195 -15.84 -57.16 1.25
C LEU H 195 -15.14 -55.80 1.32
N PRO H 196 -14.53 -55.39 2.42
CA PRO H 196 -13.75 -54.14 2.39
C PRO H 196 -12.68 -54.13 1.31
N LYS H 197 -11.98 -55.25 1.14
CA LYS H 197 -10.95 -55.34 0.11
C LYS H 197 -11.57 -55.17 -1.27
N ALA H 198 -12.73 -55.78 -1.49
CA ALA H 198 -13.42 -55.59 -2.78
C ALA H 198 -13.79 -54.14 -2.98
N LEU H 199 -14.31 -53.49 -1.94
CA LEU H 199 -14.77 -52.11 -2.07
C LEU H 199 -13.61 -51.16 -2.35
N LEU H 200 -12.44 -51.42 -1.75
CA LEU H 200 -11.32 -50.50 -1.93
C LEU H 200 -10.76 -50.51 -3.35
N ASN H 201 -11.02 -51.56 -4.12
CA ASN H 201 -10.55 -51.65 -5.50
C ASN H 201 -11.75 -51.61 -6.43
N LEU H 202 -11.72 -50.71 -7.42
CA LEU H 202 -12.81 -50.56 -8.36
C LEU H 202 -12.26 -50.12 -9.70
N SER H 203 -12.80 -50.69 -10.77
CA SER H 203 -12.40 -50.38 -12.14
C SER H 203 -13.45 -49.46 -12.74
N ASN H 204 -13.11 -48.19 -12.91
CA ASN H 204 -14.05 -47.19 -13.40
C ASN H 204 -15.30 -47.18 -12.54
N GLY H 205 -15.11 -47.35 -11.24
CA GLY H 205 -16.22 -47.40 -10.31
C GLY H 205 -17.15 -48.56 -10.54
N ARG H 206 -16.59 -49.75 -10.77
CA ARG H 206 -17.39 -50.93 -11.05
C ARG H 206 -16.61 -52.17 -10.63
N ASN H 207 -17.18 -52.96 -9.73
CA ASN H 207 -16.56 -54.20 -9.27
C ASN H 207 -17.60 -55.32 -9.32
N ASP H 208 -17.29 -56.38 -10.07
CA ASP H 208 -18.27 -57.45 -10.31
C ASP H 208 -18.30 -58.49 -9.20
N THR H 209 -17.32 -58.50 -8.29
CA THR H 209 -17.30 -59.53 -7.26
C THR H 209 -18.38 -59.30 -6.21
N ILE H 210 -18.72 -58.04 -5.93
CA ILE H 210 -19.59 -57.72 -4.81
C ILE H 210 -20.87 -58.56 -4.82
N PRO H 211 -21.63 -58.64 -5.91
CA PRO H 211 -22.86 -59.44 -5.87
C PRO H 211 -22.62 -60.91 -5.57
N VAL H 212 -21.54 -61.48 -6.10
CA VAL H 212 -21.26 -62.89 -5.83
C VAL H 212 -20.90 -63.08 -4.37
N LEU H 213 -20.08 -62.18 -3.82
CA LEU H 213 -19.76 -62.26 -2.40
C LEU H 213 -21.02 -62.19 -1.56
N LEU H 214 -21.91 -61.26 -1.87
CA LEU H 214 -23.15 -61.12 -1.11
C LEU H 214 -24.01 -62.37 -1.25
N ASP H 215 -24.07 -62.94 -2.46
CA ASP H 215 -24.88 -64.13 -2.69
C ASP H 215 -24.36 -65.31 -1.86
N ILE H 216 -23.04 -65.52 -1.85
CA ILE H 216 -22.50 -66.64 -1.09
C ILE H 216 -22.66 -66.38 0.40
N ALA H 217 -22.51 -65.13 0.84
CA ALA H 217 -22.71 -64.81 2.25
C ALA H 217 -24.14 -65.08 2.69
N GLU H 218 -25.11 -64.80 1.81
CA GLU H 218 -26.49 -65.15 2.11
C GLU H 218 -26.70 -66.66 2.09
N ARG H 219 -26.01 -67.35 1.18
CA ARG H 219 -26.15 -68.80 1.10
C ARG H 219 -25.68 -69.48 2.37
N THR H 220 -24.51 -69.07 2.89
CA THR H 220 -23.99 -69.69 4.10
C THR H 220 -24.77 -69.29 5.34
N GLY H 221 -25.51 -68.18 5.28
CA GLY H 221 -26.31 -67.74 6.42
C GLY H 221 -25.57 -66.86 7.40
N ASN H 222 -24.47 -66.24 6.99
CA ASN H 222 -23.71 -65.32 7.85
C ASN H 222 -23.70 -63.90 7.31
N MET H 223 -24.73 -63.52 6.56
CA MET H 223 -24.75 -62.20 5.94
C MET H 223 -24.68 -61.09 6.97
N ARG H 224 -25.43 -61.22 8.08
CA ARG H 224 -25.40 -60.19 9.11
C ARG H 224 -23.98 -59.99 9.63
N GLU H 225 -23.32 -61.08 10.02
CA GLU H 225 -21.94 -60.97 10.48
C GLU H 225 -21.03 -60.50 9.35
N PHE H 226 -21.33 -60.91 8.12
CA PHE H 226 -20.47 -60.57 6.99
C PHE H 226 -20.46 -59.06 6.74
N ILE H 227 -21.62 -58.42 6.80
CA ILE H 227 -21.70 -57.00 6.50
C ILE H 227 -21.44 -56.13 7.71
N ASN H 228 -21.67 -56.64 8.92
CA ASN H 228 -21.48 -55.84 10.12
C ASN H 228 -20.10 -56.02 10.75
N SER H 229 -19.24 -56.85 10.17
CA SER H 229 -17.95 -57.12 10.79
C SER H 229 -17.13 -55.84 10.85
N PRO H 230 -16.74 -55.37 12.03
CA PRO H 230 -15.94 -54.14 12.11
C PRO H 230 -14.44 -54.41 12.14
N PHE H 231 -13.64 -53.41 11.80
CA PHE H 231 -12.21 -53.48 12.03
C PHE H 231 -11.91 -53.33 13.52
N ARG H 232 -10.89 -54.04 14.01
CA ARG H 232 -10.52 -53.95 15.41
C ARG H 232 -9.21 -53.18 15.67
N ASP H 233 -8.45 -52.86 14.63
CA ASP H 233 -7.25 -52.08 14.85
C ASP H 233 -7.59 -50.70 15.41
N ILE H 234 -6.75 -50.22 16.33
CA ILE H 234 -6.96 -48.89 16.89
C ILE H 234 -6.92 -47.85 15.78
N TYR H 235 -6.01 -48.02 14.81
CA TYR H 235 -5.87 -47.03 13.75
C TYR H 235 -7.14 -46.92 12.91
N TYR H 236 -7.80 -48.04 12.65
CA TYR H 236 -9.02 -48.05 11.84
C TYR H 236 -10.17 -48.71 12.58
N ARG H 237 -10.33 -48.42 13.87
CA ARG H 237 -11.31 -49.14 14.67
C ARG H 237 -12.72 -48.77 14.25
N GLY H 238 -13.58 -49.77 14.12
CA GLY H 238 -15.00 -49.57 13.94
C GLY H 238 -15.44 -49.39 12.51
N GLN H 239 -14.52 -49.25 11.57
CA GLN H 239 -14.89 -49.04 10.17
C GLN H 239 -15.64 -50.24 9.65
N THR H 240 -16.62 -50.00 8.78
CA THR H 240 -17.45 -51.05 8.20
C THR H 240 -17.46 -50.88 6.68
N ALA H 241 -18.13 -51.82 6.01
CA ALA H 241 -18.20 -51.77 4.55
C ALA H 241 -18.90 -50.51 4.08
N LEU H 242 -19.96 -50.10 4.78
CA LEU H 242 -20.73 -48.94 4.34
C LEU H 242 -19.89 -47.69 4.35
N HIS H 243 -18.99 -47.55 5.32
CA HIS H 243 -18.10 -46.40 5.35
C HIS H 243 -17.24 -46.34 4.09
N ILE H 244 -16.68 -47.48 3.68
CA ILE H 244 -15.90 -47.52 2.45
C ILE H 244 -16.77 -47.20 1.26
N ALA H 245 -17.97 -47.78 1.20
CA ALA H 245 -18.85 -47.55 0.06
C ALA H 245 -19.16 -46.06 -0.08
N ILE H 246 -19.44 -45.39 1.03
CA ILE H 246 -19.72 -43.95 0.97
C ILE H 246 -18.47 -43.18 0.57
N GLU H 247 -17.32 -43.53 1.15
CA GLU H 247 -16.09 -42.79 0.87
C GLU H 247 -15.70 -42.90 -0.59
N ARG H 248 -16.02 -44.01 -1.25
CA ARG H 248 -15.65 -44.24 -2.64
C ARG H 248 -16.70 -43.73 -3.62
N ARG H 249 -17.77 -43.10 -3.14
CA ARG H 249 -18.73 -42.42 -4.01
C ARG H 249 -19.40 -43.40 -4.97
N CYS H 250 -19.80 -44.55 -4.46
CA CYS H 250 -20.49 -45.58 -5.23
C CYS H 250 -21.94 -45.63 -4.75
N LYS H 251 -22.79 -44.83 -5.39
CA LYS H 251 -24.19 -44.75 -4.99
C LYS H 251 -24.86 -46.11 -5.03
N HIS H 252 -24.70 -46.83 -6.15
CA HIS H 252 -25.38 -48.11 -6.30
C HIS H 252 -24.94 -49.11 -5.24
N TYR H 253 -23.64 -49.13 -4.92
CA TYR H 253 -23.17 -50.04 -3.87
C TYR H 253 -23.69 -49.65 -2.50
N VAL H 254 -23.80 -48.34 -2.23
CA VAL H 254 -24.39 -47.92 -0.97
C VAL H 254 -25.83 -48.40 -0.88
N GLU H 255 -26.58 -48.23 -1.97
CA GLU H 255 -27.96 -48.71 -1.97
C GLU H 255 -28.03 -50.22 -1.78
N LEU H 256 -27.13 -50.95 -2.43
CA LEU H 256 -27.11 -52.40 -2.27
C LEU H 256 -26.86 -52.79 -0.82
N LEU H 257 -25.82 -52.21 -0.22
CA LEU H 257 -25.49 -52.54 1.17
C LEU H 257 -26.65 -52.19 2.09
N VAL H 258 -27.32 -51.06 1.83
CA VAL H 258 -28.49 -50.71 2.62
C VAL H 258 -29.57 -51.78 2.46
N ALA H 259 -29.78 -52.24 1.24
CA ALA H 259 -30.79 -53.25 0.99
C ALA H 259 -30.45 -54.60 1.60
N GLN H 260 -29.18 -54.87 1.86
CA GLN H 260 -28.75 -56.15 2.39
C GLN H 260 -28.59 -56.15 3.91
N GLY H 261 -29.27 -55.23 4.60
CA GLY H 261 -29.27 -55.24 6.06
C GLY H 261 -28.02 -54.72 6.71
N ALA H 262 -27.19 -53.96 5.99
CA ALA H 262 -26.00 -53.38 6.60
C ALA H 262 -26.38 -52.40 7.69
N ASP H 263 -25.67 -52.46 8.81
CA ASP H 263 -25.91 -51.51 9.90
C ASP H 263 -25.65 -50.09 9.40
N VAL H 264 -26.58 -49.19 9.69
CA VAL H 264 -26.47 -47.80 9.24
C VAL H 264 -26.08 -46.84 10.35
N HIS H 265 -26.13 -47.27 11.61
CA HIS H 265 -25.70 -46.45 12.73
C HIS H 265 -24.37 -46.90 13.32
N ALA H 266 -23.62 -47.72 12.58
CA ALA H 266 -22.34 -48.19 13.06
C ALA H 266 -21.38 -47.02 13.28
N GLN H 267 -20.62 -47.09 14.37
CA GLN H 267 -19.65 -46.06 14.72
C GLN H 267 -18.25 -46.50 14.30
N ALA H 268 -17.43 -45.51 13.98
CA ALA H 268 -16.02 -45.72 13.65
C ALA H 268 -15.21 -44.79 14.54
N ARG H 269 -14.86 -45.27 15.74
CA ARG H 269 -14.18 -44.45 16.75
C ARG H 269 -12.68 -44.72 16.81
N GLY H 270 -12.08 -45.13 15.71
CA GLY H 270 -10.64 -45.34 15.69
C GLY H 270 -9.87 -44.04 15.79
N ARG H 271 -8.58 -44.16 16.12
CA ARG H 271 -7.77 -42.97 16.34
C ARG H 271 -7.53 -42.21 15.04
N PHE H 272 -7.67 -42.87 13.88
CA PHE H 272 -7.51 -42.17 12.62
C PHE H 272 -8.67 -41.25 12.30
N PHE H 273 -9.83 -41.47 12.93
CA PHE H 273 -11.03 -40.71 12.67
C PHE H 273 -11.27 -39.58 13.67
N GLN H 274 -10.29 -39.30 14.54
CA GLN H 274 -10.43 -38.24 15.53
C GLN H 274 -10.01 -36.90 14.92
N PRO H 275 -10.18 -35.79 15.63
CA PRO H 275 -9.72 -34.51 15.11
C PRO H 275 -8.21 -34.42 15.09
N LYS H 276 -7.72 -33.36 14.42
CA LYS H 276 -6.27 -33.15 14.34
C LYS H 276 -5.66 -33.07 15.73
N ASP H 277 -6.33 -32.40 16.67
CA ASP H 277 -5.77 -32.23 18.00
C ASP H 277 -5.52 -33.57 18.67
N GLU H 278 -6.38 -34.55 18.42
CA GLU H 278 -6.26 -35.87 19.03
C GLU H 278 -5.35 -36.81 18.24
N GLY H 279 -4.76 -36.34 17.15
CA GLY H 279 -3.87 -37.15 16.34
C GLY H 279 -4.51 -37.79 15.13
N GLY H 280 -5.84 -37.66 14.98
CA GLY H 280 -6.50 -38.19 13.81
C GLY H 280 -6.30 -37.31 12.60
N TYR H 281 -6.76 -37.81 11.46
CA TYR H 281 -6.59 -37.14 10.19
C TYR H 281 -7.86 -36.48 9.68
N PHE H 282 -8.98 -37.21 9.68
CA PHE H 282 -10.25 -36.70 9.17
C PHE H 282 -11.34 -37.01 10.18
N TYR H 283 -12.12 -36.00 10.54
CA TYR H 283 -13.21 -36.14 11.49
C TYR H 283 -14.53 -35.80 10.81
N PHE H 284 -15.50 -36.70 10.93
CA PHE H 284 -16.79 -36.48 10.30
C PHE H 284 -17.98 -36.89 11.17
N GLY H 285 -17.78 -37.29 12.41
CA GLY H 285 -18.87 -37.63 13.31
C GLY H 285 -19.09 -39.10 13.53
N GLU H 286 -18.36 -39.97 12.82
CA GLU H 286 -18.40 -41.41 13.04
C GLU H 286 -19.78 -42.01 12.73
N LEU H 287 -20.55 -41.40 11.83
CA LEU H 287 -21.78 -42.00 11.39
C LEU H 287 -21.85 -41.99 9.87
N PRO H 288 -22.44 -43.02 9.27
CA PRO H 288 -22.55 -43.02 7.80
C PRO H 288 -23.30 -41.81 7.26
N LEU H 289 -24.38 -41.40 7.92
CA LEU H 289 -25.12 -40.23 7.46
C LEU H 289 -24.25 -38.98 7.51
N SER H 290 -23.58 -38.75 8.64
CA SER H 290 -22.69 -37.60 8.75
C SER H 290 -21.52 -37.71 7.78
N LEU H 291 -21.02 -38.93 7.53
CA LEU H 291 -19.94 -39.08 6.56
C LEU H 291 -20.40 -38.67 5.17
N ALA H 292 -21.59 -39.10 4.76
CA ALA H 292 -22.11 -38.69 3.47
C ALA H 292 -22.30 -37.18 3.42
N ALA H 293 -22.85 -36.60 4.49
CA ALA H 293 -23.06 -35.16 4.50
C ALA H 293 -21.75 -34.40 4.41
N CYS H 294 -20.70 -34.91 5.05
CA CYS H 294 -19.43 -34.18 5.10
C CYS H 294 -18.74 -34.16 3.75
N THR H 295 -18.84 -35.25 2.97
CA THR H 295 -18.09 -35.37 1.72
C THR H 295 -18.91 -34.92 0.51
N ASN H 296 -19.89 -34.05 0.70
CA ASN H 296 -20.59 -33.41 -0.42
C ASN H 296 -21.24 -34.46 -1.34
N GLN H 297 -22.06 -35.31 -0.73
CA GLN H 297 -22.76 -36.38 -1.45
C GLN H 297 -24.24 -36.28 -1.09
N PRO H 298 -24.98 -35.38 -1.74
CA PRO H 298 -26.39 -35.19 -1.37
C PRO H 298 -27.28 -36.37 -1.70
N HIS H 299 -27.04 -37.04 -2.82
CA HIS H 299 -27.88 -38.17 -3.20
C HIS H 299 -27.81 -39.27 -2.16
N ILE H 300 -26.61 -39.51 -1.61
CA ILE H 300 -26.48 -40.56 -0.60
C ILE H 300 -27.24 -40.19 0.67
N VAL H 301 -27.20 -38.91 1.05
CA VAL H 301 -27.97 -38.48 2.22
C VAL H 301 -29.46 -38.70 1.97
N ASN H 302 -29.93 -38.30 0.79
CA ASN H 302 -31.34 -38.48 0.46
C ASN H 302 -31.73 -39.95 0.54
N TYR H 303 -30.90 -40.83 -0.02
CA TYR H 303 -31.21 -42.26 0.01
C TYR H 303 -31.20 -42.79 1.43
N LEU H 304 -30.17 -42.44 2.21
CA LEU H 304 -30.06 -42.96 3.57
C LEU H 304 -31.23 -42.52 4.44
N THR H 305 -31.75 -41.31 4.21
CA THR H 305 -32.86 -40.82 4.99
C THR H 305 -34.21 -41.24 4.42
N GLU H 306 -34.28 -41.64 3.16
CA GLU H 306 -35.53 -41.99 2.51
C GLU H 306 -35.59 -43.47 2.09
N ASN H 307 -34.64 -44.29 2.52
CA ASN H 307 -34.69 -45.69 2.17
C ASN H 307 -35.82 -46.39 2.92
N PRO H 308 -36.44 -47.40 2.31
CA PRO H 308 -37.56 -48.07 2.99
C PRO H 308 -37.13 -49.11 4.00
N HIS H 309 -35.93 -49.67 3.88
CA HIS H 309 -35.56 -50.80 4.73
C HIS H 309 -35.25 -50.35 6.15
N LYS H 310 -34.38 -49.36 6.31
CA LYS H 310 -34.03 -48.88 7.64
C LYS H 310 -33.51 -47.45 7.50
N LYS H 311 -34.29 -46.48 7.96
CA LYS H 311 -33.90 -45.09 7.88
C LYS H 311 -32.85 -44.77 8.94
N ALA H 312 -32.12 -43.67 8.72
CA ALA H 312 -31.06 -43.24 9.62
C ALA H 312 -31.49 -41.93 10.28
N ASP H 313 -31.81 -42.00 11.57
CA ASP H 313 -32.29 -40.84 12.29
C ASP H 313 -31.25 -39.72 12.25
N MET H 314 -31.67 -38.53 11.80
CA MET H 314 -30.74 -37.42 11.73
C MET H 314 -30.32 -36.93 13.11
N ARG H 315 -31.13 -37.20 14.13
CA ARG H 315 -30.84 -36.78 15.49
C ARG H 315 -29.80 -37.66 16.17
N ARG H 316 -29.37 -38.75 15.53
CA ARG H 316 -28.47 -39.68 16.19
C ARG H 316 -27.20 -38.97 16.64
N GLN H 317 -26.69 -39.38 17.79
CA GLN H 317 -25.50 -38.80 18.37
C GLN H 317 -24.42 -39.86 18.53
N ASP H 318 -23.17 -39.44 18.41
CA ASP H 318 -22.04 -40.34 18.54
C ASP H 318 -21.59 -40.38 20.00
N SER H 319 -20.40 -40.94 20.24
CA SER H 319 -19.88 -40.96 21.61
C SER H 319 -19.66 -39.54 22.13
N ARG H 320 -19.10 -38.66 21.30
CA ARG H 320 -18.91 -37.28 21.71
C ARG H 320 -20.23 -36.55 21.90
N GLY H 321 -21.33 -37.07 21.36
CA GLY H 321 -22.61 -36.40 21.41
C GLY H 321 -22.89 -35.51 20.22
N ASN H 322 -21.94 -35.34 19.31
CA ASN H 322 -22.14 -34.48 18.15
C ASN H 322 -23.16 -35.09 17.20
N THR H 323 -24.03 -34.24 16.66
CA THR H 323 -24.96 -34.65 15.63
C THR H 323 -24.40 -34.28 14.25
N VAL H 324 -25.17 -34.56 13.21
CA VAL H 324 -24.68 -34.30 11.85
C VAL H 324 -24.35 -32.83 11.68
N LEU H 325 -25.17 -31.93 12.23
CA LEU H 325 -24.89 -30.51 12.12
C LEU H 325 -23.58 -30.15 12.82
N HIS H 326 -23.35 -30.73 13.99
CA HIS H 326 -22.09 -30.49 14.68
C HIS H 326 -20.90 -30.89 13.82
N ALA H 327 -20.98 -32.07 13.20
CA ALA H 327 -19.89 -32.51 12.33
C ALA H 327 -19.72 -31.57 11.14
N LEU H 328 -20.83 -31.12 10.56
CA LEU H 328 -20.75 -30.18 9.44
C LEU H 328 -20.02 -28.92 9.87
N VAL H 329 -20.34 -28.40 11.05
CA VAL H 329 -19.61 -27.25 11.57
C VAL H 329 -18.13 -27.60 11.74
N ALA H 330 -17.86 -28.80 12.25
CA ALA H 330 -16.48 -29.18 12.54
C ALA H 330 -15.62 -29.18 11.29
N ILE H 331 -16.10 -29.79 10.21
CA ILE H 331 -15.28 -29.93 9.01
C ILE H 331 -15.26 -28.67 8.16
N ALA H 332 -16.09 -27.68 8.46
CA ALA H 332 -16.11 -26.46 7.67
C ALA H 332 -14.85 -25.65 7.91
N ASP H 333 -14.52 -24.82 6.93
CA ASP H 333 -13.38 -23.91 7.02
C ASP H 333 -13.81 -22.56 6.47
N ASN H 334 -12.89 -21.62 6.43
CA ASN H 334 -13.19 -20.27 6.01
C ASN H 334 -13.06 -20.06 4.50
N THR H 335 -12.67 -21.08 3.74
CA THR H 335 -12.57 -20.93 2.29
C THR H 335 -13.95 -20.84 1.66
N ARG H 336 -14.04 -20.09 0.56
CA ARG H 336 -15.34 -19.72 0.01
C ARG H 336 -16.11 -20.93 -0.46
N GLU H 337 -15.49 -21.79 -1.29
CA GLU H 337 -16.19 -22.95 -1.83
C GLU H 337 -16.64 -23.87 -0.71
N ASN H 338 -15.76 -24.12 0.27
CA ASN H 338 -16.13 -24.98 1.37
C ASN H 338 -17.32 -24.43 2.13
N THR H 339 -17.31 -23.12 2.41
CA THR H 339 -18.42 -22.53 3.13
C THR H 339 -19.71 -22.64 2.32
N LYS H 340 -19.63 -22.43 1.01
CA LYS H 340 -20.82 -22.51 0.17
C LYS H 340 -21.43 -23.90 0.21
N PHE H 341 -20.61 -24.92 -0.06
CA PHE H 341 -21.14 -26.27 -0.07
C PHE H 341 -21.65 -26.66 1.31
N VAL H 342 -20.93 -26.28 2.36
CA VAL H 342 -21.36 -26.63 3.71
C VAL H 342 -22.69 -25.97 4.03
N THR H 343 -22.87 -24.71 3.62
CA THR H 343 -24.13 -24.03 3.88
C THR H 343 -25.28 -24.71 3.16
N LYS H 344 -25.07 -25.08 1.89
CA LYS H 344 -26.13 -25.75 1.16
C LYS H 344 -26.50 -27.08 1.83
N MET H 345 -25.49 -27.85 2.21
CA MET H 345 -25.76 -29.12 2.89
C MET H 345 -26.49 -28.88 4.21
N TYR H 346 -26.07 -27.86 4.96
CA TYR H 346 -26.71 -27.57 6.24
C TYR H 346 -28.18 -27.24 6.07
N ASP H 347 -28.49 -26.37 5.11
CA ASP H 347 -29.88 -25.99 4.90
C ASP H 347 -30.71 -27.19 4.44
N LEU H 348 -30.18 -28.00 3.53
CA LEU H 348 -30.92 -29.17 3.07
C LEU H 348 -31.20 -30.11 4.25
N LEU H 349 -30.18 -30.34 5.08
CA LEU H 349 -30.36 -31.22 6.23
C LEU H 349 -31.40 -30.66 7.20
N LEU H 350 -31.34 -29.37 7.48
CA LEU H 350 -32.29 -28.79 8.42
C LEU H 350 -33.71 -28.90 7.92
N LEU H 351 -33.92 -28.60 6.63
CA LEU H 351 -35.27 -28.70 6.07
C LEU H 351 -35.75 -30.14 6.08
N LYS H 352 -34.89 -31.09 5.74
CA LYS H 352 -35.30 -32.50 5.77
C LYS H 352 -35.68 -32.91 7.18
N CYS H 353 -34.89 -32.52 8.18
CA CYS H 353 -35.23 -32.85 9.56
C CYS H 353 -36.56 -32.21 9.95
N ALA H 354 -36.79 -30.97 9.52
CA ALA H 354 -38.04 -30.31 9.83
C ALA H 354 -39.23 -31.08 9.26
N ARG H 355 -39.14 -31.48 8.00
CA ARG H 355 -40.22 -32.24 7.40
C ARG H 355 -40.42 -33.56 8.12
N LEU H 356 -39.32 -34.29 8.37
CA LEU H 356 -39.43 -35.58 9.03
C LEU H 356 -39.88 -35.44 10.48
N PHE H 357 -39.35 -34.43 11.19
CA PHE H 357 -39.64 -34.21 12.60
C PHE H 357 -40.21 -32.81 12.78
N PRO H 358 -41.53 -32.65 12.74
CA PRO H 358 -42.10 -31.31 12.92
C PRO H 358 -42.00 -30.81 14.35
N ASP H 359 -42.17 -31.69 15.33
CA ASP H 359 -42.17 -31.25 16.72
C ASP H 359 -40.78 -30.84 17.19
N SER H 360 -39.75 -31.60 16.81
CA SER H 360 -38.41 -31.38 17.32
C SER H 360 -37.69 -30.29 16.52
N ASN H 361 -36.58 -29.82 17.08
CA ASN H 361 -35.73 -28.83 16.43
C ASN H 361 -34.29 -29.33 16.53
N LEU H 362 -33.67 -29.63 15.39
CA LEU H 362 -32.38 -30.30 15.40
C LEU H 362 -31.32 -29.43 16.07
N GLU H 363 -31.30 -28.14 15.75
CA GLU H 363 -30.28 -27.27 16.33
C GLU H 363 -30.37 -27.23 17.86
N ALA H 364 -31.57 -27.45 18.41
CA ALA H 364 -31.72 -27.48 19.85
C ALA H 364 -30.85 -28.57 20.47
N VAL H 365 -30.69 -29.70 19.78
CA VAL H 365 -29.94 -30.83 20.33
C VAL H 365 -28.52 -30.37 20.65
N LEU H 366 -28.00 -30.87 21.76
CA LEU H 366 -26.65 -30.53 22.22
C LEU H 366 -25.81 -31.80 22.35
N ASN H 367 -24.50 -31.60 22.33
CA ASN H 367 -23.55 -32.69 22.47
C ASN H 367 -23.28 -32.95 23.95
N ASN H 368 -22.34 -33.86 24.24
CA ASN H 368 -21.97 -34.09 25.64
C ASN H 368 -21.40 -32.84 26.27
N ASP H 369 -20.55 -32.12 25.52
CA ASP H 369 -19.98 -30.88 26.05
C ASP H 369 -21.03 -29.81 26.28
N GLY H 370 -22.18 -29.90 25.60
CA GLY H 370 -23.24 -28.93 25.79
C GLY H 370 -23.12 -27.74 24.86
N LEU H 371 -22.85 -28.00 23.58
CA LEU H 371 -22.70 -26.95 22.57
C LEU H 371 -23.77 -27.14 21.51
N SER H 372 -24.41 -26.05 21.13
CA SER H 372 -25.24 -26.05 19.94
C SER H 372 -24.40 -25.73 18.72
N PRO H 373 -24.86 -26.09 17.53
CA PRO H 373 -24.02 -25.86 16.33
C PRO H 373 -23.57 -24.41 16.19
N LEU H 374 -24.47 -23.46 16.46
CA LEU H 374 -24.09 -22.05 16.38
C LEU H 374 -23.00 -21.72 17.39
N MET H 375 -23.18 -22.19 18.63
CA MET H 375 -22.20 -21.87 19.67
C MET H 375 -20.85 -22.47 19.35
N MET H 376 -20.81 -23.71 18.88
CA MET H 376 -19.55 -24.33 18.50
C MET H 376 -18.91 -23.59 17.34
N ALA H 377 -19.72 -23.20 16.35
CA ALA H 377 -19.18 -22.43 15.23
C ALA H 377 -18.54 -21.15 15.72
N ALA H 378 -19.18 -20.49 16.69
CA ALA H 378 -18.60 -19.27 17.26
C ALA H 378 -17.30 -19.57 17.99
N LYS H 379 -17.28 -20.63 18.79
CA LYS H 379 -16.10 -20.94 19.60
C LYS H 379 -14.91 -21.28 18.71
N THR H 380 -15.08 -22.23 17.79
CA THR H 380 -13.96 -22.74 17.01
C THR H 380 -13.47 -21.77 15.95
N GLY H 381 -14.24 -20.73 15.62
CA GLY H 381 -13.80 -19.72 14.69
C GLY H 381 -14.20 -19.93 13.24
N LYS H 382 -15.11 -20.86 12.96
CA LYS H 382 -15.59 -21.06 11.59
C LYS H 382 -16.54 -19.91 11.28
N ILE H 383 -16.03 -18.91 10.57
CA ILE H 383 -16.79 -17.66 10.41
C ILE H 383 -17.97 -17.85 9.47
N GLY H 384 -17.75 -18.49 8.32
CA GLY H 384 -18.76 -18.47 7.27
C GLY H 384 -20.05 -19.14 7.69
N ILE H 385 -19.94 -20.32 8.29
CA ILE H 385 -21.14 -21.05 8.69
C ILE H 385 -21.86 -20.32 9.81
N PHE H 386 -21.12 -19.68 10.71
CA PHE H 386 -21.73 -18.90 11.79
C PHE H 386 -22.49 -17.71 11.24
N GLN H 387 -21.88 -16.98 10.30
CA GLN H 387 -22.58 -15.87 9.66
C GLN H 387 -23.83 -16.35 8.92
N HIS H 388 -23.75 -17.49 8.22
CA HIS H 388 -24.92 -18.01 7.54
C HIS H 388 -25.98 -18.50 8.53
N ILE H 389 -25.57 -19.04 9.67
CA ILE H 389 -26.57 -19.54 10.61
C ILE H 389 -27.28 -18.35 11.26
N ILE H 390 -26.55 -17.28 11.52
CA ILE H 390 -27.14 -16.10 12.14
C ILE H 390 -28.12 -15.37 11.22
N ARG H 391 -27.81 -15.30 9.94
CA ARG H 391 -28.70 -14.59 9.00
C ARG H 391 -29.51 -15.53 8.08
N ARG H 392 -29.96 -16.65 8.63
CA ARG H 392 -30.74 -17.63 7.90
C ARG H 392 -32.12 -17.06 7.60
N GLU H 393 -32.51 -17.07 6.32
CA GLU H 393 -33.83 -16.68 5.87
C GLU H 393 -34.34 -17.74 4.92
N VAL H 394 -35.56 -18.24 5.17
CA VAL H 394 -36.15 -19.32 4.40
C VAL H 394 -37.54 -18.89 3.94
N THR H 395 -37.83 -19.05 2.65
CA THR H 395 -39.11 -18.61 2.11
C THR H 395 -40.24 -19.56 2.44
N ASP H 396 -39.95 -20.86 2.56
CA ASP H 396 -41.00 -21.85 2.76
C ASP H 396 -41.84 -21.51 3.98
N GLU H 397 -43.16 -21.59 3.83
CA GLU H 397 -44.06 -21.23 4.92
C GLU H 397 -44.01 -22.25 6.04
N ASP H 398 -44.02 -23.54 5.71
CA ASP H 398 -44.05 -24.58 6.74
C ASP H 398 -42.83 -24.52 7.64
N THR H 399 -41.67 -24.14 7.09
CA THR H 399 -40.42 -24.08 7.84
C THR H 399 -40.03 -22.65 8.20
N ARG H 400 -40.98 -21.71 8.17
CA ARG H 400 -40.65 -20.31 8.43
C ARG H 400 -40.05 -20.14 9.81
N HIS H 401 -40.55 -20.89 10.80
CA HIS H 401 -40.10 -20.71 12.18
C HIS H 401 -38.63 -21.06 12.36
N LEU H 402 -38.02 -21.76 11.41
CA LEU H 402 -36.64 -22.17 11.55
C LEU H 402 -35.66 -21.05 11.25
N SER H 403 -36.06 -20.05 10.47
CA SER H 403 -35.14 -18.97 10.13
C SER H 403 -35.12 -17.92 11.24
N ARG H 404 -34.14 -17.02 11.17
CA ARG H 404 -33.86 -16.09 12.25
C ARG H 404 -34.23 -14.65 11.89
N LYS H 405 -33.67 -14.12 10.81
CA LYS H 405 -33.84 -12.71 10.47
C LYS H 405 -35.13 -12.55 9.66
N PHE H 406 -36.13 -11.91 10.26
CA PHE H 406 -37.35 -11.52 9.58
C PHE H 406 -37.29 -10.07 9.15
N LYS H 407 -38.20 -9.69 8.25
CA LYS H 407 -38.31 -8.32 7.76
C LYS H 407 -39.72 -7.83 8.10
N ASP H 408 -39.81 -6.83 8.98
CA ASP H 408 -41.10 -6.39 9.48
C ASP H 408 -41.80 -5.50 8.45
N TRP H 409 -41.20 -4.36 8.10
CA TRP H 409 -41.83 -3.46 7.16
C TRP H 409 -40.78 -2.64 6.42
N ALA H 410 -41.22 -2.07 5.30
CA ALA H 410 -40.40 -1.18 4.48
C ALA H 410 -41.26 -0.02 4.01
N TYR H 411 -40.62 1.14 3.82
CA TYR H 411 -41.31 2.35 3.40
C TYR H 411 -40.67 2.99 2.17
N GLY H 412 -40.02 2.19 1.32
CA GLY H 412 -39.32 2.72 0.18
C GLY H 412 -37.87 2.30 0.17
N PRO H 413 -36.94 3.25 0.32
CA PRO H 413 -35.52 2.91 0.40
C PRO H 413 -35.03 2.54 1.79
N VAL H 414 -35.88 2.61 2.81
CA VAL H 414 -35.52 2.28 4.18
C VAL H 414 -36.22 0.98 4.56
N TYR H 415 -35.45 0.02 5.07
CA TYR H 415 -35.96 -1.27 5.50
C TYR H 415 -35.57 -1.47 6.96
N SER H 416 -36.40 -2.21 7.69
CA SER H 416 -36.14 -2.52 9.09
C SER H 416 -36.41 -4.01 9.27
N SER H 417 -35.36 -4.77 9.48
CA SER H 417 -35.46 -6.23 9.60
C SER H 417 -35.21 -6.63 11.04
N LEU H 418 -36.08 -7.47 11.56
CA LEU H 418 -35.89 -8.02 12.89
C LEU H 418 -34.78 -9.08 12.87
N TYR H 419 -34.20 -9.30 14.04
CA TYR H 419 -33.23 -10.37 14.24
C TYR H 419 -33.63 -11.17 15.47
N ASP H 420 -32.98 -12.31 15.65
CA ASP H 420 -33.30 -13.23 16.73
C ASP H 420 -32.14 -13.27 17.70
N LEU H 421 -32.44 -13.00 18.97
CA LEU H 421 -31.45 -12.97 20.03
C LEU H 421 -31.55 -14.19 20.94
N SER H 422 -32.33 -15.20 20.54
CA SER H 422 -32.34 -16.44 21.29
C SER H 422 -30.94 -17.04 21.30
N SER H 423 -30.41 -17.27 22.50
CA SER H 423 -29.06 -17.79 22.67
C SER H 423 -28.00 -16.83 22.12
N LEU H 424 -28.27 -15.53 22.16
CA LEU H 424 -27.29 -14.56 21.68
C LEU H 424 -27.21 -13.31 22.54
N ASP H 425 -27.71 -13.35 23.78
CA ASP H 425 -27.80 -12.14 24.59
C ASP H 425 -27.43 -12.45 26.03
N THR H 426 -27.11 -11.39 26.76
CA THR H 426 -26.71 -11.51 28.16
C THR H 426 -27.92 -11.76 29.05
N CYS H 427 -27.64 -12.02 30.33
CA CYS H 427 -28.68 -12.25 31.32
C CYS H 427 -29.56 -13.42 30.92
N GLY H 428 -28.95 -14.44 30.33
CA GLY H 428 -29.64 -15.67 29.97
C GLY H 428 -28.99 -16.86 30.66
N GLU H 429 -29.84 -17.77 31.15
CA GLU H 429 -29.32 -18.92 31.87
C GLU H 429 -28.40 -19.76 30.98
N GLU H 430 -28.78 -19.95 29.72
CA GLU H 430 -27.92 -20.67 28.79
C GLU H 430 -26.72 -19.82 28.39
N ALA H 431 -25.65 -20.50 27.98
CA ALA H 431 -24.45 -19.79 27.55
C ALA H 431 -24.76 -18.88 26.36
N SER H 432 -24.17 -17.69 26.38
CA SER H 432 -24.39 -16.70 25.33
C SER H 432 -23.32 -16.84 24.26
N VAL H 433 -23.75 -16.80 23.00
CA VAL H 433 -22.80 -16.88 21.88
C VAL H 433 -21.85 -15.69 21.92
N LEU H 434 -22.38 -14.49 22.20
CA LEU H 434 -21.53 -13.31 22.28
C LEU H 434 -20.50 -13.46 23.39
N GLU H 435 -20.91 -14.00 24.54
CA GLU H 435 -19.99 -14.14 25.67
C GLU H 435 -18.89 -15.14 25.36
N ILE H 436 -19.25 -16.31 24.81
CA ILE H 436 -18.24 -17.32 24.49
C ILE H 436 -17.37 -16.87 23.33
N LEU H 437 -17.85 -15.96 22.49
CA LEU H 437 -17.04 -15.48 21.39
C LEU H 437 -15.92 -14.57 21.84
N VAL H 438 -16.02 -14.00 23.04
CA VAL H 438 -15.01 -13.04 23.51
C VAL H 438 -14.52 -13.39 24.90
N TYR H 439 -14.83 -14.60 25.39
CA TYR H 439 -14.31 -15.05 26.67
C TYR H 439 -13.32 -16.21 26.52
N ASN H 440 -13.69 -17.30 25.85
CA ASN H 440 -12.81 -18.45 25.66
C ASN H 440 -12.75 -18.83 24.18
N SER H 441 -12.66 -17.83 23.31
CA SER H 441 -12.69 -18.10 21.87
C SER H 441 -11.38 -18.75 21.41
N LYS H 442 -10.25 -18.12 21.73
CA LYS H 442 -8.94 -18.59 21.26
C LYS H 442 -8.97 -18.77 19.75
N ILE H 443 -9.59 -17.82 19.05
CA ILE H 443 -9.75 -17.87 17.61
C ILE H 443 -8.96 -16.73 16.98
N GLU H 444 -8.21 -17.06 15.91
CA GLU H 444 -7.42 -16.05 15.22
C GLU H 444 -8.28 -15.14 14.36
N ASN H 445 -9.52 -15.51 14.10
CA ASN H 445 -10.46 -14.69 13.33
C ASN H 445 -11.47 -13.99 14.22
N ARG H 446 -11.20 -13.90 15.52
CA ARG H 446 -12.15 -13.33 16.45
C ARG H 446 -12.56 -11.92 16.05
N HIS H 447 -11.60 -11.12 15.59
CA HIS H 447 -11.90 -9.73 15.24
C HIS H 447 -12.91 -9.63 14.11
N GLU H 448 -12.87 -10.56 13.15
CA GLU H 448 -13.83 -10.53 12.05
C GLU H 448 -15.20 -11.06 12.44
N MET H 449 -15.31 -11.77 13.57
CA MET H 449 -16.59 -12.31 13.98
C MET H 449 -17.54 -11.23 14.52
N LEU H 450 -17.00 -10.08 14.95
CA LEU H 450 -17.82 -8.99 15.45
C LEU H 450 -18.42 -8.15 14.34
N ALA H 451 -17.97 -8.32 13.09
CA ALA H 451 -18.44 -7.49 12.01
C ALA H 451 -19.84 -7.87 11.55
N VAL H 452 -20.33 -9.04 11.96
CA VAL H 452 -21.65 -9.48 11.52
C VAL H 452 -22.70 -8.47 11.98
N GLU H 453 -23.69 -8.21 11.11
CA GLU H 453 -24.68 -7.18 11.32
C GLU H 453 -25.27 -7.22 12.73
N PRO H 454 -25.99 -8.28 13.11
CA PRO H 454 -26.64 -8.29 14.42
C PRO H 454 -25.67 -8.36 15.59
N ILE H 455 -24.41 -8.75 15.36
CA ILE H 455 -23.45 -8.80 16.45
C ILE H 455 -22.95 -7.39 16.78
N ASN H 456 -22.44 -6.69 15.77
CA ASN H 456 -21.84 -5.38 15.99
C ASN H 456 -22.83 -4.43 16.65
N GLU H 457 -24.03 -4.30 16.09
CA GLU H 457 -24.99 -3.32 16.57
C GLU H 457 -25.43 -3.61 18.00
N LEU H 458 -25.49 -4.89 18.38
CA LEU H 458 -25.92 -5.23 19.73
C LEU H 458 -25.06 -4.52 20.76
N LEU H 459 -23.76 -4.41 20.49
CA LEU H 459 -22.86 -3.77 21.44
C LEU H 459 -23.12 -2.28 21.55
N ARG H 460 -23.46 -1.62 20.45
CA ARG H 460 -23.79 -0.20 20.51
C ARG H 460 -25.07 0.06 21.29
N ASP H 461 -26.09 -0.78 21.06
CA ASP H 461 -27.32 -0.70 21.85
C ASP H 461 -27.03 -0.92 23.32
N LYS H 462 -26.15 -1.87 23.65
CA LYS H 462 -25.69 -2.03 25.03
C LYS H 462 -24.93 -0.80 25.50
N TRP H 463 -24.16 -0.19 24.59
CA TRP H 463 -23.31 0.94 24.93
C TRP H 463 -24.14 2.11 25.44
N ARG H 464 -25.31 2.33 24.84
CA ARG H 464 -26.18 3.40 25.34
C ARG H 464 -26.57 3.14 26.79
N LYS H 465 -26.96 1.89 27.11
CA LYS H 465 -27.45 1.60 28.45
C LYS H 465 -26.36 1.74 29.50
N PHE H 466 -25.21 1.10 29.27
CA PHE H 466 -24.13 1.06 30.25
C PHE H 466 -22.87 1.76 29.76
N GLY H 467 -22.39 1.44 28.58
CA GLY H 467 -21.09 1.89 28.11
C GLY H 467 -20.77 3.35 28.38
N ALA H 468 -21.60 4.26 27.88
CA ALA H 468 -21.29 5.68 27.93
C ALA H 468 -21.77 6.38 29.19
N VAL H 469 -22.57 5.72 30.04
CA VAL H 469 -23.14 6.37 31.21
C VAL H 469 -22.62 5.81 32.52
N SER H 470 -22.18 4.55 32.56
CA SER H 470 -21.81 3.89 33.81
C SER H 470 -20.33 3.61 33.97
N PHE H 471 -19.50 3.88 32.96
CA PHE H 471 -18.06 3.72 33.14
C PHE H 471 -17.54 4.69 34.20
N TYR H 472 -18.16 5.87 34.29
CA TYR H 472 -17.77 6.86 35.29
C TYR H 472 -17.81 6.26 36.69
N ILE H 473 -18.87 5.53 37.02
CA ILE H 473 -19.07 5.05 38.39
C ILE H 473 -17.96 4.09 38.79
N ASN H 474 -17.67 3.11 37.93
CA ASN H 474 -16.62 2.14 38.23
C ASN H 474 -15.27 2.82 38.35
N VAL H 475 -14.99 3.77 37.46
CA VAL H 475 -13.76 4.54 37.57
C VAL H 475 -13.69 5.26 38.93
N VAL H 476 -14.80 5.89 39.31
CA VAL H 476 -14.84 6.71 40.52
C VAL H 476 -14.64 5.84 41.75
N SER H 477 -15.14 4.61 41.72
CA SER H 477 -14.97 3.75 42.89
C SER H 477 -13.50 3.55 43.23
N TYR H 478 -12.68 3.27 42.22
CA TYR H 478 -11.24 3.13 42.46
C TYR H 478 -10.62 4.45 42.86
N LEU H 479 -11.10 5.57 42.30
CA LEU H 479 -10.56 6.86 42.76
C LEU H 479 -10.81 7.06 44.26
N CYS H 480 -12.03 6.78 44.71
CA CYS H 480 -12.35 6.94 46.13
C CYS H 480 -11.53 5.99 46.99
N ALA H 481 -11.37 4.74 46.54
CA ALA H 481 -10.55 3.79 47.29
C ALA H 481 -9.11 4.28 47.38
N MET H 482 -8.59 4.88 46.31
CA MET H 482 -7.24 5.42 46.34
C MET H 482 -7.12 6.52 47.37
N VAL H 483 -8.12 7.40 47.46
CA VAL H 483 -8.08 8.45 48.48
C VAL H 483 -8.10 7.84 49.88
N ILE H 484 -8.98 6.87 50.11
CA ILE H 484 -9.05 6.25 51.43
C ILE H 484 -7.71 5.65 51.81
N PHE H 485 -7.05 4.97 50.86
CA PHE H 485 -5.73 4.42 51.14
C PHE H 485 -4.71 5.53 51.37
N THR H 486 -4.79 6.62 50.59
CA THR H 486 -3.83 7.69 50.73
C THR H 486 -3.89 8.32 52.12
N LEU H 487 -5.03 8.18 52.80
CA LEU H 487 -5.13 8.70 54.16
C LEU H 487 -4.26 7.92 55.15
N THR H 488 -3.77 6.73 54.78
CA THR H 488 -2.99 5.87 55.66
C THR H 488 -1.82 6.55 56.33
N ALA H 489 -0.87 7.05 55.53
CA ALA H 489 0.31 7.74 56.07
C ALA H 489 -0.07 8.66 57.22
N TYR H 490 -1.11 9.44 57.02
CA TYR H 490 -1.60 10.37 58.03
C TYR H 490 -1.90 9.66 59.35
N VAL H 506 -9.94 15.35 65.43
CA VAL H 506 -10.90 14.31 65.07
C VAL H 506 -10.20 12.96 65.03
N ASP H 507 -9.63 12.57 66.17
CA ASP H 507 -8.92 11.29 66.23
C ASP H 507 -9.85 10.12 65.96
N TYR H 508 -11.07 10.16 66.52
CA TYR H 508 -12.01 9.06 66.32
C TYR H 508 -12.36 8.89 64.84
N LEU H 509 -12.66 10.00 64.17
CA LEU H 509 -12.99 9.92 62.75
C LEU H 509 -11.80 9.42 61.92
N ARG H 510 -10.60 9.88 62.26
CA ARG H 510 -9.41 9.42 61.56
C ARG H 510 -9.21 7.92 61.74
N LEU H 511 -9.42 7.42 62.96
CA LEU H 511 -9.30 5.99 63.19
C LEU H 511 -10.37 5.21 62.44
N ALA H 512 -11.58 5.76 62.37
CA ALA H 512 -12.63 5.11 61.58
C ALA H 512 -12.23 5.01 60.12
N GLY H 513 -11.67 6.10 59.57
CA GLY H 513 -11.17 6.05 58.20
C GLY H 513 -10.02 5.08 58.04
N GLU H 514 -9.17 4.97 59.06
CA GLU H 514 -8.08 4.01 59.01
C GLU H 514 -8.62 2.59 58.91
N VAL H 515 -9.66 2.29 59.69
CA VAL H 515 -10.31 0.99 59.56
C VAL H 515 -10.92 0.83 58.18
N ILE H 516 -11.51 1.92 57.65
CA ILE H 516 -12.08 1.90 56.31
C ILE H 516 -11.01 1.57 55.28
N THR H 517 -9.76 1.97 55.53
CA THR H 517 -8.69 1.70 54.58
C THR H 517 -8.46 0.19 54.44
N LEU H 518 -8.29 -0.49 55.58
CA LEU H 518 -8.14 -1.94 55.55
C LEU H 518 -9.40 -2.59 54.98
N PHE H 519 -10.57 -2.05 55.30
CA PHE H 519 -11.81 -2.60 54.77
C PHE H 519 -11.85 -2.49 53.25
N THR H 520 -11.37 -1.36 52.70
CA THR H 520 -11.38 -1.17 51.26
C THR H 520 -10.41 -2.14 50.58
N GLY H 521 -9.21 -2.31 51.15
CA GLY H 521 -8.30 -3.31 50.61
C GLY H 521 -8.91 -4.70 50.65
N VAL H 522 -9.57 -5.05 51.75
CA VAL H 522 -10.18 -6.36 51.89
C VAL H 522 -11.32 -6.52 50.88
N LEU H 523 -12.07 -5.45 50.63
CA LEU H 523 -13.15 -5.52 49.65
C LEU H 523 -12.60 -5.74 48.25
N PHE H 524 -11.51 -5.03 47.92
CA PHE H 524 -10.85 -5.26 46.64
C PHE H 524 -10.39 -6.70 46.51
N PHE H 525 -9.80 -7.27 47.57
CA PHE H 525 -9.39 -8.68 47.53
C PHE H 525 -10.59 -9.61 47.42
N PHE H 526 -11.69 -9.29 48.12
CA PHE H 526 -12.86 -10.16 48.11
C PHE H 526 -13.49 -10.20 46.71
N THR H 527 -13.54 -9.07 46.04
CA THR H 527 -14.05 -9.07 44.67
C THR H 527 -13.04 -9.65 43.68
N ASN H 528 -11.74 -9.54 43.99
CA ASN H 528 -10.72 -10.19 43.17
C ASN H 528 -10.83 -11.70 43.20
N ILE H 529 -11.00 -12.28 44.39
CA ILE H 529 -11.14 -13.74 44.48
C ILE H 529 -12.39 -14.19 43.77
N LYS H 530 -13.45 -13.39 43.81
CA LYS H 530 -14.68 -13.74 43.12
C LYS H 530 -14.49 -13.71 41.60
N ASP H 531 -13.75 -12.72 41.10
CA ASP H 531 -13.55 -12.62 39.65
C ASP H 531 -12.72 -13.77 39.09
N LEU H 532 -11.85 -14.36 39.91
CA LEU H 532 -10.99 -15.46 39.46
C LEU H 532 -11.65 -16.81 39.71
N PHE H 549 -4.47 -8.03 33.05
CA PHE H 549 -3.48 -8.31 34.07
C PHE H 549 -4.09 -8.26 35.46
N GLN H 550 -5.16 -9.04 35.70
CA GLN H 550 -5.74 -9.04 37.03
C GLN H 550 -4.87 -9.78 38.04
N LEU H 551 -3.78 -10.42 37.59
CA LEU H 551 -2.81 -10.95 38.55
C LEU H 551 -2.04 -9.82 39.24
N LEU H 552 -1.82 -8.69 38.55
CA LEU H 552 -1.27 -7.51 39.22
C LEU H 552 -2.20 -7.04 40.33
N TYR H 553 -3.49 -6.91 40.02
CA TYR H 553 -4.48 -6.54 41.00
C TYR H 553 -4.51 -7.56 42.14
N PHE H 554 -4.36 -8.84 41.81
CA PHE H 554 -4.21 -9.86 42.84
C PHE H 554 -3.01 -9.56 43.74
N ILE H 555 -1.89 -9.16 43.16
CA ILE H 555 -0.71 -8.84 43.97
C ILE H 555 -1.04 -7.72 44.95
N TYR H 556 -1.72 -6.68 44.48
CA TYR H 556 -2.17 -5.61 45.37
C TYR H 556 -2.98 -6.16 46.54
N SER H 557 -3.98 -6.98 46.23
CA SER H 557 -4.81 -7.57 47.27
C SER H 557 -3.98 -8.41 48.24
N VAL H 558 -3.02 -9.17 47.71
CA VAL H 558 -2.15 -10.00 48.55
C VAL H 558 -1.40 -9.11 49.53
N LEU H 559 -0.83 -8.02 49.04
CA LEU H 559 0.00 -7.18 49.90
C LEU H 559 -0.81 -6.51 51.00
N VAL H 560 -2.09 -6.23 50.75
CA VAL H 560 -2.88 -5.59 51.82
C VAL H 560 -2.83 -6.40 53.11
N ILE H 561 -2.78 -7.74 53.01
CA ILE H 561 -3.10 -8.60 54.15
C ILE H 561 -2.09 -8.43 55.29
N VAL H 562 -0.80 -8.48 54.97
CA VAL H 562 0.23 -8.59 56.00
C VAL H 562 0.16 -7.42 56.98
N SER H 563 -0.36 -6.28 56.51
CA SER H 563 -0.32 -5.04 57.29
C SER H 563 -1.10 -5.17 58.59
N ALA H 564 -2.24 -5.87 58.55
CA ALA H 564 -3.07 -5.98 59.75
C ALA H 564 -2.33 -6.74 60.85
N ALA H 565 -1.76 -7.90 60.50
CA ALA H 565 -1.02 -8.68 61.50
C ALA H 565 0.13 -7.88 62.07
N LEU H 566 0.89 -7.21 61.21
CA LEU H 566 2.04 -6.48 61.75
C LEU H 566 1.62 -5.23 62.51
N TYR H 567 0.49 -4.62 62.16
CA TYR H 567 -0.01 -3.48 62.91
C TYR H 567 -0.44 -3.89 64.30
N LEU H 568 -1.12 -5.03 64.42
CA LEU H 568 -1.41 -5.57 65.74
C LEU H 568 -0.13 -5.89 66.49
N ALA H 569 0.88 -6.41 65.78
CA ALA H 569 2.16 -6.71 66.41
C ALA H 569 2.88 -5.45 66.87
N GLY H 570 2.77 -4.37 66.09
CA GLY H 570 3.58 -3.20 66.30
C GLY H 570 4.91 -3.21 65.59
N ILE H 571 5.16 -4.21 64.74
CA ILE H 571 6.38 -4.23 63.94
C ILE H 571 6.47 -2.98 63.07
N GLU H 572 7.69 -2.68 62.62
CA GLU H 572 7.97 -1.45 61.88
C GLU H 572 8.06 -1.65 60.38
N ALA H 573 7.91 -2.88 59.88
CA ALA H 573 8.09 -3.17 58.46
C ALA H 573 6.79 -3.11 57.66
N TYR H 574 5.64 -2.88 58.31
CA TYR H 574 4.40 -2.82 57.56
C TYR H 574 4.39 -1.66 56.57
N LEU H 575 5.20 -0.63 56.83
CA LEU H 575 5.26 0.52 55.94
C LEU H 575 5.76 0.11 54.55
N ALA H 576 6.74 -0.78 54.49
CA ALA H 576 7.25 -1.22 53.18
C ALA H 576 6.15 -1.89 52.36
N VAL H 577 5.38 -2.76 53.00
CA VAL H 577 4.27 -3.43 52.34
C VAL H 577 3.28 -2.40 51.81
N MET H 578 2.95 -1.42 52.66
CA MET H 578 2.01 -0.37 52.25
C MET H 578 2.57 0.42 51.07
N VAL H 579 3.89 0.64 51.04
CA VAL H 579 4.49 1.39 49.93
C VAL H 579 4.28 0.64 48.62
N PHE H 580 4.65 -0.65 48.62
CA PHE H 580 4.44 -1.45 47.42
C PHE H 580 3.00 -1.34 46.95
N ALA H 581 2.05 -1.53 47.88
CA ALA H 581 0.64 -1.58 47.49
C ALA H 581 0.15 -0.22 46.98
N LEU H 582 0.58 0.87 47.63
CA LEU H 582 0.14 2.21 47.24
C LEU H 582 0.56 2.52 45.81
N VAL H 583 1.84 2.27 45.51
CA VAL H 583 2.28 2.52 44.14
C VAL H 583 1.51 1.64 43.18
N LEU H 584 1.23 0.39 43.58
CA LEU H 584 0.44 -0.49 42.73
C LEU H 584 -0.94 0.09 42.44
N GLY H 585 -1.55 0.74 43.43
CA GLY H 585 -2.87 1.34 43.21
C GLY H 585 -2.83 2.48 42.20
N TRP H 586 -1.93 3.44 42.41
CA TRP H 586 -1.84 4.54 41.46
C TRP H 586 -1.53 4.03 40.07
N MET H 587 -0.74 2.95 39.97
CA MET H 587 -0.50 2.33 38.67
C MET H 587 -1.76 1.69 38.12
N ASN H 588 -2.59 1.11 38.98
CA ASN H 588 -3.82 0.47 38.53
C ASN H 588 -4.74 1.47 37.85
N ALA H 589 -4.65 2.74 38.26
CA ALA H 589 -5.41 3.79 37.57
C ALA H 589 -5.32 3.66 36.04
N LEU H 590 -4.19 3.17 35.53
CA LEU H 590 -4.03 3.02 34.08
C LEU H 590 -5.07 2.07 33.50
N TYR H 591 -5.41 1.01 34.25
CA TYR H 591 -6.45 0.11 33.80
C TYR H 591 -7.78 0.84 33.63
N PHE H 592 -8.06 1.81 34.51
CA PHE H 592 -9.27 2.60 34.35
C PHE H 592 -9.18 3.49 33.13
N THR H 593 -7.97 3.99 32.82
CA THR H 593 -7.83 4.77 31.59
C THR H 593 -8.13 3.92 30.37
N ARG H 594 -7.72 2.65 30.41
CA ARG H 594 -7.88 1.78 29.25
C ARG H 594 -9.33 1.69 28.82
N GLY H 595 -10.25 1.64 29.78
CA GLY H 595 -11.66 1.50 29.43
C GLY H 595 -12.17 2.66 28.58
N LEU H 596 -11.77 3.87 28.91
CA LEU H 596 -12.22 5.04 28.16
C LEU H 596 -11.72 4.97 26.72
N LYS H 597 -12.56 5.46 25.79
CA LYS H 597 -12.18 5.41 24.37
C LYS H 597 -10.94 6.23 24.09
N LEU H 598 -10.83 7.42 24.71
CA LEU H 598 -9.72 8.32 24.40
C LEU H 598 -8.37 7.70 24.75
N THR H 599 -8.27 7.05 25.91
CA THR H 599 -7.02 6.47 26.38
C THR H 599 -6.94 4.97 26.12
N GLY H 600 -7.93 4.42 25.41
CA GLY H 600 -7.99 2.99 25.23
C GLY H 600 -6.77 2.43 24.52
N THR H 601 -6.25 3.16 23.54
CA THR H 601 -5.11 2.66 22.77
C THR H 601 -3.80 2.92 23.50
N TYR H 602 -3.66 4.10 24.11
CA TYR H 602 -2.43 4.44 24.80
C TYR H 602 -2.17 3.52 25.99
N SER H 603 -3.21 3.24 26.79
CA SER H 603 -3.01 2.37 27.94
C SER H 603 -2.57 0.98 27.49
N ILE H 604 -3.22 0.44 26.46
CA ILE H 604 -2.90 -0.90 25.99
C ILE H 604 -1.50 -0.93 25.40
N MET H 605 -1.09 0.13 24.69
CA MET H 605 0.25 0.18 24.13
C MET H 605 1.30 0.20 25.23
N ILE H 606 1.05 0.99 26.29
CA ILE H 606 1.97 1.03 27.41
C ILE H 606 2.10 -0.35 28.04
N GLN H 607 0.97 -1.02 28.24
CA GLN H 607 1.00 -2.35 28.85
C GLN H 607 1.77 -3.33 27.96
N LYS H 608 1.50 -3.31 26.65
CA LYS H 608 2.16 -4.24 25.74
C LYS H 608 3.66 -4.03 25.74
N ILE H 609 4.11 -2.76 25.70
CA ILE H 609 5.53 -2.48 25.76
C ILE H 609 6.11 -2.98 27.08
N LEU H 610 5.39 -2.72 28.18
CA LEU H 610 5.86 -3.16 29.49
C LEU H 610 5.94 -4.67 29.59
N PHE H 611 5.21 -5.41 28.76
CA PHE H 611 5.17 -6.86 28.83
C PHE H 611 6.05 -7.54 27.79
N LYS H 612 5.97 -7.10 26.53
CA LYS H 612 6.72 -7.77 25.46
C LYS H 612 8.18 -7.34 25.45
N ASP H 613 8.43 -6.07 25.13
CA ASP H 613 9.81 -5.59 25.02
C ASP H 613 10.37 -5.21 26.38
N LEU H 614 9.72 -4.25 27.06
CA LEU H 614 10.27 -3.69 28.28
C LEU H 614 10.63 -4.78 29.29
N PHE H 615 9.77 -5.78 29.44
CA PHE H 615 10.04 -6.83 30.42
C PHE H 615 11.33 -7.58 30.08
N ARG H 616 11.45 -8.06 28.84
CA ARG H 616 12.65 -8.81 28.46
C ARG H 616 13.90 -7.94 28.52
N PHE H 617 13.79 -6.69 28.05
CA PHE H 617 14.92 -5.79 28.07
C PHE H 617 15.40 -5.55 29.50
N LEU H 618 14.48 -5.32 30.43
CA LEU H 618 14.86 -5.13 31.82
C LEU H 618 15.48 -6.40 32.38
N LEU H 619 14.92 -7.55 32.04
CA LEU H 619 15.46 -8.81 32.55
C LEU H 619 16.90 -9.00 32.12
N VAL H 620 17.20 -8.72 30.85
CA VAL H 620 18.57 -8.87 30.37
C VAL H 620 19.47 -7.81 30.99
N TYR H 621 18.98 -6.57 31.07
CA TYR H 621 19.81 -5.47 31.56
C TYR H 621 20.21 -5.67 33.01
N LEU H 622 19.33 -6.25 33.82
CA LEU H 622 19.68 -6.46 35.23
C LEU H 622 20.90 -7.37 35.36
N LEU H 623 20.89 -8.50 34.64
CA LEU H 623 22.02 -9.41 34.70
C LEU H 623 23.28 -8.78 34.13
N PHE H 624 23.15 -8.05 33.01
CA PHE H 624 24.31 -7.37 32.45
C PHE H 624 24.91 -6.39 33.46
N MET H 625 24.05 -5.65 34.15
CA MET H 625 24.52 -4.67 35.11
C MET H 625 25.22 -5.34 36.28
N ILE H 626 24.68 -6.46 36.77
CA ILE H 626 25.34 -7.17 37.87
C ILE H 626 26.71 -7.65 37.45
N GLY H 627 26.82 -8.23 36.25
CA GLY H 627 28.13 -8.70 35.79
C GLY H 627 29.13 -7.56 35.65
N TYR H 628 28.69 -6.45 35.07
CA TYR H 628 29.58 -5.30 34.92
C TYR H 628 29.97 -4.73 36.28
N ALA H 629 29.07 -4.79 37.26
CA ALA H 629 29.42 -4.39 38.61
C ALA H 629 30.53 -5.27 39.17
N SER H 630 30.45 -6.57 38.91
CA SER H 630 31.53 -7.47 39.32
C SER H 630 32.83 -7.08 38.64
N ALA H 631 32.77 -6.75 37.34
CA ALA H 631 33.97 -6.32 36.63
C ALA H 631 34.58 -5.07 37.24
N LEU H 632 33.74 -4.09 37.56
CA LEU H 632 34.22 -2.87 38.19
C LEU H 632 34.84 -3.15 39.55
N VAL H 633 34.23 -4.07 40.31
CA VAL H 633 34.81 -4.47 41.58
C VAL H 633 36.21 -5.05 41.37
N SER H 634 36.35 -5.92 40.36
CA SER H 634 37.65 -6.51 40.10
C SER H 634 38.67 -5.44 39.74
N LEU H 635 38.27 -4.46 38.93
CA LEU H 635 39.18 -3.37 38.58
C LEU H 635 39.58 -2.57 39.82
N LEU H 636 38.64 -2.35 40.74
CA LEU H 636 38.94 -1.57 41.94
C LEU H 636 40.00 -2.27 42.79
N ASN H 637 39.87 -3.58 42.95
CA ASN H 637 40.82 -4.35 43.76
C ASN H 637 40.96 -3.75 45.16
N SER H 663 31.63 -7.93 49.46
CA SER H 663 30.18 -7.71 49.48
C SER H 663 29.86 -6.25 49.78
N GLU H 664 30.27 -5.79 50.96
CA GLU H 664 30.10 -4.37 51.30
C GLU H 664 30.87 -3.49 50.33
N THR H 665 32.10 -3.90 49.99
CA THR H 665 32.86 -3.15 48.99
C THR H 665 32.14 -3.12 47.65
N PHE H 666 31.36 -4.17 47.35
CA PHE H 666 30.53 -4.15 46.15
C PHE H 666 29.25 -3.35 46.34
N SER H 667 28.69 -3.33 47.56
CA SER H 667 27.46 -2.59 47.79
C SER H 667 27.70 -1.08 47.63
N THR H 668 28.79 -0.58 48.21
CA THR H 668 29.11 0.84 48.04
C THR H 668 29.24 1.18 46.57
N PHE H 669 29.99 0.37 45.83
CA PHE H 669 30.19 0.60 44.40
C PHE H 669 28.87 0.60 43.66
N LEU H 670 27.98 -0.34 43.97
CA LEU H 670 26.72 -0.45 43.23
C LEU H 670 25.83 0.76 43.48
N LEU H 671 25.65 1.15 44.74
CA LEU H 671 24.81 2.30 45.04
C LEU H 671 25.38 3.57 44.39
N ASP H 672 26.69 3.78 44.55
CA ASP H 672 27.27 4.98 43.96
C ASP H 672 27.26 4.93 42.44
N LEU H 673 27.25 3.73 41.85
CA LEU H 673 27.15 3.61 40.40
C LEU H 673 25.75 3.98 39.92
N PHE H 674 24.72 3.61 40.67
CA PHE H 674 23.38 4.10 40.35
C PHE H 674 23.33 5.62 40.42
N LYS H 675 23.92 6.19 41.47
CA LYS H 675 24.02 7.65 41.53
C LYS H 675 24.77 8.20 40.32
N LEU H 676 25.78 7.48 39.86
CA LEU H 676 26.52 7.89 38.67
C LEU H 676 25.63 7.89 37.44
N THR H 677 24.77 6.87 37.30
CA THR H 677 23.82 6.88 36.19
C THR H 677 22.96 8.12 36.25
N ILE H 678 22.49 8.47 37.46
CA ILE H 678 21.77 9.73 37.60
C ILE H 678 22.71 10.90 37.32
N GLY H 679 23.96 10.81 37.79
CA GLY H 679 24.93 11.88 37.62
C GLY H 679 25.05 12.79 38.82
N MET H 680 24.14 12.71 39.78
CA MET H 680 24.25 13.49 41.00
C MET H 680 25.46 13.07 41.82
N GLY H 681 25.70 11.75 41.91
CA GLY H 681 26.78 11.26 42.76
C GLY H 681 28.14 11.51 42.13
N ASP H 682 29.14 11.71 42.99
CA ASP H 682 30.51 11.87 42.55
C ASP H 682 31.17 10.51 42.33
N LEU H 683 32.29 10.53 41.62
CA LEU H 683 33.03 9.31 41.28
C LEU H 683 33.97 8.94 42.44
N GLU H 684 33.36 8.45 43.51
CA GLU H 684 34.16 7.97 44.65
C GLU H 684 34.90 6.69 44.30
N MET H 685 34.24 5.79 43.55
CA MET H 685 34.86 4.52 43.20
C MET H 685 36.18 4.74 42.45
N LEU H 686 36.16 5.60 41.43
CA LEU H 686 37.32 5.76 40.56
C LEU H 686 38.58 6.05 41.37
N SER H 687 38.47 6.92 42.38
CA SER H 687 39.63 7.28 43.17
C SER H 687 40.26 6.04 43.80
N SER H 688 39.43 5.12 44.31
CA SER H 688 39.91 3.90 44.96
C SER H 688 39.89 2.74 43.97
N THR H 689 40.77 2.83 42.98
CA THR H 689 40.88 1.80 41.95
C THR H 689 42.35 1.47 41.69
N LYS H 690 42.65 0.18 41.64
CA LYS H 690 44.01 -0.25 41.29
C LYS H 690 44.34 0.10 39.84
N TYR H 691 43.39 -0.11 38.93
CA TYR H 691 43.60 0.13 37.51
C TYR H 691 42.44 0.95 36.96
N PRO H 692 42.45 2.27 37.16
CA PRO H 692 41.39 3.12 36.60
C PRO H 692 41.53 3.31 35.10
N VAL H 693 42.77 3.25 34.59
CA VAL H 693 43.01 3.54 33.19
C VAL H 693 42.16 2.64 32.31
N VAL H 694 42.11 1.35 32.63
CA VAL H 694 41.23 0.43 31.91
C VAL H 694 39.77 0.72 32.25
N PHE H 695 39.49 1.03 33.52
CA PHE H 695 38.11 1.22 33.95
C PHE H 695 37.47 2.42 33.27
N ILE H 696 38.23 3.51 33.09
CA ILE H 696 37.65 4.75 32.60
C ILE H 696 36.97 4.53 31.26
N ILE H 697 37.67 3.89 30.31
CA ILE H 697 37.04 3.58 29.04
C ILE H 697 35.87 2.63 29.25
N LEU H 698 36.04 1.63 30.11
CA LEU H 698 34.97 0.66 30.32
C LEU H 698 33.73 1.31 30.92
N LEU H 699 33.91 2.18 31.90
CA LEU H 699 32.75 2.78 32.57
C LEU H 699 31.91 3.56 31.58
N VAL H 700 32.55 4.36 30.72
CA VAL H 700 31.82 5.01 29.64
C VAL H 700 31.22 3.98 28.70
N THR H 701 32.00 2.96 28.34
CA THR H 701 31.50 1.94 27.42
C THR H 701 30.30 1.22 28.00
N TYR H 702 30.35 0.88 29.30
CA TYR H 702 29.23 0.21 29.92
C TYR H 702 27.96 1.05 29.86
N ILE H 703 28.08 2.35 30.15
CA ILE H 703 26.92 3.23 30.11
C ILE H 703 26.36 3.30 28.69
N ILE H 704 27.23 3.40 27.69
CA ILE H 704 26.78 3.41 26.31
C ILE H 704 26.01 2.13 25.99
N LEU H 705 26.57 0.98 26.39
CA LEU H 705 25.94 -0.29 26.06
C LEU H 705 24.57 -0.42 26.72
N THR H 706 24.46 -0.04 27.99
CA THR H 706 23.16 -0.09 28.67
C THR H 706 22.16 0.83 27.98
N PHE H 707 22.57 2.04 27.66
CA PHE H 707 21.65 3.00 27.05
C PHE H 707 21.32 2.63 25.61
N VAL H 708 22.33 2.25 24.82
CA VAL H 708 22.08 2.02 23.40
C VAL H 708 21.18 0.80 23.21
N LEU H 709 21.39 -0.25 24.03
CA LEU H 709 20.47 -1.38 23.97
C LEU H 709 19.06 -0.96 24.35
N LEU H 710 18.94 -0.07 25.35
CA LEU H 710 17.63 0.46 25.71
C LEU H 710 17.11 1.42 24.66
N LEU H 711 17.99 2.18 24.01
CA LEU H 711 17.56 3.02 22.89
C LEU H 711 17.03 2.17 21.74
N ASN H 712 17.69 1.04 21.47
CA ASN H 712 17.20 0.13 20.43
C ASN H 712 15.82 -0.42 20.77
N MET H 713 15.52 -0.58 22.07
CA MET H 713 14.22 -1.11 22.46
C MET H 713 13.10 -0.24 21.92
N LEU H 714 13.25 1.09 22.00
CA LEU H 714 12.23 1.99 21.47
C LEU H 714 12.05 1.78 19.97
N ILE H 715 13.15 1.64 19.23
CA ILE H 715 13.05 1.34 17.81
C ILE H 715 12.42 -0.03 17.61
N ALA H 716 12.81 -1.01 18.42
CA ALA H 716 12.21 -2.34 18.31
C ALA H 716 10.72 -2.31 18.63
N LEU H 717 10.33 -1.52 19.64
CA LEU H 717 8.94 -1.52 20.10
C LEU H 717 7.99 -1.02 19.02
N MET H 718 8.35 0.08 18.35
CA MET H 718 7.41 0.70 17.42
C MET H 718 7.10 -0.22 16.24
N GLY H 719 8.12 -0.89 15.70
CA GLY H 719 7.94 -1.70 14.51
C GLY H 719 7.73 -3.18 14.79
N GLU H 720 8.63 -3.78 15.55
CA GLU H 720 8.54 -5.22 15.80
C GLU H 720 7.34 -5.56 16.67
N THR H 721 7.09 -4.78 17.72
CA THR H 721 6.01 -5.03 18.66
C THR H 721 4.74 -4.25 18.34
N VAL H 722 4.87 -2.95 18.03
CA VAL H 722 3.71 -2.12 17.74
C VAL H 722 3.28 -2.19 16.29
N GLY H 723 4.07 -2.81 15.42
CA GLY H 723 3.67 -2.93 14.02
C GLY H 723 2.34 -3.63 13.86
N GLN H 724 2.17 -4.77 14.54
CA GLN H 724 0.89 -5.46 14.53
C GLN H 724 -0.14 -4.78 15.42
N VAL H 725 0.30 -4.09 16.47
CA VAL H 725 -0.62 -3.36 17.33
C VAL H 725 -1.21 -2.17 16.59
N SER H 726 -0.40 -1.47 15.80
CA SER H 726 -0.88 -0.30 15.08
C SER H 726 -2.02 -0.67 14.14
N LYS H 727 -1.90 -1.81 13.44
CA LYS H 727 -2.91 -2.17 12.46
C LYS H 727 -4.20 -2.65 13.12
N GLU H 728 -4.08 -3.43 14.20
CA GLU H 728 -5.22 -4.06 14.84
C GLU H 728 -5.67 -3.33 16.10
N SER H 729 -5.18 -2.11 16.34
CA SER H 729 -5.55 -1.39 17.55
C SER H 729 -7.06 -1.12 17.58
N LYS H 730 -7.63 -0.71 16.44
CA LYS H 730 -9.07 -0.44 16.40
C LYS H 730 -9.87 -1.70 16.70
N HIS H 731 -9.47 -2.84 16.11
CA HIS H 731 -10.12 -4.10 16.43
C HIS H 731 -9.91 -4.47 17.89
N ILE H 732 -8.69 -4.30 18.39
CA ILE H 732 -8.41 -4.62 19.79
C ILE H 732 -9.21 -3.73 20.71
N TRP H 733 -9.33 -2.44 20.38
CA TRP H 733 -10.08 -1.52 21.23
C TRP H 733 -11.53 -1.97 21.38
N LYS H 734 -12.14 -2.41 20.28
CA LYS H 734 -13.50 -2.94 20.37
C LYS H 734 -13.54 -4.17 21.27
N LEU H 735 -12.56 -5.06 21.13
CA LEU H 735 -12.47 -6.21 22.02
C LEU H 735 -12.31 -5.76 23.47
N GLN H 736 -11.39 -4.81 23.71
CA GLN H 736 -11.24 -4.27 25.06
C GLN H 736 -12.54 -3.65 25.55
N TRP H 737 -13.19 -2.88 24.70
CA TRP H 737 -14.48 -2.29 25.08
C TRP H 737 -15.51 -3.39 25.33
N ALA H 738 -15.51 -4.42 24.50
CA ALA H 738 -16.49 -5.49 24.66
C ALA H 738 -16.30 -6.22 25.99
N THR H 739 -15.06 -6.55 26.33
CA THR H 739 -14.82 -7.25 27.59
C THR H 739 -15.27 -6.41 28.78
N THR H 740 -14.96 -5.12 28.75
CA THR H 740 -15.39 -4.24 29.83
C THR H 740 -16.91 -4.17 29.92
N ILE H 741 -17.59 -4.09 28.78
CA ILE H 741 -19.05 -4.03 28.79
C ILE H 741 -19.62 -5.31 29.39
N LEU H 742 -19.04 -6.46 29.03
CA LEU H 742 -19.56 -7.73 29.52
C LEU H 742 -19.45 -7.84 31.04
N ASP H 743 -18.34 -7.39 31.61
CA ASP H 743 -18.15 -7.51 33.05
C ASP H 743 -19.20 -6.71 33.81
N ILE H 744 -19.58 -5.54 33.29
CA ILE H 744 -20.59 -4.74 33.97
C ILE H 744 -21.91 -5.50 34.07
N GLU H 745 -22.34 -6.13 32.97
CA GLU H 745 -23.59 -6.88 32.98
C GLU H 745 -23.49 -8.10 33.88
N ARG H 746 -22.33 -8.76 33.89
CA ARG H 746 -22.17 -9.96 34.72
C ARG H 746 -22.36 -9.62 36.20
N SER H 747 -21.84 -8.47 36.63
CA SER H 747 -21.94 -8.11 38.05
C SER H 747 -23.38 -7.95 38.48
N PHE H 748 -24.20 -7.32 37.64
CA PHE H 748 -25.56 -7.02 38.05
C PHE H 748 -26.37 -8.31 38.22
N PRO H 749 -27.24 -8.39 39.23
CA PRO H 749 -28.06 -9.59 39.39
C PRO H 749 -29.20 -9.65 38.39
N VAL H 750 -29.78 -10.85 38.30
CA VAL H 750 -30.79 -11.19 37.30
C VAL H 750 -31.86 -10.12 37.16
N PHE H 751 -32.35 -9.57 38.28
CA PHE H 751 -33.35 -8.51 38.20
C PHE H 751 -32.79 -7.29 37.47
N LEU H 752 -31.58 -6.87 37.84
CA LEU H 752 -30.97 -5.71 37.21
C LEU H 752 -30.71 -5.97 35.74
N ARG H 753 -30.24 -7.17 35.39
CA ARG H 753 -30.03 -7.50 33.99
C ARG H 753 -31.36 -7.49 33.22
N LYS H 754 -32.41 -8.04 33.82
CA LYS H 754 -33.71 -8.06 33.16
C LYS H 754 -34.23 -6.65 32.92
N ALA H 755 -33.85 -5.70 33.77
CA ALA H 755 -34.29 -4.32 33.55
C ALA H 755 -33.93 -3.84 32.15
N PHE H 756 -32.75 -4.21 31.65
CA PHE H 756 -32.21 -3.67 30.41
C PHE H 756 -31.91 -4.75 29.37
N ARG H 757 -32.80 -5.73 29.23
CA ARG H 757 -32.67 -6.65 28.11
C ARG H 757 -32.92 -5.90 26.82
N SER H 758 -31.93 -5.91 25.94
CA SER H 758 -32.04 -5.14 24.71
C SER H 758 -33.02 -5.79 23.75
N GLY H 759 -33.46 -5.01 22.77
CA GLY H 759 -34.46 -5.46 21.82
C GLY H 759 -35.86 -5.34 22.38
N GLU H 760 -36.83 -5.65 21.52
CA GLU H 760 -38.24 -5.61 21.87
C GLU H 760 -38.86 -6.95 21.53
N MET H 761 -39.65 -7.49 22.47
CA MET H 761 -40.32 -8.76 22.22
C MET H 761 -41.31 -8.59 21.07
N VAL H 762 -41.26 -9.51 20.11
CA VAL H 762 -42.10 -9.48 18.94
C VAL H 762 -42.65 -10.88 18.70
N THR H 763 -43.94 -10.96 18.37
CA THR H 763 -44.56 -12.21 17.96
C THR H 763 -44.33 -12.33 16.46
N VAL H 764 -43.34 -13.14 16.08
CA VAL H 764 -42.95 -13.22 14.67
C VAL H 764 -44.12 -13.66 13.81
N GLY H 765 -44.85 -14.66 14.26
CA GLY H 765 -45.99 -15.15 13.50
C GLY H 765 -46.63 -16.31 14.22
N LYS H 766 -47.84 -16.66 13.76
CA LYS H 766 -48.55 -17.78 14.34
C LYS H 766 -47.76 -19.07 14.13
N SER H 767 -47.50 -19.78 15.23
CA SER H 767 -46.74 -21.01 15.18
C SER H 767 -47.66 -22.18 14.85
N SER H 768 -47.08 -23.38 14.77
CA SER H 768 -47.88 -24.57 14.51
C SER H 768 -48.91 -24.78 15.61
N ASP H 769 -48.51 -24.58 16.86
CA ASP H 769 -49.44 -24.70 17.97
C ASP H 769 -50.57 -23.68 17.86
N GLY H 770 -50.26 -22.48 17.37
CA GLY H 770 -51.20 -21.40 17.25
C GLY H 770 -50.84 -20.18 18.09
N THR H 771 -50.23 -20.40 19.24
CA THR H 771 -49.69 -19.30 20.01
C THR H 771 -48.50 -18.74 19.24
N PRO H 772 -48.50 -17.47 18.85
CA PRO H 772 -47.42 -16.96 18.01
C PRO H 772 -46.07 -17.15 18.70
N ASP H 773 -45.07 -17.50 17.90
CA ASP H 773 -43.71 -17.58 18.42
C ASP H 773 -43.24 -16.19 18.81
N ARG H 774 -42.76 -16.06 20.04
CA ARG H 774 -42.34 -14.76 20.57
C ARG H 774 -40.86 -14.85 20.95
N ARG H 775 -40.00 -14.62 19.96
CA ARG H 775 -38.58 -14.43 20.22
C ARG H 775 -38.34 -13.02 20.72
N TRP H 776 -37.28 -12.84 21.49
CA TRP H 776 -36.85 -11.51 21.88
C TRP H 776 -35.98 -10.96 20.78
N CYS H 777 -36.53 -10.05 19.98
CA CYS H 777 -35.91 -9.60 18.74
C CYS H 777 -35.33 -8.20 18.89
N PHE H 778 -34.25 -7.96 18.15
CA PHE H 778 -33.56 -6.69 18.13
C PHE H 778 -33.61 -6.14 16.72
N ARG H 779 -34.41 -5.09 16.52
CA ARG H 779 -34.61 -4.53 15.20
C ARG H 779 -33.32 -3.90 14.68
N VAL H 780 -33.09 -4.04 13.37
CA VAL H 780 -31.94 -3.43 12.71
C VAL H 780 -32.45 -2.64 11.50
N ASP H 781 -32.03 -1.39 11.40
CA ASP H 781 -32.48 -0.47 10.37
C ASP H 781 -31.38 -0.33 9.32
N GLU H 782 -31.71 -0.59 8.05
CA GLU H 782 -30.77 -0.43 6.96
C GLU H 782 -31.50 0.10 5.74
N VAL H 783 -30.90 1.08 5.06
CA VAL H 783 -31.47 1.62 3.84
C VAL H 783 -30.57 1.23 2.68
N ASN H 784 -31.18 1.02 1.51
CA ASN H 784 -30.44 0.62 0.32
C ASN H 784 -31.22 1.06 -0.90
N TRP H 785 -30.61 1.95 -1.70
CA TRP H 785 -31.27 2.43 -2.90
C TRP H 785 -31.32 1.37 -3.98
N SER H 786 -30.28 0.54 -4.08
CA SER H 786 -30.25 -0.50 -5.09
C SER H 786 -31.43 -1.44 -4.90
N HIS H 787 -32.07 -1.82 -6.00
CA HIS H 787 -33.19 -2.76 -5.97
C HIS H 787 -34.45 -2.07 -5.47
N TRP H 788 -35.54 -2.82 -5.42
CA TRP H 788 -36.81 -2.30 -4.93
C TRP H 788 -37.55 -3.37 -4.12
MG MG I . 2.43 57.94 -49.25
PB GDP J . 5.38 60.18 -49.25
O1B GDP J . 4.84 58.77 -49.21
O2B GDP J . 6.34 60.38 -48.10
O3B GDP J . 4.24 61.16 -49.11
O3A GDP J . 6.13 60.45 -50.64
PA GDP J . 5.34 60.22 -52.02
O1A GDP J . 5.68 58.86 -52.60
O2A GDP J . 3.85 60.32 -51.78
O5' GDP J . 5.87 61.39 -52.99
C5' GDP J . 4.91 62.34 -53.47
C4' GDP J . 5.34 62.98 -54.80
O4' GDP J . 6.76 63.06 -54.93
C3' GDP J . 4.86 62.17 -55.99
O3' GDP J . 3.62 62.67 -56.51
C2' GDP J . 5.98 62.23 -57.01
O2' GDP J . 5.69 62.95 -58.21
C1' GDP J . 7.10 62.99 -56.32
N9 GDP J . 8.37 62.30 -56.58
C8 GDP J . 8.88 61.31 -55.84
N7 GDP J . 10.07 60.90 -56.37
C5 GDP J . 10.31 61.62 -57.47
C6 GDP J . 11.37 61.68 -58.49
O6 GDP J . 12.37 60.92 -58.43
N1 GDP J . 11.25 62.57 -59.49
C2 GDP J . 10.19 63.41 -59.57
N2 GDP J . 10.14 64.28 -60.60
N3 GDP J . 9.18 63.40 -58.67
C4 GDP J . 9.18 62.54 -57.61
H5' GDP J . 4.77 63.12 -52.74
H5'' GDP J . 3.96 61.84 -53.62
H4' GDP J . 4.90 63.98 -54.86
H3' GDP J . 4.74 61.13 -55.66
HO3' GDP J . 3.24 62.03 -57.12
H2' GDP J . 6.33 61.21 -57.25
HO2' GDP J . 5.00 62.51 -58.71
H1' GDP J . 7.12 64.01 -56.74
H8 GDP J . 8.43 60.91 -54.94
HN1 GDP J . 11.99 62.63 -60.21
HN21 GDP J . 10.88 64.30 -61.30
HN22 GDP J . 9.36 64.92 -60.70
MG MG K . 54.22 -32.58 -42.12
PB GDP L . 57.16 -34.07 -40.42
O1B GDP L . 55.65 -33.91 -40.47
O2B GDP L . 57.65 -33.72 -39.03
O3B GDP L . 57.80 -33.14 -41.42
O3A GDP L . 57.56 -35.58 -40.77
PA GDP L . 57.06 -36.22 -42.16
O1A GDP L . 55.83 -37.06 -41.94
O2A GDP L . 56.78 -35.12 -43.16
O5' GDP L . 58.30 -37.14 -42.64
C5' GDP L . 58.94 -36.83 -43.88
C4' GDP L . 59.61 -38.03 -44.52
O4' GDP L . 60.06 -38.98 -43.55
C3' GDP L . 58.65 -38.79 -45.44
O3' GDP L . 58.79 -38.38 -46.81
C2' GDP L . 58.96 -40.26 -45.24
O2' GDP L . 59.54 -40.92 -46.37
C1' GDP L . 60.03 -40.29 -44.15
N9 GDP L . 59.68 -41.36 -43.20
C8 GDP L . 58.91 -41.22 -42.11
N7 GDP L . 58.79 -42.40 -41.45
C5 GDP L . 59.50 -43.32 -42.12
C6 GDP L . 59.81 -44.76 -41.97
O6 GDP L . 59.35 -45.41 -41.01
N1 GDP L . 60.60 -45.34 -42.89
C2 GDP L . 61.11 -44.66 -43.93
N2 GDP L . 61.89 -45.32 -44.81
N3 GDP L . 60.87 -43.33 -44.14
C4 GDP L . 60.10 -42.63 -43.28
H5' GDP L . 59.68 -36.05 -43.71
H5'' GDP L . 58.20 -36.42 -44.57
H4' GDP L . 60.46 -37.68 -45.12
H3' GDP L . 57.63 -38.60 -45.08
HO3' GDP L . 58.04 -38.71 -47.32
H2' GDP L . 58.07 -40.80 -44.89
HO2' GDP L . 58.91 -40.96 -47.09
H1' GDP L . 60.99 -40.50 -44.63
H8 GDP L . 58.44 -40.29 -41.82
HN1 GDP L . 60.82 -46.35 -42.79
HN21 GDP L . 62.08 -46.31 -44.68
HN22 GDP L . 62.29 -44.84 -45.61
MG MG M . -19.81 -69.80 22.97
PB GDP N . -20.43 -70.38 26.57
O1B GDP N . -20.65 -69.51 25.36
O2B GDP N . -19.91 -69.54 27.71
O3B GDP N . -19.43 -71.46 26.24
O3A GDP N . -21.82 -71.07 27.01
PA GDP N . -22.63 -71.95 25.92
O1A GDP N . -23.74 -71.13 25.31
O2A GDP N . -21.69 -72.45 24.85
O5' GDP N . -23.24 -73.18 26.78
C5' GDP N . -22.84 -74.50 26.46
C4' GDP N . -23.88 -75.55 26.85
O4' GDP N . -24.64 -75.15 27.99
C3' GDP N . -24.89 -75.78 25.74
O3' GDP N . -24.53 -76.91 24.92
C2' GDP N . -26.23 -75.98 26.43
O2' GDP N . -26.78 -77.29 26.32
C1' GDP N . -25.94 -75.76 27.89
N9 GDP N . -27.01 -74.91 28.46
C8 GDP N . -27.00 -73.57 28.49
N7 GDP N . -28.14 -73.11 29.08
C5 GDP N . -28.89 -74.17 29.42
C6 GDP N . -30.20 -74.40 30.07
O6 GDP N . -30.90 -73.43 30.44
N1 GDP N . -30.62 -75.66 30.24
C2 GDP N . -29.88 -76.72 29.85
N2 GDP N . -30.38 -77.96 30.06
N3 GDP N . -28.67 -76.59 29.24
C4 GDP N . -28.14 -75.37 29.01
H5' GDP N . -21.90 -74.73 26.96
H5'' GDP N . -22.66 -74.56 25.38
H4' GDP N . -23.36 -76.49 27.05
H3' GDP N . -24.93 -74.87 25.12
HO3' GDP N . -25.06 -76.91 24.11
H2' GDP N . -26.94 -75.22 26.07
HO2' GDP N . -27.00 -77.49 25.42
H1' GDP N . -25.93 -76.74 28.39
H8 GDP N . -26.21 -72.95 28.11
HN1 GDP N . -31.54 -75.83 30.70
HN21 GDP N . -31.28 -78.08 30.51
HN22 GDP N . -29.85 -78.78 29.77
MG MG O . -71.53 20.29 15.59
PB GDP P . -72.13 23.36 17.56
O1B GDP P . -71.39 22.70 16.42
O2B GDP P . -71.14 24.04 18.47
O3B GDP P . -72.90 22.33 18.34
O3A GDP P . -73.15 24.47 16.97
PA GDP P . -74.26 24.00 15.90
O1A GDP P . -73.79 24.33 14.50
O2A GDP P . -74.52 22.51 16.03
O5' GDP P . -75.57 24.86 16.28
C5' GDP P . -76.75 24.15 16.67
C4' GDP P . -78.03 24.95 16.40
O4' GDP P . -77.82 26.36 16.47
C3' GDP P . -78.57 24.68 15.00
O3' GDP P . -79.57 23.67 15.01
C2' GDP P . -79.09 26.02 14.50
O2' GDP P . -80.51 26.08 14.33
C1' GDP P . -78.75 27.00 15.60
N9 GDP P . -78.21 28.22 14.98
C8 GDP P . -76.92 28.44 14.69
N7 GDP P . -76.77 29.67 14.10
C5 GDP P . -77.98 30.24 14.02
C6 GDP P . -78.53 31.52 13.51
O6 GDP P . -77.79 32.38 13.02
N1 GDP P . -79.86 31.73 13.61
C2 GDP P . -80.68 30.81 14.16
N2 GDP P . -82.01 31.10 14.21
N3 GDP P . -80.25 29.62 14.63
C4 GDP P . -78.94 29.28 14.59
H5' GDP P . -76.69 23.92 17.74
H5'' GDP P . -76.80 23.21 16.13
H4' GDP P . -78.79 24.64 17.14
H3' GDP P . -77.72 24.38 14.37
HO3' GDP P . -79.75 23.37 14.10
H2' GDP P . -78.57 26.30 13.58
HO2' GDP P . -80.80 25.50 13.64
H1' GDP P . -79.67 27.24 16.15
H8 GDP P . -76.12 27.75 14.88
HN1 GDP P . -80.25 32.62 13.26
HN21 GDP P . -82.35 31.98 13.86
HN22 GDP P . -82.65 30.43 14.61
#